data_2C10
#
_entry.id   2C10
#
_cell.length_a   130.236
_cell.length_b   130.236
_cell.length_c   221.529
_cell.angle_alpha   90.00
_cell.angle_beta   90.00
_cell.angle_gamma   90.00
#
_symmetry.space_group_name_H-M   'P 43'
#
loop_
_entity.id
_entity.type
_entity.pdbx_description
1 polymer 'MEMBRANE COPPER AMINE OXIDASE'
2 branched beta-D-mannopyranose-(1-4)-2-acetamido-2-deoxy-beta-D-glucopyranose-(1-4)-2-acetamido-2-deoxy-beta-D-glucopyranose
3 branched 2-acetamido-2-deoxy-beta-D-glucopyranose-(1-4)-[alpha-L-fucopyranose-(1-6)]2-acetamido-2-deoxy-beta-D-glucopyranose
4 branched 2-acetamido-2-deoxy-beta-D-glucopyranose-(1-4)-2-acetamido-2-deoxy-beta-D-glucopyranose
5 branched alpha-D-mannopyranose-(1-3)-beta-D-mannopyranose-(1-4)-2-acetamido-2-deoxy-beta-D-glucopyranose-(1-4)-[alpha-L-fucopyranose-(1-6)]2-acetamido-2-deoxy-beta-D-glucopyranose
6 branched alpha-D-mannopyranose-(1-6)-beta-D-mannopyranose-(1-4)-2-acetamido-2-deoxy-beta-D-glucopyranose-(1-4)-2-acetamido-2-deoxy-beta-D-glucopyranose
7 non-polymer 2-acetamido-2-deoxy-beta-D-glucopyranose
8 non-polymer 'CALCIUM ION'
9 non-polymer 'COPPER (II) ION'
10 non-polymer 'CHLORIDE ION'
11 water water
#
_entity_poly.entity_id   1
_entity_poly.type   'polypeptide(L)'
_entity_poly.pdbx_seq_one_letter_code
;GGDGGEPSQLPHCPSVSPSAQPWTHPGQSQLFADLSREELTAVMRFLTQRLGPGLVDAAQARPSDNCVFSVELQLPPKAA
ALAHLDRGSPPPAREALAIVFFGRQPQPNVSELVVGPLPHPSYMRDVTVERHGGPLPYHRRPVLFQEYLDIDQMIFNREL
PQASGLLHHCCFYKHRGRNLVTMTTAPRGLQSGDRATWFGLYYNISGAGFFLHHVGLELLVNHKALDPARWTIQKVFYQG
RYYDSLAQLEAQFEAGLVNVVLIPDNGTGGSWSLKSPVPPGPAPPLQFYPQGPRFSVQGSRVASSLWTFSFGLGAFSGPR
IFDVRFQGERLVYEISLQEALAIYGGNSPAAMTTRYVDGGFGMGKYTTPLTRGVDCPYLATYVDWHFLLESQAPKTIRDA
FCVFEQNQGLPLRRHHSDLYSHYFGGLAETVLVVRSMSTLLN(TPQ)DYVWDTVFHPSGAIEIRFYATGYISSAFLFGAT
GKYGNQVSEHTLGTVHTHSAHFKVDLDVAGLENWVWAEDMVFVPMAVPWSPEHQLQRLQVTRKLLEMEEQAAFLVGSATP
RYLYLASNHSNKWGHPRGYRIQMLSFAGEPLPQNSSMARGFSWERYQLAVTQRKEEEPSSSSVFNQNDPWAPTVDFSDFI
NNETIAGKDLVAWVTAGFLHIPHAEDIPNTVTVGNGVGFFLRPYNFFDEDPSFYSADSIYFRGDQDAGACEVNPLACLPQ
AAACAPDLPAFSHGGFSHN
;
_entity_poly.pdbx_strand_id   A,B,C,D
#
# COMPACT_ATOMS: atom_id res chain seq x y z
N CYS A 13 -80.36 14.97 8.82
CA CYS A 13 -79.06 14.50 9.40
C CYS A 13 -78.78 15.20 10.72
N GLN A 30 -57.22 28.36 28.75
CA GLN A 30 -56.68 28.18 27.39
C GLN A 30 -55.28 28.82 27.20
N LEU A 31 -54.27 28.16 27.76
CA LEU A 31 -52.86 28.58 27.77
C LEU A 31 -52.23 28.91 26.41
N PHE A 32 -52.72 28.28 25.35
CA PHE A 32 -52.01 28.24 24.09
C PHE A 32 -52.76 28.96 22.98
N ALA A 33 -53.93 29.49 23.30
CA ALA A 33 -54.73 30.22 22.35
C ALA A 33 -53.99 31.49 21.92
N ASP A 34 -53.93 31.75 20.61
CA ASP A 34 -53.45 33.04 20.11
C ASP A 34 -54.23 34.16 20.80
N LEU A 35 -53.63 35.34 20.91
CA LEU A 35 -54.31 36.47 21.52
C LEU A 35 -55.55 36.86 20.73
N SER A 36 -56.63 37.15 21.45
CA SER A 36 -57.90 37.57 20.85
C SER A 36 -57.89 39.06 20.49
N ARG A 37 -58.93 39.51 19.78
CA ARG A 37 -59.11 40.93 19.44
C ARG A 37 -58.93 41.84 20.65
N GLU A 38 -59.73 41.58 21.69
CA GLU A 38 -59.70 42.34 22.93
C GLU A 38 -58.31 42.39 23.55
N GLU A 39 -57.60 41.26 23.53
CA GLU A 39 -56.25 41.21 24.10
C GLU A 39 -55.24 42.01 23.29
N LEU A 40 -55.31 41.90 21.96
CA LEU A 40 -54.45 42.69 21.09
C LEU A 40 -54.67 44.19 21.28
N THR A 41 -55.93 44.61 21.29
CA THR A 41 -56.31 45.99 21.59
C THR A 41 -55.69 46.46 22.90
N ALA A 42 -55.85 45.66 23.96
CA ALA A 42 -55.36 46.01 25.30
C ALA A 42 -53.83 46.20 25.37
N VAL A 43 -53.07 45.34 24.67
CA VAL A 43 -51.61 45.46 24.62
C VAL A 43 -51.25 46.67 23.80
N MET A 44 -51.96 46.85 22.69
CA MET A 44 -51.74 48.01 21.82
C MET A 44 -52.04 49.30 22.58
N ARG A 45 -53.18 49.32 23.29
CA ARG A 45 -53.54 50.45 24.14
C ARG A 45 -52.46 50.72 25.18
N PHE A 46 -51.98 49.66 25.83
CA PHE A 46 -50.93 49.78 26.84
C PHE A 46 -49.62 50.30 26.28
N LEU A 47 -49.23 49.82 25.11
CA LEU A 47 -48.03 50.31 24.43
C LEU A 47 -48.07 51.80 24.07
N THR A 48 -49.20 52.28 23.55
CA THR A 48 -49.30 53.70 23.19
C THR A 48 -49.21 54.60 24.43
N GLN A 49 -49.73 54.12 25.56
CA GLN A 49 -49.60 54.81 26.84
C GLN A 49 -48.17 54.84 27.36
N ARG A 50 -47.46 53.72 27.22
CA ARG A 50 -46.15 53.59 27.87
C ARG A 50 -44.95 53.97 26.99
N LEU A 51 -45.07 53.80 25.68
CA LEU A 51 -43.95 54.08 24.78
C LEU A 51 -43.79 55.57 24.45
N GLY A 52 -44.71 56.39 24.97
CA GLY A 52 -44.64 57.83 24.80
C GLY A 52 -45.22 58.29 23.48
N PRO A 53 -45.19 59.61 23.23
CA PRO A 53 -45.91 60.21 22.09
C PRO A 53 -45.20 60.02 20.75
N GLY A 54 -43.95 59.54 20.76
CA GLY A 54 -43.19 59.36 19.53
C GLY A 54 -43.65 58.20 18.64
N LEU A 55 -44.75 57.56 19.02
CA LEU A 55 -45.20 56.32 18.40
C LEU A 55 -46.15 56.59 17.22
N VAL A 56 -45.82 55.99 16.07
CA VAL A 56 -46.55 56.25 14.82
C VAL A 56 -47.11 54.92 14.31
N ASP A 57 -48.26 54.98 13.65
CA ASP A 57 -48.82 53.82 12.95
C ASP A 57 -47.77 53.21 12.01
N ALA A 58 -47.47 51.92 12.21
CA ALA A 58 -46.51 51.20 11.38
C ALA A 58 -46.95 51.09 9.93
N ALA A 59 -48.26 51.21 9.69
CA ALA A 59 -48.81 51.22 8.33
C ALA A 59 -48.24 52.33 7.45
N GLN A 60 -47.82 53.44 8.05
CA GLN A 60 -47.27 54.53 7.25
C GLN A 60 -45.95 55.02 7.80
N ALA A 61 -45.29 54.18 8.59
CA ALA A 61 -44.07 54.58 9.27
C ALA A 61 -42.91 54.78 8.30
N ARG A 62 -42.23 55.91 8.48
CA ARG A 62 -41.02 56.20 7.76
C ARG A 62 -39.92 55.40 8.45
N PRO A 63 -38.80 55.12 7.75
CA PRO A 63 -37.76 54.35 8.41
C PRO A 63 -37.28 54.92 9.75
N SER A 64 -37.36 56.25 9.93
CA SER A 64 -36.86 56.88 11.15
C SER A 64 -37.92 57.09 12.25
N ASP A 65 -39.12 56.52 12.05
CA ASP A 65 -40.17 56.56 13.05
C ASP A 65 -40.03 55.50 14.14
N ASN A 66 -40.68 55.73 15.27
CA ASN A 66 -40.98 54.66 16.21
C ASN A 66 -42.34 54.11 15.88
N CYS A 67 -42.42 52.79 15.77
CA CYS A 67 -43.67 52.13 15.47
C CYS A 67 -43.62 50.70 15.97
N VAL A 68 -44.81 50.14 16.16
CA VAL A 68 -44.98 48.78 16.60
C VAL A 68 -45.13 47.92 15.37
N PHE A 69 -44.16 47.06 15.13
CA PHE A 69 -44.16 46.16 14.00
C PHE A 69 -45.21 45.07 14.17
N SER A 70 -45.37 44.57 15.39
CA SER A 70 -46.27 43.45 15.65
C SER A 70 -46.51 43.19 17.14
N VAL A 71 -47.66 42.58 17.41
CA VAL A 71 -48.00 42.09 18.74
C VAL A 71 -48.63 40.72 18.60
N GLU A 72 -48.10 39.74 19.33
CA GLU A 72 -48.69 38.38 19.40
C GLU A 72 -48.34 37.67 20.69
N LEU A 73 -48.92 36.49 20.87
CA LEU A 73 -48.75 35.70 22.09
C LEU A 73 -47.29 35.36 22.39
N GLN A 74 -46.93 35.53 23.66
CA GLN A 74 -45.67 35.02 24.21
C GLN A 74 -45.99 33.68 24.82
N LEU A 75 -45.49 32.61 24.20
CA LEU A 75 -45.73 31.27 24.70
C LEU A 75 -45.32 31.13 26.17
N PRO A 76 -46.14 30.42 26.97
CA PRO A 76 -45.93 30.33 28.42
C PRO A 76 -44.80 29.36 28.75
N PRO A 77 -44.02 29.66 29.81
CA PRO A 77 -42.96 28.73 30.23
C PRO A 77 -43.49 27.31 30.43
N LYS A 78 -42.76 26.32 29.92
CA LYS A 78 -43.23 24.96 29.94
C LYS A 78 -43.49 24.46 31.37
N ALA A 79 -42.55 24.65 32.27
CA ALA A 79 -42.72 24.11 33.64
C ALA A 79 -44.06 24.54 34.22
N ALA A 80 -44.36 25.84 34.12
CA ALA A 80 -45.58 26.37 34.73
C ALA A 80 -46.81 25.86 34.01
N ALA A 81 -46.73 25.80 32.67
CA ALA A 81 -47.83 25.30 31.85
C ALA A 81 -48.23 23.87 32.26
N LEU A 82 -47.24 23.00 32.43
CA LEU A 82 -47.46 21.62 32.86
C LEU A 82 -47.98 21.57 34.30
N ALA A 83 -47.45 22.44 35.15
CA ALA A 83 -47.90 22.53 36.55
C ALA A 83 -49.41 22.81 36.62
N HIS A 84 -49.87 23.74 35.79
CA HIS A 84 -51.29 24.07 35.69
C HIS A 84 -52.10 22.92 35.11
N LEU A 85 -51.59 22.31 34.03
CA LEU A 85 -52.33 21.26 33.34
C LEU A 85 -52.36 19.92 34.09
N ASP A 86 -51.33 19.62 34.87
CA ASP A 86 -51.22 18.30 35.45
C ASP A 86 -51.39 18.28 36.97
N ARG A 87 -50.93 19.34 37.64
CA ARG A 87 -50.96 19.38 39.10
C ARG A 87 -52.03 20.35 39.61
N GLY A 88 -52.71 21.05 38.70
CA GLY A 88 -53.77 22.00 39.07
C GLY A 88 -53.29 23.37 39.55
N SER A 89 -52.01 23.70 39.34
CA SER A 89 -51.42 24.98 39.77
C SER A 89 -52.04 26.19 39.08
N PRO A 90 -51.82 27.41 39.63
CA PRO A 90 -52.38 28.58 38.97
C PRO A 90 -51.80 28.76 37.57
N PRO A 91 -52.66 29.08 36.58
CA PRO A 91 -52.21 29.32 35.20
C PRO A 91 -51.06 30.33 35.18
N PRO A 92 -50.08 30.13 34.29
CA PRO A 92 -48.99 31.11 34.18
C PRO A 92 -49.52 32.40 33.58
N ALA A 93 -48.83 33.50 33.83
CA ALA A 93 -49.28 34.80 33.36
C ALA A 93 -49.42 34.84 31.82
N ARG A 94 -50.62 35.21 31.39
CA ARG A 94 -50.93 35.46 29.99
C ARG A 94 -50.16 36.68 29.51
N GLU A 95 -49.25 36.47 28.56
CA GLU A 95 -48.35 37.53 28.09
C GLU A 95 -48.32 37.67 26.58
N ALA A 96 -47.99 38.87 26.11
CA ALA A 96 -47.75 39.13 24.69
C ALA A 96 -46.31 39.57 24.46
N LEU A 97 -45.79 39.25 23.28
CA LEU A 97 -44.53 39.82 22.81
C LEU A 97 -44.81 40.83 21.69
N ALA A 98 -44.36 42.06 21.91
CA ALA A 98 -44.47 43.12 20.90
C ALA A 98 -43.09 43.45 20.36
N ILE A 99 -42.98 43.51 19.03
CA ILE A 99 -41.76 43.93 18.38
C ILE A 99 -41.94 45.40 18.01
N VAL A 100 -41.01 46.23 18.51
CA VAL A 100 -41.02 47.66 18.24
C VAL A 100 -39.79 48.09 17.42
N PHE A 101 -40.02 48.99 16.47
CA PHE A 101 -38.96 49.57 15.63
C PHE A 101 -38.65 50.95 16.17
N PHE A 102 -37.51 51.07 16.84
CA PHE A 102 -37.14 52.36 17.42
C PHE A 102 -36.21 53.11 16.47
N GLY A 103 -36.80 53.75 15.47
CA GLY A 103 -36.04 54.51 14.47
C GLY A 103 -35.77 55.96 14.82
N ARG A 104 -36.46 56.48 15.82
CA ARG A 104 -36.45 57.91 16.15
C ARG A 104 -35.44 58.20 17.26
N GLN A 105 -34.17 57.88 16.99
CA GLN A 105 -33.11 58.02 18.00
C GLN A 105 -31.70 57.94 17.40
N PRO A 106 -30.70 58.51 18.09
CA PRO A 106 -29.28 58.43 17.68
C PRO A 106 -28.77 57.02 17.32
N GLN A 107 -29.10 56.00 18.13
CA GLN A 107 -28.76 54.59 17.78
C GLN A 107 -30.04 53.79 17.54
N PRO A 108 -30.56 53.79 16.30
CA PRO A 108 -31.76 53.02 15.98
C PRO A 108 -31.60 51.54 16.31
N ASN A 109 -32.64 50.96 16.91
CA ASN A 109 -32.67 49.52 17.18
C ASN A 109 -34.09 48.95 17.06
N VAL A 110 -34.18 47.63 17.01
CA VAL A 110 -35.46 46.96 17.18
C VAL A 110 -35.44 46.21 18.51
N SER A 111 -36.57 46.29 19.22
CA SER A 111 -36.69 45.68 20.54
C SER A 111 -37.87 44.72 20.62
N GLU A 112 -37.63 43.59 21.28
CA GLU A 112 -38.69 42.67 21.67
C GLU A 112 -39.07 43.04 23.07
N LEU A 113 -40.37 43.20 23.32
CA LEU A 113 -40.90 43.62 24.62
C LEU A 113 -42.00 42.68 25.08
N VAL A 114 -41.84 42.16 26.31
CA VAL A 114 -42.87 41.34 26.92
C VAL A 114 -43.84 42.26 27.65
N VAL A 115 -45.13 42.11 27.36
CA VAL A 115 -46.16 42.91 27.99
C VAL A 115 -47.11 41.96 28.69
N GLY A 116 -47.47 42.29 29.94
CA GLY A 116 -48.41 41.49 30.70
C GLY A 116 -48.90 42.13 31.99
N PRO A 117 -49.81 41.47 32.71
CA PRO A 117 -50.51 40.24 32.30
C PRO A 117 -51.83 40.58 31.58
N LEU A 118 -52.41 39.59 30.90
CA LEU A 118 -53.73 39.78 30.30
C LEU A 118 -54.78 39.18 31.23
N PRO A 119 -55.98 39.80 31.30
CA PRO A 119 -56.53 40.74 30.33
C PRO A 119 -56.13 42.22 30.47
N HIS A 120 -55.80 42.68 31.69
CA HIS A 120 -55.44 44.09 31.94
C HIS A 120 -53.93 44.31 32.19
N PRO A 121 -53.17 44.71 31.14
CA PRO A 121 -51.71 44.78 31.15
C PRO A 121 -51.14 45.76 32.19
N SER A 122 -49.98 45.43 32.74
CA SER A 122 -49.41 46.16 33.86
C SER A 122 -47.89 46.37 33.78
N TYR A 123 -47.19 45.53 33.03
CA TYR A 123 -45.74 45.68 32.89
C TYR A 123 -45.26 45.64 31.44
N MET A 124 -44.05 46.13 31.25
CA MET A 124 -43.38 46.10 29.97
C MET A 124 -41.92 45.84 30.26
N ARG A 125 -41.44 44.69 29.81
CA ARG A 125 -40.09 44.24 30.09
C ARG A 125 -39.34 44.13 28.75
N ASP A 126 -38.19 44.80 28.63
CA ASP A 126 -37.34 44.67 27.44
C ASP A 126 -36.46 43.42 27.53
N VAL A 127 -36.75 42.43 26.67
CA VAL A 127 -36.05 41.15 26.70
C VAL A 127 -34.98 41.00 25.61
N THR A 128 -34.73 42.05 24.84
CA THR A 128 -33.80 41.97 23.71
C THR A 128 -32.40 41.55 24.15
N VAL A 129 -31.80 42.31 25.05
CA VAL A 129 -30.45 42.08 25.54
C VAL A 129 -30.35 40.70 26.17
N GLU A 130 -31.31 40.41 27.04
CA GLU A 130 -31.51 39.11 27.67
C GLU A 130 -31.49 37.94 26.68
N ARG A 131 -32.23 38.05 25.57
CA ARG A 131 -32.29 36.96 24.57
C ARG A 131 -31.11 36.92 23.62
N HIS A 132 -30.50 38.08 23.35
CA HIS A 132 -29.52 38.19 22.26
C HIS A 132 -28.11 38.73 22.64
N GLY A 133 -27.92 39.08 23.91
CA GLY A 133 -26.61 39.51 24.40
C GLY A 133 -26.28 40.94 24.04
N GLY A 134 -27.11 41.52 23.18
CA GLY A 134 -26.91 42.90 22.72
C GLY A 134 -28.14 43.43 22.01
N PRO A 135 -28.09 44.71 21.60
CA PRO A 135 -29.22 45.28 20.88
C PRO A 135 -29.35 44.59 19.53
N LEU A 136 -30.57 44.50 19.00
CA LEU A 136 -30.78 44.09 17.61
C LEU A 136 -30.51 45.25 16.65
N PRO A 137 -29.51 45.11 15.77
CA PRO A 137 -29.23 46.17 14.80
C PRO A 137 -30.43 46.44 13.88
N TYR A 138 -30.59 47.70 13.51
CA TYR A 138 -31.75 48.16 12.77
C TYR A 138 -31.93 47.56 11.35
N HIS A 139 -30.83 47.21 10.69
CA HIS A 139 -30.89 46.68 9.33
C HIS A 139 -31.48 45.26 9.32
N ARG A 140 -31.75 44.72 10.50
CA ARG A 140 -32.37 43.43 10.60
C ARG A 140 -33.88 43.52 10.50
N ARG A 141 -34.44 44.70 10.79
CA ARG A 141 -35.90 44.79 10.76
C ARG A 141 -36.45 44.42 9.37
N PRO A 142 -37.48 43.56 9.31
CA PRO A 142 -38.20 43.26 8.07
C PRO A 142 -38.65 44.53 7.36
N VAL A 143 -38.70 44.48 6.02
CA VAL A 143 -39.12 45.63 5.21
C VAL A 143 -40.61 45.90 5.43
N LEU A 144 -40.95 47.13 5.80
CA LEU A 144 -42.36 47.51 6.04
C LEU A 144 -43.13 47.64 4.72
N PHE A 145 -44.46 47.51 4.80
CA PHE A 145 -45.30 47.75 3.64
C PHE A 145 -45.02 49.16 3.12
N GLN A 146 -44.94 50.12 4.05
CA GLN A 146 -44.63 51.52 3.71
C GLN A 146 -43.26 51.64 3.03
N GLU A 147 -42.28 50.88 3.50
CA GLU A 147 -40.97 50.85 2.88
C GLU A 147 -41.05 50.33 1.43
N TYR A 148 -41.87 49.30 1.18
CA TYR A 148 -42.14 48.81 -0.17
C TYR A 148 -42.84 49.85 -1.04
N LEU A 149 -43.71 50.66 -0.43
CA LEU A 149 -44.42 51.74 -1.15
C LEU A 149 -43.45 52.81 -1.62
N ASP A 150 -42.58 53.24 -0.72
CA ASP A 150 -41.54 54.23 -1.02
C ASP A 150 -40.60 53.72 -2.09
N ILE A 151 -40.24 52.42 -2.04
CA ILE A 151 -39.38 51.84 -3.07
C ILE A 151 -40.06 51.93 -4.45
N ASP A 152 -41.35 51.62 -4.49
CA ASP A 152 -42.09 51.75 -5.74
C ASP A 152 -42.21 53.19 -6.22
N GLN A 153 -42.41 54.10 -5.28
CA GLN A 153 -42.47 55.52 -5.62
C GLN A 153 -41.18 55.93 -6.28
N MET A 154 -40.06 55.53 -5.68
CA MET A 154 -38.74 55.83 -6.23
C MET A 154 -38.62 55.24 -7.63
N ILE A 155 -38.98 53.96 -7.76
CA ILE A 155 -38.84 53.26 -9.03
C ILE A 155 -39.67 53.88 -10.13
N PHE A 156 -40.96 53.99 -9.89
CA PHE A 156 -41.89 54.45 -10.91
C PHE A 156 -41.88 55.94 -11.15
N ASN A 157 -41.56 56.72 -10.12
CA ASN A 157 -41.57 58.18 -10.25
C ASN A 157 -40.23 58.80 -10.58
N ARG A 158 -39.16 58.33 -9.94
CA ARG A 158 -37.84 58.93 -10.14
C ARG A 158 -36.96 58.10 -11.05
N GLU A 159 -37.19 56.79 -11.13
CA GLU A 159 -36.26 55.92 -11.82
C GLU A 159 -36.68 55.49 -13.24
N LEU A 160 -37.77 54.73 -13.37
CA LEU A 160 -38.18 54.24 -14.69
C LEU A 160 -38.41 55.30 -15.77
N PRO A 161 -38.93 56.49 -15.41
CA PRO A 161 -39.15 57.49 -16.48
C PRO A 161 -37.87 57.86 -17.26
N GLN A 162 -36.71 57.61 -16.65
CA GLN A 162 -35.41 57.86 -17.30
C GLN A 162 -35.13 56.90 -18.46
N ALA A 163 -35.85 55.79 -18.52
CA ALA A 163 -35.73 54.85 -19.62
C ALA A 163 -37.04 54.76 -20.38
N SER A 164 -37.79 55.86 -20.32
CA SER A 164 -39.10 55.96 -20.94
C SER A 164 -39.18 55.47 -22.39
N GLY A 165 -38.20 55.84 -23.21
CA GLY A 165 -38.18 55.44 -24.60
C GLY A 165 -38.14 53.93 -24.77
N LEU A 166 -37.24 53.28 -24.04
CA LEU A 166 -37.11 51.84 -24.07
C LEU A 166 -38.38 51.16 -23.60
N LEU A 167 -38.88 51.58 -22.44
CA LEU A 167 -40.06 50.98 -21.89
C LEU A 167 -41.28 51.16 -22.81
N HIS A 168 -41.40 52.32 -23.45
CA HIS A 168 -42.43 52.51 -24.47
C HIS A 168 -42.29 51.45 -25.55
N HIS A 169 -41.06 51.21 -25.98
CA HIS A 169 -40.81 50.27 -27.06
C HIS A 169 -41.00 48.80 -26.67
N CYS A 170 -40.58 48.41 -25.46
CA CYS A 170 -40.60 46.99 -25.08
C CYS A 170 -41.81 46.56 -24.31
N CYS A 171 -42.41 47.49 -23.58
CA CYS A 171 -43.17 47.11 -22.41
C CYS A 171 -44.50 47.83 -22.25
N PHE A 172 -45.02 48.40 -23.34
CA PHE A 172 -46.34 49.08 -23.35
C PHE A 172 -46.46 50.11 -22.22
N TYR A 173 -45.33 50.73 -21.89
CA TYR A 173 -45.24 51.73 -20.84
C TYR A 173 -45.92 52.99 -21.30
N LYS A 174 -46.64 53.62 -20.39
CA LYS A 174 -47.16 54.96 -20.63
C LYS A 174 -46.74 55.89 -19.50
N HIS A 175 -46.44 57.15 -19.85
CA HIS A 175 -46.06 58.19 -18.88
C HIS A 175 -47.02 58.23 -17.68
N ARG A 176 -46.47 58.27 -16.47
CA ARG A 176 -47.24 58.13 -15.21
C ARG A 176 -48.29 57.00 -15.30
N GLY A 177 -47.85 55.85 -15.78
CA GLY A 177 -48.70 54.67 -15.81
C GLY A 177 -48.00 53.60 -15.01
N ARG A 178 -48.80 52.75 -14.38
CA ARG A 178 -48.24 51.60 -13.69
C ARG A 178 -48.84 50.29 -14.20
N ASN A 179 -48.53 49.97 -15.46
CA ASN A 179 -48.84 48.66 -16.04
C ASN A 179 -47.81 47.59 -15.60
N LEU A 180 -46.72 48.02 -14.95
CA LEU A 180 -45.73 47.11 -14.39
C LEU A 180 -45.83 47.04 -12.86
N VAL A 181 -45.42 45.92 -12.28
CA VAL A 181 -45.30 45.77 -10.82
C VAL A 181 -43.94 45.19 -10.44
N THR A 182 -43.55 45.36 -9.19
CA THR A 182 -42.26 44.89 -8.74
C THR A 182 -42.41 43.68 -7.84
N MET A 183 -41.36 42.89 -7.71
CA MET A 183 -41.36 41.83 -6.74
C MET A 183 -40.01 41.74 -6.02
N THR A 184 -40.06 41.81 -4.69
CA THR A 184 -38.86 41.76 -3.87
C THR A 184 -38.16 40.40 -3.92
N THR A 185 -36.85 40.41 -3.73
CA THR A 185 -36.13 39.19 -3.39
C THR A 185 -35.51 39.35 -1.99
N ALA A 186 -34.73 38.35 -1.56
CA ALA A 186 -34.09 38.33 -0.24
C ALA A 186 -33.02 37.25 -0.26
N PRO A 187 -31.92 37.40 0.53
CA PRO A 187 -31.55 38.50 1.41
C PRO A 187 -31.22 39.73 0.59
N ARG A 188 -30.89 40.81 1.27
CA ARG A 188 -30.78 42.05 0.58
C ARG A 188 -29.34 42.57 0.68
N GLY A 189 -28.45 41.97 -0.09
CA GLY A 189 -27.04 42.33 -0.04
C GLY A 189 -26.10 41.15 -0.01
N LEU A 190 -24.84 41.41 0.33
CA LEU A 190 -23.79 40.38 0.31
C LEU A 190 -23.06 40.24 1.65
N GLN A 191 -23.40 41.10 2.60
CA GLN A 191 -22.77 41.06 3.92
C GLN A 191 -23.61 41.73 5.02
N SER A 192 -23.24 41.48 6.27
CA SER A 192 -24.00 42.01 7.39
C SER A 192 -24.08 43.54 7.33
N GLY A 193 -25.30 44.08 7.43
CA GLY A 193 -25.50 45.51 7.44
C GLY A 193 -26.11 46.04 6.16
N ASP A 194 -26.04 45.26 5.08
CA ASP A 194 -26.61 45.69 3.80
C ASP A 194 -28.14 45.72 3.79
N ARG A 195 -28.71 46.50 2.87
CA ARG A 195 -30.16 46.54 2.65
C ARG A 195 -30.36 46.99 1.20
N ALA A 196 -29.92 46.14 0.30
CA ALA A 196 -30.00 46.38 -1.14
C ALA A 196 -30.74 45.20 -1.72
N THR A 197 -31.81 45.45 -2.45
CA THR A 197 -32.70 44.38 -2.89
C THR A 197 -32.81 44.38 -4.40
N TRP A 198 -32.73 43.20 -5.00
CA TRP A 198 -33.05 43.06 -6.42
C TRP A 198 -34.57 42.93 -6.59
N PHE A 199 -35.16 43.85 -7.34
CA PHE A 199 -36.56 43.75 -7.69
C PHE A 199 -36.64 43.44 -9.17
N GLY A 200 -37.37 42.40 -9.55
CA GLY A 200 -37.75 42.19 -10.94
C GLY A 200 -39.00 42.99 -11.27
N LEU A 201 -39.22 43.21 -12.56
CA LEU A 201 -40.36 43.96 -13.06
C LEU A 201 -41.22 43.08 -13.96
N TYR A 202 -42.55 43.20 -13.79
CA TYR A 202 -43.51 42.27 -14.37
C TYR A 202 -44.73 43.01 -14.88
N TYR A 203 -45.40 42.44 -15.87
CA TYR A 203 -46.69 42.94 -16.29
C TYR A 203 -47.73 42.75 -15.17
N ASN A 204 -48.43 43.82 -14.83
CA ASN A 204 -49.54 43.71 -13.88
C ASN A 204 -50.69 42.99 -14.58
N ILE A 205 -50.65 41.66 -14.53
CA ILE A 205 -51.66 40.81 -15.17
C ILE A 205 -52.92 40.83 -14.33
N SER A 206 -54.05 41.10 -14.97
CA SER A 206 -55.32 41.15 -14.25
C SER A 206 -55.97 39.78 -13.97
N GLY A 207 -56.15 39.44 -12.71
CA GLY A 207 -56.86 38.22 -12.33
C GLY A 207 -56.09 36.91 -12.45
N ALA A 208 -54.80 36.99 -12.79
CA ALA A 208 -53.91 35.82 -12.85
C ALA A 208 -52.52 36.18 -12.35
N GLY A 209 -51.63 35.19 -12.29
CA GLY A 209 -50.29 35.39 -11.76
C GLY A 209 -49.43 36.28 -12.61
N PHE A 210 -48.90 37.33 -12.02
CA PHE A 210 -48.00 38.25 -12.73
C PHE A 210 -46.60 37.65 -12.80
N PHE A 211 -46.36 36.62 -11.99
CA PHE A 211 -45.01 36.02 -11.84
C PHE A 211 -44.47 35.36 -13.10
N LEU A 212 -45.34 34.98 -14.02
CA LEU A 212 -44.90 34.30 -15.23
C LEU A 212 -44.61 35.31 -16.33
N HIS A 213 -44.56 36.58 -15.97
CA HIS A 213 -44.50 37.64 -16.96
C HIS A 213 -43.41 38.65 -16.66
N HIS A 214 -42.21 38.11 -16.53
CA HIS A 214 -41.03 38.92 -16.31
C HIS A 214 -40.71 39.69 -17.58
N VAL A 215 -40.52 40.99 -17.38
CA VAL A 215 -40.30 41.95 -18.44
C VAL A 215 -38.81 42.03 -18.77
N GLY A 216 -37.98 41.42 -17.93
CA GLY A 216 -36.56 41.29 -18.20
C GLY A 216 -35.72 42.35 -17.51
N LEU A 217 -36.38 43.28 -16.85
CA LEU A 217 -35.73 44.36 -16.14
C LEU A 217 -35.65 44.05 -14.64
N GLU A 218 -34.46 44.19 -14.08
CA GLU A 218 -34.27 43.98 -12.65
C GLU A 218 -33.40 45.13 -12.16
N LEU A 219 -33.74 45.64 -10.98
CA LEU A 219 -33.05 46.80 -10.44
C LEU A 219 -32.55 46.49 -9.04
N LEU A 220 -31.31 46.86 -8.75
CA LEU A 220 -30.77 46.66 -7.41
C LEU A 220 -30.94 47.97 -6.66
N VAL A 221 -31.92 47.98 -5.75
CA VAL A 221 -32.29 49.17 -5.01
C VAL A 221 -31.60 49.16 -3.66
N ASN A 222 -30.70 50.11 -3.46
CA ASN A 222 -30.11 50.34 -2.14
C ASN A 222 -31.01 51.22 -1.28
N HIS A 223 -31.69 50.60 -0.31
CA HIS A 223 -32.66 51.32 0.51
C HIS A 223 -32.30 51.20 1.98
N LYS A 224 -31.00 51.18 2.25
CA LYS A 224 -30.47 51.16 3.59
C LYS A 224 -30.77 52.46 4.33
N ALA A 225 -30.56 53.59 3.66
CA ALA A 225 -30.65 54.89 4.33
C ALA A 225 -32.02 55.11 4.99
N LEU A 226 -32.01 55.71 6.18
CA LEU A 226 -33.25 56.05 6.89
C LEU A 226 -34.06 57.15 6.21
N ASP A 227 -33.39 57.98 5.41
CA ASP A 227 -34.07 58.95 4.56
C ASP A 227 -34.18 58.40 3.12
N PRO A 228 -35.41 58.10 2.67
CA PRO A 228 -35.61 57.56 1.32
C PRO A 228 -35.08 58.41 0.16
N ALA A 229 -34.98 59.71 0.36
CA ALA A 229 -34.40 60.57 -0.69
C ALA A 229 -32.95 60.19 -1.03
N ARG A 230 -32.27 59.51 -0.11
CA ARG A 230 -30.87 59.14 -0.30
C ARG A 230 -30.69 57.73 -0.85
N TRP A 231 -31.79 57.09 -1.24
CA TRP A 231 -31.77 55.75 -1.82
C TRP A 231 -31.28 55.82 -3.25
N THR A 232 -30.75 54.70 -3.74
CA THR A 232 -30.12 54.63 -5.06
C THR A 232 -30.37 53.32 -5.79
N ILE A 233 -30.15 53.35 -7.10
CA ILE A 233 -30.05 52.15 -7.91
C ILE A 233 -28.56 51.82 -8.05
N GLN A 234 -28.12 50.69 -7.52
CA GLN A 234 -26.71 50.31 -7.64
C GLN A 234 -26.38 49.62 -8.97
N LYS A 235 -27.37 48.95 -9.57
CA LYS A 235 -27.16 48.18 -10.79
C LYS A 235 -28.45 47.92 -11.53
N VAL A 236 -28.37 47.84 -12.85
CA VAL A 236 -29.48 47.49 -13.70
C VAL A 236 -29.10 46.25 -14.50
N PHE A 237 -30.09 45.40 -14.78
CA PHE A 237 -29.90 44.22 -15.59
C PHE A 237 -31.10 44.20 -16.51
N TYR A 238 -30.86 44.22 -17.81
CA TYR A 238 -31.95 44.22 -18.77
C TYR A 238 -31.72 43.20 -19.87
N GLN A 239 -32.71 42.32 -20.05
CA GLN A 239 -32.65 41.27 -21.06
C GLN A 239 -31.25 40.66 -21.21
N GLY A 240 -30.64 40.28 -20.09
CA GLY A 240 -29.41 39.48 -20.13
C GLY A 240 -28.08 40.23 -20.04
N ARG A 241 -28.13 41.52 -19.74
CA ARG A 241 -26.94 42.36 -19.72
C ARG A 241 -26.99 43.37 -18.59
N TYR A 242 -25.82 43.72 -18.05
CA TYR A 242 -25.69 44.72 -16.98
C TYR A 242 -25.50 46.12 -17.55
N TYR A 243 -26.06 47.09 -16.83
CA TYR A 243 -25.94 48.51 -17.14
C TYR A 243 -25.82 49.21 -15.81
N ASP A 244 -25.10 50.33 -15.78
CA ASP A 244 -24.84 51.07 -14.54
C ASP A 244 -26.02 51.89 -14.05
N SER A 245 -26.87 52.27 -14.98
CA SER A 245 -28.02 53.08 -14.65
C SER A 245 -29.09 52.94 -15.71
N LEU A 246 -30.32 53.30 -15.31
CA LEU A 246 -31.41 53.42 -16.26
C LEU A 246 -31.10 54.46 -17.34
N ALA A 247 -30.27 55.45 -17.02
CA ALA A 247 -29.90 56.48 -18.01
C ALA A 247 -28.92 55.95 -19.05
N GLN A 248 -27.92 55.18 -18.61
CA GLN A 248 -26.97 54.58 -19.55
C GLN A 248 -27.72 53.60 -20.47
N LEU A 249 -28.63 52.84 -19.88
CA LEU A 249 -29.47 51.91 -20.63
C LEU A 249 -30.30 52.61 -21.71
N GLU A 250 -30.94 53.70 -21.31
CA GLU A 250 -31.80 54.45 -22.23
C GLU A 250 -30.99 55.03 -23.39
N ALA A 251 -29.83 55.61 -23.04
CA ALA A 251 -28.94 56.23 -24.04
C ALA A 251 -28.46 55.16 -25.00
N GLN A 252 -28.05 54.02 -24.46
CA GLN A 252 -27.58 52.94 -25.28
C GLN A 252 -28.69 52.38 -26.18
N PHE A 253 -29.94 52.42 -25.71
CA PHE A 253 -31.10 52.04 -26.52
C PHE A 253 -31.34 53.03 -27.68
N GLU A 254 -31.32 54.32 -27.35
CA GLU A 254 -31.51 55.36 -28.35
C GLU A 254 -30.38 55.35 -29.38
N ALA A 255 -29.18 54.96 -28.95
CA ALA A 255 -27.98 54.86 -29.81
C ALA A 255 -28.00 53.66 -30.75
N GLY A 256 -29.03 52.83 -30.63
CA GLY A 256 -29.26 51.73 -31.55
C GLY A 256 -28.56 50.43 -31.20
N LEU A 257 -27.96 50.37 -30.01
CA LEU A 257 -27.19 49.19 -29.61
C LEU A 257 -27.97 48.10 -28.89
N VAL A 258 -29.13 48.41 -28.31
CA VAL A 258 -29.85 47.42 -27.49
C VAL A 258 -30.96 46.70 -28.26
N ASN A 259 -30.75 45.42 -28.58
CA ASN A 259 -31.75 44.59 -29.25
C ASN A 259 -32.80 44.13 -28.25
N VAL A 260 -34.01 44.65 -28.42
CA VAL A 260 -35.08 44.45 -27.45
C VAL A 260 -35.99 43.33 -27.93
N VAL A 261 -36.04 42.24 -27.15
CA VAL A 261 -36.99 41.16 -27.43
C VAL A 261 -38.34 41.63 -26.92
N LEU A 262 -39.39 41.47 -27.73
CA LEU A 262 -40.71 41.99 -27.40
C LEU A 262 -41.55 40.95 -26.65
N ILE A 263 -41.72 41.17 -25.35
CA ILE A 263 -42.56 40.30 -24.54
C ILE A 263 -43.98 40.84 -24.54
N PRO A 264 -44.94 40.06 -25.09
CA PRO A 264 -46.36 40.44 -25.10
C PRO A 264 -46.96 40.51 -23.69
N ASP A 265 -47.95 41.36 -23.49
CA ASP A 265 -48.54 41.55 -22.17
C ASP A 265 -49.97 41.02 -22.06
N ASN A 266 -50.42 40.34 -23.11
CA ASN A 266 -51.67 39.62 -23.05
C ASN A 266 -51.58 38.32 -23.85
N GLY A 267 -52.46 37.38 -23.50
CA GLY A 267 -52.57 36.09 -24.17
C GLY A 267 -53.72 35.27 -23.62
N THR A 268 -53.81 34.02 -24.03
CA THR A 268 -54.83 33.10 -23.52
C THR A 268 -54.15 31.83 -23.03
N GLY A 269 -54.83 31.09 -22.15
CA GLY A 269 -54.32 29.80 -21.68
C GLY A 269 -53.67 29.82 -20.30
N GLY A 270 -53.02 28.71 -19.96
CA GLY A 270 -52.42 28.54 -18.64
C GLY A 270 -51.40 29.57 -18.17
N SER A 271 -50.63 30.14 -19.10
CA SER A 271 -49.66 31.12 -18.67
C SER A 271 -50.26 32.51 -18.57
N TRP A 272 -51.58 32.63 -18.72
CA TRP A 272 -52.26 33.95 -18.72
C TRP A 272 -53.48 34.05 -17.83
N SER A 273 -54.09 32.90 -17.53
CA SER A 273 -55.21 32.88 -16.60
C SER A 273 -55.30 31.54 -15.88
N LEU A 274 -56.21 31.47 -14.91
CA LEU A 274 -56.45 30.29 -14.10
C LEU A 274 -57.84 29.70 -14.37
N LYS A 275 -58.60 30.36 -15.23
CA LYS A 275 -59.98 29.99 -15.48
C LYS A 275 -60.06 28.91 -16.56
N SER A 276 -60.69 27.79 -16.22
CA SER A 276 -60.82 26.67 -17.15
C SER A 276 -61.75 27.07 -18.28
N PRO A 277 -61.32 26.85 -19.54
CA PRO A 277 -62.23 27.08 -20.67
C PRO A 277 -63.26 25.97 -20.82
N VAL A 278 -63.23 24.99 -19.90
CA VAL A 278 -64.11 23.83 -19.97
C VAL A 278 -65.28 23.97 -18.97
N PRO A 279 -66.53 23.86 -19.46
CA PRO A 279 -67.70 23.90 -18.57
C PRO A 279 -67.70 22.76 -17.55
N PRO A 280 -68.25 23.01 -16.36
CA PRO A 280 -68.46 21.94 -15.39
C PRO A 280 -69.30 20.81 -15.95
N GLY A 281 -68.94 19.57 -15.58
CA GLY A 281 -69.74 18.39 -15.86
C GLY A 281 -70.26 17.81 -14.55
N PRO A 282 -70.44 16.49 -14.47
CA PRO A 282 -70.97 15.83 -13.27
C PRO A 282 -70.19 16.19 -12.01
N ALA A 283 -70.88 16.34 -10.88
CA ALA A 283 -70.23 16.80 -9.66
C ALA A 283 -69.19 15.80 -9.14
N PRO A 284 -68.05 16.30 -8.65
CA PRO A 284 -67.05 15.41 -8.08
C PRO A 284 -67.55 14.86 -6.75
N PRO A 285 -66.98 13.73 -6.29
CA PRO A 285 -67.44 13.09 -5.05
C PRO A 285 -67.33 14.01 -3.84
N LEU A 286 -68.25 13.84 -2.89
CA LEU A 286 -68.38 14.71 -1.73
C LEU A 286 -68.57 13.90 -0.45
N GLN A 287 -67.84 14.30 0.59
CA GLN A 287 -67.90 13.61 1.88
C GLN A 287 -68.86 14.32 2.82
N PHE A 288 -69.69 13.55 3.51
CA PHE A 288 -70.57 14.12 4.55
C PHE A 288 -70.60 13.26 5.82
N TYR A 289 -71.04 13.86 6.91
CA TYR A 289 -71.18 13.18 8.19
C TYR A 289 -72.64 12.72 8.41
N PRO A 290 -72.92 11.41 8.19
CA PRO A 290 -74.28 10.87 8.28
C PRO A 290 -75.04 11.23 9.55
N GLN A 291 -74.35 11.32 10.69
CA GLN A 291 -75.00 11.72 11.95
C GLN A 291 -74.29 12.91 12.57
N GLY A 292 -73.87 13.87 11.75
CA GLY A 292 -73.24 15.08 12.24
C GLY A 292 -71.76 14.88 12.52
N PRO A 293 -71.01 15.98 12.76
CA PRO A 293 -69.58 15.88 13.04
C PRO A 293 -69.30 15.10 14.32
N ARG A 294 -68.07 14.58 14.42
CA ARG A 294 -67.67 13.69 15.52
C ARG A 294 -66.55 14.32 16.35
N PHE A 295 -66.34 15.61 16.19
CA PHE A 295 -65.34 16.36 16.95
C PHE A 295 -65.88 17.77 17.21
N SER A 296 -65.45 18.40 18.30
CA SER A 296 -65.82 19.79 18.55
C SER A 296 -64.61 20.70 18.44
N VAL A 297 -64.86 21.95 18.07
CA VAL A 297 -63.83 22.97 18.04
C VAL A 297 -64.28 24.09 18.96
N GLN A 298 -63.54 24.30 20.05
CA GLN A 298 -63.95 25.31 21.03
C GLN A 298 -62.78 26.24 21.31
N GLY A 299 -62.88 27.46 20.79
CA GLY A 299 -61.78 28.42 20.89
C GLY A 299 -60.63 27.90 20.05
N SER A 300 -59.53 27.55 20.70
CA SER A 300 -58.37 26.96 20.03
C SER A 300 -58.24 25.46 20.26
N ARG A 301 -59.14 24.88 21.05
CA ARG A 301 -59.07 23.47 21.40
C ARG A 301 -59.96 22.59 20.53
N VAL A 302 -59.39 21.48 20.04
CA VAL A 302 -60.15 20.44 19.35
C VAL A 302 -60.28 19.22 20.27
N ALA A 303 -61.41 18.52 20.18
CA ALA A 303 -61.56 17.22 20.85
C ALA A 303 -62.41 16.24 20.04
N SER A 304 -61.94 15.01 19.91
CA SER A 304 -62.71 13.94 19.30
C SER A 304 -62.66 12.79 20.30
N SER A 305 -63.32 11.67 20.01
CA SER A 305 -63.30 10.55 20.96
C SER A 305 -61.90 10.01 21.23
N LEU A 306 -60.96 10.24 20.31
CA LEU A 306 -59.57 9.78 20.51
C LEU A 306 -58.57 10.88 20.87
N TRP A 307 -58.75 12.07 20.31
CA TRP A 307 -57.72 13.11 20.36
C TRP A 307 -58.15 14.42 21.05
N THR A 308 -57.18 15.03 21.73
CA THR A 308 -57.36 16.33 22.35
C THR A 308 -56.11 17.14 22.06
N PHE A 309 -56.31 18.42 21.72
CA PHE A 309 -55.19 19.32 21.45
C PHE A 309 -55.60 20.78 21.27
N SER A 310 -54.59 21.64 21.15
CA SER A 310 -54.75 23.07 20.92
C SER A 310 -53.89 23.53 19.75
N PHE A 311 -54.46 24.35 18.87
CA PHE A 311 -53.80 24.75 17.64
C PHE A 311 -53.76 26.27 17.57
N GLY A 312 -52.84 26.79 16.77
CA GLY A 312 -52.72 28.22 16.57
C GLY A 312 -51.72 28.50 15.47
N LEU A 313 -51.24 29.74 15.43
CA LEU A 313 -50.43 30.23 14.34
C LEU A 313 -49.53 31.33 14.88
N GLY A 314 -48.23 31.10 14.84
CA GLY A 314 -47.24 32.15 15.11
C GLY A 314 -47.15 33.12 13.94
N ALA A 315 -47.11 34.42 14.23
CA ALA A 315 -47.10 35.41 13.15
C ALA A 315 -46.03 35.09 12.14
N PHE A 316 -44.88 34.61 12.62
CA PHE A 316 -43.73 34.40 11.79
C PHE A 316 -43.34 32.94 11.55
N SER A 317 -43.48 32.10 12.57
CA SER A 317 -43.04 30.72 12.44
C SER A 317 -44.10 29.80 11.90
N GLY A 318 -45.36 30.23 11.94
CA GLY A 318 -46.48 29.48 11.38
C GLY A 318 -47.25 28.52 12.27
N PRO A 319 -47.90 27.51 11.66
CA PRO A 319 -48.78 26.57 12.37
C PRO A 319 -48.13 25.82 13.52
N ARG A 320 -48.86 25.71 14.61
CA ARG A 320 -48.40 25.00 15.78
C ARG A 320 -49.55 24.29 16.45
N ILE A 321 -49.23 23.17 17.08
CA ILE A 321 -50.17 22.42 17.89
C ILE A 321 -49.55 22.11 19.26
N PHE A 322 -50.38 22.14 20.30
CA PHE A 322 -49.92 22.05 21.69
C PHE A 322 -50.75 21.08 22.50
N ASP A 323 -50.12 20.41 23.47
CA ASP A 323 -50.80 19.53 24.41
C ASP A 323 -51.67 18.47 23.72
N VAL A 324 -51.02 17.66 22.88
CA VAL A 324 -51.67 16.58 22.14
C VAL A 324 -51.84 15.34 23.01
N ARG A 325 -53.11 15.03 23.29
CA ARG A 325 -53.44 13.88 24.12
C ARG A 325 -54.20 12.84 23.32
N PHE A 326 -53.71 11.60 23.38
CA PHE A 326 -54.41 10.46 22.82
C PHE A 326 -55.14 9.71 23.92
N GLN A 327 -56.46 9.58 23.77
CA GLN A 327 -57.29 8.89 24.74
C GLN A 327 -56.91 9.31 26.17
N GLY A 328 -56.65 10.60 26.34
CA GLY A 328 -56.31 11.18 27.64
C GLY A 328 -54.82 11.32 27.95
N GLU A 329 -53.96 10.71 27.15
CA GLU A 329 -52.54 10.73 27.49
C GLU A 329 -51.73 11.62 26.55
N ARG A 330 -50.97 12.54 27.14
CA ARG A 330 -50.16 13.47 26.36
C ARG A 330 -48.99 12.79 25.64
N LEU A 331 -49.01 12.89 24.31
CA LEU A 331 -47.92 12.39 23.47
C LEU A 331 -46.90 13.47 23.16
N VAL A 332 -47.37 14.70 23.00
CA VAL A 332 -46.55 15.81 22.52
C VAL A 332 -46.95 17.10 23.23
N TYR A 333 -45.95 17.83 23.75
CA TYR A 333 -46.21 19.14 24.35
C TYR A 333 -46.41 20.22 23.27
N GLU A 334 -45.52 20.24 22.28
CA GLU A 334 -45.54 21.20 21.19
C GLU A 334 -45.11 20.54 19.87
N ILE A 335 -45.87 20.75 18.80
CA ILE A 335 -45.40 20.49 17.43
C ILE A 335 -45.67 21.75 16.63
N SER A 336 -44.62 22.38 16.13
CA SER A 336 -44.77 23.66 15.45
C SER A 336 -43.83 23.84 14.24
N LEU A 337 -44.32 24.52 13.20
CA LEU A 337 -43.47 24.93 12.09
C LEU A 337 -42.46 25.93 12.62
N GLN A 338 -41.24 25.93 12.08
CA GLN A 338 -40.24 26.88 12.56
C GLN A 338 -39.73 27.80 11.47
N GLU A 339 -39.54 27.27 10.27
CA GLU A 339 -39.01 28.05 9.18
C GLU A 339 -39.28 27.31 7.89
N ALA A 340 -39.30 28.06 6.79
CA ALA A 340 -39.43 27.54 5.45
C ALA A 340 -38.38 28.25 4.64
N LEU A 341 -37.72 27.53 3.74
CA LEU A 341 -36.59 28.06 2.98
C LEU A 341 -36.70 27.70 1.50
N ALA A 342 -36.45 28.67 0.64
CA ALA A 342 -36.40 28.39 -0.80
C ALA A 342 -35.10 28.96 -1.32
N ILE A 343 -34.27 28.09 -1.87
CA ILE A 343 -32.95 28.49 -2.37
C ILE A 343 -32.92 28.38 -3.89
N TYR A 344 -32.70 29.51 -4.55
CA TYR A 344 -32.88 29.63 -6.00
C TYR A 344 -31.56 29.58 -6.81
N GLY A 345 -31.70 29.16 -8.07
CA GLY A 345 -30.64 29.31 -9.05
C GLY A 345 -31.22 30.09 -10.22
N GLY A 346 -30.36 30.62 -11.07
CA GLY A 346 -30.83 31.37 -12.24
C GLY A 346 -29.81 32.08 -13.11
N ASN A 347 -30.34 32.56 -14.23
CA ASN A 347 -29.64 33.34 -15.25
C ASN A 347 -29.47 34.82 -14.90
N SER A 348 -30.36 35.31 -14.05
CA SER A 348 -30.47 36.72 -13.72
C SER A 348 -30.11 36.93 -12.25
N PRO A 349 -29.66 38.14 -11.89
CA PRO A 349 -29.19 38.42 -10.53
C PRO A 349 -30.24 38.16 -9.43
N ALA A 350 -31.51 38.46 -9.69
CA ALA A 350 -32.55 38.21 -8.71
C ALA A 350 -32.61 36.73 -8.34
N ALA A 351 -32.94 35.88 -9.31
CA ALA A 351 -32.97 34.43 -9.09
C ALA A 351 -31.67 33.97 -8.47
N MET A 352 -30.57 34.38 -9.08
CA MET A 352 -29.20 33.97 -8.74
C MET A 352 -28.86 34.04 -7.26
N THR A 353 -29.36 35.07 -6.58
CA THR A 353 -29.07 35.31 -5.17
C THR A 353 -30.29 35.22 -4.24
N THR A 354 -31.39 34.67 -4.73
CA THR A 354 -32.55 34.50 -3.86
C THR A 354 -32.42 33.33 -2.89
N ARG A 355 -32.51 33.66 -1.62
CA ARG A 355 -32.61 32.67 -0.58
C ARG A 355 -33.67 33.22 0.38
N TYR A 356 -34.93 32.86 0.13
CA TYR A 356 -36.05 33.22 1.02
C TYR A 356 -36.01 32.45 2.35
N VAL A 357 -36.01 33.20 3.45
CA VAL A 357 -36.20 32.67 4.77
C VAL A 357 -37.56 33.20 5.20
N ASP A 358 -38.60 32.40 4.94
CA ASP A 358 -39.97 32.90 4.91
C ASP A 358 -40.57 33.42 6.20
N GLY A 359 -39.93 33.08 7.32
CA GLY A 359 -40.32 33.63 8.61
C GLY A 359 -40.05 35.12 8.72
N GLY A 360 -39.05 35.61 7.99
CA GLY A 360 -38.78 37.06 7.88
C GLY A 360 -39.92 37.84 7.27
N PHE A 361 -40.85 37.14 6.66
CA PHE A 361 -42.14 37.70 6.24
C PHE A 361 -43.22 37.27 7.22
N GLY A 362 -43.34 35.95 7.44
CA GLY A 362 -44.28 35.38 8.40
C GLY A 362 -45.31 34.44 7.80
N MET A 363 -45.21 33.16 8.14
CA MET A 363 -46.16 32.16 7.65
C MET A 363 -47.54 32.39 8.23
N GLY A 364 -47.58 32.98 9.43
CA GLY A 364 -48.85 33.41 10.02
C GLY A 364 -49.37 34.66 9.32
N LYS A 365 -48.56 35.71 9.33
CA LYS A 365 -48.90 36.98 8.70
C LYS A 365 -49.47 36.83 7.30
N TYR A 366 -48.90 35.92 6.51
CA TYR A 366 -49.31 35.70 5.12
C TYR A 366 -50.22 34.49 4.97
N THR A 367 -50.87 34.09 6.07
CA THR A 367 -51.95 33.12 6.03
C THR A 367 -53.14 33.67 5.23
N THR A 368 -53.80 32.82 4.48
CA THR A 368 -54.87 33.25 3.60
C THR A 368 -56.16 32.47 3.86
N PRO A 369 -57.32 33.08 3.58
CA PRO A 369 -58.58 32.37 3.80
C PRO A 369 -58.57 31.07 3.01
N LEU A 370 -59.18 30.03 3.56
CA LEU A 370 -59.33 28.77 2.84
C LEU A 370 -60.66 28.81 2.11
N THR A 371 -60.64 28.48 0.82
CA THR A 371 -61.84 28.44 0.01
C THR A 371 -62.56 27.10 0.23
N ARG A 372 -63.76 27.17 0.81
CA ARG A 372 -64.56 26.01 1.18
C ARG A 372 -64.77 25.10 -0.04
N GLY A 373 -64.49 23.81 0.10
CA GLY A 373 -64.71 22.85 -1.00
C GLY A 373 -63.59 22.69 -2.04
N VAL A 374 -62.52 23.49 -1.89
CA VAL A 374 -61.34 23.40 -2.74
C VAL A 374 -60.13 23.24 -1.86
N ASP A 375 -59.98 24.15 -0.88
CA ASP A 375 -58.85 24.11 0.06
C ASP A 375 -59.04 23.05 1.14
N CYS A 376 -60.29 22.86 1.57
CA CYS A 376 -60.65 21.81 2.51
C CYS A 376 -61.97 21.21 2.04
N PRO A 377 -62.37 20.04 2.59
CA PRO A 377 -63.65 19.54 2.14
C PRO A 377 -64.72 20.55 2.47
N TYR A 378 -65.78 20.55 1.68
CA TYR A 378 -66.87 21.51 1.86
C TYR A 378 -67.41 21.56 3.28
N LEU A 379 -67.49 20.40 3.93
CA LEU A 379 -68.15 20.29 5.24
C LEU A 379 -67.22 20.38 6.45
N ALA A 380 -65.99 20.88 6.24
CA ALA A 380 -65.04 21.08 7.32
C ALA A 380 -65.49 22.20 8.25
N THR A 381 -64.95 22.23 9.46
CA THR A 381 -65.16 23.33 10.37
C THR A 381 -64.08 24.37 10.09
N TYR A 382 -64.51 25.61 9.86
CA TYR A 382 -63.62 26.70 9.51
C TYR A 382 -63.46 27.68 10.67
N VAL A 383 -62.24 28.20 10.86
CA VAL A 383 -61.94 29.05 12.02
C VAL A 383 -61.15 30.28 11.64
N ASP A 384 -61.54 31.43 12.18
CA ASP A 384 -60.86 32.69 11.93
C ASP A 384 -59.56 32.83 12.71
N TRP A 385 -58.68 33.73 12.23
CA TRP A 385 -57.44 34.07 12.95
C TRP A 385 -57.32 35.57 13.13
N HIS A 386 -56.93 35.98 14.33
CA HIS A 386 -56.76 37.37 14.65
C HIS A 386 -55.28 37.71 14.82
N PHE A 387 -54.91 38.91 14.39
CA PHE A 387 -53.53 39.34 14.39
C PHE A 387 -53.45 40.87 14.48
N LEU A 388 -52.31 41.33 14.99
CA LEU A 388 -51.97 42.74 14.98
C LEU A 388 -50.56 42.88 14.45
N LEU A 389 -50.47 43.16 13.14
CA LEU A 389 -49.21 43.16 12.42
C LEU A 389 -49.17 44.37 11.53
N GLU A 390 -48.17 45.22 11.78
CA GLU A 390 -47.97 46.47 11.05
C GLU A 390 -49.23 47.35 10.97
N SER A 391 -49.94 47.49 12.09
CA SER A 391 -51.06 48.41 12.14
C SER A 391 -51.38 48.84 13.57
N GLN A 392 -52.33 49.77 13.72
CA GLN A 392 -52.74 50.28 15.03
C GLN A 392 -53.85 49.44 15.65
N ALA A 393 -54.52 48.62 14.84
CA ALA A 393 -55.72 47.89 15.24
C ALA A 393 -55.74 46.45 14.72
N PRO A 394 -56.26 45.52 15.52
CA PRO A 394 -56.26 44.13 15.07
C PRO A 394 -57.17 43.91 13.86
N LYS A 395 -56.80 42.93 13.04
CA LYS A 395 -57.61 42.49 11.92
C LYS A 395 -57.79 40.97 12.03
N THR A 396 -58.60 40.41 11.13
CA THR A 396 -58.96 39.01 11.17
C THR A 396 -58.65 38.41 9.83
N ILE A 397 -58.16 37.18 9.80
CA ILE A 397 -58.21 36.41 8.56
C ILE A 397 -59.33 35.38 8.70
N ARG A 398 -60.36 35.54 7.89
CA ARG A 398 -61.52 34.67 7.99
C ARG A 398 -61.16 33.32 7.41
N ASP A 399 -61.66 32.25 8.04
CA ASP A 399 -61.42 30.90 7.56
C ASP A 399 -59.93 30.55 7.41
N ALA A 400 -59.14 30.96 8.40
CA ALA A 400 -57.69 30.71 8.40
C ALA A 400 -57.35 29.24 8.64
N PHE A 401 -58.14 28.58 9.49
CA PHE A 401 -57.93 27.16 9.75
C PHE A 401 -59.15 26.35 9.34
N CYS A 402 -58.90 25.10 8.95
CA CYS A 402 -59.96 24.12 8.84
C CYS A 402 -59.63 22.83 9.60
N VAL A 403 -60.67 22.30 10.26
CA VAL A 403 -60.60 21.04 10.95
C VAL A 403 -61.69 20.17 10.35
N PHE A 404 -61.37 18.90 10.13
CA PHE A 404 -62.32 17.96 9.56
C PHE A 404 -61.88 16.51 9.73
N GLU A 405 -62.84 15.60 9.74
CA GLU A 405 -62.58 14.18 9.63
C GLU A 405 -62.63 13.80 8.17
N GLN A 406 -61.81 12.83 7.78
CA GLN A 406 -61.70 12.39 6.39
C GLN A 406 -61.61 10.88 6.27
N ASN A 407 -62.57 10.27 5.58
CA ASN A 407 -62.48 8.87 5.22
C ASN A 407 -61.41 8.70 4.15
N GLN A 408 -60.34 8.01 4.51
CA GLN A 408 -59.20 7.84 3.60
C GLN A 408 -59.52 6.98 2.40
N GLY A 409 -60.55 6.13 2.49
CA GLY A 409 -60.90 5.21 1.42
C GLY A 409 -60.00 3.99 1.43
N LEU A 410 -59.27 3.85 2.52
CA LEU A 410 -58.28 2.80 2.73
C LEU A 410 -58.55 2.14 4.08
N PRO A 411 -58.27 0.82 4.22
CA PRO A 411 -58.41 0.21 5.55
C PRO A 411 -57.25 0.58 6.49
N LEU A 412 -57.54 0.75 7.77
CA LEU A 412 -56.49 0.95 8.77
C LEU A 412 -55.81 -0.39 9.01
N ARG A 413 -56.60 -1.45 8.99
CA ARG A 413 -56.14 -2.83 9.23
C ARG A 413 -57.21 -3.68 8.62
N ARG A 414 -56.82 -4.89 8.24
CA ARG A 414 -57.74 -5.81 7.61
C ARG A 414 -57.20 -7.23 7.61
N HIS A 415 -58.06 -8.19 7.96
CA HIS A 415 -57.75 -9.60 7.72
C HIS A 415 -58.93 -10.43 7.24
N HIS A 416 -58.79 -10.99 6.04
CA HIS A 416 -59.73 -11.96 5.53
C HIS A 416 -59.16 -13.39 5.67
N SER A 417 -59.88 -14.23 6.40
CA SER A 417 -59.41 -15.59 6.64
C SER A 417 -60.24 -16.64 5.93
N ASP A 418 -59.58 -17.41 5.06
CA ASP A 418 -60.15 -18.56 4.38
C ASP A 418 -59.56 -19.83 4.97
N LEU A 419 -58.71 -19.66 5.99
CA LEU A 419 -57.85 -20.73 6.47
C LEU A 419 -58.24 -21.20 7.87
N TYR A 420 -58.70 -22.45 7.96
CA TYR A 420 -59.04 -23.12 9.24
C TYR A 420 -60.30 -22.59 9.93
N SER A 421 -60.38 -21.26 10.08
CA SER A 421 -61.52 -20.54 10.63
C SER A 421 -61.86 -19.38 9.68
N HIS A 422 -63.14 -19.27 9.32
CA HIS A 422 -63.58 -18.28 8.31
C HIS A 422 -64.21 -17.05 8.95
N TYR A 423 -63.52 -15.92 8.82
CA TYR A 423 -63.94 -14.67 9.47
C TYR A 423 -63.31 -13.49 8.71
N PHE A 424 -63.82 -12.28 8.95
CA PHE A 424 -63.21 -11.06 8.47
C PHE A 424 -63.11 -10.06 9.62
N GLY A 425 -62.01 -9.30 9.67
CA GLY A 425 -61.86 -8.28 10.69
C GLY A 425 -61.15 -7.07 10.14
N GLY A 426 -61.80 -5.91 10.19
CA GLY A 426 -61.26 -4.71 9.56
C GLY A 426 -61.83 -3.41 10.08
N LEU A 427 -61.26 -2.30 9.59
CA LEU A 427 -61.69 -0.96 9.95
C LEU A 427 -61.23 -0.03 8.82
N ALA A 428 -62.15 0.73 8.24
CA ALA A 428 -61.79 1.79 7.27
C ALA A 428 -61.08 2.89 8.04
N GLU A 429 -60.09 3.53 7.42
CA GLU A 429 -59.41 4.61 8.13
C GLU A 429 -60.02 6.00 7.95
N THR A 430 -60.41 6.58 9.09
CA THR A 430 -60.78 7.98 9.14
C THR A 430 -59.75 8.73 9.96
N VAL A 431 -59.37 9.89 9.46
CA VAL A 431 -58.33 10.70 10.08
C VAL A 431 -58.91 12.07 10.43
N LEU A 432 -58.23 12.79 11.33
CA LEU A 432 -58.66 14.10 11.74
C LEU A 432 -57.55 15.07 11.35
N VAL A 433 -57.96 16.16 10.70
CA VAL A 433 -57.01 17.04 9.99
C VAL A 433 -57.16 18.48 10.39
N VAL A 434 -56.02 19.10 10.71
CA VAL A 434 -55.91 20.53 10.91
C VAL A 434 -55.06 21.06 9.78
N ARG A 435 -55.58 22.07 9.07
CA ARG A 435 -54.90 22.62 7.89
C ARG A 435 -54.95 24.13 7.84
N SER A 436 -53.84 24.69 7.36
CA SER A 436 -53.66 26.12 7.19
C SER A 436 -52.87 26.33 5.90
N MET A 437 -52.99 27.51 5.31
CA MET A 437 -52.27 27.80 4.08
C MET A 437 -51.67 29.19 4.10
N SER A 438 -50.39 29.28 3.80
CA SER A 438 -49.77 30.61 3.68
C SER A 438 -49.32 30.88 2.28
N THR A 439 -49.66 32.08 1.81
CA THR A 439 -49.25 32.53 0.51
C THR A 439 -48.21 33.61 0.66
N LEU A 440 -46.98 33.25 0.30
CA LEU A 440 -45.86 34.17 0.33
C LEU A 440 -45.45 34.40 -1.10
N LEU A 441 -45.87 35.55 -1.62
CA LEU A 441 -45.67 35.94 -3.01
C LEU A 441 -46.25 34.87 -3.94
N ASN A 442 -45.41 34.19 -4.71
CA ASN A 442 -45.91 33.25 -5.73
C ASN A 442 -46.43 31.93 -5.17
N ASP A 444 -47.84 28.87 -2.43
CA ASP A 444 -48.81 28.56 -1.41
C ASP A 444 -48.36 27.31 -0.72
N TYR A 445 -47.93 27.49 0.53
CA TYR A 445 -47.64 26.39 1.42
C TYR A 445 -48.94 25.88 2.08
N VAL A 446 -49.17 24.56 1.98
CA VAL A 446 -50.27 23.88 2.66
C VAL A 446 -49.67 23.15 3.85
N TRP A 447 -50.07 23.52 5.06
CA TRP A 447 -49.55 22.89 6.26
C TRP A 447 -50.60 21.97 6.85
N ASP A 448 -50.37 20.65 6.77
CA ASP A 448 -51.27 19.65 7.31
C ASP A 448 -50.72 18.96 8.56
N THR A 449 -51.56 18.86 9.58
CA THR A 449 -51.32 17.96 10.71
C THR A 449 -52.51 16.98 10.74
N VAL A 450 -52.16 15.69 10.73
CA VAL A 450 -53.11 14.60 10.61
C VAL A 450 -52.97 13.68 11.81
N PHE A 451 -54.10 13.38 12.43
CA PHE A 451 -54.17 12.53 13.61
C PHE A 451 -54.86 11.22 13.23
N HIS A 452 -54.14 10.13 13.38
CA HIS A 452 -54.63 8.82 12.96
C HIS A 452 -55.28 8.06 14.12
N PRO A 453 -56.25 7.16 13.83
CA PRO A 453 -56.89 6.38 14.91
C PRO A 453 -55.96 5.31 15.56
N SER A 454 -54.79 5.08 14.98
CA SER A 454 -53.80 4.19 15.56
C SER A 454 -52.92 4.87 16.62
N GLY A 455 -53.13 6.17 16.85
CA GLY A 455 -52.26 6.91 17.75
C GLY A 455 -51.03 7.55 17.08
N ALA A 456 -50.96 7.47 15.75
CA ALA A 456 -49.90 8.14 15.00
C ALA A 456 -50.25 9.59 14.67
N ILE A 457 -49.23 10.46 14.63
CA ILE A 457 -49.44 11.83 14.20
C ILE A 457 -48.66 12.02 12.90
N GLU A 458 -49.22 12.74 11.94
CA GLU A 458 -48.56 12.98 10.65
C GLU A 458 -48.52 14.47 10.30
N ILE A 459 -47.30 14.96 10.04
CA ILE A 459 -47.09 16.32 9.53
C ILE A 459 -46.69 16.26 8.06
N ARG A 460 -47.46 16.98 7.25
CA ARG A 460 -47.16 17.05 5.84
C ARG A 460 -47.23 18.50 5.41
N PHE A 461 -46.38 18.89 4.47
CA PHE A 461 -46.53 20.18 3.83
C PHE A 461 -46.37 20.08 2.32
N TYR A 462 -47.07 20.95 1.61
CA TYR A 462 -47.08 20.96 0.15
C TYR A 462 -46.77 22.37 -0.30
N ALA A 463 -46.07 22.48 -1.42
CA ALA A 463 -45.84 23.79 -2.03
C ALA A 463 -46.55 23.79 -3.37
N THR A 464 -47.59 24.61 -3.47
CA THR A 464 -48.37 24.75 -4.70
C THR A 464 -48.34 26.25 -5.05
N GLY A 465 -49.28 26.72 -5.87
CA GLY A 465 -49.26 28.11 -6.33
C GLY A 465 -48.41 28.34 -7.58
N TYR A 466 -47.98 29.57 -7.79
CA TYR A 466 -47.15 29.89 -8.93
C TYR A 466 -45.68 29.63 -8.66
N ILE A 467 -44.95 29.22 -9.69
CA ILE A 467 -43.50 29.30 -9.65
C ILE A 467 -43.01 30.75 -9.83
N SER A 468 -41.80 30.99 -9.37
CA SER A 468 -41.10 32.24 -9.61
C SER A 468 -40.39 32.09 -10.96
N SER A 469 -40.44 33.10 -11.82
CA SER A 469 -39.80 32.98 -13.14
C SER A 469 -38.92 34.16 -13.53
N ALA A 470 -38.10 33.96 -14.56
CA ALA A 470 -37.24 35.02 -15.05
C ALA A 470 -37.33 35.07 -16.56
N PHE A 471 -36.96 36.20 -17.16
CA PHE A 471 -36.91 36.31 -18.61
C PHE A 471 -35.83 35.39 -19.21
N LEU A 472 -36.19 34.69 -20.29
CA LEU A 472 -35.33 33.69 -20.89
C LEU A 472 -34.32 34.31 -21.84
N PHE A 473 -33.04 34.09 -21.57
CA PHE A 473 -31.99 34.46 -22.50
C PHE A 473 -30.84 33.46 -22.34
N GLY A 474 -29.96 33.42 -23.35
CA GLY A 474 -28.72 32.63 -23.32
C GLY A 474 -28.91 31.12 -23.21
N ALA A 475 -27.82 30.45 -22.81
CA ALA A 475 -27.75 28.98 -22.74
C ALA A 475 -28.71 28.40 -21.69
N THR A 476 -29.82 27.85 -22.20
CA THR A 476 -30.79 27.13 -21.36
C THR A 476 -30.19 25.75 -21.11
N GLY A 477 -30.17 25.34 -19.85
CA GLY A 477 -29.77 23.98 -19.53
C GLY A 477 -29.36 23.85 -18.09
N LYS A 478 -28.89 24.94 -17.50
CA LYS A 478 -28.20 24.84 -16.23
C LYS A 478 -29.01 25.46 -15.09
N TYR A 479 -30.06 26.22 -15.43
CA TYR A 479 -30.82 26.99 -14.42
C TYR A 479 -32.33 26.70 -14.37
N GLY A 480 -32.78 25.72 -15.14
CA GLY A 480 -34.20 25.34 -15.20
C GLY A 480 -34.67 25.14 -16.62
N ASN A 481 -35.96 24.82 -16.78
CA ASN A 481 -36.55 24.64 -18.09
C ASN A 481 -37.37 25.87 -18.54
N GLN A 482 -37.44 26.09 -19.85
CA GLN A 482 -38.45 26.97 -20.43
C GLN A 482 -39.81 26.32 -20.22
N VAL A 483 -40.75 27.11 -19.66
CA VAL A 483 -42.07 26.58 -19.26
C VAL A 483 -43.18 27.30 -19.98
N SER A 484 -42.84 28.44 -20.57
CA SER A 484 -43.75 29.20 -21.44
C SER A 484 -42.90 30.13 -22.30
N GLU A 485 -43.54 30.95 -23.13
CA GLU A 485 -42.75 31.78 -24.03
C GLU A 485 -42.01 32.83 -23.23
N HIS A 486 -40.77 33.08 -23.64
CA HIS A 486 -39.89 34.07 -23.02
C HIS A 486 -39.58 33.82 -21.55
N THR A 487 -39.94 32.64 -21.05
CA THR A 487 -39.92 32.37 -19.61
C THR A 487 -39.08 31.16 -19.17
N LEU A 488 -38.15 31.41 -18.25
CA LEU A 488 -37.39 30.35 -17.61
C LEU A 488 -38.01 30.05 -16.25
N GLY A 489 -38.38 28.80 -16.01
CA GLY A 489 -38.81 28.37 -14.66
C GLY A 489 -37.54 28.09 -13.88
N THR A 490 -37.25 28.94 -12.89
CA THR A 490 -35.95 28.92 -12.16
C THR A 490 -35.82 27.79 -11.13
N VAL A 491 -34.72 27.06 -11.21
CA VAL A 491 -34.47 25.92 -10.34
C VAL A 491 -34.37 26.37 -8.89
N HIS A 492 -34.85 25.54 -7.98
CA HIS A 492 -34.80 25.89 -6.55
C HIS A 492 -35.17 24.71 -5.68
N THR A 493 -34.77 24.79 -4.41
CA THR A 493 -35.14 23.80 -3.41
C THR A 493 -36.13 24.38 -2.42
N HIS A 494 -37.00 23.52 -1.88
CA HIS A 494 -37.84 23.86 -0.74
C HIS A 494 -37.41 23.08 0.48
N SER A 495 -37.45 23.73 1.65
CA SER A 495 -37.21 23.06 2.93
C SER A 495 -38.05 23.71 4.00
N ALA A 496 -38.47 22.90 4.98
CA ALA A 496 -39.13 23.42 6.16
C ALA A 496 -38.55 22.72 7.37
N HIS A 497 -38.48 23.45 8.47
CA HIS A 497 -37.97 22.91 9.74
C HIS A 497 -39.06 22.85 10.80
N PHE A 498 -39.25 21.69 11.42
CA PHE A 498 -40.29 21.52 12.45
C PHE A 498 -39.73 21.23 13.83
N LYS A 499 -40.40 21.75 14.86
CA LYS A 499 -40.05 21.46 16.25
C LYS A 499 -41.02 20.40 16.79
N VAL A 500 -40.46 19.29 17.28
CA VAL A 500 -41.27 18.17 17.76
C VAL A 500 -40.94 17.83 19.21
N ASP A 501 -41.67 18.47 20.12
CA ASP A 501 -41.47 18.23 21.55
C ASP A 501 -42.37 17.11 22.05
N LEU A 502 -41.91 15.88 21.79
CA LEU A 502 -42.49 14.67 22.33
C LEU A 502 -42.14 14.60 23.80
N ASP A 503 -43.13 14.34 24.63
CA ASP A 503 -42.90 14.00 26.04
C ASP A 503 -43.42 12.58 26.22
N VAL A 504 -42.62 11.57 25.83
CA VAL A 504 -43.13 10.19 25.74
C VAL A 504 -43.38 9.62 27.12
N ALA A 505 -44.65 9.53 27.51
CA ALA A 505 -45.01 9.04 28.84
C ALA A 505 -44.31 9.78 29.98
N GLY A 506 -44.10 11.09 29.81
CA GLY A 506 -43.36 11.88 30.80
C GLY A 506 -42.26 12.69 30.14
N LEU A 507 -41.67 13.61 30.89
CA LEU A 507 -40.63 14.52 30.38
C LEU A 507 -39.34 13.81 30.05
N GLU A 508 -38.90 12.93 30.94
CA GLU A 508 -37.57 12.33 30.83
C GLU A 508 -37.58 11.31 29.71
N ASN A 509 -36.87 11.62 28.62
CA ASN A 509 -36.76 10.71 27.48
C ASN A 509 -35.34 10.29 27.12
N TRP A 510 -35.27 9.20 26.37
CA TRP A 510 -34.06 8.61 25.86
C TRP A 510 -34.21 8.39 24.34
N VAL A 511 -33.08 8.27 23.63
CA VAL A 511 -33.16 8.03 22.18
C VAL A 511 -32.57 6.68 21.81
N TRP A 512 -33.38 5.87 21.12
CA TRP A 512 -32.94 4.55 20.67
C TRP A 512 -32.82 4.48 19.16
N ALA A 513 -31.78 3.81 18.70
CA ALA A 513 -31.62 3.49 17.29
C ALA A 513 -31.74 1.98 17.07
N GLU A 514 -32.74 1.58 16.31
CA GLU A 514 -32.83 0.19 15.92
C GLU A 514 -32.67 0.04 14.42
N ASP A 515 -32.06 -1.08 14.03
CA ASP A 515 -31.85 -1.39 12.63
C ASP A 515 -31.65 -2.90 12.43
N MET A 516 -31.20 -3.30 11.25
CA MET A 516 -31.10 -4.72 10.91
C MET A 516 -29.68 -5.07 10.46
N VAL A 517 -29.35 -6.35 10.51
CA VAL A 517 -28.04 -6.80 10.11
C VAL A 517 -28.14 -8.30 9.87
N PHE A 518 -27.30 -8.83 8.99
CA PHE A 518 -27.22 -10.26 8.76
C PHE A 518 -25.89 -10.75 9.29
N VAL A 519 -25.93 -11.86 10.02
CA VAL A 519 -24.73 -12.51 10.49
C VAL A 519 -24.67 -13.92 9.90
N PRO A 520 -23.66 -14.21 9.07
CA PRO A 520 -23.41 -15.61 8.63
C PRO A 520 -23.20 -16.58 9.80
N MET A 521 -23.93 -17.69 9.78
CA MET A 521 -23.70 -18.82 10.69
C MET A 521 -24.05 -20.15 10.03
N ALA A 522 -23.48 -21.21 10.58
CA ALA A 522 -23.78 -22.56 10.13
C ALA A 522 -25.20 -22.89 10.57
N VAL A 523 -25.92 -23.64 9.76
CA VAL A 523 -27.26 -24.07 10.14
C VAL A 523 -27.14 -25.01 11.33
N PRO A 524 -27.77 -24.66 12.46
CA PRO A 524 -27.67 -25.53 13.64
C PRO A 524 -27.91 -27.01 13.31
N TRP A 525 -28.97 -27.30 12.54
CA TRP A 525 -29.33 -28.70 12.26
C TRP A 525 -28.58 -29.31 11.07
N SER A 526 -27.78 -28.52 10.38
CA SER A 526 -27.08 -28.99 9.19
C SER A 526 -25.83 -28.13 8.95
N PRO A 527 -24.83 -28.25 9.85
CA PRO A 527 -23.71 -27.32 9.98
C PRO A 527 -22.84 -27.23 8.75
N GLU A 528 -23.02 -28.16 7.83
CA GLU A 528 -22.35 -28.13 6.54
C GLU A 528 -22.88 -27.00 5.66
N HIS A 529 -24.06 -26.47 6.01
CA HIS A 529 -24.69 -25.39 5.27
C HIS A 529 -24.62 -24.04 6.01
N GLN A 530 -24.78 -22.96 5.27
CA GLN A 530 -24.76 -21.61 5.81
C GLN A 530 -26.14 -20.98 5.74
N LEU A 531 -26.48 -20.16 6.71
CA LEU A 531 -27.60 -19.25 6.54
C LEU A 531 -27.18 -17.81 6.83
N GLN A 532 -27.98 -16.86 6.39
CA GLN A 532 -27.77 -15.47 6.77
C GLN A 532 -28.75 -15.12 7.89
N ARG A 533 -28.21 -14.94 9.09
CA ARG A 533 -29.05 -14.76 10.25
C ARG A 533 -29.47 -13.30 10.38
N LEU A 534 -30.75 -13.06 10.17
CA LEU A 534 -31.27 -11.70 10.29
C LEU A 534 -31.39 -11.33 11.76
N GLN A 535 -30.81 -10.20 12.11
CA GLN A 535 -30.90 -9.71 13.48
C GLN A 535 -31.21 -8.22 13.53
N VAL A 536 -31.78 -7.82 14.67
CA VAL A 536 -31.99 -6.44 15.03
C VAL A 536 -30.74 -5.90 15.74
N THR A 537 -30.30 -4.70 15.39
CA THR A 537 -29.30 -3.98 16.15
C THR A 537 -30.00 -2.93 16.98
N ARG A 538 -29.37 -2.58 18.10
CA ARG A 538 -29.95 -1.64 19.02
C ARG A 538 -28.82 -0.84 19.58
N LYS A 539 -29.02 0.46 19.69
CA LYS A 539 -28.01 1.34 20.22
C LYS A 539 -28.70 2.49 20.95
N LEU A 540 -28.22 2.80 22.16
CA LEU A 540 -28.63 4.00 22.86
C LEU A 540 -27.81 5.19 22.40
N LEU A 541 -28.47 6.29 22.06
CA LEU A 541 -27.77 7.50 21.63
C LEU A 541 -27.77 8.42 22.83
N GLU A 542 -26.59 8.64 23.39
CA GLU A 542 -26.45 9.24 24.73
C GLU A 542 -26.20 10.75 24.70
N MET A 543 -25.65 11.24 23.60
CA MET A 543 -25.24 12.65 23.44
C MET A 543 -25.94 13.23 22.23
N GLU A 544 -26.13 14.55 22.22
CA GLU A 544 -26.79 15.26 21.13
C GLU A 544 -26.16 14.98 19.76
N GLU A 545 -24.84 14.90 19.70
CA GLU A 545 -24.12 14.69 18.44
C GLU A 545 -24.47 13.36 17.79
N GLN A 546 -24.73 12.35 18.63
CA GLN A 546 -25.17 11.04 18.15
C GLN A 546 -26.55 11.06 17.46
N ALA A 547 -27.38 12.05 17.79
CA ALA A 547 -28.72 12.17 17.25
C ALA A 547 -28.86 13.34 16.28
N ALA A 548 -27.73 13.82 15.77
CA ALA A 548 -27.71 14.82 14.71
C ALA A 548 -27.39 14.14 13.38
N PHE A 549 -28.34 14.15 12.46
CA PHE A 549 -28.14 13.44 11.19
C PHE A 549 -28.16 14.39 10.01
N LEU A 550 -26.99 14.57 9.41
CA LEU A 550 -26.82 15.49 8.28
C LEU A 550 -27.55 14.99 7.05
N VAL A 551 -27.98 15.92 6.19
CA VAL A 551 -28.61 15.54 4.91
C VAL A 551 -27.69 14.59 4.17
N GLY A 552 -28.26 13.59 3.51
CA GLY A 552 -27.45 12.66 2.71
C GLY A 552 -26.79 11.52 3.50
N SER A 553 -26.76 11.60 4.83
CA SER A 553 -26.40 10.46 5.68
C SER A 553 -27.56 9.47 5.67
N ALA A 554 -27.24 8.19 5.88
CA ALA A 554 -28.27 7.21 6.20
C ALA A 554 -28.60 7.34 7.69
N THR A 555 -29.89 7.24 8.01
CA THR A 555 -30.33 7.24 9.39
C THR A 555 -30.80 5.85 9.82
N PRO A 556 -30.80 5.57 11.14
CA PRO A 556 -31.35 4.31 11.64
C PRO A 556 -32.77 4.07 11.14
N ARG A 557 -33.05 2.87 10.68
CA ARG A 557 -34.37 2.57 10.14
C ARG A 557 -35.48 2.76 11.16
N TYR A 558 -35.16 2.49 12.42
CA TYR A 558 -36.10 2.69 13.50
C TYR A 558 -35.47 3.65 14.49
N LEU A 559 -35.84 4.92 14.41
CA LEU A 559 -35.35 5.88 15.36
C LEU A 559 -36.52 6.37 16.23
N TYR A 560 -36.34 6.33 17.56
CA TYR A 560 -37.43 6.66 18.46
C TYR A 560 -37.03 7.26 19.80
N LEU A 561 -37.89 8.11 20.34
CA LEU A 561 -37.74 8.59 21.72
C LEU A 561 -38.60 7.73 22.59
N ALA A 562 -38.10 7.43 23.77
CA ALA A 562 -38.71 6.42 24.60
C ALA A 562 -38.74 6.89 26.00
N SER A 563 -39.79 6.49 26.71
CA SER A 563 -39.71 6.57 28.13
C SER A 563 -38.76 5.49 28.62
N ASN A 564 -38.71 5.50 29.94
CA ASN A 564 -37.82 4.77 30.76
C ASN A 564 -38.62 3.55 31.21
N HIS A 565 -39.94 3.71 31.23
CA HIS A 565 -40.86 2.69 31.69
C HIS A 565 -41.29 1.81 30.52
N SER A 566 -41.72 0.59 30.85
CA SER A 566 -42.05 -0.40 29.84
C SER A 566 -43.55 -0.55 29.58
N ASN A 567 -43.90 -1.06 28.42
CA ASN A 567 -45.26 -1.55 28.20
C ASN A 567 -45.38 -2.89 28.91
N LYS A 568 -46.59 -3.44 28.96
CA LYS A 568 -46.84 -4.73 29.59
C LYS A 568 -45.82 -5.82 29.18
N TRP A 569 -45.16 -5.65 28.03
CA TRP A 569 -44.30 -6.70 27.48
C TRP A 569 -42.80 -6.47 27.72
N GLY A 570 -42.47 -5.59 28.66
CA GLY A 570 -41.08 -5.40 29.05
C GLY A 570 -40.25 -4.46 28.20
N HIS A 571 -40.89 -3.78 27.23
CA HIS A 571 -40.20 -2.89 26.30
C HIS A 571 -40.45 -1.41 26.59
N PRO A 572 -39.39 -0.58 26.53
CA PRO A 572 -39.51 0.84 26.79
C PRO A 572 -40.53 1.47 25.89
N ARG A 573 -41.46 2.24 26.45
CA ARG A 573 -42.52 2.81 25.63
C ARG A 573 -41.99 3.98 24.83
N GLY A 574 -42.15 3.88 23.51
CA GLY A 574 -41.56 4.82 22.58
C GLY A 574 -42.48 5.29 21.45
N TYR A 575 -42.17 6.47 20.93
CA TYR A 575 -42.79 7.00 19.74
C TYR A 575 -41.68 7.21 18.74
N ARG A 576 -41.80 6.58 17.56
CA ARG A 576 -40.75 6.67 16.56
C ARG A 576 -40.96 7.84 15.57
N ILE A 577 -39.85 8.34 15.06
CA ILE A 577 -39.89 9.40 14.04
C ILE A 577 -39.58 8.82 12.65
N GLN A 578 -40.59 8.79 11.78
CA GLN A 578 -40.37 8.28 10.43
C GLN A 578 -40.43 9.40 9.40
N MET A 579 -39.34 9.59 8.66
CA MET A 579 -39.24 10.73 7.75
C MET A 579 -39.44 10.38 6.30
N LEU A 580 -40.15 11.26 5.60
CA LEU A 580 -40.42 11.16 4.17
C LEU A 580 -39.92 12.46 3.54
N SER A 581 -38.71 12.38 2.99
CA SER A 581 -38.01 13.55 2.46
C SER A 581 -37.04 13.21 1.34
N PHE A 582 -37.07 14.03 0.30
CA PHE A 582 -36.16 13.94 -0.84
C PHE A 582 -35.23 15.16 -0.81
N ALA A 583 -34.73 15.47 0.38
CA ALA A 583 -34.16 16.79 0.69
C ALA A 583 -33.06 17.21 -0.27
N GLY A 584 -33.07 18.48 -0.63
CA GLY A 584 -32.05 19.07 -1.50
C GLY A 584 -30.68 19.15 -0.85
N GLU A 585 -29.66 19.29 -1.69
CA GLU A 585 -28.31 19.58 -1.21
C GLU A 585 -28.39 20.95 -0.54
N PRO A 586 -28.06 21.02 0.76
CA PRO A 586 -28.12 22.28 1.51
C PRO A 586 -27.14 23.28 0.93
N LEU A 587 -27.39 24.57 1.14
CA LEU A 587 -26.43 25.59 0.75
C LEU A 587 -25.11 25.25 1.42
N PRO A 588 -24.01 25.25 0.64
CA PRO A 588 -22.70 24.87 1.17
C PRO A 588 -22.28 25.69 2.39
N GLN A 589 -21.85 24.99 3.43
CA GLN A 589 -21.38 25.57 4.68
C GLN A 589 -20.36 26.72 4.52
N ASN A 590 -19.68 26.72 3.38
CA ASN A 590 -18.69 27.74 3.00
C ASN A 590 -19.30 29.12 2.70
N SER A 591 -20.61 29.13 2.39
CA SER A 591 -21.36 30.36 2.18
C SER A 591 -21.50 31.12 3.48
N SER A 592 -21.12 32.39 3.45
CA SER A 592 -21.12 33.22 4.65
C SER A 592 -22.53 33.42 5.20
N MET A 593 -23.54 33.03 4.43
CA MET A 593 -24.92 33.19 4.88
C MET A 593 -25.52 31.90 5.42
N ALA A 594 -24.84 30.78 5.19
CA ALA A 594 -25.37 29.47 5.56
C ALA A 594 -25.84 29.39 7.01
N ARG A 595 -25.22 30.16 7.91
CA ARG A 595 -25.57 30.08 9.33
C ARG A 595 -26.92 30.69 9.65
N GLY A 596 -27.49 31.44 8.71
CA GLY A 596 -28.82 32.04 8.90
C GLY A 596 -29.96 31.04 8.81
N PHE A 597 -29.63 29.80 8.47
CA PHE A 597 -30.62 28.74 8.40
C PHE A 597 -29.90 27.39 8.48
N SER A 598 -29.03 27.25 9.49
CA SER A 598 -28.14 26.09 9.58
C SER A 598 -28.86 24.76 9.83
N TRP A 599 -30.17 24.84 10.08
CA TRP A 599 -31.04 23.67 10.24
C TRP A 599 -31.23 22.93 8.93
N GLU A 600 -30.93 23.59 7.83
CA GLU A 600 -31.05 23.00 6.51
C GLU A 600 -30.11 21.79 6.39
N ARG A 601 -29.02 21.81 7.14
CA ARG A 601 -27.99 20.79 7.00
C ARG A 601 -28.41 19.49 7.66
N TYR A 602 -29.45 19.52 8.46
CA TYR A 602 -29.88 18.35 9.21
C TYR A 602 -31.16 17.74 8.66
N GLN A 603 -31.24 16.41 8.71
CA GLN A 603 -32.51 15.73 8.50
C GLN A 603 -33.25 15.78 9.82
N LEU A 604 -32.50 15.50 10.88
CA LEU A 604 -33.04 15.26 12.19
C LEU A 604 -32.00 15.63 13.24
N ALA A 605 -32.45 16.29 14.30
CA ALA A 605 -31.61 16.47 15.49
C ALA A 605 -32.45 16.31 16.73
N VAL A 606 -31.83 15.81 17.79
CA VAL A 606 -32.50 15.72 19.06
C VAL A 606 -31.64 16.44 20.09
N THR A 607 -32.24 17.41 20.77
CA THR A 607 -31.53 18.23 21.74
C THR A 607 -32.32 18.29 23.06
N GLN A 608 -31.68 18.72 24.13
CA GLN A 608 -32.40 19.08 25.34
C GLN A 608 -33.31 20.26 25.02
N ARG A 609 -34.59 20.13 25.36
CA ARG A 609 -35.51 21.27 25.29
C ARG A 609 -35.14 22.26 26.39
N LYS A 610 -34.85 23.50 25.98
CA LYS A 610 -34.46 24.57 26.90
C LYS A 610 -35.35 25.79 26.65
N GLU A 611 -35.63 26.53 27.72
CA GLU A 611 -36.48 27.71 27.61
C GLU A 611 -35.88 28.81 26.74
N GLU A 612 -34.55 28.89 26.71
CA GLU A 612 -33.83 29.89 25.90
C GLU A 612 -33.54 29.39 24.47
N GLU A 613 -34.13 28.26 24.11
CA GLU A 613 -34.00 27.73 22.75
C GLU A 613 -35.37 27.36 22.21
N PRO A 614 -36.25 28.36 22.05
CA PRO A 614 -37.64 28.05 21.70
C PRO A 614 -37.86 27.92 20.19
N SER A 615 -36.94 28.47 19.40
CA SER A 615 -37.06 28.47 17.94
C SER A 615 -35.73 28.18 17.25
N SER A 616 -35.79 27.42 16.16
CA SER A 616 -34.62 27.16 15.37
C SER A 616 -34.34 28.29 14.40
N SER A 617 -35.25 29.26 14.34
CA SER A 617 -35.08 30.42 13.46
C SER A 617 -35.54 31.71 14.13
N SER A 618 -35.63 32.76 13.33
CA SER A 618 -35.97 34.08 13.82
C SER A 618 -36.39 34.97 12.66
N VAL A 619 -37.43 35.76 12.91
CA VAL A 619 -37.89 36.77 11.95
C VAL A 619 -36.76 37.69 11.47
N PHE A 620 -35.72 37.88 12.28
CA PHE A 620 -34.62 38.76 11.89
C PHE A 620 -33.53 38.10 11.04
N ASN A 621 -33.63 36.78 10.85
CA ASN A 621 -32.62 36.08 10.05
C ASN A 621 -32.64 36.44 8.55
N GLN A 622 -33.81 36.74 7.99
CA GLN A 622 -33.98 36.95 6.55
C GLN A 622 -33.14 38.12 6.01
N ASN A 623 -33.17 39.25 6.72
CA ASN A 623 -32.41 40.44 6.34
C ASN A 623 -30.98 40.52 6.91
N ASP A 624 -30.58 39.54 7.72
CA ASP A 624 -29.17 39.44 8.14
C ASP A 624 -28.76 37.97 8.42
N PRO A 625 -28.77 37.11 7.38
CA PRO A 625 -28.33 35.74 7.58
C PRO A 625 -26.84 35.65 7.87
N TRP A 626 -26.08 36.68 7.50
CA TRP A 626 -24.62 36.74 7.76
C TRP A 626 -24.26 36.85 9.24
N ALA A 627 -25.16 37.48 10.00
CA ALA A 627 -25.05 37.51 11.46
C ALA A 627 -26.40 37.09 12.03
N PRO A 628 -26.60 35.78 12.19
CA PRO A 628 -27.92 35.25 12.51
C PRO A 628 -28.34 35.61 13.92
N THR A 629 -29.64 35.80 14.12
CA THR A 629 -30.20 36.15 15.41
C THR A 629 -30.41 34.86 16.20
N VAL A 630 -30.81 33.81 15.49
CA VAL A 630 -30.77 32.44 16.01
C VAL A 630 -29.96 31.55 15.05
N ASP A 631 -29.00 30.81 15.59
CA ASP A 631 -28.20 29.85 14.81
C ASP A 631 -28.46 28.46 15.38
N PHE A 632 -29.17 27.65 14.61
CA PHE A 632 -29.66 26.35 15.09
C PHE A 632 -28.55 25.41 15.52
N SER A 633 -27.47 25.36 14.76
CA SER A 633 -26.36 24.43 15.06
C SER A 633 -25.77 24.66 16.45
N ASP A 634 -26.00 25.85 17.01
CA ASP A 634 -25.59 26.12 18.39
C ASP A 634 -26.32 25.25 19.41
N PHE A 635 -27.55 24.84 19.12
CA PHE A 635 -28.31 23.99 20.05
C PHE A 635 -27.66 22.63 20.22
N ILE A 636 -26.83 22.24 19.25
CA ILE A 636 -26.13 20.95 19.29
C ILE A 636 -24.73 21.14 19.85
N ASN A 637 -24.54 20.68 21.09
CA ASN A 637 -23.24 20.62 21.73
C ASN A 637 -23.02 19.25 22.37
N ASN A 638 -22.10 19.15 23.32
CA ASN A 638 -21.77 17.85 23.92
C ASN A 638 -22.71 17.39 25.04
N GLU A 639 -23.98 17.78 25.01
CA GLU A 639 -24.84 17.54 26.16
C GLU A 639 -25.46 16.16 26.11
N THR A 640 -25.88 15.66 27.26
CA THR A 640 -26.59 14.38 27.34
C THR A 640 -28.03 14.46 26.81
N ILE A 641 -28.47 13.36 26.22
CA ILE A 641 -29.86 13.18 25.83
C ILE A 641 -30.36 11.85 26.44
N ALA A 642 -29.77 11.50 27.58
CA ALA A 642 -30.15 10.29 28.28
C ALA A 642 -30.94 10.64 29.52
N GLY A 643 -32.26 10.67 29.39
CA GLY A 643 -33.13 10.93 30.53
C GLY A 643 -33.23 12.40 30.82
N LYS A 644 -33.65 13.14 29.80
CA LYS A 644 -33.81 14.59 29.89
C LYS A 644 -35.06 14.96 29.12
N ASP A 645 -35.52 16.21 29.25
CA ASP A 645 -36.60 16.69 28.40
C ASP A 645 -36.06 16.92 26.99
N LEU A 646 -36.49 16.08 26.06
CA LEU A 646 -35.94 16.11 24.71
C LEU A 646 -36.88 16.77 23.72
N VAL A 647 -36.28 17.42 22.71
CA VAL A 647 -37.03 17.90 21.55
C VAL A 647 -36.31 17.43 20.28
N ALA A 648 -37.09 16.94 19.32
CA ALA A 648 -36.58 16.53 18.03
C ALA A 648 -36.83 17.62 17.01
N TRP A 649 -35.84 17.88 16.16
CA TRP A 649 -36.01 18.88 15.13
C TRP A 649 -35.90 18.18 13.79
N VAL A 650 -36.96 18.29 12.98
CA VAL A 650 -37.07 17.58 11.72
C VAL A 650 -37.10 18.53 10.51
N THR A 651 -36.23 18.28 9.53
CA THR A 651 -36.20 19.02 8.27
C THR A 651 -36.79 18.19 7.12
N ALA A 652 -37.61 18.81 6.28
CA ALA A 652 -38.18 18.12 5.11
C ALA A 652 -38.19 19.04 3.88
N GLY A 653 -37.88 18.50 2.71
CA GLY A 653 -37.88 19.27 1.48
C GLY A 653 -37.51 18.49 0.23
N PHE A 654 -37.35 19.20 -0.88
CA PHE A 654 -37.10 18.58 -2.19
C PHE A 654 -36.53 19.60 -3.15
N LEU A 655 -35.92 19.11 -4.24
CA LEU A 655 -35.47 19.96 -5.31
C LEU A 655 -36.63 20.12 -6.26
N HIS A 656 -36.81 21.32 -6.76
CA HIS A 656 -37.85 21.58 -7.73
C HIS A 656 -37.25 22.21 -9.00
N ILE A 657 -37.20 21.42 -10.09
CA ILE A 657 -36.78 21.92 -11.40
C ILE A 657 -38.06 22.16 -12.19
N PRO A 658 -38.50 23.41 -12.27
CA PRO A 658 -39.77 23.66 -12.93
C PRO A 658 -39.84 23.06 -14.33
N HIS A 659 -41.05 22.69 -14.73
CA HIS A 659 -41.30 22.05 -16.00
C HIS A 659 -42.66 22.55 -16.47
N ALA A 660 -42.98 22.33 -17.74
CA ALA A 660 -44.24 22.78 -18.33
C ALA A 660 -45.47 22.51 -17.44
N GLU A 661 -45.49 21.35 -16.79
CA GLU A 661 -46.62 20.96 -15.95
C GLU A 661 -46.81 21.81 -14.68
N ASP A 662 -45.87 22.73 -14.41
CA ASP A 662 -46.01 23.70 -13.30
C ASP A 662 -46.79 24.94 -13.75
N ILE A 663 -47.25 24.96 -15.00
CA ILE A 663 -47.98 26.09 -15.56
C ILE A 663 -49.46 25.69 -15.73
N PRO A 664 -50.39 26.48 -15.18
CA PRO A 664 -50.23 27.71 -14.39
C PRO A 664 -49.69 27.54 -12.97
N ASN A 665 -50.02 26.43 -12.30
CA ASN A 665 -49.59 26.20 -10.91
C ASN A 665 -48.84 24.88 -10.72
N THR A 666 -47.98 24.81 -9.70
CA THR A 666 -47.34 23.56 -9.29
C THR A 666 -48.40 22.74 -8.55
N VAL A 667 -48.63 21.51 -8.99
CA VAL A 667 -49.61 20.66 -8.33
C VAL A 667 -48.99 19.96 -7.14
N THR A 668 -49.83 19.54 -6.19
CA THR A 668 -49.40 18.97 -4.92
C THR A 668 -49.11 17.47 -5.02
N VAL A 669 -49.36 16.85 -6.17
CA VAL A 669 -49.21 15.39 -6.32
C VAL A 669 -47.79 14.92 -5.99
N GLY A 670 -47.67 14.05 -5.01
CA GLY A 670 -46.37 13.44 -4.67
C GLY A 670 -45.30 14.44 -4.24
N ASN A 671 -45.73 15.70 -4.08
CA ASN A 671 -44.89 16.81 -3.67
C ASN A 671 -45.14 17.22 -2.22
N GLY A 672 -45.61 16.27 -1.42
CA GLY A 672 -45.81 16.44 0.00
C GLY A 672 -44.71 15.73 0.74
N VAL A 673 -44.11 16.42 1.70
CA VAL A 673 -43.03 15.85 2.50
C VAL A 673 -43.31 16.15 3.96
N GLY A 674 -42.65 15.41 4.84
CA GLY A 674 -42.81 15.62 6.27
C GLY A 674 -42.40 14.40 7.05
N PHE A 675 -43.30 13.96 7.94
CA PHE A 675 -42.97 12.88 8.85
C PHE A 675 -44.15 12.32 9.63
N PHE A 676 -43.92 11.12 10.14
CA PHE A 676 -44.85 10.39 10.95
C PHE A 676 -44.25 10.24 12.33
N LEU A 677 -45.10 10.39 13.34
CA LEU A 677 -44.82 9.98 14.72
C LEU A 677 -45.70 8.78 15.04
N ARG A 678 -45.10 7.61 15.23
CA ARG A 678 -45.86 6.34 15.35
C ARG A 678 -45.48 5.63 16.61
N PRO A 679 -46.48 5.07 17.33
CA PRO A 679 -46.27 4.42 18.60
C PRO A 679 -45.48 3.16 18.40
N TYR A 680 -44.52 2.93 19.29
CA TYR A 680 -43.62 1.81 19.17
C TYR A 680 -43.37 1.29 20.57
N ASN A 681 -44.10 0.24 20.92
CA ASN A 681 -44.12 -0.34 22.26
C ASN A 681 -44.66 0.64 23.30
N PHE A 682 -45.38 1.65 22.83
CA PHE A 682 -46.02 2.64 23.68
C PHE A 682 -47.23 2.03 24.38
N PHE A 683 -48.11 1.42 23.59
CA PHE A 683 -49.30 0.75 24.13
C PHE A 683 -49.01 -0.73 24.44
N ASP A 684 -49.98 -1.44 24.98
CA ASP A 684 -49.83 -2.89 25.17
C ASP A 684 -50.39 -3.64 23.97
N GLU A 685 -51.21 -2.93 23.20
CA GLU A 685 -51.75 -3.43 21.93
C GLU A 685 -52.23 -2.24 21.11
N ASP A 686 -52.52 -2.48 19.83
CA ASP A 686 -53.05 -1.46 18.94
C ASP A 686 -54.39 -0.89 19.43
N PRO A 687 -54.42 0.42 19.75
CA PRO A 687 -55.63 1.07 20.24
C PRO A 687 -56.85 0.86 19.36
N SER A 688 -56.63 0.68 18.05
CA SER A 688 -57.75 0.57 17.09
C SER A 688 -58.55 -0.72 17.28
N PHE A 689 -58.04 -1.64 18.10
CA PHE A 689 -58.78 -2.84 18.47
C PHE A 689 -60.09 -2.47 19.19
N TYR A 690 -60.01 -1.40 19.98
CA TYR A 690 -61.11 -0.88 20.79
C TYR A 690 -61.99 0.12 20.04
N SER A 691 -61.77 0.28 18.73
CA SER A 691 -62.48 1.29 17.96
C SER A 691 -63.95 1.00 17.83
N ALA A 692 -64.75 2.06 17.93
CA ALA A 692 -66.19 1.99 17.80
C ALA A 692 -66.65 1.64 16.37
N ASP A 693 -65.75 1.77 15.40
CA ASP A 693 -66.12 1.70 13.98
C ASP A 693 -65.57 0.46 13.29
N SER A 694 -64.85 -0.34 14.06
CA SER A 694 -64.29 -1.62 13.64
C SER A 694 -65.41 -2.63 13.33
N ILE A 695 -65.12 -3.52 12.39
CA ILE A 695 -66.10 -4.49 11.90
C ILE A 695 -65.56 -5.91 12.01
N TYR A 696 -66.48 -6.84 12.26
CA TYR A 696 -66.16 -8.25 12.43
C TYR A 696 -67.37 -9.15 12.13
N PHE A 697 -67.11 -10.29 11.48
CA PHE A 697 -68.13 -11.31 11.23
C PHE A 697 -67.50 -12.65 10.85
N ARG A 698 -68.23 -13.74 11.03
CA ARG A 698 -67.75 -15.05 10.64
C ARG A 698 -68.56 -15.57 9.46
N GLY A 699 -68.12 -16.69 8.90
CA GLY A 699 -68.83 -17.36 7.80
C GLY A 699 -70.15 -18.02 8.22
N ASP A 700 -70.28 -18.36 9.50
CA ASP A 700 -71.55 -18.90 10.03
C ASP A 700 -72.55 -17.79 10.37
N GLN A 701 -72.04 -16.58 10.59
CA GLN A 701 -72.84 -15.38 10.90
C GLN A 701 -73.48 -14.75 9.66
N ASP A 702 -74.38 -13.79 9.89
CA ASP A 702 -75.06 -13.08 8.82
C ASP A 702 -74.36 -11.74 8.52
N ALA A 703 -73.48 -11.77 7.52
CA ALA A 703 -72.71 -10.58 7.10
C ALA A 703 -73.58 -9.38 6.71
N GLY A 704 -74.85 -9.65 6.38
CA GLY A 704 -75.80 -8.61 5.99
C GLY A 704 -76.81 -8.20 7.05
N ALA A 705 -76.74 -8.81 8.24
CA ALA A 705 -77.62 -8.43 9.34
C ALA A 705 -77.00 -7.29 10.14
N CYS A 706 -77.84 -6.35 10.58
CA CYS A 706 -77.37 -5.11 11.22
C CYS A 706 -76.79 -5.28 12.63
N GLU A 707 -77.34 -6.20 13.41
CA GLU A 707 -76.83 -6.49 14.76
C GLU A 707 -75.40 -7.05 14.73
N VAL A 708 -75.05 -7.68 13.60
CA VAL A 708 -73.74 -8.30 13.38
C VAL A 708 -72.75 -7.30 12.78
N ASN A 709 -73.15 -6.71 11.66
CA ASN A 709 -72.31 -5.78 10.92
C ASN A 709 -72.99 -4.41 10.81
N PRO A 710 -72.54 -3.43 11.63
CA PRO A 710 -73.05 -2.05 11.58
C PRO A 710 -72.88 -1.34 10.23
N LEU A 711 -72.40 -2.07 9.22
CA LEU A 711 -72.19 -1.54 7.86
C LEU A 711 -73.31 -1.94 6.92
N ALA A 712 -74.01 -3.02 7.25
CA ALA A 712 -75.26 -3.39 6.58
C ALA A 712 -76.38 -2.46 7.02
N CYS A 713 -76.08 -1.66 8.05
CA CYS A 713 -77.03 -0.73 8.66
C CYS A 713 -76.89 0.70 8.12
N LEU A 714 -75.78 0.95 7.42
CA LEU A 714 -75.45 2.28 6.88
C LEU A 714 -76.27 2.74 5.66
N PRO A 715 -76.58 1.84 4.71
CA PRO A 715 -77.40 2.26 3.56
C PRO A 715 -78.70 3.00 3.94
N GLN A 716 -79.44 2.44 4.90
CA GLN A 716 -80.69 3.03 5.37
C GLN A 716 -80.50 4.17 6.37
N ALA A 717 -79.40 4.12 7.13
CA ALA A 717 -79.04 5.15 8.12
C ALA A 717 -78.47 6.40 7.46
N ALA A 718 -77.87 6.23 6.27
CA ALA A 718 -77.33 7.35 5.49
C ALA A 718 -78.29 7.78 4.37
N ALA A 719 -79.58 7.51 4.57
CA ALA A 719 -80.62 7.94 3.64
C ALA A 719 -81.13 9.34 4.00
N CYS A 720 -80.22 10.21 4.45
CA CYS A 720 -80.54 11.61 4.71
C CYS A 720 -79.93 12.53 3.64
N ALA A 721 -80.59 13.64 3.38
CA ALA A 721 -80.07 14.67 2.49
C ALA A 721 -79.13 15.60 3.26
N PRO A 722 -77.83 15.60 2.90
CA PRO A 722 -76.78 16.34 3.63
C PRO A 722 -76.97 17.87 3.65
N ASP A 723 -76.94 18.44 4.86
CA ASP A 723 -77.10 19.89 5.07
C ASP A 723 -75.82 20.65 4.74
N LEU A 724 -75.82 21.30 3.59
CA LEU A 724 -74.68 22.09 3.15
C LEU A 724 -74.98 23.58 3.36
N PRO A 725 -74.24 24.24 4.28
CA PRO A 725 -74.41 25.68 4.47
C PRO A 725 -74.11 26.45 3.19
N ALA A 726 -74.77 27.58 2.99
CA ALA A 726 -74.56 28.39 1.79
C ALA A 726 -73.13 28.91 1.72
N PHE A 727 -72.54 28.82 0.52
CA PHE A 727 -71.13 29.15 0.30
C PHE A 727 -70.79 30.61 0.58
N SER A 728 -69.78 30.83 1.43
CA SER A 728 -69.22 32.16 1.67
C SER A 728 -67.69 32.12 1.51
N HIS A 729 -67.09 33.26 1.15
CA HIS A 729 -65.65 33.37 1.00
C HIS A 729 -65.02 34.40 1.95
N GLY A 730 -63.85 34.04 2.49
CA GLY A 730 -63.14 34.85 3.50
C GLY A 730 -62.73 36.26 3.09
N GLY A 731 -62.58 36.51 1.79
CA GLY A 731 -62.25 37.84 1.26
C GLY A 731 -60.80 38.06 0.85
N PHE A 732 -60.49 39.33 0.52
CA PHE A 732 -59.18 39.76 0.04
C PHE A 732 -58.76 41.07 0.73
N SER A 733 -57.47 41.24 0.98
CA SER A 733 -56.94 42.46 1.60
C SER A 733 -56.32 43.44 0.59
N HIS A 734 -55.24 43.24 0.05
N PRO B 11 -85.13 13.39 -3.55
CA PRO B 11 -85.18 12.07 -4.17
C PRO B 11 -83.83 11.32 -4.10
N HIS B 12 -83.75 10.18 -4.77
CA HIS B 12 -82.54 9.35 -4.83
C HIS B 12 -81.53 9.93 -5.82
N CYS B 13 -80.25 9.98 -5.44
CA CYS B 13 -79.19 10.49 -6.33
C CYS B 13 -78.95 9.52 -7.51
N PRO B 14 -78.84 10.07 -8.75
CA PRO B 14 -78.67 9.28 -9.99
C PRO B 14 -77.61 8.17 -9.95
N GLN B 30 -61.22 -8.06 -26.06
CA GLN B 30 -60.40 -7.28 -25.14
C GLN B 30 -59.06 -7.96 -24.92
N LEU B 31 -58.10 -7.62 -25.77
CA LEU B 31 -56.72 -8.13 -25.77
C LEU B 31 -56.13 -8.58 -24.42
N PHE B 32 -56.34 -7.78 -23.37
CA PHE B 32 -55.65 -7.97 -22.10
C PHE B 32 -56.51 -8.52 -20.98
N ALA B 33 -57.80 -8.74 -21.24
CA ALA B 33 -58.71 -9.29 -20.24
C ALA B 33 -58.30 -10.69 -19.82
N ASP B 34 -58.44 -10.98 -18.52
CA ASP B 34 -58.26 -12.33 -18.03
C ASP B 34 -59.32 -13.23 -18.67
N LEU B 35 -59.04 -14.53 -18.72
CA LEU B 35 -59.95 -15.49 -19.34
C LEU B 35 -61.27 -15.60 -18.57
N SER B 36 -62.38 -15.57 -19.30
CA SER B 36 -63.72 -15.70 -18.72
C SER B 36 -64.01 -17.17 -18.34
N ARG B 37 -65.06 -17.39 -17.55
CA ARG B 37 -65.43 -18.75 -17.14
C ARG B 37 -65.43 -19.68 -18.37
N GLU B 38 -66.18 -19.25 -19.39
CA GLU B 38 -66.30 -19.99 -20.68
C GLU B 38 -64.96 -20.35 -21.29
N GLU B 39 -64.05 -19.37 -21.36
CA GLU B 39 -62.72 -19.57 -21.95
C GLU B 39 -61.91 -20.61 -21.18
N LEU B 40 -61.85 -20.45 -19.86
CA LEU B 40 -61.21 -21.42 -18.96
C LEU B 40 -61.80 -22.81 -19.15
N THR B 41 -63.13 -22.88 -19.22
CA THR B 41 -63.84 -24.14 -19.43
C THR B 41 -63.34 -24.81 -20.71
N ALA B 42 -63.28 -24.03 -21.80
CA ALA B 42 -62.86 -24.54 -23.10
C ALA B 42 -61.43 -25.05 -23.14
N VAL B 43 -60.51 -24.35 -22.46
CA VAL B 43 -59.14 -24.81 -22.38
C VAL B 43 -59.06 -26.13 -21.62
N MET B 44 -59.75 -26.21 -20.48
CA MET B 44 -59.78 -27.43 -19.68
C MET B 44 -60.32 -28.62 -20.48
N ARG B 45 -61.39 -28.36 -21.24
CA ARG B 45 -62.03 -29.37 -22.07
C ARG B 45 -61.08 -29.91 -23.15
N PHE B 46 -60.25 -29.04 -23.70
CA PHE B 46 -59.26 -29.41 -24.70
C PHE B 46 -58.09 -30.15 -24.07
N LEU B 47 -57.73 -29.79 -22.84
CA LEU B 47 -56.65 -30.46 -22.12
C LEU B 47 -57.02 -31.87 -21.67
N THR B 48 -58.26 -32.02 -21.18
CA THR B 48 -58.80 -33.33 -20.76
C THR B 48 -59.06 -34.27 -21.95
N GLN B 49 -58.57 -33.91 -23.13
CA GLN B 49 -58.62 -34.80 -24.28
C GLN B 49 -57.22 -35.19 -24.72
N ARG B 50 -56.34 -34.20 -24.86
CA ARG B 50 -55.00 -34.41 -25.37
C ARG B 50 -54.06 -35.09 -24.38
N LEU B 51 -54.21 -34.84 -23.09
CA LEU B 51 -53.23 -35.29 -22.11
C LEU B 51 -53.39 -36.74 -21.65
N GLY B 52 -54.37 -37.44 -22.21
CA GLY B 52 -54.59 -38.83 -21.86
C GLY B 52 -55.66 -39.00 -20.79
N PRO B 53 -56.08 -40.25 -20.55
CA PRO B 53 -57.23 -40.52 -19.69
C PRO B 53 -56.88 -40.71 -18.20
N GLY B 54 -55.58 -40.71 -17.87
CA GLY B 54 -55.15 -40.95 -16.49
C GLY B 54 -54.90 -39.67 -15.73
N LEU B 55 -55.54 -38.59 -16.20
CA LEU B 55 -55.36 -37.23 -15.67
C LEU B 55 -56.25 -36.98 -14.46
N VAL B 56 -55.63 -36.63 -13.34
CA VAL B 56 -56.32 -36.49 -12.05
C VAL B 56 -56.67 -35.04 -11.77
N ASP B 57 -57.84 -34.80 -11.20
CA ASP B 57 -58.16 -33.48 -10.66
C ASP B 57 -57.08 -33.06 -9.64
N ALA B 58 -56.49 -31.90 -9.86
CA ALA B 58 -55.41 -31.39 -9.02
C ALA B 58 -55.78 -31.20 -7.54
N ALA B 59 -57.06 -30.92 -7.28
CA ALA B 59 -57.55 -30.77 -5.90
C ALA B 59 -57.36 -32.02 -5.04
N GLN B 60 -57.24 -33.19 -5.69
CA GLN B 60 -57.02 -34.47 -5.00
C GLN B 60 -55.81 -35.22 -5.54
N ALA B 61 -54.89 -34.51 -6.17
CA ALA B 61 -53.79 -35.18 -6.85
C ALA B 61 -52.67 -35.57 -5.88
N ARG B 62 -52.07 -36.71 -6.15
CA ARG B 62 -50.94 -37.18 -5.38
C ARG B 62 -49.67 -36.79 -6.16
N PRO B 63 -48.48 -36.82 -5.50
CA PRO B 63 -47.25 -36.52 -6.25
C PRO B 63 -47.05 -37.37 -7.53
N SER B 64 -47.47 -38.64 -7.52
CA SER B 64 -47.25 -39.52 -8.68
C SER B 64 -48.33 -39.42 -9.78
N ASP B 65 -49.18 -38.40 -9.68
CA ASP B 65 -50.29 -38.20 -10.59
C ASP B 65 -49.97 -37.18 -11.68
N ASN B 66 -50.66 -37.27 -12.81
CA ASN B 66 -50.70 -36.17 -13.76
C ASN B 66 -51.89 -35.28 -13.44
N CYS B 67 -51.64 -33.98 -13.28
CA CYS B 67 -52.71 -33.03 -13.01
C CYS B 67 -52.41 -31.67 -13.60
N VAL B 68 -53.46 -30.88 -13.78
CA VAL B 68 -53.37 -29.53 -14.29
C VAL B 68 -53.46 -28.59 -13.10
N PHE B 69 -52.38 -27.83 -12.90
CA PHE B 69 -52.21 -27.01 -11.72
C PHE B 69 -52.86 -25.65 -11.89
N SER B 70 -52.72 -25.07 -13.09
CA SER B 70 -53.27 -23.75 -13.39
C SER B 70 -53.52 -23.54 -14.88
N VAL B 71 -54.58 -22.81 -15.18
CA VAL B 71 -54.85 -22.33 -16.53
C VAL B 71 -55.17 -20.84 -16.44
N GLU B 72 -54.44 -20.02 -17.18
CA GLU B 72 -54.67 -18.57 -17.22
C GLU B 72 -54.16 -17.93 -18.52
N LEU B 73 -54.55 -16.67 -18.74
CA LEU B 73 -54.17 -15.91 -19.92
C LEU B 73 -52.65 -15.92 -20.21
N GLN B 74 -52.33 -16.15 -21.48
CA GLN B 74 -50.96 -15.99 -21.98
C GLN B 74 -50.91 -14.62 -22.63
N LEU B 75 -50.35 -13.62 -21.92
CA LEU B 75 -50.33 -12.25 -22.42
C LEU B 75 -49.84 -12.22 -23.87
N PRO B 76 -50.46 -11.42 -24.72
CA PRO B 76 -50.06 -11.42 -26.13
C PRO B 76 -48.68 -10.78 -26.34
N PRO B 77 -48.02 -11.12 -27.47
CA PRO B 77 -46.75 -10.45 -27.83
C PRO B 77 -47.04 -8.98 -28.12
N LYS B 78 -46.17 -8.09 -27.66
CA LYS B 78 -46.40 -6.65 -27.78
C LYS B 78 -46.57 -6.12 -29.21
N ALA B 79 -45.76 -6.60 -30.15
CA ALA B 79 -45.79 -6.02 -31.50
C ALA B 79 -47.14 -6.26 -32.18
N ALA B 80 -47.64 -7.49 -32.09
CA ALA B 80 -48.95 -7.82 -32.62
C ALA B 80 -50.07 -7.15 -31.83
N ALA B 81 -49.91 -7.05 -30.51
CA ALA B 81 -50.85 -6.31 -29.67
C ALA B 81 -50.98 -4.85 -30.11
N LEU B 82 -49.86 -4.17 -30.30
CA LEU B 82 -49.89 -2.74 -30.65
C LEU B 82 -50.41 -2.50 -32.06
N ALA B 83 -49.96 -3.30 -33.01
CA ALA B 83 -50.42 -3.20 -34.39
C ALA B 83 -51.94 -3.29 -34.45
N HIS B 84 -52.55 -4.14 -33.62
CA HIS B 84 -54.00 -4.24 -33.53
C HIS B 84 -54.64 -2.97 -32.97
N LEU B 85 -54.06 -2.47 -31.90
CA LEU B 85 -54.58 -1.30 -31.21
C LEU B 85 -54.37 -0.03 -32.00
N ASP B 86 -53.26 0.04 -32.75
CA ASP B 86 -52.92 1.23 -33.52
C ASP B 86 -53.57 1.29 -34.90
N ARG B 87 -53.29 0.33 -35.78
CA ARG B 87 -53.86 0.38 -37.12
C ARG B 87 -54.89 -0.69 -37.45
N GLY B 88 -55.45 -1.30 -36.40
CA GLY B 88 -56.49 -2.30 -36.59
C GLY B 88 -56.10 -3.57 -37.32
N SER B 89 -54.84 -4.00 -37.21
CA SER B 89 -54.42 -5.31 -37.70
C SER B 89 -55.18 -6.38 -36.89
N PRO B 90 -55.41 -7.57 -37.48
CA PRO B 90 -56.03 -8.67 -36.74
C PRO B 90 -55.39 -8.88 -35.36
N PRO B 91 -56.20 -9.14 -34.33
CA PRO B 91 -55.57 -9.31 -33.01
C PRO B 91 -54.68 -10.55 -33.02
N PRO B 92 -53.65 -10.61 -32.16
CA PRO B 92 -52.92 -11.87 -32.05
C PRO B 92 -53.82 -12.91 -31.39
N ALA B 93 -53.63 -14.18 -31.75
CA ALA B 93 -54.36 -15.29 -31.12
C ALA B 93 -54.51 -15.14 -29.58
N ARG B 94 -55.74 -15.34 -29.09
CA ARG B 94 -56.02 -15.45 -27.63
C ARG B 94 -55.53 -16.81 -27.17
N GLU B 95 -54.53 -16.81 -26.29
CA GLU B 95 -53.94 -18.05 -25.83
C GLU B 95 -53.97 -18.20 -24.32
N ALA B 96 -53.94 -19.45 -23.86
CA ALA B 96 -53.84 -19.72 -22.44
C ALA B 96 -52.52 -20.41 -22.17
N LEU B 97 -52.00 -20.23 -20.96
CA LEU B 97 -50.88 -21.03 -20.49
C LEU B 97 -51.33 -21.96 -19.36
N ALA B 98 -51.21 -23.27 -19.60
CA ALA B 98 -51.47 -24.28 -18.61
C ALA B 98 -50.16 -24.83 -18.02
N ILE B 99 -50.07 -24.82 -16.68
CA ILE B 99 -49.01 -25.51 -15.98
C ILE B 99 -49.51 -26.92 -15.60
N VAL B 100 -48.88 -27.94 -16.15
CA VAL B 100 -49.28 -29.33 -15.91
C VAL B 100 -48.23 -30.03 -15.06
N PHE B 101 -48.64 -30.72 -14.01
CA PHE B 101 -47.72 -31.55 -13.22
C PHE B 101 -47.71 -32.98 -13.76
N PHE B 102 -46.61 -33.39 -14.39
CA PHE B 102 -46.50 -34.73 -14.97
C PHE B 102 -45.84 -35.70 -14.01
N GLY B 103 -46.63 -36.26 -13.09
CA GLY B 103 -46.12 -37.17 -12.07
C GLY B 103 -46.09 -38.63 -12.48
N ARG B 104 -47.11 -39.06 -13.23
CA ARG B 104 -47.28 -40.45 -13.62
C ARG B 104 -46.36 -40.88 -14.76
N GLN B 105 -45.05 -40.84 -14.54
CA GLN B 105 -44.05 -41.28 -15.53
C GLN B 105 -42.66 -41.59 -14.93
N PRO B 106 -41.84 -42.41 -15.62
CA PRO B 106 -40.46 -42.69 -15.17
C PRO B 106 -39.62 -41.45 -14.80
N GLN B 107 -39.77 -40.34 -15.54
CA GLN B 107 -39.10 -39.08 -15.16
C GLN B 107 -40.05 -37.88 -15.11
N PRO B 108 -40.64 -37.65 -13.92
CA PRO B 108 -41.64 -36.61 -13.70
C PRO B 108 -41.10 -35.23 -13.99
N ASN B 109 -41.93 -34.38 -14.59
CA ASN B 109 -41.58 -32.97 -14.81
C ASN B 109 -42.83 -32.09 -14.67
N VAL B 110 -42.62 -30.78 -14.58
CA VAL B 110 -43.71 -29.85 -14.77
C VAL B 110 -43.51 -29.14 -16.12
N SER B 111 -44.60 -29.01 -16.88
CA SER B 111 -44.55 -28.46 -18.22
C SER B 111 -45.46 -27.24 -18.35
N GLU B 112 -45.02 -26.29 -19.17
CA GLU B 112 -45.79 -25.10 -19.51
C GLU B 112 -46.34 -25.29 -20.90
N LEU B 113 -47.67 -25.20 -21.04
CA LEU B 113 -48.33 -25.50 -22.31
C LEU B 113 -49.22 -24.36 -22.75
N VAL B 114 -48.88 -23.75 -23.89
CA VAL B 114 -49.73 -22.73 -24.50
C VAL B 114 -50.85 -23.42 -25.29
N VAL B 115 -52.10 -23.15 -24.90
CA VAL B 115 -53.29 -23.68 -25.61
C VAL B 115 -53.99 -22.58 -26.39
N GLY B 116 -54.36 -22.87 -27.64
CA GLY B 116 -55.05 -21.89 -28.46
C GLY B 116 -55.69 -22.43 -29.73
N PRO B 117 -56.40 -21.57 -30.47
CA PRO B 117 -56.73 -20.22 -29.98
C PRO B 117 -58.06 -20.23 -29.22
N LEU B 118 -58.41 -19.12 -28.60
CA LEU B 118 -59.73 -19.00 -28.01
C LEU B 118 -60.56 -18.18 -28.98
N PRO B 119 -61.88 -18.45 -29.08
CA PRO B 119 -62.70 -19.27 -28.20
C PRO B 119 -62.70 -20.80 -28.46
N HIS B 120 -62.12 -21.25 -29.58
CA HIS B 120 -62.16 -22.68 -29.93
C HIS B 120 -60.79 -23.35 -30.09
N PRO B 121 -60.22 -23.87 -29.00
CA PRO B 121 -58.83 -24.38 -28.99
C PRO B 121 -58.59 -25.54 -29.94
N SER B 122 -57.44 -25.51 -30.62
CA SER B 122 -57.09 -26.54 -31.61
C SER B 122 -55.64 -26.99 -31.51
N TYR B 123 -54.79 -26.17 -30.88
CA TYR B 123 -53.39 -26.55 -30.64
C TYR B 123 -52.96 -26.40 -29.19
N MET B 124 -51.87 -27.10 -28.87
CA MET B 124 -51.26 -27.13 -27.55
C MET B 124 -49.76 -27.27 -27.76
N ARG B 125 -48.97 -26.34 -27.23
CA ARG B 125 -47.53 -26.30 -27.52
C ARG B 125 -46.66 -26.23 -26.27
N ASP B 126 -45.78 -27.21 -26.12
CA ASP B 126 -44.83 -27.28 -25.01
C ASP B 126 -43.77 -26.19 -25.18
N VAL B 127 -43.80 -25.19 -24.31
CA VAL B 127 -42.84 -24.09 -24.38
C VAL B 127 -41.79 -24.17 -23.27
N THR B 128 -41.84 -25.23 -22.47
CA THR B 128 -40.89 -25.42 -21.37
C THR B 128 -39.44 -25.27 -21.80
N VAL B 129 -39.05 -26.02 -22.84
CA VAL B 129 -37.67 -26.13 -23.30
C VAL B 129 -37.20 -24.83 -23.94
N GLU B 130 -38.06 -24.29 -24.80
CA GLU B 130 -37.87 -23.00 -25.44
C GLU B 130 -37.61 -21.90 -24.38
N ARG B 131 -38.30 -21.99 -23.24
CA ARG B 131 -38.14 -20.98 -22.19
C ARG B 131 -37.01 -21.25 -21.19
N HIS B 132 -36.74 -22.50 -20.88
CA HIS B 132 -35.81 -22.81 -19.79
C HIS B 132 -34.57 -23.64 -20.14
N GLY B 133 -34.46 -24.05 -21.40
CA GLY B 133 -33.31 -24.80 -21.90
C GLY B 133 -33.42 -26.30 -21.65
N GLY B 134 -34.57 -26.72 -21.11
CA GLY B 134 -34.78 -28.12 -20.74
C GLY B 134 -35.89 -28.27 -19.71
N PRO B 135 -36.08 -29.49 -19.18
CA PRO B 135 -37.22 -29.79 -18.30
C PRO B 135 -37.28 -28.89 -17.06
N LEU B 136 -38.49 -28.60 -16.60
CA LEU B 136 -38.67 -27.97 -15.29
C LEU B 136 -38.67 -29.09 -14.25
N PRO B 137 -37.62 -29.15 -13.42
CA PRO B 137 -37.52 -30.24 -12.43
C PRO B 137 -38.74 -30.24 -11.50
N TYR B 138 -39.18 -31.44 -11.17
CA TYR B 138 -40.42 -31.65 -10.44
C TYR B 138 -40.46 -31.07 -9.03
N HIS B 139 -39.30 -30.98 -8.39
CA HIS B 139 -39.24 -30.45 -7.02
C HIS B 139 -39.42 -28.93 -6.96
N ARG B 140 -39.49 -28.31 -8.13
CA ARG B 140 -39.76 -26.87 -8.23
C ARG B 140 -41.25 -26.57 -8.26
N ARG B 141 -42.09 -27.60 -8.33
CA ARG B 141 -43.53 -27.40 -8.34
C ARG B 141 -44.02 -26.90 -6.99
N PRO B 142 -44.94 -25.93 -6.99
CA PRO B 142 -45.66 -25.54 -5.77
C PRO B 142 -46.27 -26.75 -5.06
N VAL B 143 -46.24 -26.73 -3.73
CA VAL B 143 -46.94 -27.71 -2.91
C VAL B 143 -48.44 -27.55 -3.09
N LEU B 144 -49.10 -28.64 -3.48
CA LEU B 144 -50.54 -28.64 -3.73
C LEU B 144 -51.33 -28.56 -2.44
N PHE B 145 -52.58 -28.11 -2.53
CA PHE B 145 -53.51 -28.20 -1.40
C PHE B 145 -53.61 -29.62 -0.86
N GLN B 146 -53.73 -30.60 -1.75
CA GLN B 146 -53.78 -32.02 -1.35
C GLN B 146 -52.48 -32.49 -0.66
N GLU B 147 -51.35 -31.90 -1.07
CA GLU B 147 -50.04 -32.21 -0.49
C GLU B 147 -49.95 -31.72 0.95
N TYR B 148 -50.42 -30.50 1.21
CA TYR B 148 -50.51 -29.98 2.57
C TYR B 148 -51.42 -30.92 3.39
N LEU B 149 -52.52 -31.38 2.79
CA LEU B 149 -53.45 -32.29 3.48
C LEU B 149 -52.81 -33.61 3.89
N ASP B 150 -52.04 -34.22 2.99
CA ASP B 150 -51.24 -35.41 3.31
C ASP B 150 -50.18 -35.16 4.36
N ILE B 151 -49.55 -33.98 4.33
CA ILE B 151 -48.59 -33.61 5.37
C ILE B 151 -49.29 -33.57 6.74
N ASP B 152 -50.43 -32.91 6.79
CA ASP B 152 -51.28 -32.91 8.00
C ASP B 152 -51.75 -34.31 8.39
N GLN B 153 -52.16 -35.10 7.41
CA GLN B 153 -52.49 -36.50 7.62
C GLN B 153 -51.33 -37.24 8.29
N MET B 154 -50.11 -36.99 7.81
CA MET B 154 -48.91 -37.58 8.40
C MET B 154 -48.63 -37.07 9.81
N ILE B 155 -48.64 -35.75 10.00
CA ILE B 155 -48.32 -35.15 11.30
C ILE B 155 -49.34 -35.56 12.36
N PHE B 156 -50.62 -35.42 12.04
CA PHE B 156 -51.65 -35.64 13.06
C PHE B 156 -51.99 -37.09 13.35
N ASN B 157 -51.73 -37.97 12.39
CA ASN B 157 -52.12 -39.36 12.60
C ASN B 157 -50.97 -40.29 12.92
N ARG B 158 -49.79 -40.00 12.39
CA ARG B 158 -48.61 -40.87 12.58
C ARG B 158 -47.58 -40.28 13.52
N GLU B 159 -47.55 -38.95 13.65
CA GLU B 159 -46.42 -38.31 14.29
C GLU B 159 -46.74 -37.74 15.67
N LEU B 160 -47.75 -36.88 15.77
CA LEU B 160 -48.11 -36.29 17.06
C LEU B 160 -48.58 -37.29 18.13
N PRO B 161 -49.39 -38.31 17.75
CA PRO B 161 -49.75 -39.41 18.67
C PRO B 161 -48.58 -39.99 19.51
N GLN B 162 -47.39 -40.04 18.93
CA GLN B 162 -46.20 -40.51 19.64
C GLN B 162 -45.77 -39.57 20.76
N ALA B 163 -46.15 -38.30 20.67
CA ALA B 163 -45.85 -37.34 21.72
C ALA B 163 -47.12 -37.05 22.53
N SER B 164 -48.07 -37.97 22.48
CA SER B 164 -49.36 -37.83 23.16
C SER B 164 -49.23 -37.34 24.59
N GLY B 165 -48.24 -37.87 25.31
CA GLY B 165 -48.04 -37.56 26.72
C GLY B 165 -47.70 -36.09 26.91
N LEU B 166 -46.62 -35.66 26.24
CA LEU B 166 -46.16 -34.27 26.29
C LEU B 166 -47.26 -33.31 25.87
N LEU B 167 -47.92 -33.63 24.76
CA LEU B 167 -48.93 -32.75 24.17
C LEU B 167 -50.14 -32.64 25.06
N HIS B 168 -50.54 -33.74 25.68
CA HIS B 168 -51.61 -33.74 26.69
C HIS B 168 -51.33 -32.74 27.81
N HIS B 169 -50.09 -32.72 28.29
CA HIS B 169 -49.68 -31.83 29.36
C HIS B 169 -49.55 -30.34 28.95
N CYS B 170 -48.99 -30.06 27.78
CA CYS B 170 -48.73 -28.67 27.34
C CYS B 170 -49.86 -27.99 26.57
N CYS B 171 -50.66 -28.77 25.86
CA CYS B 171 -51.30 -28.26 24.67
C CYS B 171 -52.76 -28.67 24.47
N PHE B 172 -53.38 -29.13 25.56
CA PHE B 172 -54.82 -29.46 25.59
C PHE B 172 -55.22 -30.46 24.49
N TYR B 173 -54.33 -31.43 24.27
CA TYR B 173 -54.44 -32.41 23.19
C TYR B 173 -55.43 -33.51 23.59
N LYS B 174 -56.19 -33.99 22.61
CA LYS B 174 -57.11 -35.12 22.80
C LYS B 174 -56.87 -36.16 21.68
N HIS B 175 -57.27 -37.41 21.93
CA HIS B 175 -57.11 -38.55 20.99
C HIS B 175 -57.27 -38.17 19.51
N ARG B 176 -58.50 -37.84 19.11
CA ARG B 176 -58.80 -37.32 17.77
C ARG B 176 -58.44 -35.84 17.74
N GLY B 177 -59.28 -35.02 18.37
CA GLY B 177 -58.98 -33.61 18.70
C GLY B 177 -58.76 -32.66 17.53
N ARG B 178 -57.57 -32.74 16.93
CA ARG B 178 -57.13 -31.82 15.86
C ARG B 178 -57.33 -30.35 16.29
N ASN B 179 -56.95 -30.03 17.54
CA ASN B 179 -57.03 -28.67 18.07
C ASN B 179 -55.78 -27.85 17.77
N LEU B 180 -54.81 -28.47 17.12
CA LEU B 180 -53.60 -27.79 16.64
C LEU B 180 -53.66 -27.67 15.13
N VAL B 181 -53.00 -26.64 14.59
CA VAL B 181 -52.88 -26.46 13.14
C VAL B 181 -51.44 -26.17 12.72
N THR B 182 -51.13 -26.46 11.46
CA THR B 182 -49.79 -26.23 10.95
C THR B 182 -49.76 -24.98 10.11
N MET B 183 -48.57 -24.39 9.96
CA MET B 183 -48.33 -23.36 8.96
C MET B 183 -47.00 -23.59 8.24
N THR B 184 -47.07 -23.67 6.91
CA THR B 184 -45.89 -23.84 6.09
C THR B 184 -44.93 -22.65 6.26
N THR B 185 -43.65 -22.91 6.06
CA THR B 185 -42.70 -21.87 5.78
C THR B 185 -42.14 -22.18 4.41
N ALA B 186 -41.11 -21.45 3.99
CA ALA B 186 -40.49 -21.59 2.68
C ALA B 186 -39.16 -20.79 2.69
N PRO B 187 -38.17 -21.20 1.89
CA PRO B 187 -38.15 -22.35 1.00
C PRO B 187 -38.03 -23.66 1.78
N ARG B 188 -37.92 -24.77 1.06
CA ARG B 188 -38.05 -26.07 1.68
C ARG B 188 -36.72 -26.83 1.61
N GLY B 189 -35.77 -26.42 2.43
CA GLY B 189 -34.50 -27.12 2.52
C GLY B 189 -33.33 -26.18 2.41
N LEU B 190 -32.19 -26.69 1.97
CA LEU B 190 -30.94 -25.92 2.02
C LEU B 190 -30.19 -25.87 0.70
N GLN B 191 -30.65 -26.63 -0.29
CA GLN B 191 -30.01 -26.66 -1.62
C GLN B 191 -30.97 -27.15 -2.71
N SER B 192 -30.59 -26.99 -3.97
CA SER B 192 -31.47 -27.39 -5.07
C SER B 192 -31.84 -28.88 -4.98
N GLY B 193 -33.15 -29.14 -5.03
CA GLY B 193 -33.68 -30.51 -4.99
C GLY B 193 -34.22 -30.94 -3.63
N ASP B 194 -34.03 -30.12 -2.62
CA ASP B 194 -34.59 -30.37 -1.31
C ASP B 194 -36.11 -30.07 -1.35
N ARG B 195 -36.87 -30.78 -0.52
CA ARG B 195 -38.29 -30.47 -0.35
C ARG B 195 -38.68 -30.79 1.11
N ALA B 196 -37.98 -30.14 2.03
CA ALA B 196 -38.15 -30.33 3.46
C ALA B 196 -38.60 -29.02 4.11
N THR B 197 -39.87 -29.01 4.54
CA THR B 197 -40.49 -27.81 5.07
C THR B 197 -40.58 -27.86 6.60
N TRP B 198 -40.24 -26.74 7.23
CA TRP B 198 -40.45 -26.56 8.67
C TRP B 198 -41.87 -26.07 8.92
N PHE B 199 -42.66 -26.91 9.57
CA PHE B 199 -44.02 -26.55 9.95
C PHE B 199 -44.09 -26.22 11.44
N GLY B 200 -44.63 -25.06 11.77
CA GLY B 200 -44.97 -24.72 13.15
C GLY B 200 -46.39 -25.16 13.49
N LEU B 201 -46.66 -25.38 14.77
CA LEU B 201 -47.96 -25.82 15.25
C LEU B 201 -48.57 -24.79 16.17
N TYR B 202 -49.85 -24.52 15.95
CA TYR B 202 -50.56 -23.42 16.59
C TYR B 202 -51.93 -23.88 17.04
N TYR B 203 -52.43 -23.28 18.12
CA TYR B 203 -53.79 -23.52 18.55
C TYR B 203 -54.80 -23.11 17.47
N ASN B 204 -55.71 -24.02 17.12
CA ASN B 204 -56.77 -23.72 16.15
C ASN B 204 -57.75 -22.73 16.80
N ILE B 205 -57.49 -21.44 16.65
CA ILE B 205 -58.29 -20.41 17.32
C ILE B 205 -59.60 -20.11 16.61
N SER B 206 -60.68 -20.13 17.38
CA SER B 206 -62.04 -19.90 16.88
C SER B 206 -62.30 -18.42 16.55
N GLY B 207 -62.43 -18.10 15.26
CA GLY B 207 -62.81 -16.76 14.80
C GLY B 207 -61.76 -15.66 14.79
N ALA B 208 -60.48 -16.02 14.88
CA ALA B 208 -59.39 -15.04 15.01
C ALA B 208 -58.05 -15.67 14.63
N GLY B 209 -57.01 -14.84 14.55
CA GLY B 209 -55.71 -15.26 14.01
C GLY B 209 -54.99 -16.33 14.83
N PHE B 210 -54.72 -17.47 14.21
CA PHE B 210 -54.04 -18.56 14.94
C PHE B 210 -52.54 -18.25 15.09
N PHE B 211 -52.05 -17.28 14.31
CA PHE B 211 -50.62 -16.97 14.19
C PHE B 211 -49.95 -16.44 15.45
N LEU B 212 -50.76 -15.98 16.40
CA LEU B 212 -50.25 -15.44 17.65
C LEU B 212 -50.21 -16.51 18.75
N HIS B 213 -50.39 -17.76 18.39
CA HIS B 213 -50.54 -18.78 19.39
C HIS B 213 -49.71 -20.01 19.05
N HIS B 214 -48.41 -19.77 18.94
CA HIS B 214 -47.45 -20.82 18.64
C HIS B 214 -47.27 -21.67 19.90
N VAL B 215 -47.44 -22.98 19.79
CA VAL B 215 -47.29 -23.84 20.96
C VAL B 215 -45.84 -24.16 21.28
N GLY B 216 -44.93 -23.77 20.40
CA GLY B 216 -43.49 -23.96 20.62
C GLY B 216 -42.93 -25.20 19.99
N LEU B 217 -43.74 -25.85 19.17
CA LEU B 217 -43.31 -27.05 18.46
C LEU B 217 -43.24 -26.74 16.99
N GLU B 218 -42.11 -27.11 16.40
CA GLU B 218 -41.89 -27.01 14.94
C GLU B 218 -41.33 -28.33 14.43
N LEU B 219 -41.72 -28.71 13.20
CA LEU B 219 -41.37 -30.01 12.65
C LEU B 219 -40.78 -29.87 11.26
N LEU B 220 -39.57 -30.37 11.07
CA LEU B 220 -38.97 -30.41 9.73
C LEU B 220 -39.50 -31.65 9.02
N VAL B 221 -40.36 -31.43 8.03
CA VAL B 221 -40.95 -32.52 7.27
C VAL B 221 -40.29 -32.65 5.90
N ASN B 222 -39.77 -33.84 5.63
CA ASN B 222 -39.23 -34.12 4.31
C ASN B 222 -40.32 -34.78 3.50
N HIS B 223 -40.91 -34.01 2.61
CA HIS B 223 -42.02 -34.51 1.82
C HIS B 223 -41.68 -34.55 0.34
N LYS B 224 -40.40 -34.80 0.06
CA LYS B 224 -39.89 -34.94 -1.30
C LYS B 224 -40.41 -36.19 -2.04
N ALA B 225 -40.42 -37.35 -1.39
CA ALA B 225 -40.75 -38.60 -2.08
C ALA B 225 -42.10 -38.54 -2.79
N LEU B 226 -42.21 -39.25 -3.91
CA LEU B 226 -43.44 -39.30 -4.68
C LEU B 226 -44.51 -40.15 -4.00
N ASP B 227 -44.07 -41.03 -3.09
CA ASP B 227 -44.96 -41.80 -2.24
C ASP B 227 -44.95 -41.18 -0.83
N PRO B 228 -46.08 -40.61 -0.39
CA PRO B 228 -46.23 -40.00 0.95
C PRO B 228 -45.92 -40.96 2.13
N ALA B 229 -46.03 -42.27 1.89
CA ALA B 229 -45.69 -43.25 2.91
C ALA B 229 -44.23 -43.12 3.32
N ARG B 230 -43.37 -42.73 2.37
CA ARG B 230 -41.94 -42.57 2.63
C ARG B 230 -41.57 -41.24 3.33
N TRP B 231 -42.54 -40.39 3.62
CA TRP B 231 -42.22 -39.10 4.23
C TRP B 231 -41.79 -39.22 5.69
N THR B 232 -40.89 -38.33 6.12
CA THR B 232 -40.23 -38.43 7.43
C THR B 232 -40.17 -37.10 8.16
N ILE B 233 -39.83 -37.14 9.44
CA ILE B 233 -39.50 -35.94 10.17
C ILE B 233 -38.00 -35.97 10.33
N GLN B 234 -37.30 -35.00 9.73
CA GLN B 234 -35.85 -34.92 9.81
C GLN B 234 -35.40 -34.34 11.15
N LYS B 235 -36.28 -33.59 11.81
CA LYS B 235 -35.91 -32.84 13.00
C LYS B 235 -37.11 -32.27 13.73
N VAL B 236 -36.95 -32.07 15.04
CA VAL B 236 -37.99 -31.51 15.90
C VAL B 236 -37.36 -30.43 16.75
N PHE B 237 -38.12 -29.34 16.96
CA PHE B 237 -37.74 -28.27 17.85
C PHE B 237 -38.92 -28.05 18.81
N TYR B 238 -38.64 -28.04 20.11
CA TYR B 238 -39.68 -27.78 21.09
C TYR B 238 -39.22 -26.81 22.17
N GLN B 239 -39.98 -25.73 22.35
CA GLN B 239 -39.67 -24.71 23.36
C GLN B 239 -38.16 -24.50 23.55
N GLY B 240 -37.48 -24.11 22.47
CA GLY B 240 -36.06 -23.79 22.56
C GLY B 240 -35.05 -24.89 22.23
N ARG B 241 -35.46 -26.15 22.27
CA ARG B 241 -34.52 -27.28 22.14
C ARG B 241 -34.74 -28.18 20.92
N TYR B 242 -33.65 -28.74 20.41
CA TYR B 242 -33.69 -29.69 19.30
C TYR B 242 -33.80 -31.15 19.75
N TYR B 243 -34.57 -31.91 19.00
CA TYR B 243 -34.78 -33.34 19.25
C TYR B 243 -34.71 -34.06 17.92
N ASP B 244 -34.28 -35.32 17.93
CA ASP B 244 -34.15 -36.09 16.68
C ASP B 244 -35.48 -36.65 16.23
N SER B 245 -36.39 -36.82 17.18
CA SER B 245 -37.71 -37.36 16.85
C SER B 245 -38.73 -36.98 17.92
N LEU B 246 -40.00 -37.24 17.62
CA LEU B 246 -41.04 -37.06 18.61
C LEU B 246 -40.94 -38.11 19.72
N ALA B 247 -40.63 -39.35 19.36
CA ALA B 247 -40.44 -40.41 20.35
C ALA B 247 -39.38 -40.03 21.39
N GLN B 248 -38.25 -39.50 20.89
CA GLN B 248 -37.15 -39.07 21.75
C GLN B 248 -37.59 -37.93 22.66
N LEU B 249 -38.30 -36.96 22.09
CA LEU B 249 -38.90 -35.88 22.87
C LEU B 249 -39.85 -36.44 23.93
N GLU B 250 -40.72 -37.35 23.54
CA GLU B 250 -41.67 -37.97 24.45
C GLU B 250 -40.97 -38.68 25.60
N ALA B 251 -39.94 -39.44 25.25
CA ALA B 251 -39.20 -40.19 26.26
C ALA B 251 -38.43 -39.25 27.21
N GLN B 252 -37.82 -38.20 26.68
CA GLN B 252 -37.24 -37.18 27.55
C GLN B 252 -38.25 -36.46 28.45
N PHE B 253 -39.45 -36.20 27.94
CA PHE B 253 -40.50 -35.58 28.77
C PHE B 253 -40.92 -36.50 29.91
N GLU B 254 -41.15 -37.76 29.60
CA GLU B 254 -41.57 -38.72 30.61
C GLU B 254 -40.47 -38.99 31.64
N ALA B 255 -39.21 -38.90 31.23
CA ALA B 255 -38.11 -39.16 32.15
C ALA B 255 -37.88 -37.98 33.12
N GLY B 256 -38.57 -36.87 32.87
CA GLY B 256 -38.53 -35.71 33.77
C GLY B 256 -37.61 -34.57 33.35
N LEU B 257 -37.15 -34.58 32.10
CA LEU B 257 -36.11 -33.68 31.68
C LEU B 257 -36.57 -32.61 30.70
N VAL B 258 -37.86 -32.33 30.66
CA VAL B 258 -38.32 -31.27 29.78
C VAL B 258 -39.22 -30.40 30.61
N ASN B 259 -38.77 -29.19 30.91
CA ASN B 259 -39.61 -28.30 31.71
C ASN B 259 -40.54 -27.54 30.79
N VAL B 260 -41.78 -27.99 30.74
CA VAL B 260 -42.82 -27.44 29.89
C VAL B 260 -43.35 -26.08 30.36
N VAL B 261 -43.22 -25.06 29.50
CA VAL B 261 -43.92 -23.81 29.72
C VAL B 261 -45.36 -24.02 29.26
N LEU B 262 -46.32 -23.68 30.11
CA LEU B 262 -47.74 -23.86 29.77
C LEU B 262 -48.32 -22.66 28.99
N ILE B 263 -48.48 -22.83 27.67
CA ILE B 263 -49.11 -21.82 26.82
C ILE B 263 -50.62 -22.05 26.80
N PRO B 264 -51.42 -21.03 27.21
CA PRO B 264 -52.87 -21.16 27.25
C PRO B 264 -53.50 -21.11 25.86
N ASP B 265 -54.62 -21.80 25.68
CA ASP B 265 -55.29 -21.89 24.38
C ASP B 265 -56.55 -21.02 24.26
N ASN B 266 -56.83 -20.22 25.27
CA ASN B 266 -57.97 -19.32 25.27
C ASN B 266 -57.65 -18.02 25.99
N GLY B 267 -58.39 -16.96 25.68
CA GLY B 267 -58.24 -15.69 26.38
C GLY B 267 -59.11 -14.60 25.81
N THR B 268 -58.88 -13.36 26.26
CA THR B 268 -59.61 -12.23 25.69
C THR B 268 -58.68 -11.07 25.37
N GLY B 269 -59.21 -10.12 24.60
CA GLY B 269 -58.42 -8.99 24.13
C GLY B 269 -57.93 -9.18 22.71
N GLY B 270 -57.08 -8.24 22.29
CA GLY B 270 -56.56 -8.19 20.93
C GLY B 270 -55.66 -9.34 20.52
N SER B 271 -55.13 -10.11 21.47
CA SER B 271 -54.28 -11.22 21.05
C SER B 271 -55.07 -12.51 20.85
N TRP B 272 -56.37 -12.45 21.16
CA TRP B 272 -57.26 -13.59 21.04
C TRP B 272 -58.41 -13.33 20.09
N SER B 273 -58.71 -12.06 19.88
CA SER B 273 -59.95 -11.69 19.20
C SER B 273 -59.74 -10.55 18.22
N LEU B 274 -60.73 -10.38 17.34
CA LEU B 274 -60.80 -9.21 16.46
C LEU B 274 -62.05 -8.39 16.75
N LYS B 275 -62.95 -8.92 17.57
CA LYS B 275 -64.17 -8.20 17.92
C LYS B 275 -63.93 -7.09 18.96
N SER B 276 -64.19 -5.86 18.53
CA SER B 276 -64.13 -4.71 19.41
C SER B 276 -65.21 -4.83 20.48
N PRO B 277 -64.84 -4.57 21.74
CA PRO B 277 -65.88 -4.59 22.78
C PRO B 277 -66.65 -3.29 22.85
N VAL B 278 -66.19 -2.27 22.11
CA VAL B 278 -66.82 -0.96 22.15
C VAL B 278 -67.94 -0.84 21.11
N PRO B 279 -69.18 -0.61 21.57
CA PRO B 279 -70.31 -0.52 20.64
C PRO B 279 -70.12 0.61 19.63
N PRO B 280 -70.66 0.45 18.40
CA PRO B 280 -70.50 1.54 17.43
C PRO B 280 -71.12 2.82 17.97
N GLY B 281 -70.58 3.96 17.56
CA GLY B 281 -71.16 5.26 17.89
C GLY B 281 -71.59 5.98 16.63
N PRO B 282 -71.44 7.31 16.60
CA PRO B 282 -71.82 8.07 15.42
C PRO B 282 -71.07 7.63 14.14
N ALA B 283 -71.77 7.62 13.01
CA ALA B 283 -71.26 7.05 11.77
C ALA B 283 -70.05 7.78 11.19
N PRO B 284 -69.04 7.02 10.75
CA PRO B 284 -67.85 7.66 10.12
C PRO B 284 -68.23 8.42 8.86
N PRO B 285 -67.44 9.42 8.46
CA PRO B 285 -67.79 10.14 7.23
C PRO B 285 -67.91 9.20 6.04
N LEU B 286 -68.82 9.56 5.12
CA LEU B 286 -69.10 8.77 3.94
C LEU B 286 -68.94 9.60 2.67
N GLN B 287 -68.39 8.98 1.63
CA GLN B 287 -68.30 9.64 0.32
C GLN B 287 -69.37 9.17 -0.66
N PHE B 288 -69.88 10.10 -1.46
CA PHE B 288 -70.88 9.73 -2.47
C PHE B 288 -70.79 10.60 -3.72
N TYR B 289 -71.37 10.12 -4.82
CA TYR B 289 -71.37 10.78 -6.11
C TYR B 289 -72.72 11.46 -6.32
N PRO B 290 -72.78 12.80 -6.12
CA PRO B 290 -74.06 13.52 -6.07
C PRO B 290 -74.81 13.48 -7.40
N GLN B 291 -74.09 13.27 -8.50
CA GLN B 291 -74.72 13.10 -9.82
C GLN B 291 -74.39 11.76 -10.48
N GLY B 292 -74.10 10.74 -9.67
CA GLY B 292 -73.71 9.44 -10.22
C GLY B 292 -72.21 9.31 -10.42
N PRO B 293 -71.71 8.07 -10.59
CA PRO B 293 -70.28 7.87 -10.82
C PRO B 293 -69.80 8.51 -12.13
N ARG B 294 -68.57 9.01 -12.12
CA ARG B 294 -67.98 9.69 -13.28
C ARG B 294 -67.07 8.78 -14.15
N PHE B 295 -67.20 7.47 -13.96
CA PHE B 295 -66.42 6.49 -14.70
C PHE B 295 -67.24 5.22 -14.95
N SER B 296 -66.86 4.46 -15.98
CA SER B 296 -67.48 3.18 -16.28
C SER B 296 -66.47 2.03 -16.24
N VAL B 297 -66.98 0.85 -15.90
CA VAL B 297 -66.23 -0.39 -15.93
C VAL B 297 -67.00 -1.33 -16.83
N GLN B 298 -66.39 -1.76 -17.91
CA GLN B 298 -67.07 -2.62 -18.86
C GLN B 298 -66.11 -3.74 -19.24
N GLY B 299 -66.38 -4.95 -18.73
CA GLY B 299 -65.44 -6.06 -18.87
C GLY B 299 -64.24 -5.81 -17.99
N SER B 300 -63.07 -5.64 -18.61
CA SER B 300 -61.87 -5.32 -17.86
C SER B 300 -61.35 -3.91 -18.17
N ARG B 301 -62.17 -3.09 -18.79
CA ARG B 301 -61.75 -1.74 -19.16
C ARG B 301 -62.42 -0.67 -18.30
N VAL B 302 -61.61 0.30 -17.88
CA VAL B 302 -62.11 1.44 -17.12
C VAL B 302 -61.99 2.69 -17.96
N ALA B 303 -63.02 3.51 -17.93
CA ALA B 303 -63.01 4.76 -18.67
C ALA B 303 -63.62 5.87 -17.82
N SER B 304 -62.89 6.98 -17.71
CA SER B 304 -63.40 8.20 -17.12
C SER B 304 -63.17 9.27 -18.16
N SER B 305 -63.50 10.52 -17.86
CA SER B 305 -63.23 11.59 -18.83
C SER B 305 -61.72 11.75 -19.09
N LEU B 306 -60.87 11.32 -18.15
CA LEU B 306 -59.42 11.51 -18.29
C LEU B 306 -58.61 10.23 -18.55
N TRP B 307 -59.10 9.10 -18.08
CA TRP B 307 -58.28 7.89 -18.07
C TRP B 307 -58.94 6.68 -18.74
N THR B 308 -58.11 5.89 -19.41
CA THR B 308 -58.54 4.65 -20.04
C THR B 308 -57.48 3.62 -19.77
N PHE B 309 -57.92 2.42 -19.42
CA PHE B 309 -56.99 1.33 -19.18
C PHE B 309 -57.75 0.03 -18.99
N SER B 310 -56.99 -1.04 -18.91
CA SER B 310 -57.46 -2.39 -18.80
C SER B 310 -56.77 -2.98 -17.59
N PHE B 311 -57.54 -3.61 -16.71
CA PHE B 311 -57.00 -4.19 -15.48
C PHE B 311 -57.21 -5.70 -15.45
N GLY B 312 -56.56 -6.38 -14.51
CA GLY B 312 -56.58 -7.82 -14.44
C GLY B 312 -55.63 -8.32 -13.36
N LEU B 313 -55.33 -9.62 -13.40
CA LEU B 313 -54.72 -10.28 -12.28
C LEU B 313 -54.00 -11.53 -12.73
N GLY B 314 -52.68 -11.48 -12.71
CA GLY B 314 -51.90 -12.67 -12.97
C GLY B 314 -52.09 -13.62 -11.80
N ALA B 315 -52.29 -14.91 -12.08
CA ALA B 315 -52.56 -15.88 -11.02
C ALA B 315 -51.46 -15.88 -9.97
N PHE B 316 -50.23 -15.69 -10.40
CA PHE B 316 -49.11 -15.81 -9.50
C PHE B 316 -48.46 -14.48 -9.21
N SER B 317 -48.40 -13.63 -10.22
CA SER B 317 -47.70 -12.36 -10.08
C SER B 317 -48.62 -11.22 -9.67
N GLY B 318 -49.93 -11.44 -9.63
CA GLY B 318 -50.87 -10.46 -9.09
C GLY B 318 -51.34 -9.30 -9.98
N PRO B 319 -51.75 -8.17 -9.35
CA PRO B 319 -52.41 -7.05 -10.02
C PRO B 319 -51.64 -6.43 -11.18
N ARG B 320 -52.37 -6.15 -12.26
CA ARG B 320 -51.77 -5.58 -13.46
C ARG B 320 -52.72 -4.69 -14.25
N ILE B 321 -52.15 -3.71 -14.91
CA ILE B 321 -52.90 -2.81 -15.76
C ILE B 321 -52.21 -2.68 -17.11
N PHE B 322 -53.01 -2.55 -18.17
CA PHE B 322 -52.48 -2.44 -19.54
C PHE B 322 -53.08 -1.27 -20.29
N ASP B 323 -52.34 -0.80 -21.30
CA ASP B 323 -52.87 0.17 -22.28
C ASP B 323 -53.44 1.42 -21.60
N VAL B 324 -52.64 2.01 -20.72
CA VAL B 324 -53.03 3.22 -20.01
C VAL B 324 -52.99 4.43 -20.94
N ARG B 325 -54.16 4.98 -21.24
CA ARG B 325 -54.25 6.22 -22.01
C ARG B 325 -54.77 7.38 -21.17
N PHE B 326 -54.01 8.48 -21.14
CA PHE B 326 -54.45 9.75 -20.56
C PHE B 326 -54.94 10.69 -21.65
N GLN B 327 -56.20 11.11 -21.54
CA GLN B 327 -56.83 11.97 -22.54
C GLN B 327 -56.53 11.45 -23.94
N GLY B 328 -56.68 10.14 -24.11
CA GLY B 328 -56.55 9.53 -25.42
C GLY B 328 -55.16 9.06 -25.80
N GLU B 329 -54.13 9.51 -25.05
CA GLU B 329 -52.73 9.21 -25.41
C GLU B 329 -52.11 8.13 -24.50
N ARG B 330 -51.70 7.01 -25.10
CA ARG B 330 -51.09 5.91 -24.34
C ARG B 330 -49.81 6.36 -23.66
N LEU B 331 -49.70 6.13 -22.35
CA LEU B 331 -48.48 6.42 -21.59
C LEU B 331 -47.73 5.14 -21.23
N VAL B 332 -48.49 4.08 -20.94
CA VAL B 332 -47.94 2.86 -20.38
C VAL B 332 -48.48 1.63 -21.10
N TYR B 333 -47.59 0.75 -21.57
CA TYR B 333 -48.03 -0.53 -22.11
C TYR B 333 -48.51 -1.47 -20.98
N GLU B 334 -47.67 -1.63 -19.97
CA GLU B 334 -47.95 -2.54 -18.86
C GLU B 334 -47.36 -1.98 -17.57
N ILE B 335 -48.22 -1.82 -16.56
CA ILE B 335 -47.78 -1.76 -15.16
C ILE B 335 -48.33 -3.02 -14.45
N SER B 336 -47.43 -3.78 -13.83
CA SER B 336 -47.81 -5.04 -13.19
C SER B 336 -46.99 -5.34 -11.95
N LEU B 337 -47.64 -5.96 -10.96
CA LEU B 337 -46.91 -6.55 -9.84
C LEU B 337 -46.16 -7.77 -10.39
N GLN B 338 -44.94 -7.96 -9.91
CA GLN B 338 -44.10 -9.03 -10.42
C GLN B 338 -43.78 -10.08 -9.38
N GLU B 339 -43.50 -9.64 -8.15
CA GLU B 339 -43.16 -10.53 -7.06
C GLU B 339 -43.27 -9.81 -5.72
N ALA B 340 -43.50 -10.56 -4.65
CA ALA B 340 -43.39 -10.02 -3.29
C ALA B 340 -42.56 -10.93 -2.40
N LEU B 341 -41.85 -10.33 -1.45
CA LEU B 341 -40.85 -11.06 -0.67
C LEU B 341 -40.85 -10.67 0.81
N ALA B 342 -40.87 -11.67 1.69
CA ALA B 342 -40.68 -11.49 3.13
C ALA B 342 -39.50 -12.33 3.62
N ILE B 343 -38.51 -11.67 4.20
CA ILE B 343 -37.34 -12.36 4.76
C ILE B 343 -37.35 -12.25 6.28
N TYR B 344 -37.29 -13.38 6.97
CA TYR B 344 -37.44 -13.41 8.43
C TYR B 344 -36.15 -13.67 9.20
N GLY B 345 -36.17 -13.26 10.46
CA GLY B 345 -35.18 -13.67 11.43
C GLY B 345 -35.97 -14.27 12.58
N GLY B 346 -35.29 -14.99 13.45
CA GLY B 346 -35.98 -15.56 14.59
C GLY B 346 -35.10 -16.44 15.45
N ASN B 347 -35.69 -16.88 16.55
CA ASN B 347 -35.04 -17.71 17.55
C ASN B 347 -35.24 -19.20 17.29
N SER B 348 -36.18 -19.51 16.40
CA SER B 348 -36.59 -20.88 16.08
C SER B 348 -36.32 -21.20 14.62
N PRO B 349 -36.12 -22.49 14.29
CA PRO B 349 -35.82 -22.89 12.90
C PRO B 349 -36.78 -22.32 11.83
N ALA B 350 -38.09 -22.37 12.06
CA ALA B 350 -39.06 -21.88 11.09
C ALA B 350 -38.74 -20.44 10.64
N ALA B 351 -38.75 -19.51 11.58
CA ALA B 351 -38.54 -18.10 11.28
C ALA B 351 -37.09 -17.78 10.92
N MET B 352 -36.16 -18.61 11.35
CA MET B 352 -34.73 -18.43 11.09
C MET B 352 -34.39 -18.55 9.61
N THR B 353 -35.13 -19.42 8.92
CA THR B 353 -34.86 -19.75 7.51
C THR B 353 -36.04 -19.40 6.59
N THR B 354 -37.01 -18.64 7.08
CA THR B 354 -38.15 -18.30 6.23
C THR B 354 -37.78 -17.17 5.27
N ARG B 355 -37.98 -17.45 3.99
CA ARG B 355 -37.84 -16.48 2.91
C ARG B 355 -38.97 -16.75 1.94
N TYR B 356 -40.06 -16.01 2.09
CA TYR B 356 -41.26 -16.18 1.26
C TYR B 356 -41.10 -15.45 -0.06
N VAL B 357 -41.25 -16.19 -1.16
CA VAL B 357 -41.32 -15.61 -2.48
C VAL B 357 -42.79 -15.82 -2.86
N ASP B 358 -43.64 -14.82 -2.59
CA ASP B 358 -45.09 -15.02 -2.58
C ASP B 358 -45.75 -15.49 -3.89
N GLY B 359 -45.13 -15.18 -5.03
CA GLY B 359 -45.60 -15.67 -6.33
C GLY B 359 -45.63 -17.18 -6.41
N GLY B 360 -44.73 -17.84 -5.69
CA GLY B 360 -44.78 -19.30 -5.54
C GLY B 360 -46.09 -19.84 -4.99
N PHE B 361 -46.76 -19.03 -4.17
CA PHE B 361 -48.11 -19.31 -3.71
C PHE B 361 -49.11 -18.67 -4.69
N GLY B 362 -49.08 -17.34 -4.81
CA GLY B 362 -49.74 -16.66 -5.93
C GLY B 362 -50.64 -15.51 -5.57
N MET B 363 -50.28 -14.30 -6.00
CA MET B 363 -51.00 -13.08 -5.59
C MET B 363 -52.43 -13.01 -6.11
N GLY B 364 -52.66 -13.53 -7.31
CA GLY B 364 -54.02 -13.67 -7.81
C GLY B 364 -54.73 -14.79 -7.07
N LYS B 365 -54.15 -15.99 -7.15
CA LYS B 365 -54.63 -17.18 -6.46
C LYS B 365 -55.08 -16.94 -5.02
N TYR B 366 -54.33 -16.12 -4.27
CA TYR B 366 -54.67 -15.84 -2.88
C TYR B 366 -55.41 -14.50 -2.70
N THR B 367 -55.97 -14.00 -3.80
CA THR B 367 -56.80 -12.78 -3.76
C THR B 367 -58.12 -13.03 -3.04
N THR B 368 -58.53 -12.06 -2.22
CA THR B 368 -59.69 -12.27 -1.38
C THR B 368 -60.80 -11.27 -1.67
N PRO B 369 -62.05 -11.63 -1.31
CA PRO B 369 -63.15 -10.69 -1.46
C PRO B 369 -62.91 -9.40 -0.70
N LEU B 370 -63.37 -8.30 -1.28
CA LEU B 370 -63.21 -7.01 -0.66
C LEU B 370 -64.47 -6.71 0.11
N THR B 371 -64.33 -6.42 1.39
CA THR B 371 -65.50 -6.07 2.21
C THR B 371 -65.97 -4.64 1.90
N ARG B 372 -67.19 -4.52 1.37
CA ARG B 372 -67.73 -3.23 0.94
C ARG B 372 -67.78 -2.28 2.14
N GLY B 373 -67.11 -1.14 2.05
CA GLY B 373 -67.09 -0.15 3.15
C GLY B 373 -65.96 -0.26 4.18
N VAL B 374 -65.20 -1.34 4.12
CA VAL B 374 -64.00 -1.49 4.93
C VAL B 374 -62.78 -1.50 4.02
N ASP B 375 -62.78 -2.43 3.07
CA ASP B 375 -61.67 -2.60 2.13
C ASP B 375 -61.60 -1.48 1.06
N CYS B 376 -62.77 -1.05 0.62
CA CYS B 376 -62.91 0.12 -0.24
C CYS B 376 -64.11 0.94 0.22
N PRO B 377 -64.25 2.17 -0.29
CA PRO B 377 -65.41 2.98 0.03
C PRO B 377 -66.68 2.25 -0.34
N TYR B 378 -67.75 2.52 0.38
CA TYR B 378 -68.97 1.78 0.18
C TYR B 378 -69.48 1.85 -1.27
N LEU B 379 -69.33 3.01 -1.91
CA LEU B 379 -69.90 3.25 -3.23
C LEU B 379 -68.95 2.98 -4.40
N ALA B 380 -67.94 2.13 -4.17
CA ALA B 380 -67.05 1.68 -5.23
C ALA B 380 -67.73 0.67 -6.16
N THR B 381 -67.22 0.53 -7.38
CA THR B 381 -67.70 -0.50 -8.28
C THR B 381 -66.84 -1.73 -8.03
N TYR B 382 -67.50 -2.85 -7.74
CA TYR B 382 -66.84 -4.09 -7.35
C TYR B 382 -66.88 -5.11 -8.49
N VAL B 383 -65.72 -5.62 -8.89
CA VAL B 383 -65.64 -6.59 -9.98
C VAL B 383 -65.18 -7.98 -9.52
N ASP B 384 -65.84 -9.01 -10.04
CA ASP B 384 -65.47 -10.42 -9.80
C ASP B 384 -64.21 -10.87 -10.55
N TRP B 385 -63.51 -11.88 -10.01
CA TRP B 385 -62.37 -12.49 -10.70
C TRP B 385 -62.56 -13.98 -10.88
N HIS B 386 -62.25 -14.47 -12.09
CA HIS B 386 -62.42 -15.88 -12.45
C HIS B 386 -61.06 -16.55 -12.64
N PHE B 387 -60.99 -17.82 -12.24
CA PHE B 387 -59.73 -18.58 -12.24
C PHE B 387 -59.95 -20.08 -12.34
N LEU B 388 -58.91 -20.75 -12.81
CA LEU B 388 -58.88 -22.20 -12.88
C LEU B 388 -57.54 -22.63 -12.32
N LEU B 389 -57.55 -22.86 -11.01
CA LEU B 389 -56.35 -23.15 -10.24
C LEU B 389 -56.60 -24.34 -9.35
N GLU B 390 -55.78 -25.38 -9.52
CA GLU B 390 -55.89 -26.62 -8.74
C GLU B 390 -57.28 -27.24 -8.74
N SER B 391 -58.00 -27.12 -9.85
CA SER B 391 -59.31 -27.74 -9.97
C SER B 391 -59.53 -28.12 -11.43
N GLN B 392 -60.76 -28.52 -11.77
CA GLN B 392 -61.10 -28.91 -13.15
C GLN B 392 -62.25 -28.08 -13.71
N ALA B 393 -62.77 -27.18 -12.87
CA ALA B 393 -63.82 -26.28 -13.28
C ALA B 393 -63.49 -24.90 -12.74
N PRO B 394 -63.75 -23.86 -13.54
CA PRO B 394 -63.39 -22.50 -13.15
C PRO B 394 -64.20 -22.03 -11.93
N LYS B 395 -63.62 -21.15 -11.14
CA LYS B 395 -64.28 -20.62 -9.95
C LYS B 395 -64.26 -19.10 -9.99
N THR B 396 -64.80 -18.51 -8.94
CA THR B 396 -64.96 -17.08 -8.85
C THR B 396 -64.48 -16.58 -7.50
N ILE B 397 -63.73 -15.48 -7.52
CA ILE B 397 -63.60 -14.65 -6.33
C ILE B 397 -64.50 -13.44 -6.51
N ARG B 398 -65.52 -13.34 -5.65
CA ARG B 398 -66.46 -12.22 -5.71
C ARG B 398 -65.86 -10.97 -5.13
N ASP B 399 -66.11 -9.85 -5.83
CA ASP B 399 -65.59 -8.53 -5.45
C ASP B 399 -64.09 -8.51 -5.25
N ALA B 400 -63.36 -9.05 -6.22
CA ALA B 400 -61.91 -9.16 -6.11
C ALA B 400 -61.23 -7.84 -6.40
N PHE B 401 -61.88 -7.01 -7.22
CA PHE B 401 -61.40 -5.66 -7.55
C PHE B 401 -62.38 -4.62 -7.09
N CYS B 402 -61.88 -3.43 -6.81
CA CYS B 402 -62.74 -2.27 -6.62
C CYS B 402 -62.17 -1.04 -7.33
N VAL B 403 -63.07 -0.32 -7.99
CA VAL B 403 -62.75 0.89 -8.74
C VAL B 403 -63.64 2.02 -8.25
N PHE B 404 -63.02 3.15 -7.92
CA PHE B 404 -63.75 4.28 -7.34
C PHE B 404 -63.04 5.61 -7.48
N GLU B 405 -63.84 6.68 -7.52
CA GLU B 405 -63.31 8.02 -7.35
C GLU B 405 -63.26 8.41 -5.88
N GLN B 406 -62.14 8.94 -5.43
CA GLN B 406 -61.98 9.41 -4.06
C GLN B 406 -61.63 10.90 -4.06
N ASN B 407 -62.44 11.73 -3.42
CA ASN B 407 -62.03 13.10 -3.12
C ASN B 407 -60.99 13.10 -1.99
N GLN B 408 -59.79 13.58 -2.31
CA GLN B 408 -58.67 13.51 -1.36
C GLN B 408 -58.79 14.42 -0.13
N GLY B 409 -59.65 15.45 -0.22
CA GLY B 409 -59.82 16.43 0.86
C GLY B 409 -58.61 17.33 0.93
N LEU B 410 -58.07 17.65 -0.24
CA LEU B 410 -56.81 18.34 -0.36
C LEU B 410 -56.76 18.94 -1.76
N PRO B 411 -56.27 20.18 -1.89
CA PRO B 411 -56.27 20.73 -3.24
C PRO B 411 -55.20 20.08 -4.12
N LEU B 412 -55.46 20.05 -5.42
CA LEU B 412 -54.48 19.66 -6.42
C LEU B 412 -53.54 20.82 -6.68
N ARG B 413 -54.13 22.01 -6.78
CA ARG B 413 -53.45 23.27 -7.06
C ARG B 413 -54.26 24.38 -6.39
N ARG B 414 -53.60 25.45 -6.01
CA ARG B 414 -54.26 26.47 -5.22
C ARG B 414 -53.47 27.76 -5.28
N HIS B 415 -54.17 28.88 -5.45
CA HIS B 415 -53.53 30.19 -5.29
C HIS B 415 -54.55 31.23 -4.86
N HIS B 416 -54.28 31.82 -3.71
CA HIS B 416 -55.07 32.94 -3.26
C HIS B 416 -54.18 34.15 -3.41
N SER B 417 -54.66 35.14 -4.15
CA SER B 417 -53.85 36.32 -4.42
C SER B 417 -54.43 37.56 -3.77
N ASP B 418 -53.66 38.13 -2.85
CA ASP B 418 -54.01 39.42 -2.25
C ASP B 418 -53.14 40.54 -2.84
N LEU B 419 -52.19 40.17 -3.70
CA LEU B 419 -51.13 41.07 -4.14
C LEU B 419 -51.37 41.64 -5.55
N TYR B 420 -51.73 42.92 -5.60
CA TYR B 420 -51.99 43.71 -6.83
C TYR B 420 -53.30 43.40 -7.54
N SER B 421 -53.69 42.13 -7.52
CA SER B 421 -54.89 41.65 -8.20
C SER B 421 -55.53 40.58 -7.31
N HIS B 422 -56.74 40.85 -6.81
CA HIS B 422 -57.46 39.93 -5.93
C HIS B 422 -58.24 38.87 -6.70
N TYR B 423 -57.78 37.62 -6.61
CA TYR B 423 -58.41 36.48 -7.25
C TYR B 423 -58.00 35.18 -6.53
N PHE B 424 -58.84 34.16 -6.65
CA PHE B 424 -58.53 32.81 -6.18
C PHE B 424 -58.69 31.85 -7.33
N GLY B 425 -57.80 30.87 -7.42
CA GLY B 425 -57.92 29.82 -8.41
C GLY B 425 -57.39 28.52 -7.87
N GLY B 426 -58.23 27.48 -7.92
CA GLY B 426 -57.82 26.18 -7.41
C GLY B 426 -58.70 25.04 -7.89
N LEU B 427 -58.30 23.83 -7.49
CA LEU B 427 -59.02 22.62 -7.82
C LEU B 427 -58.83 21.62 -6.69
N ALA B 428 -59.92 21.01 -6.22
CA ALA B 428 -59.81 19.95 -5.23
C ALA B 428 -59.42 18.69 -5.96
N GLU B 429 -58.54 17.89 -5.37
CA GLU B 429 -58.08 16.67 -6.05
C GLU B 429 -59.01 15.48 -5.87
N THR B 430 -59.43 14.92 -7.00
CA THR B 430 -60.15 13.67 -7.02
C THR B 430 -59.33 12.68 -7.81
N VAL B 431 -59.11 11.50 -7.25
CA VAL B 431 -58.36 10.44 -7.88
C VAL B 431 -59.24 9.26 -8.18
N LEU B 432 -58.85 8.49 -9.19
CA LEU B 432 -59.51 7.25 -9.54
C LEU B 432 -58.58 6.11 -9.14
N VAL B 433 -59.13 5.11 -8.46
CA VAL B 433 -58.37 4.05 -7.81
C VAL B 433 -58.82 2.65 -8.21
N VAL B 434 -57.84 1.76 -8.33
CA VAL B 434 -58.07 0.33 -8.62
C VAL B 434 -57.30 -0.48 -7.61
N ARG B 435 -58.02 -1.29 -6.87
CA ARG B 435 -57.47 -1.98 -5.73
C ARG B 435 -57.85 -3.45 -5.76
N SER B 436 -56.91 -4.30 -5.37
CA SER B 436 -57.25 -5.67 -4.96
C SER B 436 -56.38 -6.04 -3.75
N MET B 437 -56.73 -7.14 -3.08
CA MET B 437 -56.01 -7.56 -1.89
C MET B 437 -55.67 -9.05 -1.90
N SER B 438 -54.41 -9.36 -1.66
CA SER B 438 -53.94 -10.73 -1.53
C SER B 438 -53.74 -11.02 -0.05
N THR B 439 -54.40 -12.07 0.44
CA THR B 439 -54.17 -12.56 1.79
C THR B 439 -53.42 -13.87 1.68
N LEU B 440 -52.12 -13.83 1.96
CA LEU B 440 -51.30 -15.03 1.96
C LEU B 440 -50.90 -15.45 3.36
N LEU B 441 -51.52 -16.53 3.84
CA LEU B 441 -51.31 -16.99 5.22
C LEU B 441 -51.74 -15.85 6.19
N ASN B 442 -50.79 -15.33 6.98
CA ASN B 442 -51.07 -14.28 7.97
C ASN B 442 -51.33 -12.85 7.45
N ASP B 444 -52.07 -9.54 4.77
CA ASP B 444 -52.91 -9.05 3.72
C ASP B 444 -52.18 -7.92 3.03
N TYR B 445 -51.83 -8.18 1.78
CA TYR B 445 -51.29 -7.16 0.91
C TYR B 445 -52.40 -6.37 0.25
N VAL B 446 -52.30 -5.03 0.30
CA VAL B 446 -53.19 -4.13 -0.43
C VAL B 446 -52.44 -3.52 -1.63
N TRP B 447 -52.96 -3.74 -2.84
CA TRP B 447 -52.32 -3.20 -4.05
C TRP B 447 -53.17 -2.10 -4.65
N ASP B 448 -52.63 -0.89 -4.71
CA ASP B 448 -53.32 0.23 -5.29
C ASP B 448 -52.63 0.75 -6.53
N THR B 449 -53.43 1.02 -7.55
CA THR B 449 -53.00 1.93 -8.60
C THR B 449 -53.92 3.15 -8.56
N VAL B 450 -53.31 4.33 -8.51
CA VAL B 450 -54.04 5.57 -8.32
C VAL B 450 -53.81 6.46 -9.54
N PHE B 451 -54.91 6.93 -10.14
CA PHE B 451 -54.81 7.75 -11.33
C PHE B 451 -55.11 9.22 -11.01
N HIS B 452 -54.09 10.06 -11.14
CA HIS B 452 -54.20 11.47 -10.76
C HIS B 452 -54.62 12.36 -11.96
N PRO B 453 -55.39 13.44 -11.69
CA PRO B 453 -55.81 14.33 -12.79
C PRO B 453 -54.68 15.20 -13.37
N SER B 454 -53.52 15.24 -12.72
CA SER B 454 -52.35 15.93 -13.27
C SER B 454 -51.74 15.07 -14.36
N GLY B 455 -52.19 13.82 -14.43
CA GLY B 455 -51.66 12.86 -15.38
C GLY B 455 -50.62 11.97 -14.73
N ALA B 456 -50.48 12.10 -13.42
CA ALA B 456 -49.60 11.23 -12.66
C ALA B 456 -50.26 9.88 -12.36
N ILE B 457 -49.46 8.82 -12.38
CA ILE B 457 -49.88 7.48 -11.96
C ILE B 457 -49.12 7.10 -10.70
N GLU B 458 -49.81 6.59 -9.70
CA GLU B 458 -49.18 6.24 -8.42
C GLU B 458 -49.46 4.79 -8.05
N ILE B 459 -48.40 4.04 -7.75
CA ILE B 459 -48.54 2.66 -7.26
C ILE B 459 -48.14 2.58 -5.80
N ARG B 460 -49.02 2.01 -4.98
CA ARG B 460 -48.67 1.79 -3.57
C ARG B 460 -49.07 0.42 -3.13
N PHE B 461 -48.30 -0.14 -2.19
CA PHE B 461 -48.74 -1.33 -1.47
C PHE B 461 -48.57 -1.23 0.04
N TYR B 462 -49.44 -1.94 0.74
CA TYR B 462 -49.55 -1.96 2.20
C TYR B 462 -49.58 -3.39 2.66
N ALA B 463 -48.88 -3.67 3.75
CA ALA B 463 -48.89 -5.00 4.35
C ALA B 463 -49.63 -4.93 5.67
N THR B 464 -50.89 -5.35 5.68
CA THR B 464 -51.68 -5.37 6.92
C THR B 464 -52.00 -6.82 7.33
N GLY B 465 -53.00 -7.02 8.18
CA GLY B 465 -53.28 -8.38 8.70
C GLY B 465 -52.38 -8.78 9.86
N TYR B 466 -52.21 -10.08 10.05
CA TYR B 466 -51.45 -10.61 11.17
C TYR B 466 -49.98 -10.77 10.91
N ILE B 467 -49.18 -10.65 11.97
CA ILE B 467 -47.77 -11.03 11.92
C ILE B 467 -47.61 -12.53 12.14
N SER B 468 -46.48 -13.08 11.70
CA SER B 468 -46.03 -14.38 12.17
C SER B 468 -45.36 -14.14 13.50
N SER B 469 -45.59 -15.04 14.44
CA SER B 469 -44.90 -15.01 15.72
C SER B 469 -44.39 -16.39 16.02
N ALA B 470 -43.50 -16.46 17.01
CA ALA B 470 -42.97 -17.73 17.46
C ALA B 470 -43.02 -17.74 18.99
N PHE B 471 -42.86 -18.94 19.57
CA PHE B 471 -42.87 -19.11 21.00
C PHE B 471 -41.67 -18.40 21.58
N LEU B 472 -41.93 -17.55 22.57
CA LEU B 472 -40.88 -16.79 23.22
C LEU B 472 -40.14 -17.67 24.22
N PHE B 473 -38.83 -17.71 24.06
CA PHE B 473 -37.93 -18.38 24.98
C PHE B 473 -36.59 -17.64 24.87
N GLY B 474 -35.84 -17.61 25.96
CA GLY B 474 -34.46 -17.13 25.92
C GLY B 474 -34.26 -15.63 25.81
N ALA B 475 -33.07 -15.26 25.34
CA ALA B 475 -32.59 -13.87 25.37
C ALA B 475 -33.20 -13.01 24.27
N THR B 476 -34.12 -12.12 24.68
CA THR B 476 -34.82 -11.24 23.74
C THR B 476 -33.95 -10.02 23.38
N GLY B 477 -33.96 -9.65 22.11
CA GLY B 477 -33.27 -8.44 21.70
C GLY B 477 -32.75 -8.46 20.28
N LYS B 478 -32.45 -9.65 19.76
CA LYS B 478 -31.83 -9.71 18.45
C LYS B 478 -32.80 -10.16 17.35
N TYR B 479 -34.03 -10.51 17.72
CA TYR B 479 -34.93 -11.17 16.77
C TYR B 479 -36.36 -10.65 16.72
N GLY B 480 -36.61 -9.50 17.32
CA GLY B 480 -37.96 -8.94 17.46
C GLY B 480 -38.29 -8.65 18.92
N ASN B 481 -39.48 -8.14 19.16
CA ASN B 481 -39.94 -7.82 20.51
C ASN B 481 -41.06 -8.76 20.94
N GLN B 482 -41.15 -8.98 22.25
CA GLN B 482 -42.33 -9.63 22.81
C GLN B 482 -43.54 -8.75 22.55
N VAL B 483 -44.57 -9.35 21.96
CA VAL B 483 -45.77 -8.64 21.53
C VAL B 483 -47.01 -9.10 22.28
N SER B 484 -46.91 -10.26 22.93
CA SER B 484 -47.97 -10.78 23.82
C SER B 484 -47.48 -11.96 24.64
N GLU B 485 -48.38 -12.51 25.45
CA GLU B 485 -48.06 -13.62 26.35
C GLU B 485 -47.29 -14.72 25.61
N HIS B 486 -46.05 -14.98 26.06
CA HIS B 486 -45.21 -16.06 25.52
C HIS B 486 -44.88 -15.96 24.03
N THR B 487 -45.12 -14.79 23.43
CA THR B 487 -44.89 -14.66 21.97
C THR B 487 -43.95 -13.53 21.48
N LEU B 488 -43.06 -13.91 20.57
CA LEU B 488 -42.09 -13.03 19.97
C LEU B 488 -42.53 -12.69 18.55
N GLY B 489 -42.69 -11.40 18.27
CA GLY B 489 -43.00 -10.90 16.94
C GLY B 489 -41.69 -10.89 16.20
N THR B 490 -41.58 -11.74 15.18
CA THR B 490 -40.30 -11.95 14.53
C THR B 490 -39.95 -10.83 13.55
N VAL B 491 -38.71 -10.36 13.62
CA VAL B 491 -38.17 -9.37 12.70
C VAL B 491 -38.22 -9.89 11.26
N HIS B 492 -38.52 -9.02 10.30
CA HIS B 492 -38.53 -9.40 8.88
C HIS B 492 -38.52 -8.17 7.99
N THR B 493 -38.26 -8.37 6.70
CA THR B 493 -38.41 -7.30 5.70
C THR B 493 -39.54 -7.62 4.72
N HIS B 494 -40.24 -6.58 4.27
CA HIS B 494 -41.16 -6.68 3.15
C HIS B 494 -40.55 -6.02 1.91
N SER B 495 -40.67 -6.68 0.76
CA SER B 495 -40.28 -6.11 -0.55
C SER B 495 -41.25 -6.55 -1.63
N ALA B 496 -41.40 -5.71 -2.64
CA ALA B 496 -42.21 -6.04 -3.82
C ALA B 496 -41.53 -5.46 -5.06
N HIS B 497 -41.77 -6.10 -6.20
CA HIS B 497 -41.12 -5.69 -7.42
C HIS B 497 -42.20 -5.41 -8.45
N PHE B 498 -42.12 -4.25 -9.10
CA PHE B 498 -43.08 -3.90 -10.16
C PHE B 498 -42.43 -3.75 -11.54
N LYS B 499 -43.14 -4.17 -12.57
CA LYS B 499 -42.76 -3.94 -13.96
C LYS B 499 -43.51 -2.72 -14.49
N VAL B 500 -42.77 -1.71 -14.92
CA VAL B 500 -43.33 -0.47 -15.38
C VAL B 500 -42.84 -0.27 -16.80
N ASP B 501 -43.65 -0.70 -17.77
CA ASP B 501 -43.32 -0.58 -19.18
C ASP B 501 -43.95 0.68 -19.74
N LEU B 502 -43.32 1.80 -19.42
CA LEU B 502 -43.65 3.10 -19.97
C LEU B 502 -43.28 3.13 -21.46
N ASP B 503 -44.16 3.70 -22.28
CA ASP B 503 -43.88 3.99 -23.69
C ASP B 503 -44.12 5.47 -23.90
N VAL B 504 -43.16 6.29 -23.46
CA VAL B 504 -43.36 7.74 -23.42
C VAL B 504 -43.35 8.30 -24.84
N ALA B 505 -44.52 8.75 -25.28
CA ALA B 505 -44.76 9.24 -26.64
C ALA B 505 -44.13 8.36 -27.69
N GLY B 506 -44.27 7.04 -27.52
CA GLY B 506 -43.75 6.08 -28.49
C GLY B 506 -43.00 4.98 -27.79
N LEU B 507 -42.63 3.94 -28.53
CA LEU B 507 -41.85 2.86 -27.95
C LEU B 507 -40.50 3.38 -27.55
N GLU B 508 -39.90 4.17 -28.45
CA GLU B 508 -38.49 4.52 -28.33
C GLU B 508 -38.23 5.58 -27.29
N ASN B 509 -37.49 5.18 -26.26
CA ASN B 509 -37.24 6.02 -25.10
C ASN B 509 -35.78 6.11 -24.73
N TRP B 510 -35.42 7.18 -24.03
CA TRP B 510 -34.11 7.33 -23.42
C TRP B 510 -34.29 7.53 -21.92
N VAL B 511 -33.18 7.54 -21.19
CA VAL B 511 -33.24 7.75 -19.74
C VAL B 511 -32.37 8.92 -19.36
N TRP B 512 -32.98 9.91 -18.69
CA TRP B 512 -32.26 11.09 -18.25
C TRP B 512 -32.06 11.14 -16.73
N ALA B 513 -30.93 11.66 -16.31
CA ALA B 513 -30.66 11.87 -14.88
C ALA B 513 -30.43 13.36 -14.62
N GLU B 514 -31.38 13.99 -13.96
CA GLU B 514 -31.19 15.37 -13.57
C GLU B 514 -31.05 15.51 -12.07
N ASP B 515 -30.15 16.40 -11.65
CA ASP B 515 -29.89 16.65 -10.23
C ASP B 515 -29.39 18.07 -10.07
N MET B 516 -28.85 18.39 -8.89
CA MET B 516 -28.42 19.74 -8.57
C MET B 516 -26.96 19.77 -8.17
N VAL B 517 -26.39 20.96 -8.22
CA VAL B 517 -25.03 21.20 -7.74
C VAL B 517 -24.82 22.68 -7.42
N PHE B 518 -23.87 22.94 -6.54
CA PHE B 518 -23.49 24.30 -6.18
C PHE B 518 -22.06 24.58 -6.66
N VAL B 519 -21.90 25.66 -7.43
CA VAL B 519 -20.60 26.05 -7.92
C VAL B 519 -20.25 27.43 -7.39
N PRO B 520 -19.25 27.51 -6.48
CA PRO B 520 -18.76 28.80 -5.99
C PRO B 520 -18.18 29.62 -7.12
N MET B 521 -18.68 30.84 -7.29
CA MET B 521 -18.11 31.77 -8.24
C MET B 521 -18.28 33.19 -7.76
N ALA B 522 -17.56 34.12 -8.39
CA ALA B 522 -17.61 35.53 -8.00
C ALA B 522 -18.92 36.17 -8.43
N VAL B 523 -19.45 37.02 -7.55
CA VAL B 523 -20.67 37.79 -7.78
C VAL B 523 -20.40 38.83 -8.88
N PRO B 524 -21.00 38.66 -10.07
CA PRO B 524 -20.66 39.49 -11.24
C PRO B 524 -20.61 40.97 -10.96
N TRP B 525 -21.62 41.51 -10.28
CA TRP B 525 -21.72 42.96 -10.01
C TRP B 525 -20.93 43.39 -8.78
N SER B 526 -20.30 42.43 -8.10
CA SER B 526 -19.51 42.71 -6.89
C SER B 526 -18.47 41.61 -6.68
N PRO B 527 -17.41 41.60 -7.51
CA PRO B 527 -16.44 40.52 -7.66
C PRO B 527 -15.66 40.12 -6.41
N GLU B 528 -15.56 40.99 -5.40
CA GLU B 528 -14.84 40.63 -4.17
C GLU B 528 -15.68 39.80 -3.21
N HIS B 529 -16.89 39.46 -3.65
CA HIS B 529 -17.80 38.61 -2.87
C HIS B 529 -18.02 37.29 -3.58
N GLN B 530 -18.21 36.23 -2.78
CA GLN B 530 -18.53 34.90 -3.28
C GLN B 530 -20.03 34.63 -3.19
N LEU B 531 -20.56 33.92 -4.19
CA LEU B 531 -21.86 33.26 -4.04
C LEU B 531 -21.77 31.78 -4.43
N GLN B 532 -22.69 30.97 -3.93
CA GLN B 532 -22.81 29.58 -4.33
C GLN B 532 -23.85 29.49 -5.42
N ARG B 533 -23.41 29.25 -6.65
CA ARG B 533 -24.31 29.25 -7.80
C ARG B 533 -25.02 27.91 -7.94
N LEU B 534 -26.33 27.91 -7.74
CA LEU B 534 -27.11 26.68 -7.90
C LEU B 534 -27.31 26.37 -9.38
N GLN B 535 -27.02 25.13 -9.77
CA GLN B 535 -27.11 24.68 -11.17
C GLN B 535 -27.72 23.29 -11.28
N VAL B 536 -28.36 23.03 -12.42
CA VAL B 536 -28.89 21.71 -12.75
C VAL B 536 -27.83 20.90 -13.50
N THR B 537 -27.64 19.64 -13.09
CA THR B 537 -26.79 18.70 -13.83
C THR B 537 -27.70 17.79 -14.60
N ARG B 538 -27.23 17.36 -15.76
CA ARG B 538 -28.01 16.53 -16.66
C ARG B 538 -27.08 15.51 -17.28
N LYS B 539 -27.46 14.25 -17.18
CA LYS B 539 -26.66 13.18 -17.70
C LYS B 539 -27.62 12.24 -18.36
N LEU B 540 -27.31 11.87 -19.61
CA LEU B 540 -27.98 10.80 -20.31
C LEU B 540 -27.41 9.46 -19.85
N LEU B 541 -28.26 8.57 -19.35
CA LEU B 541 -27.84 7.24 -18.95
C LEU B 541 -27.96 6.30 -20.15
N GLU B 542 -26.82 5.87 -20.70
CA GLU B 542 -26.80 5.18 -22.01
C GLU B 542 -26.89 3.66 -21.99
N MET B 543 -26.16 3.03 -21.07
CA MET B 543 -26.17 1.56 -20.93
C MET B 543 -26.98 1.15 -19.68
N GLU B 544 -27.55 -0.05 -19.71
CA GLU B 544 -28.37 -0.55 -18.59
C GLU B 544 -27.72 -0.45 -17.21
N GLU B 545 -26.43 -0.77 -17.13
CA GLU B 545 -25.72 -0.72 -15.86
C GLU B 545 -25.79 0.65 -15.20
N GLN B 546 -25.83 1.70 -16.03
CA GLN B 546 -25.86 3.08 -15.57
C GLN B 546 -27.21 3.42 -14.96
N ALA B 547 -28.22 2.63 -15.33
CA ALA B 547 -29.57 2.82 -14.83
C ALA B 547 -30.00 1.74 -13.85
N ALA B 548 -29.03 0.97 -13.35
CA ALA B 548 -29.31 0.00 -12.29
C ALA B 548 -28.88 0.57 -10.94
N PHE B 549 -29.84 0.82 -10.05
CA PHE B 549 -29.52 1.46 -8.78
C PHE B 549 -29.73 0.55 -7.59
N LEU B 550 -28.62 0.24 -6.93
CA LEU B 550 -28.61 -0.68 -5.81
C LEU B 550 -29.30 -0.08 -4.60
N VAL B 551 -29.85 -0.95 -3.76
CA VAL B 551 -30.40 -0.54 -2.49
C VAL B 551 -29.28 0.10 -1.67
N GLY B 552 -29.59 1.23 -1.06
CA GLY B 552 -28.67 1.89 -0.13
C GLY B 552 -27.80 2.94 -0.77
N SER B 553 -27.89 3.06 -2.08
CA SER B 553 -27.07 4.03 -2.81
C SER B 553 -27.91 5.24 -3.25
N ALA B 554 -27.23 6.32 -3.63
CA ALA B 554 -27.92 7.55 -4.04
C ALA B 554 -28.46 7.42 -5.46
N THR B 555 -29.70 7.86 -5.67
CA THR B 555 -30.23 7.94 -7.03
C THR B 555 -30.48 9.40 -7.45
N PRO B 556 -30.36 9.68 -8.75
CA PRO B 556 -30.53 11.08 -9.12
C PRO B 556 -31.93 11.59 -8.77
N ARG B 557 -32.01 12.82 -8.25
CA ARG B 557 -33.25 13.37 -7.74
C ARG B 557 -34.37 13.44 -8.76
N TYR B 558 -33.98 13.66 -10.03
CA TYR B 558 -34.92 13.56 -11.16
C TYR B 558 -34.47 12.48 -12.13
N LEU B 559 -35.15 11.34 -12.09
CA LEU B 559 -34.88 10.27 -13.02
C LEU B 559 -36.10 10.05 -13.89
N TYR B 560 -35.93 10.13 -15.20
CA TYR B 560 -37.07 10.04 -16.09
C TYR B 560 -36.76 9.38 -17.41
N LEU B 561 -37.76 8.66 -17.93
CA LEU B 561 -37.69 8.13 -19.28
C LEU B 561 -38.37 9.11 -20.22
N ALA B 562 -37.68 9.39 -21.32
CA ALA B 562 -38.12 10.43 -22.21
C ALA B 562 -38.26 9.94 -23.64
N SER B 563 -39.19 10.54 -24.33
CA SER B 563 -39.20 10.46 -25.76
C SER B 563 -38.08 11.28 -26.35
N ASN B 564 -37.89 10.99 -27.62
CA ASN B 564 -37.02 11.67 -28.50
C ASN B 564 -37.58 13.06 -28.84
N HIS B 565 -38.91 13.11 -28.96
CA HIS B 565 -39.63 14.31 -29.35
C HIS B 565 -39.80 15.28 -28.19
N SER B 566 -39.91 16.56 -28.52
CA SER B 566 -40.02 17.62 -27.52
C SER B 566 -41.45 18.13 -27.35
N ASN B 567 -41.67 18.82 -26.23
CA ASN B 567 -42.88 19.61 -26.06
C ASN B 567 -42.73 20.97 -26.73
N LYS B 568 -43.80 21.76 -26.71
CA LYS B 568 -43.82 23.10 -27.29
C LYS B 568 -42.56 23.91 -26.93
N TRP B 569 -41.99 23.66 -25.75
CA TRP B 569 -40.88 24.46 -25.21
C TRP B 569 -39.48 23.88 -25.46
N GLY B 570 -39.41 22.83 -26.27
CA GLY B 570 -38.13 22.32 -26.77
C GLY B 570 -37.41 21.33 -25.87
N HIS B 571 -38.13 20.72 -24.94
CA HIS B 571 -37.57 19.76 -24.03
C HIS B 571 -38.15 18.37 -24.30
N PRO B 572 -37.32 17.32 -24.21
CA PRO B 572 -37.81 15.95 -24.46
C PRO B 572 -38.99 15.66 -23.56
N ARG B 573 -40.04 15.06 -24.11
CA ARG B 573 -41.22 14.77 -23.30
C ARG B 573 -41.00 13.56 -22.42
N GLY B 574 -41.21 13.75 -21.12
CA GLY B 574 -40.77 12.77 -20.15
C GLY B 574 -41.79 12.36 -19.10
N TYR B 575 -41.56 11.19 -18.54
CA TYR B 575 -42.24 10.76 -17.33
C TYR B 575 -41.21 10.35 -16.28
N ARG B 576 -41.28 11.05 -15.16
CA ARG B 576 -40.37 10.85 -14.03
C ARG B 576 -40.80 9.66 -13.19
N ILE B 577 -39.83 8.85 -12.78
CA ILE B 577 -40.09 7.80 -11.79
C ILE B 577 -39.59 8.30 -10.47
N GLN B 578 -40.49 8.46 -9.51
CA GLN B 578 -40.11 8.94 -8.18
C GLN B 578 -40.47 7.92 -7.10
N MET B 579 -39.48 7.51 -6.33
CA MET B 579 -39.67 6.39 -5.41
C MET B 579 -39.97 6.78 -3.95
N LEU B 580 -40.88 6.01 -3.35
CA LEU B 580 -41.21 6.11 -1.92
C LEU B 580 -40.97 4.72 -1.32
N SER B 581 -39.77 4.54 -0.78
CA SER B 581 -39.32 3.26 -0.29
C SER B 581 -38.26 3.45 0.80
N PHE B 582 -38.35 2.63 1.86
CA PHE B 582 -37.36 2.61 2.95
C PHE B 582 -36.71 1.23 2.97
N ALA B 583 -36.26 0.79 1.80
CA ALA B 583 -35.89 -0.60 1.58
C ALA B 583 -35.08 -1.23 2.71
N GLY B 584 -35.47 -2.44 3.08
CA GLY B 584 -34.65 -3.27 3.95
C GLY B 584 -33.36 -3.62 3.26
N GLU B 585 -32.30 -3.81 4.05
CA GLU B 585 -31.06 -4.37 3.53
C GLU B 585 -31.40 -5.71 2.84
N PRO B 586 -30.91 -5.91 1.61
CA PRO B 586 -31.22 -7.14 0.91
C PRO B 586 -30.42 -8.32 1.43
N LEU B 587 -30.95 -9.54 1.27
CA LEU B 587 -30.22 -10.73 1.65
C LEU B 587 -28.82 -10.69 1.00
N PRO B 588 -27.75 -10.85 1.82
CA PRO B 588 -26.37 -10.75 1.33
C PRO B 588 -26.13 -11.66 0.14
N GLN B 589 -25.31 -11.21 -0.81
CA GLN B 589 -25.05 -11.97 -2.03
C GLN B 589 -24.44 -13.37 -1.84
N ASN B 590 -23.66 -13.56 -0.78
CA ASN B 590 -23.05 -14.87 -0.51
C ASN B 590 -24.03 -16.04 -0.28
N SER B 591 -25.24 -15.73 0.17
CA SER B 591 -26.32 -16.71 0.31
C SER B 591 -26.52 -17.42 -1.02
N SER B 592 -26.57 -18.74 -0.98
CA SER B 592 -26.76 -19.50 -2.22
C SER B 592 -28.19 -19.34 -2.80
N MET B 593 -29.11 -18.78 -2.01
CA MET B 593 -30.47 -18.58 -2.48
C MET B 593 -30.79 -17.17 -2.96
N ALA B 594 -29.84 -16.26 -2.84
CA ALA B 594 -30.08 -14.83 -3.18
C ALA B 594 -30.57 -14.61 -4.62
N ARG B 595 -30.00 -15.37 -5.55
CA ARG B 595 -30.30 -15.27 -6.97
C ARG B 595 -31.75 -15.62 -7.29
N GLY B 596 -32.45 -16.23 -6.34
CA GLY B 596 -33.86 -16.54 -6.51
C GLY B 596 -34.77 -15.34 -6.35
N PHE B 597 -34.22 -14.21 -5.98
CA PHE B 597 -34.95 -12.95 -5.91
C PHE B 597 -33.96 -11.79 -5.93
N SER B 598 -33.08 -11.81 -6.93
CA SER B 598 -31.99 -10.83 -7.00
C SER B 598 -32.48 -9.41 -7.33
N TRP B 599 -33.76 -9.30 -7.73
CA TRP B 599 -34.40 -7.99 -7.92
C TRP B 599 -34.41 -7.17 -6.65
N GLU B 600 -34.22 -7.83 -5.52
CA GLU B 600 -34.27 -7.21 -4.22
C GLU B 600 -33.09 -6.30 -3.97
N ARG B 601 -31.98 -6.55 -4.66
CA ARG B 601 -30.77 -5.76 -4.49
C ARG B 601 -30.94 -4.36 -5.10
N TYR B 602 -31.89 -4.21 -6.03
CA TYR B 602 -32.06 -2.96 -6.79
C TYR B 602 -33.24 -2.11 -6.32
N GLN B 603 -33.04 -0.79 -6.18
CA GLN B 603 -34.18 0.12 -5.98
C GLN B 603 -34.88 0.24 -7.32
N LEU B 604 -34.09 0.31 -8.38
CA LEU B 604 -34.56 0.62 -9.71
C LEU B 604 -33.64 0.03 -10.76
N ALA B 605 -34.23 -0.46 -11.85
CA ALA B 605 -33.44 -0.85 -13.02
C ALA B 605 -34.22 -0.54 -14.28
N VAL B 606 -33.53 -0.04 -15.30
CA VAL B 606 -34.17 0.22 -16.59
C VAL B 606 -33.52 -0.68 -17.64
N THR B 607 -34.31 -1.59 -18.20
CA THR B 607 -33.79 -2.51 -19.20
C THR B 607 -34.51 -2.30 -20.52
N GLN B 608 -33.91 -2.83 -21.58
CA GLN B 608 -34.61 -3.07 -22.83
C GLN B 608 -35.71 -4.08 -22.58
N ARG B 609 -36.95 -3.69 -22.89
CA ARG B 609 -38.10 -4.62 -22.87
C ARG B 609 -37.87 -5.69 -23.93
N LYS B 610 -38.02 -6.95 -23.50
CA LYS B 610 -37.80 -8.11 -24.35
C LYS B 610 -38.94 -9.08 -24.15
N GLU B 611 -39.44 -9.58 -25.28
CA GLU B 611 -40.47 -10.61 -25.26
C GLU B 611 -40.07 -11.80 -24.37
N GLU B 612 -38.77 -12.13 -24.32
CA GLU B 612 -38.24 -13.29 -23.58
C GLU B 612 -37.88 -12.96 -22.13
N GLU B 613 -38.18 -11.74 -21.70
CA GLU B 613 -38.05 -11.35 -20.29
C GLU B 613 -39.38 -10.78 -19.78
N PRO B 614 -40.44 -11.63 -19.75
CA PRO B 614 -41.75 -11.09 -19.37
C PRO B 614 -41.92 -10.82 -17.87
N SER B 615 -41.17 -11.54 -17.03
CA SER B 615 -41.30 -11.37 -15.59
C SER B 615 -39.95 -11.40 -14.92
N SER B 616 -39.84 -10.62 -13.85
CA SER B 616 -38.67 -10.65 -13.01
C SER B 616 -38.63 -11.87 -12.06
N SER B 617 -39.74 -12.59 -11.94
CA SER B 617 -39.80 -13.74 -11.04
C SER B 617 -40.48 -14.92 -11.71
N SER B 618 -40.68 -15.99 -10.95
CA SER B 618 -41.43 -17.16 -11.40
C SER B 618 -42.07 -17.92 -10.24
N VAL B 619 -43.27 -18.44 -10.49
CA VAL B 619 -43.99 -19.28 -9.53
C VAL B 619 -43.09 -20.42 -9.04
N PHE B 620 -42.05 -20.71 -9.82
CA PHE B 620 -41.16 -21.86 -9.57
C PHE B 620 -39.94 -21.55 -8.71
N ASN B 621 -39.66 -20.26 -8.50
CA ASN B 621 -38.54 -19.81 -7.67
C ASN B 621 -38.63 -20.15 -6.18
N GLN B 622 -39.83 -20.11 -5.62
CA GLN B 622 -40.03 -20.35 -4.18
C GLN B 622 -39.42 -21.66 -3.69
N ASN B 623 -39.73 -22.76 -4.37
CA ASN B 623 -39.30 -24.08 -3.92
C ASN B 623 -37.93 -24.50 -4.44
N ASP B 624 -37.29 -23.60 -5.20
CA ASP B 624 -35.90 -23.80 -5.61
C ASP B 624 -35.22 -22.47 -5.97
N PRO B 625 -34.94 -21.64 -4.95
CA PRO B 625 -34.25 -20.38 -5.25
C PRO B 625 -32.76 -20.62 -5.56
N TRP B 626 -32.26 -21.80 -5.17
CA TRP B 626 -30.85 -22.15 -5.36
C TRP B 626 -30.54 -22.32 -6.86
N ALA B 627 -31.56 -22.67 -7.64
CA ALA B 627 -31.46 -22.74 -9.10
C ALA B 627 -32.65 -21.99 -9.69
N PRO B 628 -32.56 -20.66 -9.75
CA PRO B 628 -33.77 -19.94 -10.03
C PRO B 628 -34.26 -20.19 -11.46
N THR B 629 -35.57 -20.14 -11.66
CA THR B 629 -36.15 -20.36 -12.98
C THR B 629 -36.05 -19.07 -13.79
N VAL B 630 -36.08 -17.95 -13.07
CA VAL B 630 -35.83 -16.62 -13.61
C VAL B 630 -34.87 -15.95 -12.62
N ASP B 631 -33.77 -15.38 -13.14
CA ASP B 631 -32.84 -14.61 -12.32
C ASP B 631 -32.80 -13.17 -12.82
N PHE B 632 -33.39 -12.25 -12.07
CA PHE B 632 -33.52 -10.86 -12.56
C PHE B 632 -32.19 -10.19 -12.97
N SER B 633 -31.13 -10.46 -12.20
CA SER B 633 -29.76 -10.02 -12.53
C SER B 633 -29.42 -10.13 -14.01
N ASP B 634 -29.84 -11.23 -14.64
CA ASP B 634 -29.53 -11.52 -16.05
C ASP B 634 -30.02 -10.47 -17.01
N PHE B 635 -31.08 -9.76 -16.64
CA PHE B 635 -31.71 -8.77 -17.49
C PHE B 635 -30.77 -7.58 -17.71
N ILE B 636 -29.94 -7.30 -16.70
CA ILE B 636 -29.02 -6.17 -16.73
C ILE B 636 -27.68 -6.63 -17.32
N ASN B 637 -27.45 -6.30 -18.59
CA ASN B 637 -26.22 -6.64 -19.30
C ASN B 637 -25.65 -5.45 -20.08
N ASN B 638 -24.57 -5.67 -20.83
CA ASN B 638 -23.86 -4.57 -21.47
C ASN B 638 -24.64 -4.00 -22.68
N GLU B 639 -25.82 -3.45 -22.37
CA GLU B 639 -26.85 -3.20 -23.38
C GLU B 639 -27.29 -1.75 -23.40
N THR B 640 -27.45 -1.20 -24.60
CA THR B 640 -27.86 0.19 -24.74
C THR B 640 -29.31 0.43 -24.34
N ILE B 641 -29.54 1.58 -23.71
CA ILE B 641 -30.88 2.03 -23.43
C ILE B 641 -31.17 3.40 -24.02
N ALA B 642 -30.41 3.74 -25.07
CA ALA B 642 -30.60 4.99 -25.78
C ALA B 642 -31.36 4.74 -27.07
N GLY B 643 -32.66 4.98 -27.01
CA GLY B 643 -33.57 4.82 -28.13
C GLY B 643 -34.09 3.40 -28.26
N LYS B 644 -34.57 2.82 -27.16
CA LYS B 644 -35.11 1.47 -27.21
C LYS B 644 -36.46 1.44 -26.53
N ASP B 645 -37.22 0.37 -26.75
CA ASP B 645 -38.36 0.09 -25.91
C ASP B 645 -37.83 -0.26 -24.53
N LEU B 646 -38.16 0.57 -23.53
CA LEU B 646 -37.62 0.36 -22.19
C LEU B 646 -38.68 -0.07 -21.22
N VAL B 647 -38.27 -0.83 -20.23
CA VAL B 647 -39.11 -1.08 -19.09
C VAL B 647 -38.33 -0.74 -17.82
N ALA B 648 -38.96 -0.02 -16.91
CA ALA B 648 -38.37 0.21 -15.60
C ALA B 648 -38.87 -0.86 -14.61
N TRP B 649 -38.00 -1.24 -13.67
CA TRP B 649 -38.34 -2.20 -12.61
C TRP B 649 -38.08 -1.55 -11.27
N VAL B 650 -39.15 -1.43 -10.49
CA VAL B 650 -39.08 -0.75 -9.22
C VAL B 650 -39.31 -1.74 -8.09
N THR B 651 -38.39 -1.70 -7.13
CA THR B 651 -38.48 -2.41 -5.87
C THR B 651 -38.90 -1.42 -4.79
N ALA B 652 -39.89 -1.79 -4.00
CA ALA B 652 -40.34 -0.98 -2.87
C ALA B 652 -40.48 -1.92 -1.68
N GLY B 653 -40.13 -1.42 -0.49
CA GLY B 653 -40.05 -2.27 0.69
C GLY B 653 -39.61 -1.58 1.98
N PHE B 654 -39.55 -2.34 3.06
CA PHE B 654 -39.21 -1.79 4.38
C PHE B 654 -38.93 -2.91 5.37
N LEU B 655 -38.12 -2.60 6.37
CA LEU B 655 -37.90 -3.46 7.53
C LEU B 655 -39.09 -3.30 8.46
N HIS B 656 -39.47 -4.39 9.11
CA HIS B 656 -40.58 -4.36 10.04
C HIS B 656 -40.15 -5.11 11.28
N ILE B 657 -39.93 -4.37 12.36
CA ILE B 657 -39.68 -4.99 13.63
C ILE B 657 -40.99 -4.96 14.39
N PRO B 658 -41.63 -6.12 14.56
CA PRO B 658 -42.91 -6.17 15.24
C PRO B 658 -42.89 -5.56 16.63
N HIS B 659 -44.03 -5.00 17.03
CA HIS B 659 -44.16 -4.32 18.30
C HIS B 659 -45.61 -4.42 18.72
N ALA B 660 -45.91 -4.02 19.95
CA ALA B 660 -47.22 -4.27 20.56
C ALA B 660 -48.35 -3.81 19.68
N GLU B 661 -48.22 -2.62 19.09
CA GLU B 661 -49.35 -2.07 18.35
C GLU B 661 -49.58 -2.72 16.95
N ASP B 662 -48.81 -3.78 16.69
CA ASP B 662 -49.11 -4.74 15.62
C ASP B 662 -50.11 -5.81 16.06
N ILE B 663 -50.51 -5.78 17.34
CA ILE B 663 -51.47 -6.75 17.86
C ILE B 663 -52.85 -6.08 17.99
N PRO B 664 -53.89 -6.65 17.36
CA PRO B 664 -53.97 -7.92 16.63
C PRO B 664 -53.46 -7.87 15.19
N ASN B 665 -53.47 -6.69 14.58
CA ASN B 665 -53.08 -6.51 13.18
C ASN B 665 -52.08 -5.36 12.98
N THR B 666 -51.21 -5.49 11.99
CA THR B 666 -50.35 -4.38 11.56
C THR B 666 -51.20 -3.33 10.85
N VAL B 667 -51.03 -2.06 11.22
CA VAL B 667 -51.84 -1.02 10.60
C VAL B 667 -51.19 -0.55 9.31
N THR B 668 -51.96 0.10 8.44
CA THR B 668 -51.48 0.54 7.14
C THR B 668 -50.80 1.91 7.17
N VAL B 669 -50.97 2.67 8.27
CA VAL B 669 -50.45 4.04 8.39
C VAL B 669 -48.94 4.07 8.49
N GLY B 670 -48.33 4.84 7.59
CA GLY B 670 -46.88 4.95 7.49
C GLY B 670 -46.23 3.81 6.74
N ASN B 671 -46.99 2.75 6.44
CA ASN B 671 -46.46 1.52 5.87
C ASN B 671 -46.86 1.31 4.41
N GLY B 672 -47.05 2.41 3.71
CA GLY B 672 -47.45 2.36 2.32
C GLY B 672 -46.25 2.78 1.50
N VAL B 673 -45.69 1.85 0.74
CA VAL B 673 -44.51 2.14 -0.07
C VAL B 673 -44.84 1.90 -1.53
N GLY B 674 -44.17 2.62 -2.43
CA GLY B 674 -44.37 2.44 -3.86
C GLY B 674 -43.67 3.52 -4.65
N PHE B 675 -44.38 4.09 -5.63
CA PHE B 675 -43.80 5.11 -6.48
C PHE B 675 -44.80 5.93 -7.27
N PHE B 676 -44.33 7.09 -7.74
CA PHE B 676 -45.06 7.97 -8.63
C PHE B 676 -44.47 7.98 -10.03
N LEU B 677 -45.37 8.04 -11.01
CA LEU B 677 -44.99 8.32 -12.39
C LEU B 677 -45.57 9.68 -12.76
N ARG B 678 -44.70 10.69 -12.92
CA ARG B 678 -45.17 12.05 -13.14
C ARG B 678 -44.66 12.69 -14.39
N PRO B 679 -45.52 13.43 -15.08
CA PRO B 679 -45.19 14.05 -16.33
C PRO B 679 -44.14 15.13 -16.11
N TYR B 680 -43.08 15.12 -16.92
CA TYR B 680 -42.00 16.08 -16.82
C TYR B 680 -41.68 16.57 -18.21
N ASN B 681 -42.25 17.72 -18.56
CA ASN B 681 -42.15 18.29 -19.90
C ASN B 681 -42.80 17.39 -20.94
N PHE B 682 -43.74 16.56 -20.50
CA PHE B 682 -44.55 15.73 -21.35
C PHE B 682 -45.65 16.56 -22.02
N PHE B 683 -46.36 17.36 -21.23
CA PHE B 683 -47.38 18.25 -21.77
C PHE B 683 -46.78 19.64 -21.98
N ASP B 684 -47.57 20.56 -22.53
CA ASP B 684 -47.14 21.91 -22.81
C ASP B 684 -47.51 22.81 -21.65
N GLU B 685 -48.40 22.29 -20.80
CA GLU B 685 -48.88 22.96 -19.60
C GLU B 685 -49.60 21.90 -18.82
N ASP B 686 -50.00 22.20 -17.59
CA ASP B 686 -50.70 21.25 -16.72
C ASP B 686 -52.11 20.95 -17.26
N PRO B 687 -52.41 19.67 -17.56
CA PRO B 687 -53.71 19.32 -18.12
C PRO B 687 -54.87 19.79 -17.25
N SER B 688 -54.64 19.92 -15.95
CA SER B 688 -55.73 20.22 -15.02
C SER B 688 -56.19 21.66 -15.13
N PHE B 689 -55.48 22.48 -15.91
CA PHE B 689 -55.94 23.83 -16.25
C PHE B 689 -57.31 23.78 -16.95
N TYR B 690 -57.55 22.63 -17.60
CA TYR B 690 -58.71 22.33 -18.41
C TYR B 690 -59.74 21.51 -17.65
N SER B 691 -59.46 21.25 -16.38
CA SER B 691 -60.40 20.50 -15.57
C SER B 691 -61.80 21.10 -15.64
N ALA B 692 -62.80 20.24 -15.69
CA ALA B 692 -64.19 20.66 -15.63
C ALA B 692 -64.55 21.13 -14.21
N ASP B 693 -63.77 20.70 -13.21
CA ASP B 693 -64.10 20.89 -11.79
C ASP B 693 -63.30 22.02 -11.16
N SER B 694 -62.53 22.69 -12.00
CA SER B 694 -61.65 23.77 -11.59
C SER B 694 -62.47 24.98 -11.15
N ILE B 695 -61.96 25.69 -10.14
CA ILE B 695 -62.65 26.85 -9.59
C ILE B 695 -61.83 28.14 -9.65
N TYR B 696 -62.48 29.19 -10.13
CA TYR B 696 -61.86 30.50 -10.27
C TYR B 696 -62.87 31.60 -10.05
N PHE B 697 -62.44 32.65 -9.37
CA PHE B 697 -63.24 33.87 -9.22
C PHE B 697 -62.36 35.05 -8.86
N ARG B 698 -62.77 36.23 -9.29
CA ARG B 698 -62.06 37.46 -8.95
C ARG B 698 -62.57 37.99 -7.62
N GLY B 699 -61.80 38.90 -7.03
CA GLY B 699 -62.21 39.59 -5.81
C GLY B 699 -63.35 40.58 -6.01
N ASP B 700 -63.57 40.98 -7.27
CA ASP B 700 -64.69 41.86 -7.64
C ASP B 700 -65.83 41.16 -8.41
N GLN B 701 -66.10 39.91 -8.02
CA GLN B 701 -67.34 39.21 -8.43
C GLN B 701 -67.88 38.34 -7.30
N ASP B 702 -69.16 37.98 -7.40
CA ASP B 702 -69.83 37.24 -6.33
C ASP B 702 -69.46 35.74 -6.38
N ALA B 703 -68.60 35.33 -5.45
CA ALA B 703 -68.21 33.93 -5.29
C ALA B 703 -69.38 33.09 -4.74
N GLY B 704 -70.43 33.76 -4.27
CA GLY B 704 -71.63 33.10 -3.80
C GLY B 704 -72.65 32.80 -4.90
N ALA B 705 -72.44 33.38 -6.09
CA ALA B 705 -73.36 33.20 -7.23
C ALA B 705 -73.01 32.01 -8.12
N CYS B 706 -74.04 31.33 -8.64
CA CYS B 706 -73.90 30.10 -9.43
C CYS B 706 -73.16 30.26 -10.77
N GLU B 707 -73.32 31.41 -11.42
CA GLU B 707 -72.65 31.69 -12.71
C GLU B 707 -71.13 31.82 -12.56
N VAL B 708 -70.70 32.23 -11.36
CA VAL B 708 -69.29 32.48 -11.06
C VAL B 708 -68.60 31.24 -10.48
N ASN B 709 -69.27 30.60 -9.51
CA ASN B 709 -68.71 29.46 -8.77
C ASN B 709 -69.66 28.25 -8.73
N PRO B 710 -69.30 27.17 -9.47
CA PRO B 710 -70.02 25.88 -9.46
C PRO B 710 -70.15 25.21 -8.09
N LEU B 711 -69.31 25.64 -7.14
CA LEU B 711 -69.35 25.15 -5.78
C LEU B 711 -70.49 25.80 -4.98
N ALA B 712 -70.98 26.93 -5.47
CA ALA B 712 -72.10 27.62 -4.83
C ALA B 712 -73.43 26.95 -5.15
N CYS B 713 -73.47 26.17 -6.24
CA CYS B 713 -74.65 25.38 -6.62
C CYS B 713 -74.70 24.04 -5.89
N LEU B 714 -73.65 23.74 -5.11
CA LEU B 714 -73.54 22.46 -4.40
C LEU B 714 -74.59 22.25 -3.31
N PRO B 715 -74.82 23.25 -2.43
CA PRO B 715 -75.96 23.16 -1.51
C PRO B 715 -77.23 22.67 -2.20
N GLN B 716 -77.59 23.28 -3.33
CA GLN B 716 -78.76 22.86 -4.10
C GLN B 716 -78.55 21.53 -4.82
N ALA B 717 -77.45 21.43 -5.58
CA ALA B 717 -77.18 20.28 -6.46
C ALA B 717 -76.53 19.07 -5.77
N ALA B 718 -76.72 18.96 -4.44
CA ALA B 718 -76.30 17.78 -3.68
C ALA B 718 -77.26 17.52 -2.52
N ALA B 719 -78.51 17.96 -2.70
CA ALA B 719 -79.54 17.85 -1.67
C ALA B 719 -80.41 16.60 -1.81
N CYS B 720 -79.84 15.56 -2.43
CA CYS B 720 -80.51 14.26 -2.53
C CYS B 720 -80.00 13.28 -1.47
N ALA B 721 -80.75 12.19 -1.27
CA ALA B 721 -80.33 11.10 -0.38
C ALA B 721 -79.47 10.10 -1.13
N PRO B 722 -78.19 9.94 -0.70
CA PRO B 722 -77.22 9.01 -1.31
C PRO B 722 -77.79 7.65 -1.69
N ASP B 723 -77.58 7.24 -2.94
CA ASP B 723 -78.06 5.96 -3.44
C ASP B 723 -77.13 4.83 -2.99
N LEU B 724 -77.63 3.95 -2.13
CA LEU B 724 -76.79 2.92 -1.52
C LEU B 724 -77.39 1.52 -1.67
N PRO B 725 -76.63 0.60 -2.30
CA PRO B 725 -77.06 -0.80 -2.39
C PRO B 725 -77.12 -1.51 -1.03
N ALA B 726 -77.94 -2.55 -0.92
CA ALA B 726 -78.01 -3.37 0.29
C ALA B 726 -76.66 -4.05 0.47
N PHE B 727 -76.19 -4.14 1.72
CA PHE B 727 -74.88 -4.75 1.99
C PHE B 727 -74.88 -6.26 1.73
N SER B 728 -73.95 -6.71 0.88
CA SER B 728 -73.73 -8.13 0.62
C SER B 728 -72.24 -8.46 0.64
N HIS B 729 -71.89 -9.56 1.30
CA HIS B 729 -70.53 -10.09 1.30
C HIS B 729 -70.55 -11.55 0.87
N GLY B 730 -69.72 -11.89 -0.11
CA GLY B 730 -69.70 -13.26 -0.62
C GLY B 730 -68.31 -13.82 -0.86
N GLY B 731 -67.88 -14.72 0.02
CA GLY B 731 -66.65 -15.46 -0.22
C GLY B 731 -65.92 -15.97 1.00
N PHE B 732 -66.13 -17.25 1.30
CA PHE B 732 -65.30 -18.00 2.25
C PHE B 732 -65.17 -19.43 1.72
N SER B 733 -64.09 -19.69 0.99
CA SER B 733 -63.86 -20.99 0.33
C SER B 733 -63.43 -22.11 1.29
N HIS B 734 -64.15 -23.10 1.49
N CYS C 13 13.43 -6.32 9.80
CA CYS C 13 14.24 -6.21 8.56
C CYS C 13 13.66 -7.09 7.46
N GLN C 30 19.36 -23.89 -18.51
CA GLN C 30 20.59 -23.63 -17.74
C GLN C 30 21.75 -24.57 -18.15
N LEU C 31 22.47 -24.20 -19.21
CA LEU C 31 23.41 -25.15 -19.85
C LEU C 31 24.72 -25.47 -19.12
N PHE C 32 25.02 -24.74 -18.04
CA PHE C 32 26.25 -25.00 -17.30
C PHE C 32 25.93 -25.54 -15.91
N ALA C 33 24.65 -25.80 -15.66
CA ALA C 33 24.24 -26.32 -14.38
C ALA C 33 24.70 -27.77 -14.22
N ASP C 34 25.34 -28.08 -13.10
CA ASP C 34 25.71 -29.48 -12.81
C ASP C 34 24.49 -30.39 -12.90
N LEU C 35 24.71 -31.63 -13.36
CA LEU C 35 23.64 -32.61 -13.39
C LEU C 35 22.93 -32.72 -12.05
N SER C 36 21.61 -32.68 -12.08
CA SER C 36 20.79 -32.83 -10.87
C SER C 36 20.56 -34.32 -10.52
N ARG C 37 20.02 -34.56 -9.32
CA ARG C 37 19.64 -35.89 -8.86
C ARG C 37 18.99 -36.72 -9.97
N GLU C 38 17.83 -36.24 -10.44
CA GLU C 38 17.06 -36.88 -11.49
C GLU C 38 17.89 -37.24 -12.72
N GLU C 39 18.70 -36.29 -13.17
CA GLU C 39 19.56 -36.47 -14.35
C GLU C 39 20.61 -37.58 -14.14
N LEU C 40 21.36 -37.49 -13.05
CA LEU C 40 22.32 -38.51 -12.66
C LEU C 40 21.68 -39.90 -12.64
N THR C 41 20.50 -40.00 -12.02
CA THR C 41 19.76 -41.24 -11.92
C THR C 41 19.38 -41.75 -13.31
N ALA C 42 19.05 -40.83 -14.21
CA ALA C 42 18.72 -41.20 -15.59
C ALA C 42 19.92 -41.81 -16.33
N VAL C 43 21.09 -41.21 -16.19
CA VAL C 43 22.33 -41.70 -16.84
C VAL C 43 22.69 -43.07 -16.31
N MET C 44 22.65 -43.20 -14.98
CA MET C 44 22.96 -44.43 -14.27
C MET C 44 22.00 -45.57 -14.62
N ARG C 45 20.72 -45.26 -14.72
CA ARG C 45 19.69 -46.22 -15.13
C ARG C 45 19.97 -46.68 -16.55
N PHE C 46 20.38 -45.74 -17.39
CA PHE C 46 20.69 -46.02 -18.79
C PHE C 46 21.98 -46.80 -18.91
N LEU C 47 22.93 -46.52 -18.03
CA LEU C 47 24.20 -47.25 -18.05
C LEU C 47 24.02 -48.70 -17.61
N THR C 48 23.17 -48.92 -16.60
CA THR C 48 22.91 -50.29 -16.12
C THR C 48 22.25 -51.16 -17.19
N GLN C 49 21.73 -50.55 -18.25
CA GLN C 49 21.10 -51.27 -19.36
C GLN C 49 22.05 -51.57 -20.53
N ARG C 50 22.81 -50.57 -20.97
CA ARG C 50 23.69 -50.77 -22.13
C ARG C 50 24.99 -51.49 -21.76
N LEU C 51 25.38 -51.42 -20.49
CA LEU C 51 26.63 -52.08 -20.06
C LEU C 51 26.47 -53.55 -19.61
N GLY C 52 25.29 -54.12 -19.87
CA GLY C 52 25.02 -55.54 -19.60
C GLY C 52 25.08 -55.86 -18.12
N PRO C 53 25.04 -57.16 -17.77
CA PRO C 53 24.88 -57.57 -16.37
C PRO C 53 26.16 -57.54 -15.55
N GLY C 54 27.32 -57.54 -16.19
CA GLY C 54 28.61 -57.54 -15.47
C GLY C 54 28.93 -56.30 -14.62
N LEU C 55 27.97 -55.38 -14.54
CA LEU C 55 28.15 -54.11 -13.84
C LEU C 55 27.84 -54.21 -12.35
N VAL C 56 28.83 -53.87 -11.53
CA VAL C 56 28.74 -53.99 -10.08
C VAL C 56 28.85 -52.61 -9.45
N ASP C 57 28.12 -52.40 -8.35
CA ASP C 57 28.26 -51.22 -7.51
C ASP C 57 29.74 -50.92 -7.19
N ALA C 58 30.18 -49.70 -7.48
CA ALA C 58 31.57 -49.27 -7.28
C ALA C 58 31.96 -49.19 -5.80
N ALA C 59 30.99 -48.83 -4.95
CA ALA C 59 31.20 -48.78 -3.50
C ALA C 59 31.80 -50.07 -2.90
N GLN C 60 31.71 -51.18 -3.62
CA GLN C 60 32.35 -52.39 -3.14
C GLN C 60 32.95 -53.27 -4.23
N ALA C 61 33.27 -52.64 -5.35
CA ALA C 61 33.86 -53.32 -6.50
C ALA C 61 35.27 -53.83 -6.23
N ARG C 62 35.48 -55.09 -6.61
CA ARG C 62 36.81 -55.69 -6.67
C ARG C 62 37.56 -55.09 -7.85
N PRO C 63 38.91 -55.15 -7.85
CA PRO C 63 39.67 -54.54 -8.93
C PRO C 63 39.37 -55.14 -10.31
N SER C 64 38.97 -56.41 -10.34
CA SER C 64 38.63 -57.11 -11.58
C SER C 64 37.12 -57.01 -12.00
N ASP C 65 36.37 -56.16 -11.31
CA ASP C 65 34.96 -55.93 -11.65
C ASP C 65 34.81 -54.86 -12.72
N ASN C 66 33.64 -54.81 -13.32
CA ASN C 66 33.21 -53.65 -14.06
C ASN C 66 32.37 -52.79 -13.12
N CYS C 67 32.69 -51.49 -13.04
CA CYS C 67 31.89 -50.57 -12.26
C CYS C 67 32.01 -49.14 -12.81
N VAL C 68 30.97 -48.35 -12.60
CA VAL C 68 30.97 -46.94 -12.97
C VAL C 68 31.65 -46.15 -11.86
N PHE C 69 32.76 -45.51 -12.19
CA PHE C 69 33.53 -44.76 -11.22
C PHE C 69 32.88 -43.41 -10.96
N SER C 70 32.36 -42.78 -12.01
CA SER C 70 31.75 -41.47 -11.85
C SER C 70 30.80 -41.12 -12.97
N VAL C 71 29.81 -40.28 -12.63
CA VAL C 71 28.94 -39.63 -13.61
C VAL C 71 28.86 -38.15 -13.23
N GLU C 72 29.19 -37.28 -14.17
CA GLU C 72 29.03 -35.83 -13.99
C GLU C 72 28.75 -35.15 -15.33
N LEU C 73 28.54 -33.85 -15.30
CA LEU C 73 28.23 -33.08 -16.51
C LEU C 73 29.41 -33.02 -17.50
N GLN C 74 29.12 -33.32 -18.76
CA GLN C 74 30.01 -33.01 -19.88
C GLN C 74 29.67 -31.60 -20.31
N LEU C 75 30.64 -30.69 -20.15
CA LEU C 75 30.46 -29.30 -20.56
C LEU C 75 30.22 -29.18 -22.07
N PRO C 76 29.20 -28.37 -22.47
CA PRO C 76 28.78 -28.24 -23.86
C PRO C 76 29.84 -27.56 -24.71
N PRO C 77 29.89 -27.89 -26.02
CA PRO C 77 30.78 -27.17 -26.95
C PRO C 77 30.54 -25.66 -26.94
N LYS C 78 31.61 -24.88 -27.00
CA LYS C 78 31.51 -23.45 -26.84
C LYS C 78 30.71 -22.82 -28.00
N ALA C 79 31.05 -23.15 -29.23
CA ALA C 79 30.39 -22.49 -30.37
C ALA C 79 28.88 -22.56 -30.21
N ALA C 80 28.35 -23.75 -29.88
CA ALA C 80 26.89 -23.95 -29.81
C ALA C 80 26.30 -23.36 -28.54
N ALA C 81 27.10 -23.33 -27.47
CA ALA C 81 26.66 -22.64 -26.24
C ALA C 81 26.46 -21.14 -26.51
N LEU C 82 27.45 -20.51 -27.14
CA LEU C 82 27.41 -19.12 -27.55
C LEU C 82 26.29 -18.81 -28.55
N ALA C 83 25.99 -19.76 -29.42
CA ALA C 83 24.91 -19.59 -30.39
C ALA C 83 23.57 -19.47 -29.66
N HIS C 84 23.33 -20.37 -28.70
CA HIS C 84 22.11 -20.34 -27.90
C HIS C 84 22.03 -19.07 -27.05
N LEU C 85 23.15 -18.68 -26.46
CA LEU C 85 23.16 -17.53 -25.55
C LEU C 85 23.08 -16.16 -26.25
N ASP C 86 23.60 -16.09 -27.47
CA ASP C 86 23.75 -14.81 -28.16
C ASP C 86 22.81 -14.63 -29.32
N ARG C 87 22.54 -15.71 -30.05
CA ARG C 87 21.66 -15.65 -31.22
C ARG C 87 20.31 -16.33 -30.98
N GLY C 88 20.21 -17.09 -29.89
CA GLY C 88 18.95 -17.79 -29.59
C GLY C 88 18.73 -19.09 -30.34
N SER C 89 19.82 -19.72 -30.78
CA SER C 89 19.77 -21.06 -31.39
C SER C 89 19.35 -22.13 -30.36
N PRO C 90 18.93 -23.33 -30.85
CA PRO C 90 18.54 -24.39 -29.91
C PRO C 90 19.71 -24.75 -29.00
N PRO C 91 19.41 -25.13 -27.73
CA PRO C 91 20.50 -25.42 -26.80
C PRO C 91 21.30 -26.60 -27.31
N PRO C 92 22.59 -26.68 -26.97
CA PRO C 92 23.31 -27.91 -27.31
C PRO C 92 22.83 -29.00 -26.37
N ALA C 93 22.70 -30.21 -26.90
CA ALA C 93 22.26 -31.36 -26.12
C ALA C 93 22.98 -31.49 -24.76
N ARG C 94 22.19 -31.60 -23.70
CA ARG C 94 22.70 -31.85 -22.37
C ARG C 94 23.24 -33.27 -22.31
N GLU C 95 24.53 -33.38 -21.98
CA GLU C 95 25.22 -34.66 -21.92
C GLU C 95 25.96 -34.86 -20.61
N ALA C 96 26.23 -36.11 -20.27
CA ALA C 96 27.00 -36.48 -19.09
C ALA C 96 28.28 -37.20 -19.50
N LEU C 97 29.33 -37.07 -18.71
CA LEU C 97 30.49 -37.96 -18.87
C LEU C 97 30.57 -39.02 -17.77
N ALA C 98 30.50 -40.28 -18.18
CA ALA C 98 30.66 -41.44 -17.29
C ALA C 98 32.06 -42.04 -17.42
N ILE C 99 32.70 -42.25 -16.28
CA ILE C 99 33.99 -42.93 -16.23
C ILE C 99 33.76 -44.35 -15.73
N VAL C 100 34.10 -45.34 -16.54
CA VAL C 100 33.86 -46.73 -16.21
C VAL C 100 35.16 -47.52 -16.09
N PHE C 101 35.24 -48.36 -15.06
CA PHE C 101 36.37 -49.26 -14.86
C PHE C 101 36.02 -50.63 -15.39
N PHE C 102 36.57 -50.96 -16.56
CA PHE C 102 36.38 -52.29 -17.13
C PHE C 102 37.48 -53.25 -16.66
N GLY C 103 37.32 -53.78 -15.44
CA GLY C 103 38.23 -54.78 -14.90
C GLY C 103 37.91 -56.22 -15.30
N ARG C 104 36.67 -56.49 -15.69
CA ARG C 104 36.18 -57.85 -15.96
C ARG C 104 36.36 -58.26 -17.43
N GLN C 105 37.61 -58.32 -17.88
CA GLN C 105 37.95 -58.65 -19.27
C GLN C 105 39.44 -58.95 -19.41
N PRO C 106 39.84 -59.66 -20.49
CA PRO C 106 41.25 -59.99 -20.75
C PRO C 106 42.19 -58.79 -20.68
N GLN C 107 41.86 -57.70 -21.36
CA GLN C 107 42.67 -56.45 -21.31
C GLN C 107 41.90 -55.34 -20.61
N PRO C 108 42.07 -55.21 -19.27
CA PRO C 108 41.32 -54.23 -18.50
C PRO C 108 41.67 -52.82 -18.94
N ASN C 109 40.65 -51.98 -19.14
CA ASN C 109 40.85 -50.56 -19.39
C ASN C 109 39.91 -49.68 -18.56
N VAL C 110 40.09 -48.37 -18.66
CA VAL C 110 39.08 -47.45 -18.20
C VAL C 110 38.64 -46.63 -19.40
N SER C 111 37.34 -46.50 -19.57
CA SER C 111 36.77 -45.76 -20.70
C SER C 111 35.97 -44.55 -20.24
N GLU C 112 35.96 -43.52 -21.07
CA GLU C 112 35.12 -42.37 -20.87
C GLU C 112 33.96 -42.47 -21.81
N LEU C 113 32.76 -42.23 -21.29
CA LEU C 113 31.55 -42.44 -22.09
C LEU C 113 30.66 -41.21 -22.03
N VAL C 114 30.36 -40.66 -23.21
CA VAL C 114 29.40 -39.58 -23.33
C VAL C 114 28.02 -40.22 -23.42
N VAL C 115 27.15 -39.86 -22.50
CA VAL C 115 25.79 -40.37 -22.47
C VAL C 115 24.89 -39.17 -22.63
N GLY C 116 23.87 -39.31 -23.47
CA GLY C 116 22.90 -38.24 -23.71
C GLY C 116 21.78 -38.70 -24.62
N PRO C 117 20.79 -37.81 -24.89
CA PRO C 117 20.65 -36.47 -24.30
C PRO C 117 19.86 -36.50 -22.98
N LEU C 118 19.80 -35.36 -22.29
CA LEU C 118 18.97 -35.27 -21.09
C LEU C 118 17.76 -34.42 -21.43
N PRO C 119 16.60 -34.71 -20.81
CA PRO C 119 16.49 -35.53 -19.60
C PRO C 119 16.29 -37.04 -19.84
N HIS C 120 16.11 -37.46 -21.09
CA HIS C 120 15.92 -38.89 -21.40
C HIS C 120 16.94 -39.48 -22.38
N PRO C 121 17.98 -40.15 -21.84
CA PRO C 121 19.17 -40.62 -22.57
C PRO C 121 18.86 -41.61 -23.68
N SER C 122 19.65 -41.54 -24.76
CA SER C 122 19.37 -42.30 -25.97
C SER C 122 20.62 -42.92 -26.60
N TYR C 123 21.80 -42.36 -26.30
CA TYR C 123 23.04 -42.88 -26.88
C TYR C 123 24.17 -42.96 -25.88
N MET C 124 25.24 -43.64 -26.28
CA MET C 124 26.44 -43.80 -25.48
C MET C 124 27.61 -43.94 -26.44
N ARG C 125 28.61 -43.08 -26.25
CA ARG C 125 29.73 -42.98 -27.17
C ARG C 125 31.05 -43.11 -26.40
N ASP C 126 31.91 -44.02 -26.85
CA ASP C 126 33.26 -44.16 -26.30
C ASP C 126 34.20 -43.10 -26.88
N VAL C 127 34.47 -42.07 -26.09
CA VAL C 127 35.32 -40.96 -26.54
C VAL C 127 36.79 -41.10 -26.11
N THR C 128 37.11 -42.26 -25.52
CA THR C 128 38.46 -42.53 -24.99
C THR C 128 39.55 -42.41 -26.05
N VAL C 129 39.46 -43.22 -27.11
CA VAL C 129 40.46 -43.26 -28.18
C VAL C 129 40.58 -41.90 -28.85
N GLU C 130 39.43 -41.36 -29.22
CA GLU C 130 39.25 -39.98 -29.65
C GLU C 130 40.09 -38.96 -28.87
N ARG C 131 39.92 -38.92 -27.54
CA ARG C 131 40.63 -37.95 -26.68
C ARG C 131 42.08 -38.32 -26.38
N HIS C 132 42.41 -39.60 -26.45
CA HIS C 132 43.66 -40.08 -25.87
C HIS C 132 44.61 -40.89 -26.76
N GLY C 133 44.24 -41.07 -28.02
CA GLY C 133 45.15 -41.71 -28.98
C GLY C 133 45.12 -43.23 -28.94
N GLY C 134 44.49 -43.77 -27.90
CA GLY C 134 44.37 -45.20 -27.68
C GLY C 134 43.65 -45.45 -26.35
N PRO C 135 43.70 -46.69 -25.83
CA PRO C 135 42.96 -46.98 -24.58
C PRO C 135 43.64 -46.33 -23.38
N LEU C 136 42.91 -46.14 -22.29
CA LEU C 136 43.52 -45.72 -21.04
C LEU C 136 43.99 -46.96 -20.28
N PRO C 137 45.32 -47.07 -20.02
CA PRO C 137 45.81 -48.24 -19.31
C PRO C 137 45.28 -48.27 -17.87
N TYR C 138 45.02 -49.47 -17.37
CA TYR C 138 44.25 -49.67 -16.14
C TYR C 138 44.89 -49.11 -14.86
N HIS C 139 46.22 -49.20 -14.74
CA HIS C 139 46.93 -48.70 -13.55
C HIS C 139 46.74 -47.19 -13.35
N ARG C 140 46.11 -46.53 -14.31
CA ARG C 140 45.87 -45.11 -14.18
C ARG C 140 44.63 -44.83 -13.37
N ARG C 141 43.75 -45.82 -13.28
CA ARG C 141 42.50 -45.59 -12.57
C ARG C 141 42.80 -45.21 -11.13
N PRO C 142 42.12 -44.16 -10.61
CA PRO C 142 42.19 -43.82 -9.18
C PRO C 142 41.92 -45.03 -8.29
N VAL C 143 42.40 -44.98 -7.06
CA VAL C 143 42.19 -46.06 -6.08
C VAL C 143 40.78 -45.96 -5.51
N LEU C 144 40.02 -47.06 -5.55
CA LEU C 144 38.64 -47.06 -5.03
C LEU C 144 38.59 -47.05 -3.50
N PHE C 145 37.48 -46.58 -2.94
CA PHE C 145 37.26 -46.67 -1.49
C PHE C 145 37.38 -48.11 -1.04
N GLN C 146 36.75 -49.00 -1.83
CA GLN C 146 36.84 -50.45 -1.62
C GLN C 146 38.28 -50.97 -1.76
N GLU C 147 39.04 -50.40 -2.68
CA GLU C 147 40.46 -50.74 -2.79
C GLU C 147 41.23 -50.30 -1.54
N TYR C 148 40.91 -49.13 -0.98
CA TYR C 148 41.54 -48.69 0.27
C TYR C 148 41.19 -49.63 1.42
N LEU C 149 39.93 -50.10 1.45
CA LEU C 149 39.48 -51.07 2.45
C LEU C 149 40.26 -52.37 2.40
N ASP C 150 40.39 -52.93 1.20
CA ASP C 150 41.14 -54.18 1.00
C ASP C 150 42.59 -54.01 1.41
N ILE C 151 43.12 -52.79 1.25
CA ILE C 151 44.49 -52.50 1.65
C ILE C 151 44.62 -52.52 3.18
N ASP C 152 43.65 -51.97 3.87
CA ASP C 152 43.66 -51.98 5.31
C ASP C 152 43.47 -53.38 5.86
N GLN C 153 42.70 -54.20 5.15
CA GLN C 153 42.50 -55.56 5.60
C GLN C 153 43.82 -56.29 5.54
N MET C 154 44.53 -56.12 4.43
CA MET C 154 45.86 -56.71 4.30
C MET C 154 46.79 -56.23 5.42
N ILE C 155 46.80 -54.91 5.67
CA ILE C 155 47.67 -54.34 6.70
C ILE C 155 47.33 -54.84 8.10
N PHE C 156 46.09 -54.66 8.51
CA PHE C 156 45.68 -54.98 9.87
C PHE C 156 45.44 -56.46 10.13
N ASN C 157 45.00 -57.21 9.13
CA ASN C 157 44.75 -58.64 9.34
C ASN C 157 45.97 -59.52 9.10
N ARG C 158 46.69 -59.28 8.02
CA ARG C 158 47.79 -60.16 7.64
C ARG C 158 49.16 -59.62 8.06
N GLU C 159 49.34 -58.30 8.00
CA GLU C 159 50.68 -57.72 8.16
C GLU C 159 51.05 -57.30 9.59
N LEU C 160 50.32 -56.34 10.16
CA LEU C 160 50.65 -55.84 11.50
C LEU C 160 50.73 -56.90 12.63
N PRO C 161 49.86 -57.94 12.61
CA PRO C 161 50.02 -59.00 13.60
C PRO C 161 51.41 -59.62 13.62
N GLN C 162 52.14 -59.55 12.50
CA GLN C 162 53.50 -60.08 12.42
C GLN C 162 54.52 -59.32 13.28
N ALA C 163 54.25 -58.04 13.55
CA ALA C 163 55.08 -57.23 14.46
C ALA C 163 54.34 -56.95 15.77
N SER C 164 53.44 -57.85 16.12
CA SER C 164 52.61 -57.76 17.31
C SER C 164 53.38 -57.35 18.56
N GLY C 165 54.55 -57.96 18.79
CA GLY C 165 55.35 -57.66 19.97
C GLY C 165 55.81 -56.21 20.02
N LEU C 166 56.30 -55.70 18.89
CA LEU C 166 56.76 -54.34 18.81
C LEU C 166 55.61 -53.35 18.97
N LEU C 167 54.53 -53.57 18.23
CA LEU C 167 53.39 -52.67 18.28
C LEU C 167 52.79 -52.62 19.70
N HIS C 168 52.77 -53.77 20.37
CA HIS C 168 52.38 -53.81 21.79
C HIS C 168 53.20 -52.89 22.65
N HIS C 169 54.50 -52.81 22.34
CA HIS C 169 55.46 -52.08 23.15
C HIS C 169 55.46 -50.58 22.82
N CYS C 170 55.28 -50.22 21.54
CA CYS C 170 55.37 -48.81 21.13
C CYS C 170 54.06 -48.08 21.05
N CYS C 171 52.99 -48.80 20.76
CA CYS C 171 51.87 -48.20 20.07
C CYS C 171 50.51 -48.59 20.61
N PHE C 172 50.48 -49.09 21.84
CA PHE C 172 49.24 -49.44 22.54
C PHE C 172 48.36 -50.36 21.69
N TYR C 173 49.03 -51.19 20.88
CA TYR C 173 48.38 -52.12 19.97
C TYR C 173 47.72 -53.23 20.76
N LYS C 174 46.50 -53.56 20.35
CA LYS C 174 45.76 -54.66 20.96
C LYS C 174 45.19 -55.57 19.88
N HIS C 175 45.37 -56.88 20.09
CA HIS C 175 45.05 -57.93 19.10
C HIS C 175 43.74 -57.67 18.31
N ARG C 176 43.91 -57.38 17.02
CA ARG C 176 42.81 -57.04 16.09
C ARG C 176 41.94 -55.80 16.44
N GLY C 177 42.03 -55.32 17.69
CA GLY C 177 41.56 -53.97 18.02
C GLY C 177 42.34 -53.00 17.12
N ARG C 178 41.67 -51.96 16.63
CA ARG C 178 42.30 -51.01 15.68
C ARG C 178 42.45 -49.58 16.21
N ASN C 179 43.51 -49.33 16.96
CA ASN C 179 43.82 -47.99 17.46
C ASN C 179 44.69 -47.18 16.48
N LEU C 180 45.07 -47.79 15.36
CA LEU C 180 45.88 -47.12 14.33
C LEU C 180 45.12 -46.99 13.02
N VAL C 181 45.51 -46.01 12.21
CA VAL C 181 44.89 -45.73 10.91
C VAL C 181 45.99 -45.44 9.88
N THR C 182 45.69 -45.67 8.61
CA THR C 182 46.67 -45.44 7.55
C THR C 182 46.36 -44.15 6.83
N MET C 183 47.37 -43.54 6.24
CA MET C 183 47.16 -42.46 5.26
C MET C 183 47.93 -42.70 3.96
N THR C 184 47.22 -42.64 2.84
CA THR C 184 47.84 -42.86 1.54
C THR C 184 48.81 -41.73 1.15
N THR C 185 49.78 -42.05 0.29
CA THR C 185 50.52 -41.01 -0.40
C THR C 185 50.28 -41.18 -1.90
N ALA C 186 50.93 -40.33 -2.71
CA ALA C 186 50.89 -40.44 -4.16
C ALA C 186 52.10 -39.68 -4.74
N PRO C 187 52.58 -40.07 -5.94
CA PRO C 187 52.05 -41.09 -6.81
C PRO C 187 52.47 -42.46 -6.30
N ARG C 188 52.06 -43.53 -6.98
CA ARG C 188 52.20 -44.83 -6.39
C ARG C 188 53.27 -45.67 -7.08
N GLY C 189 54.53 -45.29 -6.85
CA GLY C 189 55.64 -46.01 -7.43
C GLY C 189 56.69 -45.11 -8.01
N LEU C 190 57.39 -45.61 -9.04
CA LEU C 190 58.57 -44.95 -9.60
C LEU C 190 58.58 -44.88 -11.14
N GLN C 191 57.68 -45.62 -11.79
CA GLN C 191 57.59 -45.62 -13.25
C GLN C 191 56.20 -46.00 -13.76
N SER C 192 55.93 -45.67 -15.03
CA SER C 192 54.62 -45.98 -15.59
C SER C 192 54.29 -47.47 -15.41
N GLY C 193 53.08 -47.75 -14.92
CA GLY C 193 52.63 -49.10 -14.66
C GLY C 193 52.62 -49.48 -13.18
N ASP C 194 53.27 -48.69 -12.34
CA ASP C 194 53.35 -49.00 -10.91
C ASP C 194 52.08 -48.65 -10.15
N ARG C 195 51.83 -49.42 -9.11
CA ARG C 195 50.75 -49.11 -8.20
C ARG C 195 51.23 -49.56 -6.84
N ALA C 196 52.27 -48.88 -6.36
CA ALA C 196 52.88 -49.18 -5.07
C ALA C 196 52.88 -47.94 -4.19
N THR C 197 52.20 -48.01 -3.05
CA THR C 197 51.91 -46.83 -2.25
C THR C 197 52.54 -46.91 -0.87
N TRP C 198 53.24 -45.85 -0.47
CA TRP C 198 53.69 -45.72 0.91
C TRP C 198 52.51 -45.24 1.74
N PHE C 199 52.14 -46.05 2.73
CA PHE C 199 51.15 -45.66 3.72
C PHE C 199 51.83 -45.39 5.04
N GLY C 200 51.62 -44.22 5.61
CA GLY C 200 52.00 -43.95 7.00
C GLY C 200 50.96 -44.47 7.98
N LEU C 201 51.40 -44.74 9.21
CA LEU C 201 50.52 -45.24 10.27
C LEU C 201 50.41 -44.28 11.44
N TYR C 202 49.18 -44.04 11.87
CA TYR C 202 48.88 -42.97 12.82
C TYR C 202 47.96 -43.44 13.92
N TYR C 203 48.06 -42.80 15.09
CA TYR C 203 47.08 -43.03 16.15
C TYR C 203 45.73 -42.52 15.68
N ASN C 204 44.68 -43.24 16.04
CA ASN C 204 43.33 -42.86 15.69
C ASN C 204 42.81 -41.91 16.76
N ILE C 205 43.19 -40.65 16.65
CA ILE C 205 42.77 -39.62 17.62
C ILE C 205 41.27 -39.37 17.50
N SER C 206 40.58 -39.36 18.63
CA SER C 206 39.14 -39.08 18.64
C SER C 206 38.86 -37.57 18.58
N GLY C 207 38.10 -37.14 17.58
CA GLY C 207 37.67 -35.75 17.47
C GLY C 207 38.71 -34.69 17.10
N ALA C 208 39.90 -35.11 16.68
CA ALA C 208 40.94 -34.20 16.27
C ALA C 208 41.82 -34.85 15.22
N GLY C 209 42.65 -34.04 14.58
CA GLY C 209 43.47 -34.51 13.45
C GLY C 209 44.47 -35.57 13.87
N PHE C 210 44.46 -36.67 13.13
CA PHE C 210 45.33 -37.78 13.45
C PHE C 210 46.73 -37.58 12.81
N PHE C 211 46.82 -36.59 11.92
CA PHE C 211 47.99 -36.31 11.09
C PHE C 211 49.21 -35.84 11.87
N LEU C 212 49.01 -35.40 13.09
CA LEU C 212 50.10 -34.94 13.94
C LEU C 212 50.58 -36.04 14.88
N HIS C 213 50.24 -37.29 14.55
CA HIS C 213 50.52 -38.42 15.42
C HIS C 213 51.00 -39.64 14.66
N HIS C 214 52.07 -39.43 13.91
CA HIS C 214 52.71 -40.44 13.12
C HIS C 214 53.47 -41.37 14.05
N VAL C 215 53.14 -42.66 13.93
CA VAL C 215 53.61 -43.69 14.81
C VAL C 215 55.05 -44.11 14.49
N GLY C 216 55.56 -43.65 13.35
CA GLY C 216 56.93 -43.91 12.93
C GLY C 216 57.03 -45.04 11.94
N LEU C 217 55.90 -45.71 11.73
CA LEU C 217 55.84 -46.86 10.84
C LEU C 217 55.26 -46.51 9.46
N GLU C 218 55.99 -46.86 8.41
CA GLU C 218 55.48 -46.68 7.05
C GLU C 218 55.67 -47.98 6.31
N LEU C 219 54.70 -48.30 5.47
CA LEU C 219 54.73 -49.55 4.71
C LEU C 219 54.51 -49.24 3.25
N LEU C 220 55.33 -49.88 2.41
CA LEU C 220 55.19 -49.75 0.97
C LEU C 220 54.39 -50.95 0.49
N VAL C 221 53.19 -50.68 -0.01
CA VAL C 221 52.23 -51.70 -0.39
C VAL C 221 52.12 -51.81 -1.89
N ASN C 222 52.43 -52.99 -2.42
CA ASN C 222 52.26 -53.23 -3.83
C ASN C 222 50.88 -53.79 -4.07
N HIS C 223 49.97 -52.95 -4.52
CA HIS C 223 48.59 -53.36 -4.77
C HIS C 223 48.24 -53.24 -6.25
N LYS C 224 49.22 -53.55 -7.11
CA LYS C 224 48.99 -53.56 -8.55
C LYS C 224 48.08 -54.71 -8.98
N ALA C 225 48.28 -55.88 -8.40
CA ALA C 225 47.55 -57.05 -8.84
C ALA C 225 46.02 -56.87 -8.75
N LEU C 226 45.29 -57.50 -9.67
CA LEU C 226 43.84 -57.45 -9.71
C LEU C 226 43.18 -58.36 -8.67
N ASP C 227 43.97 -59.28 -8.12
CA ASP C 227 43.53 -60.14 -7.02
C ASP C 227 44.35 -59.74 -5.79
N PRO C 228 43.68 -59.12 -4.80
CA PRO C 228 44.26 -58.65 -3.54
C PRO C 228 45.04 -59.71 -2.75
N ALA C 229 44.69 -60.97 -2.91
CA ALA C 229 45.49 -62.06 -2.33
C ALA C 229 46.98 -62.02 -2.74
N ARG C 230 47.30 -61.38 -3.87
CA ARG C 230 48.67 -61.38 -4.40
C ARG C 230 49.47 -60.12 -4.05
N TRP C 231 48.84 -59.19 -3.33
CA TRP C 231 49.47 -57.94 -2.91
C TRP C 231 50.62 -58.23 -1.94
N THR C 232 51.59 -57.31 -1.85
CA THR C 232 52.79 -57.51 -1.03
C THR C 232 53.22 -56.24 -0.31
N ILE C 233 53.97 -56.43 0.77
CA ILE C 233 54.74 -55.35 1.37
C ILE C 233 56.14 -55.36 0.77
N GLN C 234 56.48 -54.35 -0.03
CA GLN C 234 57.79 -54.29 -0.67
C GLN C 234 58.88 -53.80 0.28
N LYS C 235 58.50 -52.96 1.25
CA LYS C 235 59.47 -52.30 2.15
C LYS C 235 58.83 -51.79 3.43
N VAL C 236 59.65 -51.68 4.48
CA VAL C 236 59.19 -51.21 5.76
C VAL C 236 60.14 -50.14 6.26
N PHE C 237 59.58 -49.13 6.90
CA PHE C 237 60.36 -48.07 7.50
C PHE C 237 59.82 -47.86 8.90
N TYR C 238 60.70 -47.98 9.90
CA TYR C 238 60.29 -47.80 11.30
C TYR C 238 61.27 -46.93 12.07
N GLN C 239 60.75 -45.83 12.59
CA GLN C 239 61.54 -44.92 13.42
C GLN C 239 62.93 -44.68 12.86
N GLY C 240 62.97 -44.31 11.59
CA GLY C 240 64.19 -43.85 10.94
C GLY C 240 65.05 -44.91 10.29
N ARG C 241 64.51 -46.11 10.10
CA ARG C 241 65.28 -47.24 9.56
C ARG C 241 64.51 -48.10 8.57
N TYR C 242 65.23 -48.74 7.65
CA TYR C 242 64.63 -49.64 6.65
C TYR C 242 64.72 -51.11 7.08
N TYR C 243 63.68 -51.85 6.72
CA TYR C 243 63.58 -53.28 7.02
C TYR C 243 62.96 -53.97 5.80
N ASP C 244 63.34 -55.22 5.58
CA ASP C 244 62.85 -55.99 4.44
C ASP C 244 61.40 -56.44 4.60
N SER C 245 60.99 -56.61 5.85
CA SER C 245 59.62 -57.01 6.15
C SER C 245 59.34 -56.76 7.63
N LEU C 246 58.05 -56.85 7.98
CA LEU C 246 57.60 -56.73 9.37
C LEU C 246 58.11 -57.87 10.24
N ALA C 247 58.27 -59.07 9.67
CA ALA C 247 58.76 -60.22 10.43
C ALA C 247 60.20 -59.97 10.87
N GLN C 248 61.01 -59.46 9.93
CA GLN C 248 62.41 -59.11 10.18
C GLN C 248 62.48 -57.99 11.23
N LEU C 249 61.57 -57.00 11.13
CA LEU C 249 61.49 -55.92 12.10
C LEU C 249 61.24 -56.49 13.49
N GLU C 250 60.22 -57.33 13.59
CA GLU C 250 59.83 -57.99 14.82
C GLU C 250 60.95 -58.86 15.40
N ALA C 251 61.62 -59.61 14.53
CA ALA C 251 62.68 -60.50 14.99
C ALA C 251 63.80 -59.66 15.58
N GLN C 252 64.14 -58.56 14.92
CA GLN C 252 65.15 -57.66 15.46
C GLN C 252 64.70 -56.96 16.74
N PHE C 253 63.39 -56.69 16.88
CA PHE C 253 62.89 -56.06 18.10
C PHE C 253 63.02 -57.01 19.27
N GLU C 254 62.49 -58.22 19.10
CA GLU C 254 62.61 -59.27 20.10
C GLU C 254 64.06 -59.59 20.48
N ALA C 255 64.99 -59.44 19.52
CA ALA C 255 66.43 -59.69 19.70
C ALA C 255 67.15 -58.54 20.41
N GLY C 256 66.42 -57.46 20.65
CA GLY C 256 66.92 -56.39 21.52
C GLY C 256 67.79 -55.36 20.81
N LEU C 257 67.57 -55.19 19.50
CA LEU C 257 68.42 -54.31 18.71
C LEU C 257 67.68 -53.02 18.36
N VAL C 258 66.36 -53.13 18.14
CA VAL C 258 65.50 -51.99 17.79
C VAL C 258 65.12 -51.16 19.01
N ASN C 259 65.76 -50.01 19.18
CA ASN C 259 65.47 -49.07 20.27
C ASN C 259 64.24 -48.29 19.88
N VAL C 260 63.26 -48.27 20.77
CA VAL C 260 61.94 -47.77 20.46
C VAL C 260 61.67 -46.48 21.21
N VAL C 261 61.47 -45.40 20.46
CA VAL C 261 61.04 -44.14 21.06
C VAL C 261 59.54 -44.29 21.33
N LEU C 262 59.11 -43.97 22.54
CA LEU C 262 57.71 -44.14 22.89
C LEU C 262 56.91 -42.89 22.50
N ILE C 263 56.02 -43.04 21.53
CA ILE C 263 55.17 -41.94 21.11
C ILE C 263 53.82 -42.05 21.83
N PRO C 264 53.47 -41.10 22.71
CA PRO C 264 52.21 -41.19 23.45
C PRO C 264 51.00 -41.06 22.52
N ASP C 265 49.87 -41.64 22.93
CA ASP C 265 48.67 -41.67 22.08
C ASP C 265 47.54 -40.79 22.62
N ASN C 266 47.81 -40.09 23.71
CA ASN C 266 46.88 -39.09 24.20
C ASN C 266 47.65 -37.91 24.78
N GLY C 267 46.98 -36.76 24.87
CA GLY C 267 47.58 -35.54 25.43
C GLY C 267 46.57 -34.42 25.46
N THR C 268 47.02 -33.22 25.81
CA THR C 268 46.12 -32.05 25.83
C THR C 268 46.70 -30.93 24.98
N GLY C 269 45.85 -29.96 24.63
CA GLY C 269 46.30 -28.79 23.89
C GLY C 269 46.18 -28.95 22.38
N GLY C 270 46.66 -27.96 21.64
CA GLY C 270 46.46 -27.87 20.20
C GLY C 270 46.97 -28.99 19.32
N SER C 271 47.98 -29.72 19.79
CA SER C 271 48.45 -30.84 19.00
C SER C 271 47.61 -32.09 19.28
N TRP C 272 46.60 -31.95 20.14
CA TRP C 272 45.73 -33.07 20.50
C TRP C 272 44.26 -32.83 20.26
N SER C 273 43.88 -31.55 20.08
CA SER C 273 42.51 -31.20 19.78
C SER C 273 42.35 -29.82 19.11
N LEU C 274 41.11 -29.53 18.70
CA LEU C 274 40.75 -28.25 18.08
C LEU C 274 39.90 -27.36 18.99
N LYS C 275 39.43 -27.93 20.10
CA LYS C 275 38.49 -27.26 21.02
C LYS C 275 39.19 -26.25 21.91
N SER C 276 38.81 -24.99 21.79
CA SER C 276 39.35 -23.94 22.66
C SER C 276 39.00 -24.28 24.09
N PRO C 277 39.99 -24.22 24.99
CA PRO C 277 39.72 -24.36 26.41
C PRO C 277 39.12 -23.09 27.03
N VAL C 278 39.12 -21.98 26.28
CA VAL C 278 38.65 -20.67 26.77
C VAL C 278 37.17 -20.42 26.41
N PRO C 279 36.35 -20.03 27.40
CA PRO C 279 34.93 -19.76 27.17
C PRO C 279 34.68 -18.58 26.21
N PRO C 280 33.53 -18.58 25.53
CA PRO C 280 33.21 -17.44 24.67
C PRO C 280 33.11 -16.14 25.49
N GLY C 281 33.44 -15.02 24.86
CA GLY C 281 33.27 -13.70 25.46
C GLY C 281 32.26 -12.92 24.64
N PRO C 282 32.36 -11.58 24.63
CA PRO C 282 31.42 -10.82 23.80
C PRO C 282 31.47 -11.25 22.32
N ALA C 283 30.32 -11.22 21.65
CA ALA C 283 30.18 -11.72 20.29
C ALA C 283 31.10 -11.00 19.30
N PRO C 284 31.56 -11.72 18.27
CA PRO C 284 32.31 -11.04 17.23
C PRO C 284 31.37 -10.17 16.40
N PRO C 285 31.92 -9.22 15.61
CA PRO C 285 31.09 -8.42 14.74
C PRO C 285 30.36 -9.28 13.71
N LEU C 286 29.16 -8.84 13.34
CA LEU C 286 28.28 -9.60 12.47
C LEU C 286 27.73 -8.70 11.37
N GLN C 287 27.68 -9.23 10.16
CA GLN C 287 27.15 -8.50 9.04
C GLN C 287 25.69 -8.84 8.77
N PHE C 288 24.92 -7.85 8.32
CA PHE C 288 23.55 -8.10 7.86
C PHE C 288 23.15 -7.18 6.72
N TYR C 289 22.04 -7.53 6.07
CA TYR C 289 21.49 -6.72 5.00
C TYR C 289 20.25 -6.02 5.54
N PRO C 290 20.36 -4.71 5.82
CA PRO C 290 19.28 -3.99 6.49
C PRO C 290 17.96 -3.93 5.73
N GLN C 291 17.99 -4.22 4.43
CA GLN C 291 16.78 -4.31 3.62
C GLN C 291 16.76 -5.58 2.74
N GLY C 292 17.27 -6.69 3.27
CA GLY C 292 17.23 -7.97 2.56
C GLY C 292 18.34 -8.07 1.52
N PRO C 293 18.69 -9.31 1.10
CA PRO C 293 19.77 -9.54 0.15
C PRO C 293 19.61 -8.78 -1.16
N ARG C 294 20.72 -8.51 -1.83
CA ARG C 294 20.74 -7.67 -3.01
C ARG C 294 21.05 -8.48 -4.27
N PHE C 295 21.02 -9.81 -4.12
CA PHE C 295 21.30 -10.72 -5.23
C PHE C 295 20.42 -11.96 -5.11
N SER C 296 20.10 -12.59 -6.23
CA SER C 296 19.35 -13.83 -6.21
C SER C 296 20.17 -14.99 -6.76
N VAL C 297 20.01 -16.15 -6.14
CA VAL C 297 20.56 -17.41 -6.61
C VAL C 297 19.38 -18.26 -7.09
N GLN C 298 19.34 -18.57 -8.38
CA GLN C 298 18.31 -19.44 -8.93
C GLN C 298 18.96 -20.57 -9.69
N GLY C 299 18.83 -21.79 -9.16
CA GLY C 299 19.51 -22.95 -9.71
C GLY C 299 21.01 -22.77 -9.54
N SER C 300 21.72 -22.60 -10.66
CA SER C 300 23.16 -22.37 -10.65
C SER C 300 23.57 -20.96 -11.10
N ARG C 301 22.58 -20.08 -11.25
CA ARG C 301 22.82 -18.72 -11.75
C ARG C 301 22.67 -17.69 -10.64
N VAL C 302 23.52 -16.67 -10.67
CA VAL C 302 23.45 -15.59 -9.70
C VAL C 302 23.20 -14.31 -10.45
N ALA C 303 22.45 -13.41 -9.84
CA ALA C 303 22.20 -12.09 -10.41
C ALA C 303 22.20 -11.04 -9.31
N SER C 304 22.96 -9.97 -9.53
CA SER C 304 22.91 -8.80 -8.69
C SER C 304 22.65 -7.69 -9.68
N SER C 305 22.55 -6.45 -9.22
CA SER C 305 22.37 -5.35 -10.16
C SER C 305 23.51 -5.22 -11.16
N LEU C 306 24.72 -5.62 -10.75
CA LEU C 306 25.93 -5.52 -11.59
C LEU C 306 26.38 -6.83 -12.25
N TRP C 307 26.21 -7.96 -11.55
CA TRP C 307 26.77 -9.23 -12.04
C TRP C 307 25.76 -10.34 -12.39
N THR C 308 26.11 -11.11 -13.41
CA THR C 308 25.37 -12.28 -13.84
C THR C 308 26.38 -13.37 -14.15
N PHE C 309 26.13 -14.58 -13.63
CA PHE C 309 27.01 -15.71 -13.92
C PHE C 309 26.40 -17.03 -13.45
N SER C 310 27.08 -18.12 -13.84
CA SER C 310 26.68 -19.47 -13.52
C SER C 310 27.85 -20.16 -12.82
N PHE C 311 27.61 -20.73 -11.65
CA PHE C 311 28.67 -21.38 -10.88
C PHE C 311 28.38 -22.86 -10.81
N GLY C 312 29.40 -23.64 -10.51
CA GLY C 312 29.29 -25.09 -10.45
C GLY C 312 30.57 -25.77 -10.00
N LEU C 313 30.53 -27.09 -9.95
CA LEU C 313 31.63 -27.85 -9.38
C LEU C 313 31.93 -29.05 -10.23
N GLY C 314 33.13 -29.09 -10.79
CA GLY C 314 33.64 -30.30 -11.44
C GLY C 314 34.12 -31.30 -10.40
N ALA C 315 33.72 -32.55 -10.54
CA ALA C 315 34.05 -33.57 -9.53
C ALA C 315 35.54 -33.67 -9.27
N PHE C 316 36.34 -33.46 -10.31
CA PHE C 316 37.80 -33.63 -10.18
C PHE C 316 38.57 -32.32 -10.23
N SER C 317 38.23 -31.44 -11.16
CA SER C 317 38.93 -30.16 -11.30
C SER C 317 38.41 -29.09 -10.35
N GLY C 318 37.22 -29.27 -9.80
CA GLY C 318 36.71 -28.35 -8.79
C GLY C 318 35.93 -27.16 -9.30
N PRO C 319 35.88 -26.07 -8.51
CA PRO C 319 35.07 -24.87 -8.73
C PRO C 319 35.25 -24.19 -10.06
N ARG C 320 34.12 -23.77 -10.62
CA ARG C 320 34.10 -23.12 -11.91
C ARG C 320 32.94 -22.14 -12.00
N ILE C 321 33.09 -21.19 -12.89
CA ILE C 321 32.06 -20.22 -13.18
C ILE C 321 32.05 -20.00 -14.69
N PHE C 322 30.87 -19.74 -15.24
CA PHE C 322 30.66 -19.55 -16.67
C PHE C 322 29.84 -18.31 -16.92
N ASP C 323 29.96 -17.75 -18.14
CA ASP C 323 29.07 -16.69 -18.65
C ASP C 323 28.96 -15.52 -17.69
N VAL C 324 30.12 -15.04 -17.25
CA VAL C 324 30.22 -13.89 -16.35
C VAL C 324 29.98 -12.59 -17.13
N ARG C 325 28.87 -11.94 -16.81
CA ARG C 325 28.50 -10.70 -17.48
C ARG C 325 28.44 -9.55 -16.50
N PHE C 326 29.14 -8.46 -16.85
CA PHE C 326 29.08 -7.22 -16.09
C PHE C 326 28.12 -6.26 -16.78
N GLN C 327 27.08 -5.86 -16.06
CA GLN C 327 26.04 -4.98 -16.58
C GLN C 327 25.57 -5.45 -17.97
N GLY C 328 25.28 -6.73 -18.08
CA GLY C 328 24.77 -7.30 -19.33
C GLY C 328 25.84 -7.70 -20.35
N GLU C 329 27.09 -7.32 -20.10
CA GLU C 329 28.13 -7.60 -21.06
C GLU C 329 29.09 -8.69 -20.61
N ARG C 330 29.21 -9.74 -21.43
CA ARG C 330 30.10 -10.86 -21.09
C ARG C 330 31.58 -10.47 -21.07
N LEU C 331 32.22 -10.76 -19.94
CA LEU C 331 33.67 -10.60 -19.78
C LEU C 331 34.39 -11.92 -19.94
N VAL C 332 33.77 -12.99 -19.42
CA VAL C 332 34.43 -14.28 -19.31
C VAL C 332 33.50 -15.44 -19.70
N TYR C 333 33.99 -16.34 -20.56
CA TYR C 333 33.20 -17.52 -20.89
C TYR C 333 33.30 -18.55 -19.76
N GLU C 334 34.51 -18.73 -19.21
CA GLU C 334 34.79 -19.69 -18.16
C GLU C 334 36.00 -19.28 -17.30
N ILE C 335 35.85 -19.39 -15.99
CA ILE C 335 36.96 -19.40 -15.07
C ILE C 335 36.79 -20.69 -14.27
N SER C 336 37.78 -21.57 -14.34
CA SER C 336 37.69 -22.84 -13.62
C SER C 336 39.01 -23.21 -12.96
N LEU C 337 38.91 -23.77 -11.76
CA LEU C 337 40.06 -24.44 -11.16
C LEU C 337 40.35 -25.65 -12.04
N GLN C 338 41.63 -25.86 -12.36
CA GLN C 338 42.04 -26.97 -13.19
C GLN C 338 42.73 -28.08 -12.40
N GLU C 339 43.69 -27.71 -11.55
CA GLU C 339 44.43 -28.71 -10.78
C GLU C 339 45.08 -28.09 -9.53
N ALA C 340 45.30 -28.90 -8.50
CA ALA C 340 46.05 -28.46 -7.31
C ALA C 340 47.14 -29.45 -7.03
N LEU C 341 48.30 -28.96 -6.61
CA LEU C 341 49.50 -29.77 -6.49
C LEU C 341 50.26 -29.43 -5.21
N ALA C 342 50.74 -30.46 -4.53
CA ALA C 342 51.50 -30.33 -3.30
C ALA C 342 52.71 -31.25 -3.37
N ILE C 343 53.90 -30.68 -3.24
CA ILE C 343 55.15 -31.39 -3.44
C ILE C 343 55.95 -31.43 -2.14
N TYR C 344 56.27 -32.62 -1.65
CA TYR C 344 56.80 -32.78 -0.31
C TYR C 344 58.30 -33.05 -0.24
N GLY C 345 58.88 -32.65 0.88
CA GLY C 345 60.23 -33.06 1.25
C GLY C 345 60.13 -33.73 2.59
N GLY C 346 61.10 -34.57 2.92
CA GLY C 346 61.07 -35.24 4.20
C GLY C 346 62.17 -36.23 4.48
N ASN C 347 62.14 -36.69 5.73
CA ASN C 347 63.03 -37.70 6.31
C ASN C 347 62.60 -39.12 5.96
N SER C 348 61.29 -39.28 5.81
CA SER C 348 60.69 -40.58 5.62
C SER C 348 60.26 -40.79 4.17
N PRO C 349 60.30 -42.05 3.70
CA PRO C 349 59.92 -42.42 2.35
C PRO C 349 58.58 -41.80 1.90
N ALA C 350 57.59 -41.80 2.78
CA ALA C 350 56.28 -41.26 2.44
C ALA C 350 56.41 -39.80 2.03
N ALA C 351 56.80 -38.94 2.97
CA ALA C 351 57.00 -37.52 2.65
C ALA C 351 57.93 -37.36 1.45
N MET C 352 59.10 -37.99 1.54
CA MET C 352 60.16 -37.91 0.53
C MET C 352 59.72 -37.95 -0.92
N THR C 353 58.71 -38.77 -1.21
CA THR C 353 58.26 -38.98 -2.59
C THR C 353 56.78 -38.63 -2.81
N THR C 354 56.18 -37.89 -1.87
CA THR C 354 54.80 -37.45 -2.03
C THR C 354 54.67 -36.24 -2.98
N ARG C 355 53.93 -36.44 -4.06
CA ARG C 355 53.50 -35.36 -4.96
C ARG C 355 52.02 -35.58 -5.22
N TYR C 356 51.18 -34.91 -4.45
CA TYR C 356 49.73 -35.00 -4.66
C TYR C 356 49.32 -34.17 -5.86
N VAL C 357 48.55 -34.78 -6.74
CA VAL C 357 47.91 -34.09 -7.85
C VAL C 357 46.43 -34.21 -7.51
N ASP C 358 45.93 -33.26 -6.73
CA ASP C 358 44.67 -33.45 -6.00
C ASP C 358 43.45 -33.74 -6.88
N GLY C 359 43.57 -33.42 -8.18
CA GLY C 359 42.58 -33.79 -9.17
C GLY C 359 42.36 -35.30 -9.24
N GLY C 360 43.43 -36.07 -9.06
CA GLY C 360 43.37 -37.54 -9.00
C GLY C 360 42.46 -38.09 -7.92
N PHE C 361 42.19 -37.28 -6.89
CA PHE C 361 41.19 -37.62 -5.88
C PHE C 361 39.87 -36.91 -6.22
N GLY C 362 39.95 -35.60 -6.45
CA GLY C 362 38.83 -34.79 -6.91
C GLY C 362 38.40 -33.65 -6.00
N MET C 363 38.58 -32.41 -6.47
CA MET C 363 38.23 -31.22 -5.67
C MET C 363 36.75 -31.06 -5.45
N GLY C 364 35.95 -31.54 -6.41
CA GLY C 364 34.50 -31.61 -6.23
C GLY C 364 34.15 -32.78 -5.30
N LYS C 365 34.71 -33.94 -5.60
CA LYS C 365 34.45 -35.15 -4.85
C LYS C 365 34.70 -34.96 -3.35
N TYR C 366 35.72 -34.18 -3.01
CA TYR C 366 36.09 -33.97 -1.62
C TYR C 366 35.63 -32.62 -1.05
N THR C 367 34.70 -31.97 -1.76
CA THR C 367 34.04 -30.77 -1.22
C THR C 367 33.29 -31.12 0.06
N THR C 368 33.33 -30.20 1.03
CA THR C 368 32.72 -30.43 2.32
C THR C 368 31.63 -29.39 2.56
N PRO C 369 30.61 -29.74 3.35
CA PRO C 369 29.63 -28.71 3.74
C PRO C 369 30.33 -27.52 4.40
N LEU C 370 29.75 -26.33 4.22
CA LEU C 370 30.29 -25.11 4.79
C LEU C 370 29.61 -24.84 6.11
N THR C 371 30.38 -24.60 7.16
CA THR C 371 29.81 -24.34 8.48
C THR C 371 29.39 -22.86 8.57
N ARG C 372 28.09 -22.63 8.70
CA ARG C 372 27.50 -21.31 8.59
C ARG C 372 27.98 -20.45 9.75
N GLY C 373 28.52 -19.27 9.43
CA GLY C 373 29.05 -18.37 10.46
C GLY C 373 30.55 -18.49 10.70
N VAL C 374 31.14 -19.59 10.22
CA VAL C 374 32.60 -19.81 10.33
C VAL C 374 33.27 -19.79 8.96
N ASP C 375 32.85 -20.70 8.09
CA ASP C 375 33.35 -20.78 6.70
C ASP C 375 32.88 -19.63 5.82
N CYS C 376 31.61 -19.26 5.95
CA CYS C 376 31.11 -18.02 5.34
C CYS C 376 30.38 -17.22 6.43
N PRO C 377 30.07 -15.94 6.14
CA PRO C 377 29.26 -15.21 7.10
C PRO C 377 27.93 -15.91 7.31
N TYR C 378 27.35 -15.69 8.48
CA TYR C 378 26.11 -16.33 8.86
C TYR C 378 25.01 -16.17 7.82
N LEU C 379 24.84 -14.94 7.32
CA LEU C 379 23.70 -14.58 6.47
C LEU C 379 23.91 -14.77 4.96
N ALA C 380 24.79 -15.69 4.60
CA ALA C 380 25.04 -16.01 3.21
C ALA C 380 23.98 -16.98 2.68
N THR C 381 23.80 -17.00 1.36
CA THR C 381 22.96 -18.01 0.72
C THR C 381 23.77 -19.28 0.60
N TYR C 382 23.22 -20.37 1.12
CA TYR C 382 23.87 -21.67 1.04
C TYR C 382 23.18 -22.58 0.03
N VAL C 383 23.99 -23.30 -0.75
CA VAL C 383 23.52 -24.10 -1.88
C VAL C 383 24.12 -25.49 -1.81
N ASP C 384 23.29 -26.49 -2.07
CA ASP C 384 23.72 -27.87 -2.07
C ASP C 384 24.38 -28.26 -3.39
N TRP C 385 25.09 -29.40 -3.40
CA TRP C 385 25.68 -29.96 -4.60
C TRP C 385 25.36 -31.44 -4.68
N HIS C 386 25.04 -31.91 -5.89
CA HIS C 386 24.69 -33.32 -6.12
C HIS C 386 25.76 -34.03 -6.97
N PHE C 387 25.99 -35.30 -6.68
CA PHE C 387 27.07 -36.06 -7.31
C PHE C 387 26.77 -37.55 -7.37
N LEU C 388 27.39 -38.20 -8.35
CA LEU C 388 27.31 -39.65 -8.48
C LEU C 388 28.72 -40.17 -8.70
N LEU C 389 29.36 -40.52 -7.58
CA LEU C 389 30.75 -40.90 -7.57
C LEU C 389 30.93 -42.11 -6.67
N GLU C 390 31.53 -43.16 -7.22
CA GLU C 390 31.71 -44.43 -6.52
C GLU C 390 30.42 -44.99 -5.87
N SER C 391 29.31 -44.92 -6.59
CA SER C 391 28.06 -45.54 -6.14
C SER C 391 27.09 -45.74 -7.31
N GLN C 392 25.99 -46.46 -7.07
CA GLN C 392 24.95 -46.63 -8.09
C GLN C 392 23.86 -45.57 -7.96
N ALA C 393 23.91 -44.79 -6.88
CA ALA C 393 22.86 -43.80 -6.56
C ALA C 393 23.45 -42.41 -6.21
N PRO C 394 22.77 -41.32 -6.65
CA PRO C 394 23.28 -39.99 -6.36
C PRO C 394 23.17 -39.61 -4.89
N LYS C 395 24.07 -38.74 -4.43
CA LYS C 395 24.05 -38.19 -3.08
C LYS C 395 24.24 -36.68 -3.13
N THR C 396 24.23 -36.05 -1.96
CA THR C 396 24.26 -34.60 -1.85
C THR C 396 25.32 -34.16 -0.84
N ILE C 397 26.05 -33.12 -1.17
CA ILE C 397 26.77 -32.39 -0.13
C ILE C 397 25.97 -31.13 0.13
N ARG C 398 25.39 -31.07 1.34
CA ARG C 398 24.55 -29.96 1.73
C ARG C 398 25.45 -28.77 1.95
N ASP C 399 24.96 -27.57 1.64
CA ASP C 399 25.72 -26.35 1.91
C ASP C 399 27.16 -26.38 1.33
N ALA C 400 27.29 -26.83 0.09
CA ALA C 400 28.58 -26.94 -0.58
C ALA C 400 29.10 -25.59 -1.05
N PHE C 401 28.20 -24.74 -1.56
CA PHE C 401 28.56 -23.38 -2.00
C PHE C 401 27.93 -22.36 -1.07
N CYS C 402 28.60 -21.22 -0.93
CA CYS C 402 27.98 -20.04 -0.35
C CYS C 402 28.19 -18.82 -1.25
N VAL C 403 27.13 -18.04 -1.36
CA VAL C 403 27.13 -16.83 -2.13
C VAL C 403 26.67 -15.78 -1.15
N PHE C 404 27.38 -14.64 -1.14
CA PHE C 404 27.10 -13.55 -0.23
C PHE C 404 27.76 -12.24 -0.64
N GLU C 405 27.15 -11.14 -0.22
CA GLU C 405 27.75 -9.82 -0.34
C GLU C 405 28.47 -9.49 0.95
N GLN C 406 29.57 -8.78 0.83
CA GLN C 406 30.42 -8.48 1.97
C GLN C 406 30.87 -7.02 1.90
N ASN C 407 30.59 -6.27 2.96
CA ASN C 407 31.15 -4.94 3.09
C ASN C 407 32.63 -5.07 3.42
N GLN C 408 33.48 -4.62 2.51
CA GLN C 408 34.91 -4.74 2.68
C GLN C 408 35.47 -3.89 3.83
N GLY C 409 34.73 -2.87 4.26
CA GLY C 409 35.18 -2.00 5.35
C GLY C 409 36.24 -1.02 4.89
N LEU C 410 36.34 -0.87 3.57
CA LEU C 410 37.35 -0.06 2.93
C LEU C 410 36.69 0.75 1.80
N PRO C 411 37.18 1.98 1.51
CA PRO C 411 36.66 2.67 0.33
C PRO C 411 37.08 2.04 -1.00
N LEU C 412 36.14 1.98 -1.94
CA LEU C 412 36.43 1.59 -3.30
C LEU C 412 37.19 2.74 -3.97
N ARG C 413 36.71 3.96 -3.74
CA ARG C 413 37.28 5.21 -4.26
C ARG C 413 36.89 6.31 -3.30
N ARG C 414 37.71 7.34 -3.20
CA ARG C 414 37.48 8.35 -2.21
C ARG C 414 38.27 9.62 -2.50
N HIS C 415 37.60 10.77 -2.47
CA HIS C 415 38.30 12.06 -2.52
C HIS C 415 37.70 13.14 -1.62
N HIS C 416 38.56 13.61 -0.72
CA HIS C 416 38.24 14.72 0.17
C HIS C 416 38.98 15.96 -0.31
N SER C 417 38.23 17.00 -0.64
CA SER C 417 38.83 18.23 -1.16
C SER C 417 38.76 19.38 -0.18
N ASP C 418 39.92 19.90 0.19
CA ASP C 418 40.05 21.13 0.97
C ASP C 418 40.45 22.30 0.06
N LEU C 419 40.79 21.97 -1.18
CA LEU C 419 41.53 22.86 -2.07
C LEU C 419 40.65 23.49 -3.16
N TYR C 420 40.49 24.81 -3.08
CA TYR C 420 39.77 25.64 -4.09
C TYR C 420 38.25 25.49 -4.06
N SER C 421 37.79 24.23 -4.02
CA SER C 421 36.38 23.84 -3.90
C SER C 421 36.29 22.69 -2.89
N HIS C 422 35.37 22.83 -1.94
CA HIS C 422 35.25 21.92 -0.77
C HIS C 422 34.10 20.93 -0.93
N TYR C 423 34.43 19.65 -0.98
CA TYR C 423 33.46 18.58 -1.24
C TYR C 423 34.07 17.21 -0.90
N PHE C 424 33.21 16.21 -0.76
CA PHE C 424 33.64 14.83 -0.60
C PHE C 424 32.90 13.93 -1.59
N GLY C 425 33.60 12.92 -2.09
CA GLY C 425 32.99 11.95 -2.99
C GLY C 425 33.62 10.60 -2.77
N GLY C 426 32.79 9.60 -2.52
CA GLY C 426 33.31 8.27 -2.19
C GLY C 426 32.28 7.16 -2.24
N LEU C 427 32.76 5.94 -2.02
CA LEU C 427 31.93 4.76 -2.04
C LEU C 427 32.67 3.66 -1.29
N ALA C 428 32.00 3.09 -0.27
CA ALA C 428 32.53 1.96 0.47
C ALA C 428 32.39 0.74 -0.41
N GLU C 429 33.41 -0.11 -0.42
CA GLU C 429 33.34 -1.30 -1.24
C GLU C 429 32.52 -2.42 -0.62
N THR C 430 31.54 -2.86 -1.40
CA THR C 430 30.94 -4.17 -1.20
C THR C 430 31.35 -5.09 -2.36
N VAL C 431 31.56 -6.36 -2.07
CA VAL C 431 31.89 -7.35 -3.09
C VAL C 431 30.89 -8.48 -3.02
N LEU C 432 30.84 -9.26 -4.08
CA LEU C 432 29.99 -10.40 -4.19
C LEU C 432 30.93 -11.60 -4.26
N VAL C 433 30.67 -12.60 -3.42
CA VAL C 433 31.61 -13.71 -3.23
C VAL C 433 30.92 -15.04 -3.41
N VAL C 434 31.59 -15.92 -4.15
CA VAL C 434 31.20 -17.31 -4.29
C VAL C 434 32.34 -18.13 -3.74
N ARG C 435 32.03 -19.04 -2.84
CA ARG C 435 33.05 -19.81 -2.15
C ARG C 435 32.69 -21.28 -2.03
N SER C 436 33.71 -22.12 -1.97
CA SER C 436 33.59 -23.56 -1.94
C SER C 436 34.86 -24.02 -1.24
N MET C 437 34.79 -25.16 -0.56
CA MET C 437 35.94 -25.67 0.21
C MET C 437 36.12 -27.17 0.05
N SER C 438 37.33 -27.60 -0.29
CA SER C 438 37.59 -29.03 -0.46
C SER C 438 38.50 -29.51 0.65
N THR C 439 38.12 -30.61 1.31
CA THR C 439 39.02 -31.22 2.26
C THR C 439 39.62 -32.50 1.68
N LEU C 440 40.91 -32.43 1.34
CA LEU C 440 41.62 -33.59 0.85
C LEU C 440 42.61 -34.04 1.89
N LEU C 441 42.21 -35.08 2.62
CA LEU C 441 43.00 -35.63 3.71
C LEU C 441 43.21 -34.51 4.75
N ASN C 442 44.46 -34.09 4.98
CA ASN C 442 44.77 -33.12 6.03
C ASN C 442 44.40 -31.65 5.72
N ASP C 444 42.51 -28.24 3.82
CA ASP C 444 41.26 -27.68 3.38
C ASP C 444 41.61 -26.51 2.50
N TYR C 445 41.24 -26.62 1.23
CA TYR C 445 41.42 -25.52 0.29
C TYR C 445 40.15 -24.72 0.31
N VAL C 446 40.31 -23.39 0.43
CA VAL C 446 39.21 -22.45 0.28
C VAL C 446 39.28 -21.81 -1.11
N TRP C 447 38.29 -22.08 -1.95
CA TRP C 447 38.24 -21.47 -3.28
C TRP C 447 37.32 -20.25 -3.31
N ASP C 448 37.89 -19.08 -3.57
CA ASP C 448 37.10 -17.85 -3.67
C ASP C 448 37.07 -17.22 -5.06
N THR C 449 35.87 -16.87 -5.51
CA THR C 449 35.73 -15.91 -6.61
C THR C 449 35.00 -14.66 -6.09
N VAL C 450 35.60 -13.50 -6.35
CA VAL C 450 35.13 -12.23 -5.77
C VAL C 450 34.86 -11.26 -6.91
N PHE C 451 33.64 -10.72 -6.96
CA PHE C 451 33.24 -9.81 -8.02
C PHE C 451 33.14 -8.40 -7.46
N HIS C 452 34.02 -7.52 -7.92
CA HIS C 452 34.13 -6.16 -7.41
C HIS C 452 33.21 -5.20 -8.19
N PRO C 453 32.71 -4.13 -7.52
CA PRO C 453 31.79 -3.22 -8.22
C PRO C 453 32.45 -2.37 -9.31
N SER C 454 33.74 -2.54 -9.49
CA SER C 454 34.47 -1.81 -10.51
C SER C 454 34.51 -2.55 -11.86
N GLY C 455 34.04 -3.79 -11.89
CA GLY C 455 34.22 -4.65 -13.06
C GLY C 455 35.41 -5.59 -12.93
N ALA C 456 36.14 -5.48 -11.82
CA ALA C 456 37.25 -6.40 -11.51
C ALA C 456 36.73 -7.73 -10.98
N ILE C 457 37.42 -8.80 -11.37
CA ILE C 457 37.12 -10.14 -10.85
C ILE C 457 38.37 -10.64 -10.14
N GLU C 458 38.19 -11.26 -8.98
CA GLU C 458 39.32 -11.75 -8.22
C GLU C 458 39.17 -13.24 -7.85
N ILE C 459 40.21 -14.03 -8.17
CA ILE C 459 40.32 -15.42 -7.75
C ILE C 459 41.40 -15.54 -6.67
N ARG C 460 41.05 -16.23 -5.60
CA ARG C 460 41.91 -16.37 -4.47
C ARG C 460 41.66 -17.75 -3.92
N PHE C 461 42.72 -18.44 -3.51
CA PHE C 461 42.56 -19.69 -2.79
C PHE C 461 43.49 -19.72 -1.59
N TYR C 462 43.12 -20.47 -0.57
CA TYR C 462 43.89 -20.54 0.66
C TYR C 462 44.05 -21.98 1.05
N ALA C 463 45.23 -22.35 1.53
CA ALA C 463 45.38 -23.64 2.18
C ALA C 463 45.20 -23.42 3.67
N THR C 464 44.37 -24.25 4.29
CA THR C 464 44.22 -24.25 5.74
C THR C 464 44.04 -25.70 6.19
N GLY C 465 43.65 -25.92 7.44
CA GLY C 465 43.49 -27.26 7.98
C GLY C 465 44.77 -27.79 8.57
N TYR C 466 44.94 -29.10 8.58
CA TYR C 466 46.10 -29.73 9.16
C TYR C 466 47.30 -29.81 8.21
N ILE C 467 48.49 -29.65 8.78
CA ILE C 467 49.67 -30.09 8.07
C ILE C 467 49.73 -31.61 8.16
N SER C 468 50.28 -32.19 7.11
CA SER C 468 50.67 -33.58 7.11
C SER C 468 52.03 -33.61 7.80
N SER C 469 52.32 -34.66 8.57
CA SER C 469 53.59 -34.69 9.31
C SER C 469 54.21 -36.07 9.32
N ALA C 470 55.40 -36.17 9.91
CA ALA C 470 56.11 -37.44 10.03
C ALA C 470 56.77 -37.60 11.39
N PHE C 471 57.17 -38.81 11.73
CA PHE C 471 57.92 -39.03 12.96
C PHE C 471 59.33 -38.43 12.86
N LEU C 472 59.74 -37.72 13.90
CA LEU C 472 61.01 -37.00 13.91
C LEU C 472 62.17 -37.89 14.33
N PHE C 473 63.16 -38.02 13.45
CA PHE C 473 64.42 -38.68 13.80
C PHE C 473 65.56 -37.94 13.10
N GLY C 474 66.78 -38.16 13.58
CA GLY C 474 68.00 -37.66 12.94
C GLY C 474 68.16 -36.16 13.04
N ALA C 475 69.03 -35.61 12.20
CA ALA C 475 69.28 -34.16 12.18
C ALA C 475 68.17 -33.45 11.43
N THR C 476 67.51 -32.53 12.14
CA THR C 476 66.51 -31.64 11.55
C THR C 476 67.29 -30.65 10.65
N GLY C 477 66.62 -29.63 10.17
CA GLY C 477 67.33 -28.62 9.41
C GLY C 477 66.98 -28.59 7.94
N LYS C 478 66.86 -29.76 7.32
CA LYS C 478 66.72 -29.79 5.86
C LYS C 478 65.32 -30.11 5.35
N TYR C 479 64.44 -30.57 6.23
CA TYR C 479 63.16 -31.13 5.80
C TYR C 479 61.92 -30.56 6.50
N GLY C 480 62.11 -29.45 7.21
CA GLY C 480 61.06 -28.81 7.98
C GLY C 480 61.49 -28.60 9.41
N ASN C 481 60.59 -27.98 10.18
CA ASN C 481 60.79 -27.72 11.60
C ASN C 481 60.03 -28.74 12.48
N GLN C 482 60.54 -28.96 13.71
CA GLN C 482 59.75 -29.66 14.73
C GLN C 482 58.63 -28.75 15.18
N VAL C 483 57.40 -29.27 15.20
CA VAL C 483 56.20 -28.43 15.46
C VAL C 483 55.43 -28.86 16.70
N SER C 484 55.71 -30.07 17.14
CA SER C 484 55.13 -30.63 18.35
C SER C 484 56.03 -31.81 18.73
N GLU C 485 55.70 -32.51 19.80
CA GLU C 485 56.61 -33.58 20.25
C GLU C 485 56.66 -34.73 19.26
N HIS C 486 57.89 -35.23 19.06
CA HIS C 486 58.22 -36.31 18.11
C HIS C 486 57.78 -36.05 16.66
N THR C 487 57.50 -34.79 16.31
CA THR C 487 56.89 -34.46 15.04
C THR C 487 57.63 -33.45 14.15
N LEU C 488 57.99 -33.90 12.95
CA LEU C 488 58.50 -33.02 11.90
C LEU C 488 57.35 -32.47 11.06
N GLY C 489 57.27 -31.15 10.95
CA GLY C 489 56.38 -30.52 9.98
C GLY C 489 57.12 -30.50 8.67
N THR C 490 56.70 -31.38 7.75
CA THR C 490 57.41 -31.62 6.49
C THR C 490 57.25 -30.48 5.47
N VAL C 491 58.38 -30.04 4.92
CA VAL C 491 58.39 -28.96 3.92
C VAL C 491 57.65 -29.37 2.64
N HIS C 492 56.96 -28.42 2.03
CA HIS C 492 56.21 -28.69 0.80
C HIS C 492 55.81 -27.39 0.17
N THR C 493 55.61 -27.42 -1.15
CA THR C 493 55.00 -26.30 -1.89
C THR C 493 53.54 -26.61 -2.24
N HIS C 494 52.70 -25.57 -2.29
CA HIS C 494 51.34 -25.65 -2.84
C HIS C 494 51.26 -24.94 -4.20
N SER C 495 50.48 -25.48 -5.13
CA SER C 495 50.22 -24.78 -6.40
C SER C 495 48.84 -25.10 -6.89
N ALA C 496 48.22 -24.13 -7.54
CA ALA C 496 46.96 -24.37 -8.23
C ALA C 496 46.99 -23.78 -9.62
N HIS C 497 46.33 -24.44 -10.57
CA HIS C 497 46.28 -23.96 -11.95
C HIS C 497 44.86 -23.55 -12.33
N PHE C 498 44.72 -22.40 -12.97
CA PHE C 498 43.41 -21.89 -13.34
C PHE C 498 43.23 -21.67 -14.85
N LYS C 499 42.04 -21.97 -15.36
CA LYS C 499 41.65 -21.67 -16.76
C LYS C 499 40.77 -20.42 -16.76
N VAL C 500 41.21 -19.40 -17.46
CA VAL C 500 40.57 -18.10 -17.52
C VAL C 500 40.28 -17.78 -18.99
N ASP C 501 39.13 -18.21 -19.47
CA ASP C 501 38.73 -17.95 -20.87
C ASP C 501 38.01 -16.60 -20.93
N LEU C 502 38.81 -15.54 -20.82
CA LEU C 502 38.37 -14.18 -21.09
C LEU C 502 37.96 -14.09 -22.54
N ASP C 503 36.79 -13.50 -22.79
CA ASP C 503 36.38 -13.13 -24.14
C ASP C 503 36.15 -11.63 -24.14
N VAL C 504 37.23 -10.84 -24.17
CA VAL C 504 37.14 -9.38 -24.05
C VAL C 504 36.42 -8.72 -25.24
N ALA C 505 35.16 -8.35 -25.03
CA ALA C 505 34.35 -7.68 -26.07
C ALA C 505 34.15 -8.53 -27.32
N GLY C 506 34.08 -9.84 -27.15
CA GLY C 506 33.95 -10.76 -28.27
C GLY C 506 35.01 -11.85 -28.14
N LEU C 507 34.95 -12.83 -29.04
CA LEU C 507 35.89 -13.96 -29.07
C LEU C 507 37.32 -13.55 -29.43
N GLU C 508 37.44 -12.72 -30.46
CA GLU C 508 38.74 -12.45 -31.08
C GLU C 508 39.55 -11.47 -30.23
N ASN C 509 40.62 -11.98 -29.62
CA ASN C 509 41.47 -11.21 -28.71
C ASN C 509 42.96 -11.16 -29.10
N TRP C 510 43.63 -10.14 -28.59
CA TRP C 510 45.07 -9.97 -28.73
C TRP C 510 45.69 -9.85 -27.32
N VAL C 511 47.00 -10.06 -27.23
CA VAL C 511 47.72 -9.93 -25.97
C VAL C 511 48.72 -8.77 -26.07
N TRP C 512 48.66 -7.86 -25.11
CA TRP C 512 49.57 -6.72 -25.04
C TRP C 512 50.39 -6.74 -23.77
N ALA C 513 51.67 -6.40 -23.90
CA ALA C 513 52.55 -6.20 -22.77
C ALA C 513 52.96 -4.73 -22.63
N GLU C 514 52.59 -4.12 -21.51
CA GLU C 514 53.00 -2.75 -21.22
C GLU C 514 53.88 -2.68 -19.99
N ASP C 515 54.93 -1.87 -20.09
CA ASP C 515 55.86 -1.67 -19.00
C ASP C 515 56.47 -0.25 -18.98
N MET C 516 57.51 -0.04 -18.17
CA MET C 516 58.10 1.28 -17.99
C MET C 516 59.57 1.27 -18.30
N VAL C 517 60.10 2.44 -18.65
CA VAL C 517 61.51 2.59 -18.94
C VAL C 517 61.85 4.07 -18.82
N PHE C 518 63.07 4.35 -18.35
CA PHE C 518 63.59 5.70 -18.27
C PHE C 518 64.57 5.92 -19.40
N VAL C 519 64.42 7.02 -20.15
CA VAL C 519 65.38 7.38 -21.19
C VAL C 519 66.03 8.69 -20.81
N PRO C 520 67.35 8.69 -20.59
CA PRO C 520 68.06 9.95 -20.35
C PRO C 520 68.04 10.91 -21.54
N MET C 521 67.60 12.14 -21.31
CA MET C 521 67.68 13.19 -22.33
C MET C 521 67.92 14.56 -21.72
N ALA C 522 68.45 15.47 -22.55
CA ALA C 522 68.65 16.85 -22.14
C ALA C 522 67.32 17.48 -21.78
N VAL C 523 67.33 18.33 -20.76
CA VAL C 523 66.16 19.11 -20.40
C VAL C 523 65.89 20.13 -21.52
N PRO C 524 64.74 20.00 -22.23
CA PRO C 524 64.46 20.89 -23.36
C PRO C 524 64.76 22.35 -23.05
N TRP C 525 64.26 22.85 -21.94
CA TRP C 525 64.33 24.28 -21.62
C TRP C 525 65.61 24.68 -20.90
N SER C 526 66.52 23.72 -20.75
CA SER C 526 67.80 23.95 -20.07
C SER C 526 68.73 22.78 -20.39
N PRO C 527 69.21 22.71 -21.66
CA PRO C 527 69.93 21.59 -22.30
C PRO C 527 71.22 21.15 -21.61
N GLU C 528 71.75 21.96 -20.70
CA GLU C 528 72.96 21.63 -19.96
C GLU C 528 72.73 20.59 -18.86
N HIS C 529 71.46 20.33 -18.55
CA HIS C 529 71.08 19.35 -17.54
C HIS C 529 70.44 18.10 -18.16
N GLN C 530 70.42 17.01 -17.39
CA GLN C 530 69.78 15.77 -17.82
C GLN C 530 68.53 15.53 -17.00
N LEU C 531 67.56 14.87 -17.61
CA LEU C 531 66.45 14.30 -16.87
C LEU C 531 66.31 12.84 -17.30
N GLN C 532 65.72 12.02 -16.43
CA GLN C 532 65.40 10.65 -16.79
C GLN C 532 63.96 10.59 -17.29
N ARG C 533 63.79 10.32 -18.57
CA ARG C 533 62.46 10.42 -19.19
C ARG C 533 61.63 9.14 -19.01
N LEU C 534 60.66 9.18 -18.09
CA LEU C 534 59.82 8.03 -17.85
C LEU C 534 58.90 7.80 -19.04
N GLN C 535 58.88 6.59 -19.56
CA GLN C 535 58.02 6.27 -20.69
C GLN C 535 57.35 4.92 -20.52
N VAL C 536 56.32 4.71 -21.33
CA VAL C 536 55.63 3.44 -21.41
C VAL C 536 56.20 2.65 -22.58
N THR C 537 56.40 1.35 -22.37
CA THR C 537 56.75 0.47 -23.45
C THR C 537 55.53 -0.37 -23.71
N ARG C 538 55.35 -0.73 -24.97
CA ARG C 538 54.19 -1.45 -25.40
C ARG C 538 54.65 -2.47 -26.40
N LYS C 539 54.19 -3.70 -26.22
CA LYS C 539 54.55 -4.76 -27.13
C LYS C 539 53.34 -5.65 -27.38
N LEU C 540 53.10 -5.97 -28.64
CA LEU C 540 52.11 -6.97 -29.04
C LEU C 540 52.72 -8.36 -28.99
N LEU C 541 52.07 -9.27 -28.27
CA LEU C 541 52.57 -10.64 -28.13
C LEU C 541 51.83 -11.51 -29.11
N GLU C 542 52.52 -11.96 -30.15
CA GLU C 542 51.88 -12.50 -31.35
C GLU C 542 51.75 -14.02 -31.36
N MET C 543 52.70 -14.68 -30.70
CA MET C 543 52.78 -16.14 -30.67
C MET C 543 52.66 -16.64 -29.23
N GLU C 544 52.24 -17.90 -29.08
CA GLU C 544 52.03 -18.51 -27.78
C GLU C 544 53.28 -18.47 -26.89
N GLU C 545 54.43 -18.77 -27.49
CA GLU C 545 55.72 -18.80 -26.78
C GLU C 545 56.03 -17.47 -26.07
N GLN C 546 55.68 -16.36 -26.71
CA GLN C 546 55.89 -15.02 -26.16
C GLN C 546 55.00 -14.67 -24.97
N ALA C 547 53.87 -15.37 -24.81
CA ALA C 547 52.97 -15.17 -23.67
C ALA C 547 53.05 -16.32 -22.64
N ALA C 548 54.03 -17.19 -22.81
CA ALA C 548 54.33 -18.25 -21.84
C ALA C 548 55.40 -17.72 -20.89
N PHE C 549 55.09 -17.64 -19.61
CA PHE C 549 56.02 -17.04 -18.65
C PHE C 549 56.39 -17.99 -17.52
N LEU C 550 57.65 -18.43 -17.53
CA LEU C 550 58.12 -19.41 -16.57
C LEU C 550 58.24 -18.84 -15.16
N VAL C 551 58.04 -19.71 -14.17
CA VAL C 551 58.20 -19.34 -12.77
C VAL C 551 59.58 -18.71 -12.55
N GLY C 552 59.63 -17.65 -11.73
CA GLY C 552 60.87 -16.95 -11.46
C GLY C 552 61.46 -16.22 -12.66
N SER C 553 60.61 -15.86 -13.63
CA SER C 553 60.97 -14.87 -14.65
C SER C 553 60.18 -13.60 -14.37
N ALA C 554 60.72 -12.46 -14.79
CA ALA C 554 60.00 -11.19 -14.69
C ALA C 554 58.92 -11.15 -15.76
N THR C 555 57.70 -10.79 -15.37
CA THR C 555 56.63 -10.61 -16.35
C THR C 555 56.29 -9.12 -16.55
N PRO C 556 55.79 -8.75 -17.75
CA PRO C 556 55.39 -7.35 -17.98
C PRO C 556 54.44 -6.87 -16.91
N ARG C 557 54.63 -5.65 -16.42
CA ARG C 557 53.83 -5.14 -15.32
C ARG C 557 52.35 -4.95 -15.66
N TYR C 558 52.08 -4.65 -16.94
CA TYR C 558 50.71 -4.57 -17.44
C TYR C 558 50.59 -5.58 -18.57
N LEU C 559 49.94 -6.69 -18.28
CA LEU C 559 49.68 -7.69 -19.29
C LEU C 559 48.17 -7.85 -19.44
N TYR C 560 47.68 -7.72 -20.67
CA TYR C 560 46.23 -7.77 -20.86
C TYR C 560 45.80 -8.38 -22.19
N LEU C 561 44.59 -8.94 -22.18
CA LEU C 561 43.97 -9.43 -23.39
C LEU C 561 43.03 -8.35 -23.85
N ALA C 562 42.95 -8.14 -25.16
CA ALA C 562 42.27 -6.97 -25.67
C ALA C 562 41.42 -7.31 -26.84
N SER C 563 40.35 -6.53 -27.01
CA SER C 563 39.68 -6.55 -28.26
C SER C 563 40.46 -5.72 -29.27
N ASN C 564 40.03 -5.93 -30.50
CA ASN C 564 40.40 -5.21 -31.67
C ASN C 564 39.82 -3.78 -31.59
N HIS C 565 38.63 -3.67 -31.01
CA HIS C 565 37.87 -2.42 -30.92
C HIS C 565 38.34 -1.55 -29.78
N SER C 566 38.17 -0.24 -29.94
CA SER C 566 38.60 0.75 -28.96
C SER C 566 37.47 1.25 -28.05
N ASN C 567 37.83 1.69 -26.85
CA ASN C 567 36.91 2.47 -26.03
C ASN C 567 36.81 3.88 -26.63
N LYS C 568 36.01 4.74 -25.98
CA LYS C 568 35.71 6.08 -26.50
C LYS C 568 36.96 6.93 -26.78
N TRP C 569 38.08 6.59 -26.16
CA TRP C 569 39.30 7.40 -26.25
C TRP C 569 40.36 6.83 -27.19
N GLY C 570 39.98 5.86 -28.02
CA GLY C 570 40.89 5.32 -29.03
C GLY C 570 41.85 4.25 -28.54
N HIS C 571 41.59 3.66 -27.35
CA HIS C 571 42.44 2.58 -26.85
C HIS C 571 41.75 1.21 -26.91
N PRO C 572 42.50 0.15 -27.29
CA PRO C 572 41.89 -1.20 -27.36
C PRO C 572 41.28 -1.58 -26.02
N ARG C 573 40.04 -2.05 -26.04
CA ARG C 573 39.41 -2.42 -24.78
C ARG C 573 39.97 -3.72 -24.24
N GLY C 574 40.54 -3.65 -23.04
CA GLY C 574 41.21 -4.79 -22.45
C GLY C 574 40.87 -5.14 -21.02
N TYR C 575 41.32 -6.32 -20.63
CA TYR C 575 41.22 -6.81 -19.28
C TYR C 575 42.58 -7.35 -18.91
N ARG C 576 43.18 -6.73 -17.90
CA ARG C 576 44.52 -7.09 -17.51
C ARG C 576 44.49 -8.21 -16.50
N ILE C 577 45.52 -9.05 -16.55
CA ILE C 577 45.70 -10.10 -15.58
C ILE C 577 46.84 -9.73 -14.63
N GLN C 578 46.50 -9.53 -13.37
CA GLN C 578 47.51 -9.16 -12.40
C GLN C 578 47.63 -10.28 -11.39
N MET C 579 48.85 -10.81 -11.26
CA MET C 579 49.05 -11.99 -10.43
C MET C 579 49.64 -11.71 -9.05
N LEU C 580 49.15 -12.46 -8.06
CA LEU C 580 49.65 -12.39 -6.68
C LEU C 580 50.06 -13.81 -6.28
N SER C 581 51.36 -14.08 -6.47
CA SER C 581 51.92 -15.41 -6.27
C SER C 581 53.32 -15.29 -5.73
N PHE C 582 53.66 -16.25 -4.86
CA PHE C 582 54.97 -16.35 -4.23
C PHE C 582 55.49 -17.73 -4.61
N ALA C 583 55.37 -18.06 -5.90
CA ALA C 583 55.39 -19.45 -6.37
C ALA C 583 56.66 -20.20 -5.98
N GLY C 584 56.47 -21.46 -5.56
CA GLY C 584 57.56 -22.35 -5.24
C GLY C 584 58.35 -22.75 -6.48
N GLU C 585 59.63 -23.05 -6.28
CA GLU C 585 60.43 -23.63 -7.34
C GLU C 585 59.74 -24.93 -7.79
N PRO C 586 59.37 -25.00 -9.08
CA PRO C 586 58.69 -26.18 -9.63
C PRO C 586 59.60 -27.39 -9.63
N LEU C 587 59.01 -28.58 -9.56
CA LEU C 587 59.82 -29.80 -9.63
C LEU C 587 60.69 -29.72 -10.89
N PRO C 588 61.99 -30.04 -10.77
CA PRO C 588 62.91 -29.95 -11.91
C PRO C 588 62.43 -30.75 -13.12
N GLN C 589 62.66 -30.21 -14.30
CA GLN C 589 62.18 -30.81 -15.54
C GLN C 589 62.80 -32.19 -15.81
N ASN C 590 63.95 -32.45 -15.16
CA ASN C 590 64.71 -33.69 -15.30
C ASN C 590 64.01 -34.87 -14.60
N SER C 591 63.09 -34.57 -13.68
CA SER C 591 62.26 -35.61 -13.09
C SER C 591 61.37 -36.23 -14.15
N SER C 592 61.33 -37.56 -14.18
CA SER C 592 60.50 -38.26 -15.13
C SER C 592 59.01 -38.08 -14.83
N MET C 593 58.66 -37.50 -13.69
CA MET C 593 57.24 -37.28 -13.41
C MET C 593 56.76 -35.87 -13.70
N ALA C 594 57.71 -34.94 -13.81
CA ALA C 594 57.41 -33.52 -14.00
C ALA C 594 56.31 -33.25 -15.04
N ARG C 595 56.32 -34.00 -16.15
CA ARG C 595 55.36 -33.81 -17.24
C ARG C 595 53.89 -34.06 -16.83
N GLY C 596 53.69 -34.73 -15.69
CA GLY C 596 52.34 -35.00 -15.20
C GLY C 596 51.64 -33.79 -14.60
N PHE C 597 52.35 -32.68 -14.49
CA PHE C 597 51.77 -31.44 -14.03
C PHE C 597 52.63 -30.27 -14.50
N SER C 598 52.91 -30.23 -15.81
CA SER C 598 53.89 -29.29 -16.32
C SER C 598 53.44 -27.83 -16.25
N TRP C 599 52.15 -27.61 -16.01
CA TRP C 599 51.63 -26.28 -15.77
C TRP C 599 52.31 -25.61 -14.57
N GLU C 600 52.88 -26.42 -13.68
CA GLU C 600 53.59 -25.89 -12.52
C GLU C 600 54.72 -24.95 -12.93
N ARG C 601 55.27 -25.17 -14.13
CA ARG C 601 56.45 -24.42 -14.57
C ARG C 601 56.10 -23.02 -15.00
N TYR C 602 54.81 -22.77 -15.25
CA TYR C 602 54.38 -21.49 -15.80
C TYR C 602 53.72 -20.60 -14.78
N GLN C 603 54.07 -19.32 -14.79
CA GLN C 603 53.35 -18.32 -14.02
C GLN C 603 52.01 -18.11 -14.70
N LEU C 604 52.07 -18.07 -16.02
CA LEU C 604 51.01 -17.62 -16.89
C LEU C 604 51.31 -18.06 -18.31
N ALA C 605 50.31 -18.55 -19.01
CA ALA C 605 50.41 -18.86 -20.44
C ALA C 605 49.13 -18.44 -21.11
N VAL C 606 49.24 -18.03 -22.37
CA VAL C 606 48.06 -17.71 -23.16
C VAL C 606 48.07 -18.57 -24.40
N THR C 607 46.99 -19.30 -24.62
CA THR C 607 46.91 -20.19 -25.78
C THR C 607 45.59 -19.96 -26.53
N GLN C 608 45.51 -20.49 -27.74
CA GLN C 608 44.23 -20.55 -28.42
C GLN C 608 43.31 -21.47 -27.64
N ARG C 609 42.09 -21.02 -27.40
CA ARG C 609 41.03 -21.85 -26.86
C ARG C 609 40.69 -22.92 -27.91
N LYS C 610 40.85 -24.19 -27.52
CA LYS C 610 40.53 -25.30 -28.41
C LYS C 610 39.56 -26.26 -27.73
N GLU C 611 38.60 -26.76 -28.49
CA GLU C 611 37.65 -27.73 -27.95
C GLU C 611 38.33 -29.01 -27.46
N GLU C 612 39.45 -29.38 -28.10
CA GLU C 612 40.23 -30.59 -27.73
C GLU C 612 41.22 -30.34 -26.58
N GLU C 613 41.21 -29.14 -26.00
CA GLU C 613 42.11 -28.83 -24.89
C GLU C 613 41.30 -28.23 -23.76
N PRO C 614 40.36 -29.01 -23.20
CA PRO C 614 39.42 -28.44 -22.25
C PRO C 614 40.04 -28.26 -20.86
N SER C 615 41.15 -28.97 -20.60
CA SER C 615 41.75 -29.03 -19.26
C SER C 615 43.27 -29.11 -19.31
N SER C 616 43.94 -28.47 -18.36
CA SER C 616 45.40 -28.59 -18.25
C SER C 616 45.84 -29.81 -17.46
N SER C 617 44.88 -30.59 -16.96
CA SER C 617 45.17 -31.77 -16.16
C SER C 617 44.12 -32.85 -16.41
N SER C 618 44.21 -33.94 -15.66
CA SER C 618 43.32 -35.08 -15.83
C SER C 618 43.31 -35.87 -14.55
N VAL C 619 42.16 -36.48 -14.26
CA VAL C 619 42.00 -37.29 -13.08
C VAL C 619 43.00 -38.46 -13.08
N PHE C 620 43.50 -38.79 -14.26
CA PHE C 620 44.35 -39.96 -14.45
C PHE C 620 45.83 -39.65 -14.29
N ASN C 621 46.18 -38.37 -14.16
CA ASN C 621 47.58 -38.01 -14.02
C ASN C 621 48.23 -38.45 -12.71
N GLN C 622 47.45 -38.50 -11.63
CA GLN C 622 47.99 -38.79 -10.30
C GLN C 622 48.69 -40.14 -10.17
N ASN C 623 48.04 -41.19 -10.66
CA ASN C 623 48.58 -42.55 -10.61
C ASN C 623 49.46 -42.91 -11.82
N ASP C 624 49.65 -41.95 -12.73
CA ASP C 624 50.64 -42.15 -13.81
C ASP C 624 51.24 -40.84 -14.36
N PRO C 625 51.93 -40.06 -13.49
CA PRO C 625 52.53 -38.80 -13.95
C PRO C 625 53.59 -39.06 -15.01
N TRP C 626 54.16 -40.27 -15.02
CA TRP C 626 55.23 -40.66 -15.94
C TRP C 626 54.74 -40.76 -17.38
N ALA C 627 53.51 -41.23 -17.54
CA ALA C 627 52.84 -41.17 -18.83
C ALA C 627 51.55 -40.35 -18.65
N PRO C 628 51.68 -39.00 -18.78
CA PRO C 628 50.58 -38.04 -18.57
C PRO C 628 49.42 -38.31 -19.51
N THR C 629 48.21 -38.13 -19.04
CA THR C 629 47.02 -38.24 -19.89
C THR C 629 46.80 -36.87 -20.51
N VAL C 630 47.08 -35.83 -19.72
CA VAL C 630 47.15 -34.46 -20.21
C VAL C 630 48.52 -33.86 -19.84
N ASP C 631 49.20 -33.28 -20.83
CA ASP C 631 50.48 -32.62 -20.61
C ASP C 631 50.28 -31.18 -21.04
N PHE C 632 50.24 -30.27 -20.08
CA PHE C 632 49.91 -28.88 -20.36
C PHE C 632 50.81 -28.21 -21.40
N SER C 633 52.12 -28.44 -21.32
CA SER C 633 53.05 -27.82 -22.26
C SER C 633 52.78 -28.18 -23.73
N ASP C 634 52.07 -29.29 -23.96
CA ASP C 634 51.60 -29.62 -25.31
C ASP C 634 50.71 -28.53 -25.91
N PHE C 635 50.05 -27.74 -25.04
CA PHE C 635 49.16 -26.67 -25.51
C PHE C 635 49.94 -25.46 -26.05
N ILE C 636 51.21 -25.34 -25.64
CA ILE C 636 52.04 -24.23 -26.08
C ILE C 636 52.93 -24.68 -27.22
N ASN C 637 52.42 -24.50 -28.43
CA ASN C 637 53.16 -24.74 -29.66
C ASN C 637 53.29 -23.41 -30.38
N ASN C 638 53.78 -23.42 -31.61
CA ASN C 638 54.12 -22.17 -32.28
C ASN C 638 52.96 -21.30 -32.77
N GLU C 639 51.76 -21.48 -32.23
CA GLU C 639 50.56 -20.88 -32.84
C GLU C 639 50.42 -19.37 -32.58
N THR C 640 49.72 -18.70 -33.48
CA THR C 640 49.40 -17.29 -33.31
C THR C 640 48.32 -17.04 -32.24
N ILE C 641 48.48 -15.94 -31.52
CA ILE C 641 47.51 -15.45 -30.56
C ILE C 641 47.14 -14.01 -30.94
N ALA C 642 47.40 -13.67 -32.20
CA ALA C 642 47.03 -12.37 -32.72
C ALA C 642 45.70 -12.49 -33.44
N GLY C 643 44.60 -12.29 -32.71
CA GLY C 643 43.26 -12.25 -33.28
C GLY C 643 42.56 -13.59 -33.30
N LYS C 644 42.42 -14.20 -32.13
CA LYS C 644 41.82 -15.53 -32.00
C LYS C 644 41.10 -15.64 -30.67
N ASP C 645 40.33 -16.72 -30.49
CA ASP C 645 39.75 -17.00 -29.17
C ASP C 645 40.84 -17.45 -28.21
N LEU C 646 41.16 -16.60 -27.23
CA LEU C 646 42.27 -16.85 -26.33
C LEU C 646 41.80 -17.32 -24.97
N VAL C 647 42.60 -18.19 -24.38
CA VAL C 647 42.42 -18.55 -23.00
C VAL C 647 43.75 -18.36 -22.25
N ALA C 648 43.69 -17.77 -21.06
CA ALA C 648 44.88 -17.66 -20.23
C ALA C 648 44.85 -18.68 -19.10
N TRP C 649 46.04 -19.16 -18.75
CA TRP C 649 46.18 -20.19 -17.73
C TRP C 649 47.10 -19.65 -16.64
N VAL C 650 46.58 -19.59 -15.41
CA VAL C 650 47.32 -18.94 -14.33
C VAL C 650 47.72 -19.94 -13.24
N THR C 651 49.01 -19.94 -12.89
CA THR C 651 49.51 -20.73 -11.76
C THR C 651 49.73 -19.81 -10.56
N ALA C 652 49.36 -20.28 -9.38
CA ALA C 652 49.47 -19.49 -8.15
C ALA C 652 49.81 -20.43 -7.02
N GLY C 653 50.83 -20.10 -6.22
CA GLY C 653 51.27 -20.97 -5.14
C GLY C 653 52.35 -20.40 -4.25
N PHE C 654 52.87 -21.22 -3.34
CA PHE C 654 53.86 -20.76 -2.36
C PHE C 654 54.57 -21.93 -1.70
N LEU C 655 55.77 -21.66 -1.19
CA LEU C 655 56.48 -22.62 -0.35
C LEU C 655 55.90 -22.57 1.05
N HIS C 656 55.76 -23.73 1.66
CA HIS C 656 55.31 -23.78 3.04
C HIS C 656 56.30 -24.59 3.88
N ILE C 657 57.02 -23.89 4.75
CA ILE C 657 57.88 -24.55 5.73
C ILE C 657 57.11 -24.53 7.04
N PRO C 658 56.50 -25.65 7.41
CA PRO C 658 55.69 -25.62 8.62
C PRO C 658 56.48 -25.14 9.85
N HIS C 659 55.75 -24.53 10.77
CA HIS C 659 56.32 -23.92 11.95
C HIS C 659 55.29 -24.13 13.06
N ALA C 660 55.69 -23.94 14.30
CA ALA C 660 54.81 -24.16 15.47
C ALA C 660 53.41 -23.57 15.30
N GLU C 661 53.31 -22.43 14.62
CA GLU C 661 52.04 -21.72 14.42
C GLU C 661 51.05 -22.42 13.47
N ASP C 662 51.48 -23.49 12.81
CA ASP C 662 50.57 -24.32 12.02
C ASP C 662 49.85 -25.36 12.87
N ILE C 663 49.93 -25.25 14.20
CA ILE C 663 49.37 -26.25 15.10
C ILE C 663 48.33 -25.58 16.00
N PRO C 664 47.08 -26.08 15.97
CA PRO C 664 46.56 -27.27 15.30
C PRO C 664 46.41 -27.17 13.78
N ASN C 665 46.22 -25.96 13.25
CA ASN C 665 45.94 -25.76 11.83
C ASN C 665 46.79 -24.63 11.22
N THR C 666 47.00 -24.68 9.91
CA THR C 666 47.55 -23.55 9.17
C THR C 666 46.47 -22.46 9.04
N VAL C 667 46.81 -21.23 9.42
CA VAL C 667 45.88 -20.12 9.32
C VAL C 667 45.96 -19.52 7.91
N THR C 668 44.91 -18.82 7.52
CA THR C 668 44.77 -18.31 6.16
C THR C 668 45.47 -16.98 5.96
N VAL C 669 45.97 -16.40 7.05
CA VAL C 669 46.56 -15.06 7.05
C VAL C 669 47.78 -15.03 6.16
N GLY C 670 47.78 -14.11 5.19
CA GLY C 670 48.95 -13.90 4.33
C GLY C 670 49.14 -14.96 3.26
N ASN C 671 48.32 -16.01 3.31
CA ASN C 671 48.50 -17.22 2.51
C ASN C 671 47.52 -17.39 1.36
N GLY C 672 46.79 -16.32 1.05
CA GLY C 672 45.92 -16.28 -0.11
C GLY C 672 46.73 -15.93 -1.32
N VAL C 673 46.60 -16.72 -2.38
CA VAL C 673 47.25 -16.41 -3.64
C VAL C 673 46.22 -16.55 -4.74
N GLY C 674 46.53 -16.01 -5.91
CA GLY C 674 45.61 -16.01 -7.04
C GLY C 674 45.93 -14.87 -7.98
N PHE C 675 44.89 -14.18 -8.42
CA PHE C 675 45.05 -13.13 -9.42
C PHE C 675 43.80 -12.26 -9.52
N PHE C 676 43.99 -11.09 -10.11
CA PHE C 676 42.95 -10.16 -10.44
C PHE C 676 42.76 -10.09 -11.93
N LEU C 677 41.51 -9.87 -12.35
CA LEU C 677 41.22 -9.47 -13.72
C LEU C 677 40.59 -8.08 -13.67
N ARG C 678 41.34 -7.09 -14.14
CA ARG C 678 40.95 -5.67 -14.01
C ARG C 678 40.71 -5.02 -15.36
N PRO C 679 39.64 -4.20 -15.48
CA PRO C 679 39.33 -3.54 -16.76
C PRO C 679 40.42 -2.54 -17.11
N TYR C 680 40.87 -2.55 -18.36
CA TYR C 680 41.92 -1.64 -18.78
C TYR C 680 41.55 -1.08 -20.13
N ASN C 681 40.98 0.13 -20.08
CA ASN C 681 40.38 0.78 -21.21
C ASN C 681 39.26 -0.03 -21.82
N PHE C 682 38.63 -0.86 -21.00
CA PHE C 682 37.49 -1.64 -21.42
C PHE C 682 36.27 -0.71 -21.49
N PHE C 683 36.11 0.09 -20.44
CA PHE C 683 35.04 1.08 -20.32
C PHE C 683 35.49 2.46 -20.80
N ASP C 684 34.58 3.44 -20.75
CA ASP C 684 34.90 4.81 -21.12
C ASP C 684 35.25 5.64 -19.90
N GLU C 685 34.81 5.12 -18.76
CA GLU C 685 35.09 5.69 -17.45
C GLU C 685 34.82 4.57 -16.44
N ASP C 686 35.13 4.80 -15.17
CA ASP C 686 34.90 3.80 -14.13
C ASP C 686 33.40 3.62 -13.91
N PRO C 687 32.90 2.39 -14.10
CA PRO C 687 31.46 2.17 -13.94
C PRO C 687 30.91 2.46 -12.54
N SER C 688 31.78 2.47 -11.53
CA SER C 688 31.33 2.79 -10.16
C SER C 688 30.86 4.25 -10.02
N PHE C 689 31.15 5.08 -11.02
CA PHE C 689 30.56 6.42 -11.09
C PHE C 689 29.04 6.37 -11.00
N TYR C 690 28.48 5.33 -11.63
CA TYR C 690 27.04 5.11 -11.76
C TYR C 690 26.41 4.28 -10.63
N SER C 691 27.17 4.04 -9.56
CA SER C 691 26.71 3.19 -8.47
C SER C 691 25.52 3.80 -7.73
N ALA C 692 24.60 2.95 -7.30
CA ALA C 692 23.45 3.41 -6.51
C ALA C 692 23.86 3.86 -5.09
N ASP C 693 25.03 3.42 -4.65
CA ASP C 693 25.44 3.53 -3.26
C ASP C 693 26.49 4.58 -3.01
N SER C 694 26.90 5.21 -4.10
CA SER C 694 27.86 6.32 -4.09
C SER C 694 27.37 7.50 -3.24
N ILE C 695 28.32 8.23 -2.65
CA ILE C 695 28.03 9.35 -1.76
C ILE C 695 28.79 10.59 -2.18
N TYR C 696 28.10 11.73 -2.10
CA TYR C 696 28.65 13.01 -2.48
C TYR C 696 27.95 14.14 -1.72
N PHE C 697 28.73 15.12 -1.28
CA PHE C 697 28.22 16.34 -0.65
C PHE C 697 29.27 17.45 -0.68
N ARG C 698 28.81 18.70 -0.70
CA ARG C 698 29.70 19.85 -0.66
C ARG C 698 29.78 20.41 0.76
N GLY C 699 30.68 21.36 0.96
CA GLY C 699 30.81 22.07 2.23
C GLY C 699 29.63 23.00 2.51
N ASP C 700 28.95 23.43 1.45
CA ASP C 700 27.74 24.28 1.59
C ASP C 700 26.42 23.48 1.68
N GLN C 701 26.52 22.15 1.62
CA GLN C 701 25.40 21.23 1.80
C GLN C 701 25.43 20.60 3.20
N ASP C 702 24.24 20.39 3.77
CA ASP C 702 24.08 19.68 5.05
C ASP C 702 24.40 18.19 4.86
N ALA C 703 25.62 17.81 5.23
CA ALA C 703 26.07 16.41 5.15
C ALA C 703 25.27 15.49 6.09
N GLY C 704 24.56 16.11 7.04
CA GLY C 704 23.71 15.39 7.99
C GLY C 704 22.27 15.18 7.55
N ALA C 705 21.86 15.89 6.50
CA ALA C 705 20.51 15.71 5.94
C ALA C 705 20.45 14.49 5.03
N CYS C 706 19.35 13.74 5.11
CA CYS C 706 19.21 12.45 4.43
C CYS C 706 19.10 12.52 2.90
N GLU C 707 18.38 13.51 2.38
CA GLU C 707 18.20 13.67 0.93
C GLU C 707 19.51 14.06 0.23
N VAL C 708 20.40 14.72 0.98
CA VAL C 708 21.75 15.09 0.52
C VAL C 708 22.69 13.88 0.59
N ASN C 709 22.73 13.22 1.74
CA ASN C 709 23.65 12.10 1.99
C ASN C 709 22.91 10.87 2.54
N PRO C 710 22.67 9.85 1.67
CA PRO C 710 21.98 8.61 2.07
C PRO C 710 22.55 7.87 3.30
N LEU C 711 23.74 8.26 3.77
CA LEU C 711 24.36 7.67 4.98
C LEU C 711 23.86 8.28 6.28
N ALA C 712 23.25 9.46 6.20
CA ALA C 712 22.58 10.08 7.32
C ALA C 712 21.24 9.39 7.56
N CYS C 713 20.81 8.62 6.57
CA CYS C 713 19.51 7.95 6.58
C CYS C 713 19.56 6.53 7.14
N LEU C 714 20.77 6.02 7.32
CA LEU C 714 21.02 4.68 7.85
C LEU C 714 20.66 4.51 9.34
N PRO C 715 21.09 5.45 10.21
CA PRO C 715 20.70 5.35 11.64
C PRO C 715 19.20 5.53 11.93
N GLN C 716 18.39 4.61 11.39
CA GLN C 716 16.93 4.58 11.56
C GLN C 716 16.30 3.58 10.57
N ALA C 717 16.63 3.76 9.29
CA ALA C 717 16.22 2.83 8.23
C ALA C 717 17.09 1.56 8.26
N ALA C 718 18.01 1.52 9.22
CA ALA C 718 18.76 0.32 9.57
C ALA C 718 18.70 0.08 11.10
N ALA C 719 17.59 0.49 11.71
CA ALA C 719 17.37 0.26 13.13
C ALA C 719 16.31 -0.84 13.35
N CYS C 720 16.54 -2.00 12.73
CA CYS C 720 15.68 -3.17 12.90
C CYS C 720 16.46 -4.37 13.46
N ALA C 721 15.73 -5.32 14.02
CA ALA C 721 16.30 -6.57 14.52
C ALA C 721 16.52 -7.54 13.36
N PRO C 722 17.80 -7.89 13.07
CA PRO C 722 18.10 -8.82 11.97
C PRO C 722 17.55 -10.22 12.23
N ASP C 723 16.96 -10.81 11.19
CA ASP C 723 16.33 -12.13 11.27
C ASP C 723 17.34 -13.24 10.90
N LEU C 724 17.80 -13.95 11.92
CA LEU C 724 18.82 -14.98 11.75
C LEU C 724 18.22 -16.39 11.84
N PRO C 725 18.31 -17.17 10.75
CA PRO C 725 17.80 -18.54 10.79
C PRO C 725 18.53 -19.36 11.85
N ALA C 726 17.81 -20.27 12.52
CA ALA C 726 18.41 -21.14 13.54
C ALA C 726 19.54 -21.96 12.93
N PHE C 727 20.58 -22.22 13.72
CA PHE C 727 21.75 -22.91 13.20
C PHE C 727 21.43 -24.30 12.65
N SER C 728 22.03 -24.62 11.50
CA SER C 728 21.85 -25.89 10.81
C SER C 728 23.19 -26.31 10.21
N HIS C 729 23.47 -27.62 10.24
CA HIS C 729 24.73 -28.16 9.69
C HIS C 729 24.56 -29.28 8.65
N GLY C 730 25.43 -29.26 7.64
CA GLY C 730 25.37 -30.19 6.52
C GLY C 730 25.68 -31.66 6.78
N GLY C 731 26.35 -31.97 7.89
CA GLY C 731 26.65 -33.35 8.29
C GLY C 731 27.99 -33.94 7.85
N PHE C 732 28.15 -35.23 8.13
CA PHE C 732 29.41 -35.98 7.89
C PHE C 732 29.12 -37.32 7.22
N SER C 733 29.85 -37.61 6.13
CA SER C 733 29.69 -38.89 5.42
C SER C 733 30.69 -39.96 5.89
N HIS C 734 30.33 -40.88 6.66
N PRO D 11 14.98 -4.39 21.70
CA PRO D 11 15.87 -3.56 22.50
C PRO D 11 17.15 -3.15 21.75
N HIS D 12 17.86 -2.15 22.28
CA HIS D 12 19.16 -1.74 21.75
C HIS D 12 20.26 -2.74 22.13
N CYS D 13 21.44 -2.61 21.54
CA CYS D 13 22.53 -3.56 21.76
C CYS D 13 23.51 -3.09 22.85
N PRO D 14 23.67 -3.89 23.94
CA PRO D 14 24.53 -3.51 25.07
C PRO D 14 26.01 -3.46 24.70
N GLN D 30 51.49 8.76 28.86
CA GLN D 30 51.53 8.16 27.52
C GLN D 30 52.74 8.65 26.75
N LEU D 31 53.75 7.79 26.68
CA LEU D 31 55.07 8.14 26.16
C LEU D 31 55.10 8.57 24.69
N PHE D 32 54.21 7.99 23.87
CA PHE D 32 54.25 8.17 22.42
C PHE D 32 53.06 8.95 21.88
N ALA D 33 52.21 9.46 22.77
CA ALA D 33 51.08 10.29 22.33
C ALA D 33 51.59 11.51 21.57
N ASP D 34 50.90 11.85 20.47
CA ASP D 34 51.10 13.15 19.87
C ASP D 34 50.80 14.25 20.91
N LEU D 35 51.29 15.46 20.64
CA LEU D 35 51.08 16.60 21.53
C LEU D 35 49.62 17.02 21.56
N SER D 36 49.10 17.28 22.76
CA SER D 36 47.74 17.81 22.96
C SER D 36 47.66 19.29 22.57
N ARG D 37 46.43 19.81 22.52
CA ARG D 37 46.22 21.24 22.28
C ARG D 37 46.98 22.05 23.31
N GLU D 38 46.73 21.73 24.59
CA GLU D 38 47.38 22.38 25.74
C GLU D 38 48.91 22.37 25.61
N GLU D 39 49.48 21.23 25.26
CA GLU D 39 50.93 21.12 25.10
C GLU D 39 51.46 21.99 23.96
N LEU D 40 50.75 21.98 22.82
CA LEU D 40 51.12 22.77 21.65
C LEU D 40 51.06 24.26 21.98
N THR D 41 50.03 24.67 22.70
CA THR D 41 49.87 26.05 23.14
C THR D 41 51.08 26.50 23.94
N ALA D 42 51.54 25.63 24.85
CA ALA D 42 52.67 25.95 25.75
C ALA D 42 54.01 26.05 25.03
N VAL D 43 54.25 25.17 24.05
CA VAL D 43 55.48 25.25 23.25
C VAL D 43 55.51 26.54 22.40
N MET D 44 54.37 26.91 21.81
CA MET D 44 54.26 28.11 21.01
C MET D 44 54.45 29.38 21.86
N ARG D 45 53.99 29.31 23.11
CA ARG D 45 54.05 30.42 24.04
C ARG D 45 55.47 30.63 24.55
N PHE D 46 56.18 29.53 24.79
CA PHE D 46 57.58 29.58 25.19
C PHE D 46 58.43 30.14 24.05
N LEU D 47 58.09 29.78 22.82
CA LEU D 47 58.80 30.25 21.63
C LEU D 47 58.58 31.74 21.37
N THR D 48 57.34 32.20 21.45
CA THR D 48 57.02 33.63 21.23
C THR D 48 57.71 34.56 22.24
N GLN D 49 58.18 34.00 23.36
CA GLN D 49 58.97 34.74 24.36
C GLN D 49 60.46 34.81 24.00
N ARG D 50 61.02 33.68 23.57
CA ARG D 50 62.46 33.50 23.43
C ARG D 50 63.05 33.84 22.06
N LEU D 51 62.21 33.89 21.02
CA LEU D 51 62.70 34.12 19.66
C LEU D 51 62.75 35.58 19.24
N GLY D 52 62.49 36.48 20.19
CA GLY D 52 62.45 37.90 19.91
C GLY D 52 61.05 38.31 19.50
N PRO D 53 60.76 39.61 19.56
CA PRO D 53 59.42 40.13 19.23
C PRO D 53 59.17 40.24 17.71
N GLY D 54 60.21 40.03 16.91
CA GLY D 54 60.09 40.19 15.45
C GLY D 54 59.36 39.07 14.76
N LEU D 55 59.06 38.01 15.53
CA LEU D 55 58.46 36.76 15.03
C LEU D 55 57.05 36.97 14.48
N VAL D 56 56.77 36.35 13.33
CA VAL D 56 55.53 36.58 12.58
C VAL D 56 54.75 35.29 12.40
N ASP D 57 53.42 35.38 12.40
CA ASP D 57 52.58 34.22 12.19
C ASP D 57 52.83 33.62 10.79
N ALA D 58 53.22 32.35 10.77
CA ALA D 58 53.59 31.63 9.53
C ALA D 58 52.49 31.60 8.48
N ALA D 59 51.25 31.67 8.94
CA ALA D 59 50.08 31.69 8.05
C ALA D 59 50.07 32.87 7.07
N GLN D 60 50.83 33.92 7.38
CA GLN D 60 50.95 35.11 6.50
C GLN D 60 52.39 35.61 6.43
N ALA D 61 53.35 34.71 6.63
CA ALA D 61 54.75 35.11 6.59
C ALA D 61 55.26 35.29 5.18
N ARG D 62 56.03 36.35 4.99
CA ARG D 62 56.73 36.59 3.74
C ARG D 62 58.09 35.86 3.85
N PRO D 63 58.75 35.58 2.72
CA PRO D 63 60.06 34.93 2.75
C PRO D 63 61.09 35.52 3.73
N SER D 64 61.10 36.85 3.90
CA SER D 64 62.12 37.51 4.74
C SER D 64 61.69 37.70 6.21
N ASP D 65 60.64 36.98 6.61
CA ASP D 65 60.19 36.98 8.00
C ASP D 65 60.78 35.81 8.76
N ASN D 66 60.84 35.94 10.09
CA ASN D 66 61.04 34.82 10.98
C ASN D 66 59.66 34.27 11.33
N CYS D 67 59.49 32.95 11.28
CA CYS D 67 58.23 32.34 11.69
C CYS D 67 58.39 30.88 12.08
N VAL D 68 57.38 30.35 12.77
CA VAL D 68 57.38 28.97 13.18
C VAL D 68 56.56 28.14 12.22
N PHE D 69 57.24 27.26 11.50
CA PHE D 69 56.64 26.45 10.45
C PHE D 69 55.82 25.29 11.02
N SER D 70 56.34 24.68 12.09
CA SER D 70 55.69 23.53 12.74
C SER D 70 56.15 23.28 14.17
N VAL D 71 55.23 22.80 14.99
CA VAL D 71 55.55 22.26 16.30
C VAL D 71 54.92 20.86 16.39
N GLU D 72 55.71 19.85 16.74
CA GLU D 72 55.17 18.49 17.00
C GLU D 72 56.02 17.69 17.99
N LEU D 73 55.58 16.47 18.28
CA LEU D 73 56.30 15.62 19.23
C LEU D 73 57.73 15.29 18.77
N GLN D 74 58.68 15.41 19.68
CA GLN D 74 60.01 14.84 19.48
C GLN D 74 59.96 13.46 20.14
N LEU D 75 60.10 12.42 19.33
CA LEU D 75 60.02 11.07 19.83
C LEU D 75 61.09 10.82 20.88
N PRO D 76 60.75 10.11 21.95
CA PRO D 76 61.74 9.93 23.01
C PRO D 76 62.88 9.02 22.57
N PRO D 77 64.08 9.19 23.16
CA PRO D 77 65.17 8.21 22.97
C PRO D 77 64.72 6.82 23.38
N LYS D 78 65.09 5.81 22.60
CA LYS D 78 64.62 4.46 22.86
C LYS D 78 65.01 3.91 24.23
N ALA D 79 66.27 4.07 24.62
CA ALA D 79 66.78 3.38 25.81
C ALA D 79 66.03 3.83 27.06
N ALA D 80 65.81 5.14 27.18
CA ALA D 80 65.05 5.68 28.30
C ALA D 80 63.55 5.38 28.19
N ALA D 81 63.02 5.33 26.97
CA ALA D 81 61.63 4.91 26.75
C ALA D 81 61.37 3.50 27.25
N LEU D 82 62.20 2.54 26.83
CA LEU D 82 62.06 1.17 27.32
C LEU D 82 62.26 1.03 28.81
N ALA D 83 63.24 1.73 29.39
CA ALA D 83 63.48 1.62 30.83
C ALA D 83 62.23 1.98 31.64
N HIS D 84 61.51 3.01 31.23
CA HIS D 84 60.25 3.41 31.89
C HIS D 84 59.15 2.36 31.69
N LEU D 85 59.06 1.83 30.46
CA LEU D 85 58.05 0.85 30.12
C LEU D 85 58.29 -0.48 30.83
N ASP D 86 59.57 -0.84 30.99
CA ASP D 86 59.97 -2.14 31.55
C ASP D 86 60.14 -2.16 33.08
N ARG D 87 60.91 -1.24 33.66
CA ARG D 87 61.11 -1.29 35.11
C ARG D 87 60.65 -0.07 35.88
N GLY D 88 59.83 0.76 35.26
CA GLY D 88 59.28 1.93 35.92
C GLY D 88 60.27 3.06 36.21
N SER D 89 61.39 3.09 35.49
CA SER D 89 62.33 4.22 35.53
C SER D 89 61.59 5.50 35.19
N PRO D 90 62.03 6.65 35.74
CA PRO D 90 61.33 7.88 35.41
C PRO D 90 61.36 8.12 33.89
N PRO D 91 60.25 8.60 33.30
CA PRO D 91 60.16 8.76 31.83
C PRO D 91 61.19 9.76 31.30
N PRO D 92 61.58 9.63 30.03
CA PRO D 92 62.34 10.71 29.41
C PRO D 92 61.47 11.95 29.28
N ALA D 93 62.08 13.11 29.41
CA ALA D 93 61.37 14.37 29.22
C ALA D 93 60.55 14.39 27.91
N ARG D 94 59.28 14.79 28.02
CA ARG D 94 58.40 15.09 26.89
C ARG D 94 58.97 16.33 26.20
N GLU D 95 59.38 16.18 24.96
CA GLU D 95 59.95 17.28 24.23
C GLU D 95 59.24 17.49 22.90
N ALA D 96 59.25 18.72 22.42
CA ALA D 96 58.73 19.02 21.10
C ALA D 96 59.87 19.38 20.14
N LEU D 97 59.59 19.25 18.85
CA LEU D 97 60.50 19.79 17.84
C LEU D 97 59.78 20.91 17.11
N ALA D 98 60.44 22.07 17.04
CA ALA D 98 59.95 23.20 16.26
C ALA D 98 60.87 23.44 15.09
N ILE D 99 60.29 23.60 13.91
CA ILE D 99 61.01 24.01 12.74
C ILE D 99 60.72 25.50 12.59
N VAL D 100 61.79 26.30 12.64
CA VAL D 100 61.65 27.75 12.56
C VAL D 100 62.28 28.24 11.26
N PHE D 101 61.54 29.05 10.51
CA PHE D 101 62.12 29.70 9.34
C PHE D 101 62.75 31.04 9.76
N PHE D 102 64.08 31.08 9.80
CA PHE D 102 64.78 32.32 10.20
C PHE D 102 65.13 33.19 9.00
N GLY D 103 64.16 33.97 8.55
CA GLY D 103 64.29 34.77 7.32
C GLY D 103 64.77 36.21 7.49
N ARG D 104 64.49 36.80 8.65
CA ARG D 104 64.83 38.19 8.93
C ARG D 104 66.27 38.36 9.40
N GLN D 105 67.24 37.94 8.58
CA GLN D 105 68.68 38.07 8.93
C GLN D 105 69.61 38.09 7.71
N PRO D 106 70.85 38.60 7.90
CA PRO D 106 71.92 38.52 6.87
C PRO D 106 72.10 37.13 6.21
N GLN D 107 72.12 36.04 6.99
CA GLN D 107 72.13 34.68 6.42
C GLN D 107 70.97 33.83 6.90
N PRO D 108 69.86 33.86 6.15
CA PRO D 108 68.67 33.08 6.50
C PRO D 108 68.98 31.60 6.60
N ASN D 109 68.39 30.94 7.59
CA ASN D 109 68.44 29.49 7.69
C ASN D 109 67.13 28.95 8.25
N VAL D 110 66.96 27.63 8.15
CA VAL D 110 65.93 26.96 8.91
C VAL D 110 66.57 26.18 10.07
N SER D 111 66.01 26.34 11.27
CA SER D 111 66.53 25.66 12.45
C SER D 111 65.52 24.68 13.05
N GLU D 112 66.03 23.57 13.56
CA GLU D 112 65.24 22.62 14.30
C GLU D 112 65.55 22.85 15.77
N LEU D 113 64.50 23.10 16.55
CA LEU D 113 64.67 23.47 17.95
C LEU D 113 63.92 22.50 18.85
N VAL D 114 64.64 21.80 19.70
CA VAL D 114 64.01 20.93 20.67
C VAL D 114 63.58 21.76 21.87
N VAL D 115 62.27 21.78 22.14
CA VAL D 115 61.73 22.55 23.27
C VAL D 115 61.26 21.58 24.34
N GLY D 116 61.55 21.91 25.60
CA GLY D 116 61.17 21.06 26.72
C GLY D 116 61.42 21.66 28.08
N PRO D 117 60.98 20.96 29.15
CA PRO D 117 60.15 19.78 29.08
C PRO D 117 58.67 20.15 29.06
N LEU D 118 57.80 19.20 28.77
CA LEU D 118 56.38 19.42 28.93
C LEU D 118 55.94 18.81 30.25
N PRO D 119 54.89 19.36 30.89
CA PRO D 119 53.98 20.40 30.40
C PRO D 119 54.46 21.86 30.54
N HIS D 120 55.54 22.10 31.27
CA HIS D 120 56.00 23.47 31.54
C HIS D 120 57.42 23.77 31.03
N PRO D 121 57.52 24.19 29.76
CA PRO D 121 58.79 24.32 29.03
C PRO D 121 59.74 25.35 29.64
N SER D 122 61.03 25.06 29.60
CA SER D 122 62.06 25.90 30.20
C SER D 122 63.40 25.88 29.47
N TYR D 123 63.49 25.06 28.42
CA TYR D 123 64.67 25.09 27.55
C TYR D 123 64.31 24.92 26.08
N MET D 124 65.26 25.31 25.24
CA MET D 124 65.09 25.30 23.79
C MET D 124 66.47 25.06 23.19
N ARG D 125 66.64 23.99 22.42
CA ARG D 125 67.96 23.60 21.95
C ARG D 125 68.07 23.53 20.45
N ASP D 126 69.05 24.23 19.90
CA ASP D 126 69.32 24.13 18.48
C ASP D 126 70.05 22.83 18.21
N VAL D 127 69.33 21.87 17.65
CA VAL D 127 69.90 20.58 17.26
C VAL D 127 70.32 20.55 15.78
N THR D 128 70.18 21.68 15.07
CA THR D 128 70.39 21.70 13.62
C THR D 128 71.79 21.28 13.18
N VAL D 129 72.81 21.88 13.79
CA VAL D 129 74.21 21.61 13.46
C VAL D 129 74.55 20.16 13.79
N GLU D 130 74.22 19.77 15.02
CA GLU D 130 74.41 18.41 15.52
C GLU D 130 73.79 17.35 14.59
N ARG D 131 72.66 17.65 13.99
CA ARG D 131 71.96 16.67 13.16
C ARG D 131 72.46 16.63 11.71
N HIS D 132 72.97 17.75 11.21
CA HIS D 132 73.21 17.87 9.77
C HIS D 132 74.62 18.26 9.36
N GLY D 133 75.44 18.63 10.35
CA GLY D 133 76.81 19.05 10.12
C GLY D 133 76.95 20.55 9.94
N GLY D 134 75.85 21.28 10.17
CA GLY D 134 75.84 22.73 10.01
C GLY D 134 74.46 23.27 9.67
N PRO D 135 74.38 24.51 9.15
CA PRO D 135 73.09 25.16 8.90
C PRO D 135 72.27 24.43 7.83
N LEU D 136 70.94 24.48 7.95
CA LEU D 136 70.04 24.05 6.87
C LEU D 136 69.86 25.21 5.92
N PRO D 137 70.34 25.07 4.67
CA PRO D 137 70.18 26.09 3.63
C PRO D 137 68.71 26.49 3.46
N TYR D 138 68.46 27.79 3.26
CA TYR D 138 67.09 28.33 3.29
C TYR D 138 66.16 27.79 2.22
N HIS D 139 66.73 27.48 1.06
CA HIS D 139 65.95 27.02 -0.09
C HIS D 139 65.40 25.61 0.07
N ARG D 140 65.88 24.88 1.08
CA ARG D 140 65.32 23.56 1.40
C ARG D 140 63.95 23.68 2.07
N ARG D 141 63.61 24.86 2.57
CA ARG D 141 62.37 25.03 3.33
C ARG D 141 61.15 24.73 2.46
N PRO D 142 60.17 23.97 2.98
CA PRO D 142 58.92 23.83 2.23
C PRO D 142 58.26 25.18 1.87
N VAL D 143 57.54 25.20 0.75
CA VAL D 143 56.84 26.40 0.31
C VAL D 143 55.65 26.65 1.22
N LEU D 144 55.60 27.84 1.81
CA LEU D 144 54.50 28.20 2.70
C LEU D 144 53.18 28.38 1.96
N PHE D 145 52.04 28.24 2.66
CA PHE D 145 50.75 28.60 2.08
C PHE D 145 50.73 30.06 1.60
N GLN D 146 51.32 30.95 2.40
CA GLN D 146 51.43 32.37 2.02
C GLN D 146 52.29 32.58 0.78
N GLU D 147 53.26 31.69 0.56
CA GLU D 147 54.13 31.72 -0.62
C GLU D 147 53.34 31.29 -1.86
N TYR D 148 52.53 30.24 -1.72
CA TYR D 148 51.65 29.80 -2.79
C TYR D 148 50.70 30.93 -3.18
N LEU D 149 50.27 31.70 -2.19
CA LEU D 149 49.34 32.82 -2.41
C LEU D 149 49.99 33.95 -3.19
N ASP D 150 51.23 34.29 -2.84
CA ASP D 150 52.02 35.27 -3.57
C ASP D 150 52.33 34.84 -5.00
N ILE D 151 52.62 33.56 -5.19
CA ILE D 151 52.82 33.04 -6.54
C ILE D 151 51.55 33.25 -7.38
N ASP D 152 50.39 32.89 -6.83
CA ASP D 152 49.12 33.15 -7.52
C ASP D 152 48.85 34.65 -7.74
N GLN D 153 49.03 35.45 -6.69
CA GLN D 153 48.96 36.90 -6.80
C GLN D 153 49.75 37.40 -8.03
N MET D 154 50.98 36.93 -8.18
CA MET D 154 51.85 37.30 -9.29
C MET D 154 51.36 36.78 -10.65
N ILE D 155 50.97 35.51 -10.71
CA ILE D 155 50.47 34.90 -11.95
C ILE D 155 49.18 35.61 -12.40
N PHE D 156 48.26 35.81 -11.46
CA PHE D 156 46.96 36.34 -11.81
C PHE D 156 46.89 37.84 -12.03
N ASN D 157 47.77 38.61 -11.42
CA ASN D 157 47.68 40.05 -11.50
C ASN D 157 48.78 40.71 -12.30
N ARG D 158 49.96 40.11 -12.30
CA ARG D 158 51.06 40.62 -13.11
C ARG D 158 51.25 39.80 -14.40
N GLU D 159 50.95 38.51 -14.35
CA GLU D 159 51.35 37.63 -15.46
C GLU D 159 50.30 37.32 -16.53
N LEU D 160 49.14 36.80 -16.11
CA LEU D 160 48.10 36.38 -17.07
C LEU D 160 47.40 37.51 -17.84
N PRO D 161 47.21 38.70 -17.22
CA PRO D 161 46.75 39.85 -18.00
C PRO D 161 47.56 40.18 -19.26
N GLN D 162 48.81 39.75 -19.35
CA GLN D 162 49.62 40.05 -20.52
C GLN D 162 49.26 39.18 -21.71
N ALA D 163 48.60 38.06 -21.44
CA ALA D 163 48.07 37.20 -22.48
C ALA D 163 46.54 37.20 -22.41
N SER D 164 45.99 38.35 -22.05
CA SER D 164 44.53 38.52 -21.97
C SER D 164 43.77 38.04 -23.22
N GLY D 165 44.23 38.45 -24.40
CA GLY D 165 43.62 38.06 -25.68
C GLY D 165 43.56 36.55 -25.91
N LEU D 166 44.69 35.87 -25.74
CA LEU D 166 44.74 34.42 -25.84
C LEU D 166 43.76 33.74 -24.87
N LEU D 167 43.84 34.11 -23.60
CA LEU D 167 43.06 33.45 -22.57
C LEU D 167 41.58 33.70 -22.77
N HIS D 168 41.24 34.90 -23.24
CA HIS D 168 39.86 35.22 -23.58
C HIS D 168 39.37 34.28 -24.67
N HIS D 169 40.26 33.94 -25.59
CA HIS D 169 39.89 33.07 -26.69
C HIS D 169 39.84 31.58 -26.34
N CYS D 170 40.73 31.10 -25.49
CA CYS D 170 40.80 29.63 -25.20
C CYS D 170 40.00 29.19 -24.01
N CYS D 171 39.86 30.09 -23.04
CA CYS D 171 39.75 29.68 -21.65
C CYS D 171 38.77 30.49 -20.84
N PHE D 172 37.81 31.14 -21.53
CA PHE D 172 36.72 31.91 -20.89
C PHE D 172 37.22 32.86 -19.81
N TYR D 173 38.36 33.51 -20.06
CA TYR D 173 39.03 34.40 -19.11
C TYR D 173 38.25 35.70 -18.91
N LYS D 174 38.07 36.12 -17.66
CA LYS D 174 37.37 37.37 -17.35
C LYS D 174 38.28 38.39 -16.65
N HIS D 175 37.85 39.65 -16.64
CA HIS D 175 38.59 40.76 -15.99
C HIS D 175 38.97 40.47 -14.53
N ARG D 176 37.96 40.36 -13.66
CA ARG D 176 38.15 39.92 -12.26
C ARG D 176 38.54 38.46 -12.23
N GLY D 177 37.86 37.67 -13.07
CA GLY D 177 38.26 36.31 -13.43
C GLY D 177 38.45 35.33 -12.29
N ARG D 178 39.71 34.90 -12.10
CA ARG D 178 40.03 33.76 -11.26
C ARG D 178 39.06 32.60 -11.58
N ASN D 179 38.95 32.28 -12.87
CA ASN D 179 38.22 31.09 -13.34
C ASN D 179 39.19 29.93 -13.56
N LEU D 180 40.47 30.20 -13.34
CA LEU D 180 41.53 29.23 -13.44
C LEU D 180 42.25 29.13 -12.10
N VAL D 181 42.79 27.95 -11.81
CA VAL D 181 43.59 27.72 -10.59
C VAL D 181 44.90 27.06 -10.94
N THR D 182 45.88 27.17 -10.05
CA THR D 182 47.18 26.57 -10.27
C THR D 182 47.44 25.37 -9.38
N MET D 183 48.35 24.49 -9.81
CA MET D 183 48.79 23.36 -9.01
C MET D 183 50.30 23.19 -9.11
N THR D 184 50.94 23.17 -7.95
CA THR D 184 52.40 23.00 -7.84
C THR D 184 52.87 21.65 -8.36
N THR D 185 54.14 21.61 -8.75
CA THR D 185 54.84 20.36 -8.95
C THR D 185 56.09 20.42 -8.06
N ALA D 186 56.94 19.41 -8.14
CA ALA D 186 58.15 19.34 -7.34
C ALA D 186 59.05 18.27 -7.97
N PRO D 187 60.38 18.37 -7.80
CA PRO D 187 61.18 19.38 -7.09
C PRO D 187 61.15 20.70 -7.86
N ARG D 188 61.82 21.73 -7.34
CA ARG D 188 61.68 23.04 -7.92
C ARG D 188 63.00 23.53 -8.52
N GLY D 189 63.36 22.93 -9.65
CA GLY D 189 64.53 23.35 -10.38
C GLY D 189 65.33 22.16 -10.88
N LEU D 190 66.62 22.36 -11.05
CA LEU D 190 67.46 21.38 -11.70
C LEU D 190 68.73 21.04 -10.93
N GLN D 191 68.96 21.76 -9.82
CA GLN D 191 70.16 21.59 -8.97
C GLN D 191 70.00 22.23 -7.58
N SER D 192 70.92 21.94 -6.67
CA SER D 192 70.84 22.45 -5.30
C SER D 192 70.74 23.97 -5.27
N GLY D 193 69.78 24.51 -4.53
CA GLY D 193 69.63 25.95 -4.39
C GLY D 193 68.58 26.58 -5.31
N ASP D 194 68.05 25.79 -6.22
CA ASP D 194 66.98 26.24 -7.09
C ASP D 194 65.63 26.33 -6.32
N ARG D 195 64.74 27.22 -6.77
CA ARG D 195 63.37 27.31 -6.23
C ARG D 195 62.44 27.76 -7.36
N ALA D 196 62.39 26.94 -8.40
CA ALA D 196 61.71 27.27 -9.65
C ALA D 196 60.69 26.20 -9.95
N THR D 197 59.40 26.56 -9.84
CA THR D 197 58.34 25.59 -9.93
C THR D 197 57.56 25.71 -11.25
N TRP D 198 57.33 24.56 -11.88
CA TRP D 198 56.38 24.47 -12.98
C TRP D 198 54.98 24.39 -12.42
N PHE D 199 54.17 25.42 -12.69
CA PHE D 199 52.75 25.41 -12.32
C PHE D 199 51.86 25.16 -13.55
N GLY D 200 50.91 24.24 -13.41
CA GLY D 200 49.90 24.05 -14.46
C GLY D 200 48.65 24.83 -14.14
N LEU D 201 47.93 25.26 -15.18
CA LEU D 201 46.67 25.97 -14.98
C LEU D 201 45.45 25.16 -15.39
N TYR D 202 44.45 25.17 -14.51
CA TYR D 202 43.31 24.31 -14.64
C TYR D 202 42.04 25.12 -14.46
N TYR D 203 40.97 24.73 -15.13
CA TYR D 203 39.67 25.30 -14.84
C TYR D 203 39.29 25.07 -13.37
N ASN D 204 38.80 26.10 -12.70
CA ASN D 204 38.25 25.99 -11.36
C ASN D 204 36.88 25.32 -11.45
N ILE D 205 36.86 24.01 -11.42
CA ILE D 205 35.62 23.25 -11.50
C ILE D 205 34.87 23.27 -10.18
N SER D 206 33.55 23.50 -10.26
CA SER D 206 32.71 23.60 -9.08
C SER D 206 32.35 22.24 -8.52
N GLY D 207 32.76 21.97 -7.28
CA GLY D 207 32.43 20.71 -6.59
C GLY D 207 32.98 19.39 -7.14
N ALA D 208 34.10 19.44 -7.86
CA ALA D 208 34.73 18.24 -8.42
C ALA D 208 36.21 18.47 -8.72
N GLY D 209 36.91 17.42 -9.16
CA GLY D 209 38.35 17.53 -9.37
C GLY D 209 38.78 18.39 -10.54
N PHE D 210 39.50 19.46 -10.23
CA PHE D 210 40.01 20.36 -11.28
C PHE D 210 41.16 19.73 -12.07
N PHE D 211 41.68 18.63 -11.52
CA PHE D 211 42.91 17.98 -12.00
C PHE D 211 42.77 17.41 -13.40
N LEU D 212 41.53 17.23 -13.86
CA LEU D 212 41.24 16.64 -15.16
C LEU D 212 40.87 17.70 -16.19
N HIS D 213 41.20 18.95 -15.89
CA HIS D 213 40.76 20.03 -16.73
C HIS D 213 41.89 21.02 -16.99
N HIS D 214 43.04 20.47 -17.33
CA HIS D 214 44.22 21.23 -17.70
C HIS D 214 43.98 22.01 -18.99
N VAL D 215 44.21 23.31 -18.94
CA VAL D 215 43.94 24.18 -20.09
C VAL D 215 45.12 24.26 -21.05
N GLY D 216 46.18 23.51 -20.80
CA GLY D 216 47.32 23.47 -21.69
C GLY D 216 48.41 24.50 -21.40
N LEU D 217 48.30 25.21 -20.29
CA LEU D 217 49.27 26.27 -19.99
C LEU D 217 50.05 25.93 -18.73
N GLU D 218 51.36 26.09 -18.83
CA GLU D 218 52.29 25.77 -17.77
C GLU D 218 53.31 26.90 -17.62
N LEU D 219 53.66 27.22 -16.38
CA LEU D 219 54.49 28.38 -16.11
C LEU D 219 55.58 27.99 -15.13
N LEU D 220 56.81 28.36 -15.45
CA LEU D 220 57.97 28.07 -14.61
C LEU D 220 58.22 29.32 -13.79
N VAL D 221 57.78 29.29 -12.53
CA VAL D 221 57.95 30.45 -11.65
C VAL D 221 59.22 30.31 -10.80
N ASN D 222 60.16 31.23 -10.99
CA ASN D 222 61.32 31.28 -10.13
C ASN D 222 61.02 32.13 -8.91
N HIS D 223 60.80 31.47 -7.79
CA HIS D 223 60.47 32.17 -6.58
C HIS D 223 61.54 32.04 -5.51
N LYS D 224 62.79 31.94 -5.95
CA LYS D 224 63.94 31.94 -5.06
C LYS D 224 64.12 33.24 -4.23
N ALA D 225 64.01 34.41 -4.87
CA ALA D 225 64.28 35.68 -4.16
C ALA D 225 63.42 35.87 -2.91
N LEU D 226 64.04 36.44 -1.88
CA LEU D 226 63.38 36.72 -0.60
C LEU D 226 62.35 37.84 -0.68
N ASP D 227 62.48 38.68 -1.70
CA ASP D 227 61.48 39.69 -2.03
C ASP D 227 60.65 39.21 -3.23
N PRO D 228 59.34 38.95 -3.03
CA PRO D 228 58.46 38.44 -4.11
C PRO D 228 58.40 39.33 -5.36
N ALA D 229 58.61 40.63 -5.17
CA ALA D 229 58.72 41.59 -6.28
C ALA D 229 59.72 41.15 -7.34
N ARG D 230 60.80 40.49 -6.91
CA ARG D 230 61.86 40.06 -7.82
C ARG D 230 61.62 38.70 -8.50
N TRP D 231 60.43 38.13 -8.31
CA TRP D 231 60.11 36.85 -8.91
C TRP D 231 59.79 37.00 -10.38
N THR D 232 60.16 35.97 -11.15
CA THR D 232 60.10 36.02 -12.61
C THR D 232 59.45 34.76 -13.15
N ILE D 233 59.29 34.74 -14.47
CA ILE D 233 58.80 33.59 -15.20
C ILE D 233 59.94 33.23 -16.14
N GLN D 234 60.56 32.07 -15.93
CA GLN D 234 61.71 31.66 -16.74
C GLN D 234 61.24 31.13 -18.09
N LYS D 235 60.00 30.65 -18.14
CA LYS D 235 59.53 29.90 -19.30
C LYS D 235 58.01 29.69 -19.30
N VAL D 236 57.48 29.51 -20.51
CA VAL D 236 56.07 29.26 -20.73
C VAL D 236 55.89 28.05 -21.64
N PHE D 237 54.98 27.16 -21.29
CA PHE D 237 54.58 26.11 -22.18
C PHE D 237 53.10 26.30 -22.51
N TYR D 238 52.74 26.26 -23.79
CA TYR D 238 51.32 26.32 -24.13
C TYR D 238 50.93 25.38 -25.26
N GLN D 239 50.00 24.49 -24.97
CA GLN D 239 49.48 23.53 -25.96
C GLN D 239 50.59 22.93 -26.82
N GLY D 240 51.59 22.34 -26.16
CA GLY D 240 52.68 21.65 -26.85
C GLY D 240 53.88 22.48 -27.30
N ARG D 241 53.81 23.80 -27.16
CA ARG D 241 54.92 24.64 -27.63
C ARG D 241 55.49 25.49 -26.50
N TYR D 242 56.80 25.71 -26.54
CA TYR D 242 57.52 26.59 -25.63
C TYR D 242 57.56 28.04 -26.12
N TYR D 243 57.44 28.97 -25.18
CA TYR D 243 57.55 30.40 -25.44
C TYR D 243 58.43 30.98 -24.34
N ASP D 244 59.03 32.15 -24.57
CA ASP D 244 59.92 32.76 -23.58
C ASP D 244 59.19 33.61 -22.55
N SER D 245 57.94 33.98 -22.85
CA SER D 245 57.17 34.83 -21.95
C SER D 245 55.70 34.79 -22.36
N LEU D 246 54.83 35.34 -21.52
CA LEU D 246 53.44 35.48 -21.88
C LEU D 246 53.24 36.54 -22.97
N ALA D 247 54.07 37.60 -22.95
CA ALA D 247 54.00 38.64 -23.97
C ALA D 247 54.30 38.09 -25.38
N GLN D 248 55.30 37.21 -25.47
CA GLN D 248 55.63 36.59 -26.75
C GLN D 248 54.46 35.71 -27.22
N LEU D 249 53.89 34.94 -26.30
CA LEU D 249 52.76 34.08 -26.60
C LEU D 249 51.58 34.95 -27.09
N GLU D 250 51.20 35.95 -26.29
CA GLU D 250 50.17 36.90 -26.72
C GLU D 250 50.46 37.47 -28.10
N ALA D 251 51.68 37.95 -28.31
CA ALA D 251 52.02 38.57 -29.58
C ALA D 251 51.94 37.57 -30.73
N GLN D 252 52.40 36.34 -30.50
CA GLN D 252 52.25 35.31 -31.52
C GLN D 252 50.80 34.89 -31.80
N PHE D 253 49.98 34.84 -30.75
CA PHE D 253 48.55 34.55 -30.89
C PHE D 253 47.84 35.63 -31.69
N GLU D 254 48.12 36.90 -31.36
CA GLU D 254 47.55 38.02 -32.08
C GLU D 254 48.03 38.09 -33.54
N ALA D 255 49.26 37.69 -33.81
CA ALA D 255 49.78 37.73 -35.18
C ALA D 255 49.22 36.58 -36.03
N GLY D 256 48.56 35.64 -35.38
CA GLY D 256 47.85 34.55 -36.06
C GLY D 256 48.56 33.20 -36.09
N LEU D 257 49.62 33.05 -35.30
CA LEU D 257 50.48 31.87 -35.45
C LEU D 257 50.26 30.83 -34.37
N VAL D 258 49.23 30.98 -33.56
CA VAL D 258 48.95 29.97 -32.57
C VAL D 258 47.60 29.34 -32.85
N ASN D 259 47.61 28.08 -33.29
CA ASN D 259 46.36 27.35 -33.42
C ASN D 259 45.89 26.94 -32.04
N VAL D 260 44.76 27.49 -31.62
CA VAL D 260 44.22 27.31 -30.28
C VAL D 260 43.14 26.22 -30.28
N VAL D 261 43.37 25.18 -29.48
CA VAL D 261 42.41 24.10 -29.34
C VAL D 261 41.47 24.54 -28.23
N LEU D 262 40.17 24.54 -28.51
CA LEU D 262 39.18 24.96 -27.51
C LEU D 262 38.86 23.85 -26.50
N ILE D 263 39.31 24.04 -25.26
CA ILE D 263 39.01 23.11 -24.18
C ILE D 263 37.85 23.70 -23.40
N PRO D 264 36.74 22.94 -23.27
CA PRO D 264 35.57 23.52 -22.62
C PRO D 264 35.69 23.45 -21.11
N ASP D 265 34.94 24.30 -20.40
CA ASP D 265 35.01 24.39 -18.94
C ASP D 265 33.75 23.84 -18.23
N ASN D 266 32.91 23.14 -18.98
CA ASN D 266 31.71 22.58 -18.41
C ASN D 266 31.30 21.29 -19.09
N GLY D 267 30.63 20.42 -18.34
CA GLY D 267 30.08 19.19 -18.90
C GLY D 267 29.38 18.32 -17.86
N THR D 268 28.95 17.13 -18.29
CA THR D 268 28.36 16.16 -17.37
C THR D 268 29.10 14.84 -17.49
N GLY D 269 28.92 13.98 -16.50
CA GLY D 269 29.62 12.70 -16.45
C GLY D 269 30.84 12.72 -15.53
N GLY D 270 31.56 11.60 -15.52
CA GLY D 270 32.61 11.35 -14.56
C GLY D 270 33.85 12.22 -14.70
N SER D 271 34.04 12.82 -15.86
CA SER D 271 35.16 13.74 -16.01
C SER D 271 34.83 15.14 -15.47
N TRP D 272 33.58 15.32 -15.05
CA TRP D 272 33.07 16.64 -14.63
C TRP D 272 32.49 16.69 -13.22
N SER D 273 32.06 15.54 -12.69
CA SER D 273 31.56 15.52 -11.32
C SER D 273 31.73 14.16 -10.65
N LEU D 274 31.43 14.12 -9.35
CA LEU D 274 31.46 12.91 -8.57
C LEU D 274 30.04 12.42 -8.17
N LYS D 275 29.00 13.18 -8.53
CA LYS D 275 27.65 12.80 -8.14
C LYS D 275 27.01 11.75 -9.06
N SER D 276 26.58 10.64 -8.46
CA SER D 276 25.90 9.58 -9.20
C SER D 276 24.49 10.00 -9.65
N PRO D 277 24.25 9.93 -10.97
CA PRO D 277 22.91 10.18 -11.50
C PRO D 277 21.90 9.14 -11.01
N VAL D 278 22.40 7.95 -10.67
CA VAL D 278 21.56 6.83 -10.24
C VAL D 278 21.11 6.93 -8.75
N PRO D 279 19.79 6.96 -8.52
CA PRO D 279 19.31 7.00 -7.13
C PRO D 279 19.74 5.79 -6.30
N PRO D 280 19.89 5.97 -4.97
CA PRO D 280 20.17 4.84 -4.08
C PRO D 280 19.11 3.74 -4.19
N GLY D 281 19.54 2.50 -3.94
CA GLY D 281 18.62 1.36 -3.96
C GLY D 281 18.58 0.68 -2.59
N PRO D 282 18.42 -0.66 -2.57
CA PRO D 282 18.45 -1.35 -1.28
C PRO D 282 19.80 -1.15 -0.60
N ALA D 283 19.76 -0.94 0.72
CA ALA D 283 20.94 -0.56 1.50
C ALA D 283 22.05 -1.62 1.44
N PRO D 284 23.30 -1.19 1.32
CA PRO D 284 24.44 -2.13 1.33
C PRO D 284 24.57 -2.85 2.68
N PRO D 285 25.36 -3.95 2.73
CA PRO D 285 25.44 -4.67 3.99
C PRO D 285 26.20 -3.88 5.06
N LEU D 286 25.94 -4.18 6.33
CA LEU D 286 26.43 -3.39 7.45
C LEU D 286 26.94 -4.27 8.60
N GLN D 287 28.05 -3.86 9.23
CA GLN D 287 28.57 -4.60 10.39
C GLN D 287 28.14 -3.93 11.67
N PHE D 288 27.84 -4.75 12.68
CA PHE D 288 27.59 -4.24 14.02
C PHE D 288 28.13 -5.21 15.08
N TYR D 289 28.31 -4.69 16.29
CA TYR D 289 28.77 -5.46 17.43
C TYR D 289 27.56 -5.81 18.29
N PRO D 290 27.09 -7.07 18.25
CA PRO D 290 25.89 -7.50 18.95
C PRO D 290 25.96 -7.25 20.45
N GLN D 291 27.16 -7.27 21.02
CA GLN D 291 27.31 -7.02 22.46
C GLN D 291 28.25 -5.84 22.77
N GLY D 292 28.33 -4.88 21.86
CA GLY D 292 29.22 -3.73 22.03
C GLY D 292 30.64 -3.99 21.55
N PRO D 293 31.46 -2.93 21.50
CA PRO D 293 32.84 -3.00 21.03
C PRO D 293 33.71 -3.91 21.90
N ARG D 294 34.63 -4.63 21.26
CA ARG D 294 35.50 -5.58 21.95
C ARG D 294 36.93 -5.04 22.11
N PHE D 295 37.04 -3.71 22.12
CA PHE D 295 38.29 -3.00 22.22
C PHE D 295 38.00 -1.59 22.74
N SER D 296 39.01 -0.93 23.29
CA SER D 296 38.87 0.43 23.79
C SER D 296 39.91 1.36 23.21
N VAL D 297 39.60 2.66 23.23
CA VAL D 297 40.52 3.69 22.83
C VAL D 297 40.62 4.69 23.97
N GLN D 298 41.82 4.87 24.51
CA GLN D 298 42.01 5.77 25.64
C GLN D 298 43.25 6.62 25.34
N GLY D 299 43.03 7.90 25.06
CA GLY D 299 44.10 8.76 24.53
C GLY D 299 44.59 8.22 23.20
N SER D 300 45.87 7.85 23.15
CA SER D 300 46.43 7.25 21.93
C SER D 300 46.55 5.74 21.99
N ARG D 301 46.20 5.14 23.12
CA ARG D 301 46.36 3.70 23.29
C ARG D 301 45.09 2.93 22.93
N VAL D 302 45.28 1.81 22.24
CA VAL D 302 44.19 0.91 21.86
C VAL D 302 44.36 -0.36 22.64
N ALA D 303 43.26 -0.97 23.04
CA ALA D 303 43.31 -2.21 23.82
C ALA D 303 42.17 -3.15 23.50
N SER D 304 42.53 -4.36 23.07
CA SER D 304 41.61 -5.46 22.87
C SER D 304 42.12 -6.60 23.72
N SER D 305 41.40 -7.70 23.76
CA SER D 305 41.83 -8.84 24.56
C SER D 305 43.14 -9.43 24.04
N LEU D 306 43.51 -9.10 22.79
CA LEU D 306 44.71 -9.65 22.16
C LEU D 306 45.84 -8.65 21.96
N TRP D 307 45.48 -7.41 21.65
CA TRP D 307 46.47 -6.43 21.24
C TRP D 307 46.46 -5.15 22.07
N THR D 308 47.65 -4.57 22.16
CA THR D 308 47.89 -3.32 22.87
C THR D 308 48.94 -2.56 22.11
N PHE D 309 48.62 -1.31 21.78
CA PHE D 309 49.57 -0.44 21.08
C PHE D 309 49.18 1.00 21.29
N SER D 310 49.98 1.88 20.70
CA SER D 310 49.78 3.31 20.83
C SER D 310 49.92 3.88 19.42
N PHE D 311 48.92 4.62 18.96
CA PHE D 311 48.93 5.13 17.58
C PHE D 311 49.10 6.64 17.56
N GLY D 312 49.34 7.20 16.38
CA GLY D 312 49.59 8.63 16.22
C GLY D 312 49.99 9.01 14.79
N LEU D 313 50.42 10.25 14.62
CA LEU D 313 50.61 10.80 13.29
C LEU D 313 51.77 11.80 13.27
N GLY D 314 52.86 11.45 12.61
CA GLY D 314 53.95 12.41 12.41
C GLY D 314 53.53 13.43 11.37
N ALA D 315 53.79 14.71 11.63
CA ALA D 315 53.28 15.77 10.75
C ALA D 315 53.68 15.60 9.29
N PHE D 316 54.90 15.13 9.05
CA PHE D 316 55.42 15.02 7.72
C PHE D 316 55.53 13.57 7.30
N SER D 317 55.94 12.72 8.23
CA SER D 317 56.16 11.31 7.91
C SER D 317 54.86 10.49 7.99
N GLY D 318 53.85 11.02 8.69
CA GLY D 318 52.55 10.33 8.76
C GLY D 318 52.37 9.25 9.83
N PRO D 319 51.43 8.31 9.57
CA PRO D 319 50.96 7.33 10.57
C PRO D 319 52.03 6.42 11.16
N ARG D 320 51.90 6.16 12.45
CA ARG D 320 52.88 5.41 13.20
C ARG D 320 52.22 4.71 14.38
N ILE D 321 52.86 3.63 14.83
CA ILE D 321 52.32 2.80 15.88
C ILE D 321 53.47 2.43 16.78
N PHE D 322 53.25 2.43 18.09
CA PHE D 322 54.31 2.15 19.04
C PHE D 322 53.91 1.13 20.08
N ASP D 323 54.90 0.40 20.59
CA ASP D 323 54.72 -0.47 21.74
C ASP D 323 53.57 -1.44 21.52
N VAL D 324 53.67 -2.19 20.43
CA VAL D 324 52.66 -3.18 20.09
C VAL D 324 52.94 -4.41 20.90
N ARG D 325 51.94 -4.86 21.64
CA ARG D 325 52.05 -6.05 22.44
C ARG D 325 50.94 -7.01 22.07
N PHE D 326 51.28 -8.28 21.89
CA PHE D 326 50.31 -9.34 21.65
C PHE D 326 50.19 -10.18 22.91
N GLN D 327 48.97 -10.24 23.48
CA GLN D 327 48.73 -10.94 24.74
C GLN D 327 49.82 -10.60 25.76
N GLY D 328 50.16 -9.32 25.83
CA GLY D 328 51.12 -8.84 26.81
C GLY D 328 52.58 -8.80 26.38
N GLU D 329 52.92 -9.43 25.26
CA GLU D 329 54.31 -9.45 24.81
C GLU D 329 54.58 -8.43 23.71
N ARG D 330 55.58 -7.58 23.92
CA ARG D 330 55.96 -6.56 22.94
C ARG D 330 56.61 -7.22 21.72
N LEU D 331 56.11 -6.88 20.53
CA LEU D 331 56.65 -7.42 19.27
C LEU D 331 57.42 -6.37 18.49
N VAL D 332 56.84 -5.17 18.48
CA VAL D 332 57.35 -4.06 17.68
C VAL D 332 57.50 -2.83 18.56
N TYR D 333 58.72 -2.27 18.65
CA TYR D 333 58.89 -0.96 19.29
C TYR D 333 58.18 0.15 18.52
N GLU D 334 58.38 0.18 17.20
CA GLU D 334 57.81 1.20 16.33
C GLU D 334 57.55 0.66 14.92
N ILE D 335 56.34 0.88 14.40
CA ILE D 335 56.09 0.76 12.95
C ILE D 335 55.59 2.11 12.46
N SER D 336 56.25 2.68 11.45
CA SER D 336 55.83 3.98 10.97
C SER D 336 55.99 4.18 9.47
N LEU D 337 55.08 4.95 8.88
CA LEU D 337 55.32 5.45 7.52
C LEU D 337 56.51 6.40 7.59
N GLN D 338 57.37 6.34 6.58
CA GLN D 338 58.54 7.19 6.54
C GLN D 338 58.48 8.21 5.44
N GLU D 339 57.93 7.84 4.29
CA GLU D 339 57.94 8.70 3.12
C GLU D 339 57.08 8.07 2.06
N ALA D 340 56.55 8.90 1.16
CA ALA D 340 55.89 8.42 -0.03
C ALA D 340 56.40 9.17 -1.22
N LEU D 341 56.41 8.51 -2.37
CA LEU D 341 57.05 9.06 -3.55
C LEU D 341 56.20 8.79 -4.78
N ALA D 342 56.14 9.78 -5.68
CA ALA D 342 55.52 9.60 -6.99
C ALA D 342 56.39 10.23 -8.07
N ILE D 343 56.77 9.40 -9.03
CA ILE D 343 57.61 9.81 -10.14
C ILE D 343 56.78 9.80 -11.42
N TYR D 344 56.80 10.91 -12.15
CA TYR D 344 55.96 11.06 -13.34
C TYR D 344 56.73 11.11 -14.65
N GLY D 345 56.02 10.79 -15.72
CA GLY D 345 56.43 11.08 -17.07
C GLY D 345 55.30 11.79 -17.79
N GLY D 346 55.60 12.35 -18.93
CA GLY D 346 54.61 13.13 -19.63
C GLY D 346 55.17 13.83 -20.84
N ASN D 347 54.30 14.61 -21.44
CA ASN D 347 54.58 15.31 -22.68
C ASN D 347 54.81 16.80 -22.43
N SER D 348 54.44 17.26 -21.24
CA SER D 348 54.56 18.65 -20.83
C SER D 348 55.57 18.80 -19.70
N PRO D 349 56.29 19.94 -19.65
CA PRO D 349 57.27 20.22 -18.60
C PRO D 349 56.86 19.80 -17.18
N ALA D 350 55.66 20.16 -16.73
CA ALA D 350 55.22 19.81 -15.38
C ALA D 350 55.28 18.29 -15.10
N ALA D 351 54.65 17.48 -15.94
CA ALA D 351 54.65 16.04 -15.73
C ALA D 351 56.00 15.35 -16.05
N MET D 352 56.82 16.02 -16.84
CA MET D 352 58.10 15.48 -17.28
C MET D 352 59.08 15.42 -16.12
N THR D 353 59.09 16.43 -15.26
CA THR D 353 60.02 16.53 -14.14
C THR D 353 59.35 16.48 -12.74
N THR D 354 58.16 15.91 -12.64
CA THR D 354 57.54 15.80 -11.33
C THR D 354 58.08 14.57 -10.62
N ARG D 355 58.56 14.80 -9.40
CA ARG D 355 59.00 13.77 -8.48
C ARG D 355 58.56 14.21 -7.10
N TYR D 356 57.35 13.84 -6.72
CA TYR D 356 56.84 14.21 -5.41
C TYR D 356 57.49 13.39 -4.32
N VAL D 357 57.94 14.08 -3.28
CA VAL D 357 58.41 13.45 -2.07
C VAL D 357 57.46 14.00 -1.02
N ASP D 358 56.34 13.30 -0.80
CA ASP D 358 55.18 13.86 -0.08
C ASP D 358 55.40 14.36 1.35
N GLY D 359 56.44 13.87 2.01
CA GLY D 359 56.80 14.34 3.35
C GLY D 359 57.19 15.80 3.32
N GLY D 360 57.78 16.22 2.21
CA GLY D 360 58.01 17.64 1.93
C GLY D 360 56.77 18.49 2.12
N PHE D 361 55.59 17.89 1.92
CA PHE D 361 54.31 18.54 2.24
C PHE D 361 53.81 18.11 3.63
N GLY D 362 53.61 16.80 3.82
CA GLY D 362 53.25 16.28 5.13
C GLY D 362 52.10 15.31 5.14
N MET D 363 52.40 14.05 5.41
CA MET D 363 51.34 13.03 5.47
C MET D 363 50.43 13.24 6.68
N GLY D 364 50.98 13.81 7.76
CA GLY D 364 50.17 14.25 8.88
C GLY D 364 49.47 15.57 8.58
N LYS D 365 50.24 16.55 8.11
CA LYS D 365 49.73 17.86 7.73
C LYS D 365 48.53 17.78 6.80
N TYR D 366 48.58 16.88 5.83
CA TYR D 366 47.52 16.77 4.85
C TYR D 366 46.53 15.61 5.11
N THR D 367 46.42 15.15 6.36
CA THR D 367 45.38 14.15 6.73
C THR D 367 43.98 14.74 6.64
N THR D 368 43.03 13.93 6.20
CA THR D 368 41.67 14.43 5.98
C THR D 368 40.66 13.68 6.85
N PRO D 369 39.62 14.38 7.31
CA PRO D 369 38.56 13.79 8.09
C PRO D 369 38.02 12.55 7.40
N LEU D 370 37.73 11.52 8.17
CA LEU D 370 37.25 10.28 7.62
C LEU D 370 35.72 10.34 7.54
N THR D 371 35.18 10.22 6.33
CA THR D 371 33.73 10.20 6.15
C THR D 371 33.10 8.90 6.67
N ARG D 372 32.40 9.00 7.80
CA ARG D 372 31.84 7.84 8.49
C ARG D 372 30.92 7.04 7.57
N GLY D 373 31.29 5.80 7.29
CA GLY D 373 30.45 4.96 6.46
C GLY D 373 30.96 4.76 5.05
N VAL D 374 31.90 5.62 4.64
CA VAL D 374 32.58 5.50 3.36
C VAL D 374 34.05 5.16 3.56
N ASP D 375 34.73 5.95 4.39
CA ASP D 375 36.16 5.76 4.66
C ASP D 375 36.42 4.59 5.60
N CYS D 376 35.59 4.47 6.63
CA CYS D 376 35.62 3.33 7.54
C CYS D 376 34.18 2.86 7.74
N PRO D 377 34.01 1.66 8.33
CA PRO D 377 32.67 1.21 8.67
C PRO D 377 32.01 2.21 9.60
N TYR D 378 30.68 2.26 9.55
CA TYR D 378 29.93 3.27 10.23
C TYR D 378 30.10 3.22 11.75
N LEU D 379 30.26 2.01 12.28
CA LEU D 379 30.35 1.80 13.72
C LEU D 379 31.78 1.79 14.28
N ALA D 380 32.74 2.27 13.49
CA ALA D 380 34.11 2.45 13.96
C ALA D 380 34.22 3.53 15.06
N THR D 381 35.28 3.48 15.84
CA THR D 381 35.60 4.54 16.76
C THR D 381 36.47 5.53 16.02
N TYR D 382 36.09 6.80 16.05
CA TYR D 382 36.81 7.87 15.33
C TYR D 382 37.55 8.76 16.32
N VAL D 383 38.78 9.16 15.98
CA VAL D 383 39.59 9.97 16.90
C VAL D 383 40.09 11.23 16.20
N ASP D 384 40.16 12.33 16.94
CA ASP D 384 40.66 13.59 16.41
C ASP D 384 42.20 13.72 16.47
N TRP D 385 42.75 14.58 15.62
CA TRP D 385 44.18 14.88 15.65
C TRP D 385 44.43 16.36 15.81
N HIS D 386 45.38 16.70 16.66
CA HIS D 386 45.73 18.11 16.93
C HIS D 386 47.10 18.41 16.35
N PHE D 387 47.27 19.64 15.89
CA PHE D 387 48.48 20.05 15.22
C PHE D 387 48.67 21.54 15.28
N LEU D 388 49.94 21.94 15.16
CA LEU D 388 50.34 23.32 15.09
C LEU D 388 51.30 23.45 13.93
N LEU D 389 50.72 23.81 12.79
CA LEU D 389 51.42 23.79 11.52
C LEU D 389 51.06 25.03 10.74
N GLU D 390 52.07 25.83 10.40
CA GLU D 390 51.87 27.11 9.70
C GLU D 390 50.78 27.95 10.36
N SER D 391 50.84 28.10 11.68
CA SER D 391 49.95 29.01 12.42
C SER D 391 50.47 29.23 13.84
N GLN D 392 49.68 29.91 14.68
CA GLN D 392 50.11 30.23 16.05
C GLN D 392 49.22 29.60 17.12
N ALA D 393 48.07 29.10 16.69
CA ALA D 393 47.16 28.41 17.57
C ALA D 393 47.00 26.98 17.06
N PRO D 394 46.95 25.99 17.97
CA PRO D 394 46.69 24.63 17.52
C PRO D 394 45.30 24.48 16.87
N LYS D 395 45.16 23.46 16.04
CA LYS D 395 43.91 23.18 15.35
C LYS D 395 43.59 21.71 15.49
N THR D 396 42.50 21.30 14.85
CA THR D 396 42.02 19.94 14.94
C THR D 396 41.61 19.47 13.55
N ILE D 397 41.97 18.23 13.22
CA ILE D 397 41.31 17.51 12.15
C ILE D 397 40.36 16.54 12.84
N ARG D 398 39.07 16.76 12.66
CA ARG D 398 38.04 15.92 13.26
C ARG D 398 37.98 14.60 12.50
N ASP D 399 37.85 13.51 13.26
CA ASP D 399 37.90 12.14 12.72
C ASP D 399 39.10 11.81 11.83
N ALA D 400 40.30 12.18 12.28
CA ALA D 400 41.53 11.86 11.56
C ALA D 400 41.89 10.36 11.56
N PHE D 401 41.44 9.65 12.59
CA PHE D 401 41.73 8.20 12.76
C PHE D 401 40.44 7.45 12.98
N CYS D 402 40.39 6.23 12.45
CA CYS D 402 39.34 5.29 12.83
C CYS D 402 39.95 3.95 13.26
N VAL D 403 39.38 3.38 14.31
CA VAL D 403 39.76 2.06 14.80
C VAL D 403 38.51 1.17 14.89
N PHE D 404 38.57 -0.04 14.36
CA PHE D 404 37.40 -0.93 14.31
C PHE D 404 37.74 -2.40 14.18
N GLU D 405 36.83 -3.25 14.64
CA GLU D 405 36.91 -4.68 14.37
C GLU D 405 36.15 -4.94 13.07
N GLN D 406 36.68 -5.82 12.24
CA GLN D 406 36.06 -6.13 10.95
C GLN D 406 35.96 -7.64 10.80
N ASN D 407 34.75 -8.16 10.66
CA ASN D 407 34.59 -9.57 10.32
C ASN D 407 34.92 -9.74 8.85
N GLN D 408 36.01 -10.47 8.58
CA GLN D 408 36.58 -10.58 7.23
C GLN D 408 35.72 -11.41 6.29
N GLY D 409 34.87 -12.26 6.87
CA GLY D 409 33.94 -13.06 6.10
C GLY D 409 34.61 -14.27 5.52
N LEU D 410 35.71 -14.68 6.15
CA LEU D 410 36.43 -15.84 5.75
C LEU D 410 37.06 -16.49 6.98
N PRO D 411 37.27 -17.81 6.93
CA PRO D 411 37.83 -18.43 8.12
C PRO D 411 39.31 -18.09 8.30
N LEU D 412 39.73 -18.00 9.57
CA LEU D 412 41.13 -17.88 9.94
C LEU D 412 41.79 -19.23 9.82
N ARG D 413 41.08 -20.26 10.27
CA ARG D 413 41.54 -21.65 10.25
C ARG D 413 40.27 -22.48 10.16
N ARG D 414 40.41 -23.70 9.67
CA ARG D 414 39.22 -24.50 9.44
C ARG D 414 39.58 -25.92 9.04
N HIS D 415 38.91 -26.89 9.66
CA HIS D 415 38.99 -28.27 9.23
C HIS D 415 37.67 -28.97 9.38
N HIS D 416 37.22 -29.58 8.28
CA HIS D 416 36.07 -30.45 8.31
C HIS D 416 36.56 -31.85 8.10
N SER D 417 36.29 -32.75 9.05
CA SER D 417 36.73 -34.13 8.93
C SER D 417 35.61 -35.15 8.69
N ASP D 418 35.68 -35.85 7.57
CA ASP D 418 34.78 -36.98 7.28
C ASP D 418 35.51 -38.33 7.39
N LEU D 419 36.78 -38.30 7.80
CA LEU D 419 37.67 -39.46 7.71
C LEU D 419 38.02 -40.04 9.07
N TYR D 420 37.45 -41.20 9.40
CA TYR D 420 37.75 -41.93 10.64
C TYR D 420 37.07 -41.35 11.88
N SER D 421 37.11 -40.04 12.03
CA SER D 421 36.48 -39.34 13.16
C SER D 421 35.77 -38.07 12.66
N HIS D 422 34.44 -38.04 12.82
CA HIS D 422 33.62 -36.95 12.28
C HIS D 422 33.55 -35.74 13.23
N TYR D 423 34.23 -34.67 12.85
CA TYR D 423 34.23 -33.41 13.61
C TYR D 423 34.46 -32.21 12.69
N PHE D 424 34.10 -31.03 13.18
CA PHE D 424 34.47 -29.76 12.55
C PHE D 424 35.04 -28.82 13.60
N GLY D 425 36.15 -28.16 13.27
CA GLY D 425 36.68 -27.10 14.11
C GLY D 425 37.12 -25.93 13.25
N GLY D 426 36.76 -24.72 13.67
CA GLY D 426 37.21 -23.53 12.97
C GLY D 426 36.95 -22.23 13.71
N LEU D 427 37.23 -21.12 13.03
CA LEU D 427 37.12 -19.78 13.56
C LEU D 427 37.05 -18.78 12.41
N ALA D 428 36.01 -17.95 12.39
CA ALA D 428 35.96 -16.85 11.43
C ALA D 428 36.98 -15.78 11.79
N GLU D 429 37.58 -15.13 10.81
CA GLU D 429 38.58 -14.09 11.10
C GLU D 429 38.00 -12.70 11.29
N THR D 430 38.23 -12.18 12.48
CA THR D 430 37.96 -10.80 12.83
C THR D 430 39.30 -10.13 13.06
N VAL D 431 39.51 -9.02 12.36
CA VAL D 431 40.74 -8.23 12.44
C VAL D 431 40.45 -6.89 13.10
N LEU D 432 41.50 -6.25 13.61
CA LEU D 432 41.43 -4.94 14.24
C LEU D 432 42.25 -3.99 13.39
N VAL D 433 41.61 -2.91 12.95
CA VAL D 433 42.17 -2.01 11.96
C VAL D 433 42.39 -0.63 12.51
N VAL D 434 43.47 0.01 12.09
CA VAL D 434 43.72 1.44 12.34
C VAL D 434 44.00 2.12 11.01
N ARG D 435 43.27 3.17 10.72
CA ARG D 435 43.28 3.81 9.41
C ARG D 435 43.25 5.31 9.54
N SER D 436 44.10 5.98 8.76
CA SER D 436 43.95 7.41 8.49
C SER D 436 44.15 7.65 7.00
N MET D 437 43.78 8.84 6.52
CA MET D 437 43.88 9.16 5.10
C MET D 437 44.51 10.52 4.80
N SER D 438 45.55 10.53 3.97
CA SER D 438 46.18 11.76 3.54
C SER D 438 45.74 12.13 2.12
N THR D 439 45.23 13.34 1.96
CA THR D 439 44.91 13.86 0.64
C THR D 439 45.91 14.95 0.29
N LEU D 440 46.87 14.57 -0.55
CA LEU D 440 47.88 15.49 -1.02
C LEU D 440 47.60 15.90 -2.44
N LEU D 441 47.06 17.12 -2.61
CA LEU D 441 46.61 17.62 -3.91
C LEU D 441 45.54 16.67 -4.46
N ASN D 442 45.86 16.00 -5.58
CA ASN D 442 44.93 15.09 -6.27
C ASN D 442 44.74 13.69 -5.65
N ASP D 444 44.70 10.52 -2.76
CA ASP D 444 44.34 10.21 -1.39
C ASP D 444 44.98 8.90 -1.04
N TYR D 445 45.88 8.93 -0.06
CA TYR D 445 46.47 7.71 0.42
C TYR D 445 45.65 7.14 1.57
N VAL D 446 45.42 5.84 1.54
CA VAL D 446 44.80 5.13 2.65
C VAL D 446 45.85 4.27 3.34
N TRP D 447 46.18 4.60 4.60
CA TRP D 447 47.12 3.82 5.41
C TRP D 447 46.36 2.95 6.39
N ASP D 448 46.58 1.64 6.32
CA ASP D 448 45.95 0.68 7.21
C ASP D 448 47.00 -0.08 7.97
N THR D 449 46.79 -0.23 9.26
CA THR D 449 47.46 -1.28 10.00
C THR D 449 46.40 -2.22 10.52
N VAL D 450 46.63 -3.50 10.28
CA VAL D 450 45.68 -4.54 10.58
C VAL D 450 46.32 -5.53 11.54
N PHE D 451 45.68 -5.73 12.69
CA PHE D 451 46.16 -6.67 13.68
C PHE D 451 45.34 -7.95 13.61
N HIS D 452 46.00 -9.07 13.34
CA HIS D 452 45.33 -10.36 13.18
C HIS D 452 45.37 -11.21 14.46
N PRO D 453 44.33 -12.04 14.70
CA PRO D 453 44.28 -12.86 15.91
C PRO D 453 45.30 -14.00 15.93
N SER D 454 46.05 -14.14 14.83
CA SER D 454 47.09 -15.16 14.76
C SER D 454 48.40 -14.61 15.29
N GLY D 455 48.42 -13.29 15.51
CA GLY D 455 49.63 -12.59 15.90
C GLY D 455 50.29 -11.90 14.71
N ALA D 456 49.70 -12.05 13.54
CA ALA D 456 50.17 -11.33 12.36
C ALA D 456 49.79 -9.84 12.45
N ILE D 457 50.72 -8.99 12.01
CA ILE D 457 50.47 -7.57 11.80
C ILE D 457 50.60 -7.30 10.31
N GLU D 458 49.62 -6.62 9.75
CA GLU D 458 49.66 -6.32 8.33
C GLU D 458 49.61 -4.81 8.11
N ILE D 459 50.50 -4.32 7.26
CA ILE D 459 50.51 -2.91 6.83
C ILE D 459 50.10 -2.81 5.38
N ARG D 460 49.10 -1.98 5.10
CA ARG D 460 48.67 -1.78 3.73
C ARG D 460 48.47 -0.32 3.37
N PHE D 461 48.85 0.04 2.15
CA PHE D 461 48.44 1.33 1.60
C PHE D 461 47.79 1.26 0.22
N TYR D 462 46.93 2.24 -0.05
CA TYR D 462 46.17 2.34 -1.29
C TYR D 462 46.30 3.76 -1.79
N ALA D 463 46.19 3.92 -3.10
CA ALA D 463 46.29 5.25 -3.72
C ALA D 463 45.03 5.49 -4.49
N THR D 464 44.11 6.25 -3.93
CA THR D 464 42.86 6.51 -4.62
C THR D 464 42.74 8.01 -4.92
N GLY D 465 41.53 8.50 -5.15
CA GLY D 465 41.32 9.91 -5.53
C GLY D 465 41.54 10.16 -7.01
N TYR D 466 41.96 11.37 -7.34
CA TYR D 466 42.10 11.83 -8.72
C TYR D 466 43.52 11.63 -9.25
N ILE D 467 43.64 11.26 -10.51
CA ILE D 467 44.95 11.28 -11.17
C ILE D 467 45.37 12.74 -11.49
N SER D 468 46.67 12.97 -11.69
CA SER D 468 47.13 14.14 -12.41
C SER D 468 46.91 13.89 -13.91
N SER D 469 46.62 14.95 -14.65
CA SER D 469 46.45 14.85 -16.10
C SER D 469 47.03 16.07 -16.79
N ALA D 470 47.30 15.93 -18.09
CA ALA D 470 47.86 17.01 -18.87
C ALA D 470 47.04 17.22 -20.14
N PHE D 471 47.16 18.42 -20.73
CA PHE D 471 46.53 18.68 -22.00
C PHE D 471 47.09 17.71 -23.02
N LEU D 472 46.20 17.03 -23.73
CA LEU D 472 46.60 16.05 -24.70
C LEU D 472 46.88 16.71 -26.06
N PHE D 473 48.13 16.58 -26.48
CA PHE D 473 48.55 16.98 -27.80
C PHE D 473 49.59 15.93 -28.23
N GLY D 474 49.79 15.78 -29.53
CA GLY D 474 50.92 15.00 -30.03
C GLY D 474 50.73 13.49 -30.10
N ALA D 475 51.85 12.80 -30.33
CA ALA D 475 51.88 11.36 -30.52
C ALA D 475 51.50 10.60 -29.26
N THR D 476 50.24 10.19 -29.21
CA THR D 476 49.75 9.37 -28.10
C THR D 476 50.39 7.99 -28.19
N GLY D 477 51.18 7.65 -27.17
CA GLY D 477 51.82 6.34 -27.07
C GLY D 477 52.69 6.14 -25.84
N LYS D 478 53.55 7.11 -25.56
CA LYS D 478 54.72 6.84 -24.70
C LYS D 478 54.63 7.43 -23.29
N TYR D 479 53.58 8.18 -23.00
CA TYR D 479 53.48 8.89 -21.71
C TYR D 479 52.14 8.74 -21.01
N GLY D 480 51.44 7.65 -21.32
CA GLY D 480 50.12 7.39 -20.75
C GLY D 480 49.05 7.30 -21.83
N ASN D 481 47.82 7.11 -21.41
CA ASN D 481 46.67 6.93 -22.28
C ASN D 481 45.80 8.17 -22.26
N GLN D 482 45.08 8.42 -23.34
CA GLN D 482 43.98 9.37 -23.27
C GLN D 482 42.92 8.76 -22.37
N VAL D 483 42.41 9.56 -21.44
CA VAL D 483 41.43 9.11 -20.44
C VAL D 483 40.11 9.93 -20.46
N SER D 484 40.11 11.04 -21.19
CA SER D 484 38.93 11.91 -21.32
C SER D 484 39.17 12.96 -22.39
N GLU D 485 38.15 13.74 -22.70
CA GLU D 485 38.25 14.78 -23.73
C GLU D 485 39.48 15.64 -23.47
N HIS D 486 40.42 15.64 -24.41
CA HIS D 486 41.59 16.53 -24.40
C HIS D 486 42.62 16.26 -23.30
N THR D 487 42.42 15.21 -22.51
CA THR D 487 43.29 14.97 -21.35
C THR D 487 44.02 13.63 -21.38
N LEU D 488 45.32 13.70 -21.17
CA LEU D 488 46.17 12.54 -21.12
C LEU D 488 46.40 12.17 -19.67
N GLY D 489 46.18 10.90 -19.34
CA GLY D 489 46.44 10.39 -18.01
C GLY D 489 47.90 10.03 -17.92
N THR D 490 48.64 10.73 -17.07
CA THR D 490 50.09 10.63 -17.10
C THR D 490 50.66 9.45 -16.31
N VAL D 491 51.55 8.72 -16.98
CA VAL D 491 52.25 7.60 -16.39
C VAL D 491 53.06 8.01 -15.15
N HIS D 492 53.15 7.13 -14.17
CA HIS D 492 53.88 7.40 -12.93
C HIS D 492 54.04 6.17 -12.05
N THR D 493 54.98 6.24 -11.10
CA THR D 493 55.09 5.22 -10.06
C THR D 493 54.67 5.75 -8.71
N HIS D 494 54.12 4.86 -7.88
CA HIS D 494 53.89 5.12 -6.47
C HIS D 494 54.84 4.24 -5.65
N SER D 495 55.45 4.83 -4.62
CA SER D 495 56.24 4.11 -3.61
C SER D 495 55.98 4.75 -2.27
N ALA D 496 56.07 3.95 -1.22
CA ALA D 496 56.04 4.41 0.16
C ALA D 496 57.07 3.61 0.97
N HIS D 497 57.65 4.22 2.00
CA HIS D 497 58.72 3.58 2.78
C HIS D 497 58.28 3.41 4.22
N PHE D 498 58.54 2.22 4.77
CA PHE D 498 58.14 1.92 6.15
C PHE D 498 59.30 1.56 7.06
N LYS D 499 59.25 2.07 8.29
CA LYS D 499 60.19 1.73 9.35
C LYS D 499 59.54 0.71 10.28
N VAL D 500 60.17 -0.45 10.41
CA VAL D 500 59.60 -1.59 11.10
C VAL D 500 60.62 -1.99 12.13
N ASP D 501 60.50 -1.41 13.32
CA ASP D 501 61.42 -1.71 14.38
C ASP D 501 60.84 -2.86 15.20
N LEU D 502 60.92 -4.05 14.61
CA LEU D 502 60.67 -5.29 15.34
C LEU D 502 61.73 -5.43 16.44
N ASP D 503 61.28 -5.88 17.61
CA ASP D 503 62.15 -6.31 18.71
C ASP D 503 61.71 -7.71 19.13
N VAL D 504 61.99 -8.70 18.29
CA VAL D 504 61.52 -10.07 18.54
C VAL D 504 62.10 -10.66 19.82
N ALA D 505 61.20 -10.85 20.80
CA ALA D 505 61.50 -11.47 22.09
C ALA D 505 62.71 -10.83 22.77
N GLY D 506 62.88 -9.53 22.56
CA GLY D 506 63.99 -8.80 23.14
C GLY D 506 64.57 -7.80 22.16
N LEU D 507 65.54 -7.01 22.60
CA LEU D 507 66.19 -6.07 21.71
C LEU D 507 67.00 -6.83 20.67
N GLU D 508 67.79 -7.80 21.13
CA GLU D 508 68.80 -8.40 20.28
C GLU D 508 68.27 -9.41 19.30
N ASN D 509 68.55 -9.14 18.03
CA ASN D 509 67.95 -9.90 16.94
C ASN D 509 68.94 -10.31 15.86
N TRP D 510 68.62 -11.39 15.18
CA TRP D 510 69.39 -11.85 14.02
C TRP D 510 68.48 -11.94 12.80
N VAL D 511 69.08 -12.10 11.62
CA VAL D 511 68.29 -12.22 10.43
C VAL D 511 68.54 -13.57 9.77
N TRP D 512 67.46 -14.33 9.57
CA TRP D 512 67.54 -15.63 8.91
C TRP D 512 66.93 -15.61 7.53
N ALA D 513 67.59 -16.29 6.60
CA ALA D 513 67.05 -16.51 5.25
C ALA D 513 66.82 -18.00 5.05
N GLU D 514 65.56 -18.36 4.83
CA GLU D 514 65.25 -19.73 4.50
C GLU D 514 64.58 -19.81 3.15
N ASP D 515 64.92 -20.86 2.42
CA ASP D 515 64.37 -21.08 1.09
C ASP D 515 64.36 -22.57 0.83
N MET D 516 64.43 -22.96 -0.44
CA MET D 516 64.21 -24.33 -0.85
C MET D 516 65.16 -24.68 -1.99
N VAL D 517 65.40 -25.98 -2.17
CA VAL D 517 66.25 -26.48 -3.23
C VAL D 517 65.86 -27.91 -3.50
N PHE D 518 66.16 -28.38 -4.71
CA PHE D 518 66.00 -29.78 -5.08
C PHE D 518 67.38 -30.39 -5.33
N VAL D 519 67.68 -31.46 -4.59
CA VAL D 519 68.91 -32.20 -4.78
C VAL D 519 68.55 -33.56 -5.37
N PRO D 520 68.96 -33.82 -6.63
CA PRO D 520 68.81 -35.15 -7.24
C PRO D 520 69.61 -36.21 -6.49
N MET D 521 68.93 -37.25 -6.03
CA MET D 521 69.61 -38.38 -5.44
C MET D 521 68.94 -39.70 -5.79
N ALA D 522 69.64 -40.80 -5.51
CA ALA D 522 69.13 -42.15 -5.72
C ALA D 522 68.05 -42.46 -4.70
N VAL D 523 67.01 -43.19 -5.14
CA VAL D 523 65.97 -43.68 -4.24
C VAL D 523 66.54 -44.81 -3.37
N PRO D 524 66.61 -44.59 -2.05
CA PRO D 524 67.16 -45.59 -1.11
C PRO D 524 66.70 -47.01 -1.40
N TRP D 525 65.40 -47.27 -1.28
CA TRP D 525 64.85 -48.62 -1.51
C TRP D 525 64.91 -49.10 -2.98
N SER D 526 65.27 -48.22 -3.91
CA SER D 526 65.35 -48.59 -5.32
C SER D 526 66.38 -47.72 -6.08
N PRO D 527 67.68 -48.08 -5.96
CA PRO D 527 68.80 -47.23 -6.36
C PRO D 527 68.88 -46.91 -7.84
N GLU D 528 68.23 -47.72 -8.69
CA GLU D 528 68.29 -47.52 -10.14
C GLU D 528 67.32 -46.45 -10.65
N HIS D 529 66.63 -45.81 -9.71
CA HIS D 529 65.74 -44.70 -10.02
C HIS D 529 66.24 -43.42 -9.34
N GLN D 530 65.87 -42.27 -9.91
CA GLN D 530 66.19 -40.97 -9.33
C GLN D 530 64.95 -40.33 -8.71
N LEU D 531 65.14 -39.63 -7.60
CA LEU D 531 64.12 -38.68 -7.12
C LEU D 531 64.73 -37.27 -6.94
N GLN D 532 63.86 -36.24 -6.88
CA GLN D 532 64.29 -34.90 -6.56
C GLN D 532 64.03 -34.63 -5.10
N ARG D 533 65.08 -34.62 -4.29
CA ARG D 533 64.92 -34.39 -2.86
C ARG D 533 64.71 -32.92 -2.53
N LEU D 534 63.48 -32.58 -2.16
CA LEU D 534 63.15 -31.23 -1.75
C LEU D 534 63.81 -30.98 -0.41
N GLN D 535 64.59 -29.91 -0.31
CA GLN D 535 65.25 -29.54 0.94
C GLN D 535 65.00 -28.08 1.28
N VAL D 536 65.03 -27.76 2.57
CA VAL D 536 65.05 -26.38 3.06
C VAL D 536 66.50 -25.86 3.12
N THR D 537 66.75 -24.65 2.62
CA THR D 537 68.03 -23.99 2.79
C THR D 537 67.92 -22.97 3.92
N ARG D 538 69.02 -22.73 4.62
CA ARG D 538 69.04 -21.80 5.73
C ARG D 538 70.37 -21.08 5.73
N LYS D 539 70.31 -19.75 5.77
CA LYS D 539 71.51 -18.91 5.76
C LYS D 539 71.29 -17.80 6.78
N LEU D 540 72.29 -17.57 7.62
CA LEU D 540 72.29 -16.41 8.51
C LEU D 540 72.86 -15.21 7.74
N LEU D 541 72.10 -14.13 7.65
CA LEU D 541 72.60 -12.90 7.02
C LEU D 541 73.21 -12.06 8.12
N GLU D 542 74.55 -11.93 8.07
CA GLU D 542 75.33 -11.37 9.19
C GLU D 542 75.62 -9.89 9.08
N MET D 543 75.71 -9.37 7.85
CA MET D 543 76.08 -7.98 7.58
C MET D 543 74.95 -7.26 6.87
N GLU D 544 74.81 -5.95 7.10
CA GLU D 544 73.71 -5.16 6.53
C GLU D 544 73.56 -5.35 5.01
N GLU D 545 74.67 -5.36 4.29
CA GLU D 545 74.65 -5.55 2.84
C GLU D 545 74.00 -6.85 2.42
N GLN D 546 74.17 -7.90 3.23
CA GLN D 546 73.57 -9.19 2.92
C GLN D 546 72.05 -9.15 3.02
N ALA D 547 71.52 -8.18 3.75
CA ALA D 547 70.08 -8.05 3.96
C ALA D 547 69.51 -6.80 3.30
N ALA D 548 70.27 -6.23 2.36
CA ALA D 548 69.73 -5.16 1.54
C ALA D 548 69.37 -5.76 0.20
N PHE D 549 68.08 -5.72 -0.14
CA PHE D 549 67.60 -6.33 -1.37
C PHE D 549 67.03 -5.29 -2.31
N LEU D 550 67.69 -5.18 -3.45
CA LEU D 550 67.35 -4.19 -4.47
C LEU D 550 66.07 -4.58 -5.17
N VAL D 551 65.37 -3.56 -5.67
CA VAL D 551 64.16 -3.75 -6.43
C VAL D 551 64.46 -4.61 -7.66
N GLY D 552 63.55 -5.53 -7.98
CA GLY D 552 63.71 -6.39 -9.16
C GLY D 552 64.61 -7.59 -8.99
N SER D 553 65.20 -7.76 -7.81
CA SER D 553 65.98 -8.95 -7.54
C SER D 553 65.17 -9.95 -6.70
N ALA D 554 65.70 -11.16 -6.56
CA ALA D 554 65.04 -12.23 -5.81
C ALA D 554 65.37 -12.11 -4.34
N THR D 555 64.35 -12.19 -3.50
CA THR D 555 64.55 -12.24 -2.06
C THR D 555 64.17 -13.64 -1.54
N PRO D 556 64.83 -14.12 -0.47
CA PRO D 556 64.49 -15.44 0.05
C PRO D 556 63.03 -15.53 0.39
N ARG D 557 62.45 -16.70 0.14
CA ARG D 557 61.04 -16.93 0.35
C ARG D 557 60.62 -16.82 1.82
N TYR D 558 61.54 -17.12 2.73
CA TYR D 558 61.36 -16.86 4.15
C TYR D 558 62.47 -15.98 4.67
N LEU D 559 62.11 -14.74 4.98
CA LEU D 559 63.02 -13.82 5.59
C LEU D 559 62.47 -13.45 6.96
N TYR D 560 63.28 -13.64 8.00
CA TYR D 560 62.78 -13.32 9.33
C TYR D 560 63.82 -12.80 10.31
N LEU D 561 63.35 -11.88 11.15
CA LEU D 561 64.16 -11.41 12.26
C LEU D 561 63.85 -12.34 13.42
N ALA D 562 64.91 -12.75 14.12
CA ALA D 562 64.75 -13.71 15.18
C ALA D 562 65.51 -13.38 16.44
N SER D 563 64.99 -13.88 17.54
CA SER D 563 65.72 -13.85 18.76
C SER D 563 66.76 -14.94 18.77
N ASN D 564 67.67 -14.74 19.69
CA ASN D 564 68.62 -15.70 20.20
C ASN D 564 67.92 -16.93 20.77
N HIS D 565 66.80 -16.70 21.46
CA HIS D 565 66.08 -17.72 22.23
C HIS D 565 65.16 -18.59 21.38
N SER D 566 65.00 -19.83 21.81
CA SER D 566 64.12 -20.76 21.12
C SER D 566 62.72 -20.82 21.70
N ASN D 567 61.81 -21.37 20.92
CA ASN D 567 60.51 -21.75 21.43
C ASN D 567 60.63 -23.16 22.00
N LYS D 568 59.52 -23.70 22.52
CA LYS D 568 59.47 -25.02 23.14
C LYS D 568 60.10 -26.10 22.26
N TRP D 569 60.08 -25.88 20.95
CA TRP D 569 60.52 -26.89 19.98
C TRP D 569 61.96 -26.74 19.48
N GLY D 570 62.74 -25.88 20.12
CA GLY D 570 64.17 -25.75 19.83
C GLY D 570 64.56 -24.80 18.70
N HIS D 571 63.59 -24.06 18.15
CA HIS D 571 63.87 -23.15 17.04
C HIS D 571 63.87 -21.69 17.50
N PRO D 572 64.83 -20.89 16.99
CA PRO D 572 64.88 -19.49 17.43
C PRO D 572 63.58 -18.83 17.06
N ARG D 573 62.99 -18.08 17.99
CA ARG D 573 61.68 -17.49 17.78
C ARG D 573 61.73 -16.25 16.93
N GLY D 574 60.96 -16.26 15.85
CA GLY D 574 61.09 -15.25 14.82
C GLY D 574 59.81 -14.63 14.32
N TYR D 575 59.97 -13.44 13.74
CA TYR D 575 58.92 -12.80 12.98
C TYR D 575 59.33 -12.59 11.54
N ARG D 576 58.48 -13.11 10.66
CA ARG D 576 58.75 -13.17 9.24
C ARG D 576 58.19 -11.93 8.52
N ILE D 577 59.00 -11.34 7.65
CA ILE D 577 58.56 -10.22 6.84
C ILE D 577 58.17 -10.74 5.47
N GLN D 578 56.91 -10.60 5.11
CA GLN D 578 56.45 -11.08 3.81
C GLN D 578 55.92 -9.91 3.01
N MET D 579 56.46 -9.72 1.82
CA MET D 579 56.13 -8.52 1.05
C MET D 579 55.07 -8.73 -0.04
N LEU D 580 54.15 -7.76 -0.12
CA LEU D 580 53.16 -7.65 -1.21
C LEU D 580 53.42 -6.38 -2.01
N SER D 581 54.12 -6.51 -3.13
CA SER D 581 54.59 -5.36 -3.89
C SER D 581 54.87 -5.73 -5.34
N PHE D 582 54.65 -4.77 -6.24
CA PHE D 582 54.95 -4.90 -7.67
C PHE D 582 55.76 -3.68 -8.08
N ALA D 583 56.76 -3.34 -7.27
CA ALA D 583 57.46 -2.06 -7.39
C ALA D 583 57.82 -1.68 -8.81
N GLY D 584 57.60 -0.41 -9.14
CA GLY D 584 58.12 0.19 -10.36
C GLY D 584 59.63 0.22 -10.32
N GLU D 585 60.24 0.10 -11.50
CA GLU D 585 61.65 0.36 -11.70
C GLU D 585 61.96 1.74 -11.10
N PRO D 586 62.99 1.84 -10.23
CA PRO D 586 63.27 3.12 -9.57
C PRO D 586 64.00 4.12 -10.47
N LEU D 587 64.00 5.38 -10.08
CA LEU D 587 64.74 6.40 -10.82
C LEU D 587 66.22 6.01 -10.92
N PRO D 588 66.78 5.96 -12.14
CA PRO D 588 68.17 5.54 -12.35
C PRO D 588 69.15 6.29 -11.47
N GLN D 589 70.22 5.63 -11.05
CA GLN D 589 71.19 6.26 -10.15
C GLN D 589 71.91 7.47 -10.72
N ASN D 590 72.10 7.50 -12.03
CA ASN D 590 72.73 8.64 -12.70
C ASN D 590 71.98 9.97 -12.57
N SER D 591 70.68 9.91 -12.27
CA SER D 591 69.92 11.11 -11.96
C SER D 591 70.49 11.72 -10.70
N SER D 592 70.76 13.03 -10.73
CA SER D 592 71.42 13.69 -9.62
C SER D 592 70.49 13.93 -8.42
N MET D 593 69.20 13.63 -8.59
CA MET D 593 68.27 13.74 -7.47
C MET D 593 67.94 12.41 -6.82
N ALA D 594 68.45 11.32 -7.38
CA ALA D 594 68.10 9.97 -6.93
C ALA D 594 68.36 9.75 -5.44
N ARG D 595 69.48 10.26 -4.97
CA ARG D 595 69.89 10.17 -3.57
C ARG D 595 68.92 10.89 -2.62
N GLY D 596 67.99 11.65 -3.20
CA GLY D 596 66.98 12.34 -2.42
C GLY D 596 65.85 11.44 -1.99
N PHE D 597 65.88 10.19 -2.47
CA PHE D 597 64.91 9.19 -2.08
C PHE D 597 65.45 7.79 -2.40
N SER D 598 66.67 7.53 -1.96
CA SER D 598 67.39 6.31 -2.36
C SER D 598 66.78 5.04 -1.80
N TRP D 599 65.85 5.19 -0.85
CA TRP D 599 65.12 4.05 -0.29
C TRP D 599 64.25 3.37 -1.33
N GLU D 600 64.11 4.00 -2.49
CA GLU D 600 63.31 3.48 -3.58
C GLU D 600 64.00 2.33 -4.29
N ARG D 601 65.31 2.25 -4.12
CA ARG D 601 66.09 1.23 -4.81
C ARG D 601 66.01 -0.13 -4.13
N TYR D 602 65.44 -0.17 -2.93
CA TYR D 602 65.39 -1.38 -2.12
C TYR D 602 63.97 -1.89 -1.92
N GLN D 603 63.77 -3.21 -2.01
CA GLN D 603 62.51 -3.78 -1.54
C GLN D 603 62.53 -3.80 0.00
N LEU D 604 63.70 -4.10 0.53
CA LEU D 604 63.89 -4.36 1.94
C LEU D 604 65.34 -4.13 2.33
N ALA D 605 65.52 -3.61 3.54
CA ALA D 605 66.84 -3.46 4.14
C ALA D 605 66.71 -3.66 5.66
N VAL D 606 67.64 -4.39 6.24
CA VAL D 606 67.70 -4.51 7.70
C VAL D 606 69.01 -3.87 8.20
N THR D 607 68.88 -2.89 9.08
CA THR D 607 70.04 -2.20 9.63
C THR D 607 70.01 -2.23 11.15
N GLN D 608 71.10 -1.74 11.74
CA GLN D 608 71.11 -1.44 13.16
C GLN D 608 70.22 -0.23 13.42
N ARG D 609 69.40 -0.29 14.46
CA ARG D 609 68.64 0.85 14.95
C ARG D 609 69.64 1.82 15.55
N LYS D 610 69.62 3.06 15.06
CA LYS D 610 70.51 4.08 15.58
C LYS D 610 69.73 5.33 15.94
N GLU D 611 69.89 5.77 17.17
CA GLU D 611 69.22 6.99 17.60
C GLU D 611 69.40 8.11 16.56
N GLU D 612 70.60 8.18 15.96
CA GLU D 612 70.97 9.22 14.98
C GLU D 612 70.41 8.96 13.58
N GLU D 613 69.75 7.82 13.39
CA GLU D 613 69.05 7.49 12.13
C GLU D 613 67.55 7.30 12.40
N PRO D 614 66.85 8.37 12.82
CA PRO D 614 65.43 8.20 13.16
C PRO D 614 64.50 7.98 11.97
N SER D 615 64.90 8.42 10.77
CA SER D 615 64.03 8.36 9.59
C SER D 615 64.79 8.18 8.30
N SER D 616 64.18 7.47 7.38
CA SER D 616 64.78 7.29 6.07
C SER D 616 64.62 8.53 5.17
N SER D 617 63.88 9.53 5.63
CA SER D 617 63.69 10.74 4.84
C SER D 617 63.65 12.00 5.68
N SER D 618 63.30 13.11 5.04
CA SER D 618 63.19 14.41 5.68
C SER D 618 62.21 15.30 4.96
N VAL D 619 61.48 16.11 5.72
CA VAL D 619 60.63 17.16 5.14
C VAL D 619 61.41 18.05 4.17
N PHE D 620 62.74 18.07 4.28
CA PHE D 620 63.57 19.02 3.53
C PHE D 620 64.10 18.48 2.22
N ASN D 621 63.99 17.17 2.04
CA ASN D 621 64.44 16.50 0.81
C ASN D 621 63.72 16.92 -0.47
N GLN D 622 62.43 17.19 -0.36
CA GLN D 622 61.60 17.54 -1.51
C GLN D 622 62.13 18.74 -2.29
N ASN D 623 62.46 19.81 -1.57
CA ASN D 623 62.87 21.06 -2.20
C ASN D 623 64.34 21.12 -2.52
N ASP D 624 65.09 20.10 -2.11
CA ASP D 624 66.49 19.97 -2.49
C ASP D 624 66.89 18.48 -2.48
N PRO D 625 66.37 17.69 -3.44
CA PRO D 625 66.82 16.30 -3.52
C PRO D 625 68.30 16.17 -3.92
N TRP D 626 68.82 17.15 -4.66
CA TRP D 626 70.21 17.12 -5.15
C TRP D 626 71.23 17.15 -4.02
N ALA D 627 70.82 17.68 -2.87
CA ALA D 627 71.66 17.71 -1.68
C ALA D 627 70.82 17.22 -0.52
N PRO D 628 70.58 15.90 -0.46
CA PRO D 628 69.61 15.36 0.48
C PRO D 628 69.97 15.67 1.93
N THR D 629 68.95 15.88 2.75
CA THR D 629 69.14 16.12 4.17
C THR D 629 69.28 14.76 4.87
N VAL D 630 68.54 13.78 4.37
CA VAL D 630 68.70 12.39 4.74
C VAL D 630 68.93 11.57 3.45
N ASP D 631 69.99 10.76 3.42
CA ASP D 631 70.27 9.84 2.31
C ASP D 631 70.23 8.42 2.83
N PHE D 632 69.20 7.66 2.45
CA PHE D 632 68.96 6.34 3.08
C PHE D 632 70.12 5.34 2.97
N SER D 633 70.75 5.31 1.80
CA SER D 633 71.95 4.48 1.55
C SER D 633 73.05 4.54 2.61
N ASP D 634 73.17 5.69 3.29
CA ASP D 634 74.14 5.84 4.37
C ASP D 634 73.89 4.88 5.53
N PHE D 635 72.64 4.46 5.71
CA PHE D 635 72.28 3.57 6.81
C PHE D 635 72.90 2.21 6.58
N ILE D 636 72.97 1.80 5.32
CA ILE D 636 73.51 0.50 4.91
C ILE D 636 75.01 0.65 4.69
N ASN D 637 75.78 0.35 5.75
CA ASN D 637 77.24 0.29 5.64
C ASN D 637 77.79 -1.06 6.09
N ASN D 638 79.07 -1.12 6.41
CA ASN D 638 79.70 -2.42 6.62
C ASN D 638 79.45 -3.04 8.01
N GLU D 639 78.22 -2.95 8.51
CA GLU D 639 77.91 -3.27 9.91
C GLU D 639 77.27 -4.63 10.17
N THR D 640 77.59 -5.20 11.34
CA THR D 640 76.98 -6.45 11.75
C THR D 640 75.49 -6.29 12.05
N ILE D 641 74.70 -7.26 11.60
CA ILE D 641 73.33 -7.38 12.02
C ILE D 641 73.13 -8.72 12.73
N ALA D 642 74.21 -9.26 13.28
CA ALA D 642 74.11 -10.50 14.06
C ALA D 642 74.17 -10.23 15.55
N GLY D 643 72.98 -10.11 16.15
CA GLY D 643 72.83 -9.88 17.59
C GLY D 643 72.73 -8.41 17.95
N LYS D 644 71.99 -7.65 17.15
CA LYS D 644 71.86 -6.21 17.36
C LYS D 644 70.39 -5.79 17.40
N ASP D 645 70.10 -4.62 17.96
CA ASP D 645 68.77 -4.05 17.82
C ASP D 645 68.62 -3.70 16.35
N LEU D 646 67.67 -4.35 15.69
CA LEU D 646 67.52 -4.20 14.25
C LEU D 646 66.27 -3.44 13.92
N VAL D 647 66.32 -2.76 12.78
CA VAL D 647 65.10 -2.21 12.20
C VAL D 647 65.06 -2.63 10.72
N ALA D 648 63.89 -3.10 10.30
CA ALA D 648 63.65 -3.39 8.88
C ALA D 648 63.04 -2.15 8.20
N TRP D 649 63.41 -1.95 6.94
CA TRP D 649 62.86 -0.85 6.13
C TRP D 649 62.27 -1.46 4.86
N VAL D 650 60.96 -1.31 4.70
CA VAL D 650 60.26 -1.94 3.59
C VAL D 650 59.70 -0.88 2.66
N THR D 651 59.98 -1.06 1.37
CA THR D 651 59.41 -0.24 0.29
C THR D 651 58.31 -1.05 -0.39
N ALA D 652 57.21 -0.39 -0.72
CA ALA D 652 56.12 -1.03 -1.41
C ALA D 652 55.60 -0.05 -2.45
N GLY D 653 55.30 -0.54 -3.64
CA GLY D 653 54.80 0.33 -4.70
C GLY D 653 54.40 -0.40 -5.96
N PHE D 654 54.21 0.38 -7.03
CA PHE D 654 53.72 -0.14 -8.31
C PHE D 654 53.66 0.95 -9.38
N LEU D 655 53.74 0.51 -10.63
CA LEU D 655 53.58 1.37 -11.79
C LEU D 655 52.08 1.60 -12.02
N HIS D 656 51.73 2.84 -12.36
CA HIS D 656 50.35 3.20 -12.67
C HIS D 656 50.31 3.86 -14.03
N ILE D 657 49.88 3.12 -15.05
CA ILE D 657 49.59 3.76 -16.33
C ILE D 657 48.08 4.02 -16.32
N PRO D 658 47.67 5.30 -16.18
CA PRO D 658 46.25 5.68 -16.12
C PRO D 658 45.43 5.18 -17.31
N HIS D 659 44.13 4.98 -17.09
CA HIS D 659 43.22 4.43 -18.08
C HIS D 659 41.82 4.87 -17.74
N ALA D 660 40.87 4.64 -18.64
CA ALA D 660 39.55 5.25 -18.55
C ALA D 660 38.87 5.03 -17.22
N GLU D 661 39.13 3.89 -16.58
CA GLU D 661 38.44 3.56 -15.34
C GLU D 661 39.06 4.16 -14.07
N ASP D 662 40.10 4.97 -14.24
CA ASP D 662 40.57 5.91 -13.21
C ASP D 662 39.77 7.21 -13.29
N ILE D 663 38.75 7.25 -14.15
CA ILE D 663 37.91 8.45 -14.29
C ILE D 663 36.53 8.13 -13.74
N PRO D 664 36.04 8.89 -12.75
CA PRO D 664 36.61 10.10 -12.13
C PRO D 664 37.75 9.85 -11.12
N ASN D 665 37.76 8.68 -10.48
CA ASN D 665 38.78 8.33 -9.49
C ASN D 665 39.46 6.99 -9.76
N THR D 666 40.67 6.81 -9.23
CA THR D 666 41.37 5.53 -9.25
C THR D 666 40.82 4.67 -8.12
N VAL D 667 40.34 3.47 -8.44
CA VAL D 667 39.80 2.59 -7.42
C VAL D 667 40.90 1.88 -6.66
N THR D 668 40.59 1.37 -5.48
CA THR D 668 41.55 0.73 -4.58
C THR D 668 41.78 -0.74 -4.87
N VAL D 669 40.90 -1.36 -5.66
CA VAL D 669 40.96 -2.81 -5.89
C VAL D 669 42.17 -3.22 -6.70
N GLY D 670 42.93 -4.16 -6.14
CA GLY D 670 44.17 -4.64 -6.73
C GLY D 670 45.38 -3.77 -6.44
N ASN D 671 45.15 -2.60 -5.83
CA ASN D 671 46.20 -1.61 -5.65
C ASN D 671 46.82 -1.57 -4.23
N GLY D 672 46.24 -2.32 -3.30
CA GLY D 672 46.77 -2.34 -1.95
C GLY D 672 48.12 -3.01 -1.93
N VAL D 673 49.15 -2.31 -1.46
CA VAL D 673 50.48 -2.89 -1.35
C VAL D 673 51.01 -2.68 0.06
N GLY D 674 51.86 -3.59 0.50
CA GLY D 674 52.49 -3.43 1.80
C GLY D 674 53.14 -4.72 2.19
N PHE D 675 52.88 -5.18 3.42
CA PHE D 675 53.56 -6.36 3.91
C PHE D 675 52.89 -6.99 5.13
N PHE D 676 53.21 -8.27 5.31
CA PHE D 676 52.81 -9.02 6.48
C PHE D 676 54.00 -9.24 7.40
N LEU D 677 53.76 -9.06 8.70
CA LEU D 677 54.68 -9.52 9.72
C LEU D 677 54.03 -10.74 10.40
N ARG D 678 54.50 -11.95 10.10
CA ARG D 678 53.89 -13.16 10.66
C ARG D 678 54.79 -13.99 11.58
N PRO D 679 54.22 -14.54 12.67
CA PRO D 679 55.03 -15.28 13.62
C PRO D 679 55.55 -16.57 13.03
N TYR D 680 56.86 -16.79 13.14
CA TYR D 680 57.49 -17.99 12.65
C TYR D 680 58.32 -18.65 13.75
N ASN D 681 57.75 -19.66 14.40
CA ASN D 681 58.37 -20.35 15.53
C ASN D 681 58.48 -19.43 16.76
N PHE D 682 57.71 -18.34 16.76
CA PHE D 682 57.66 -17.41 17.87
C PHE D 682 56.89 -18.01 19.02
N PHE D 683 55.72 -18.56 18.71
CA PHE D 683 54.91 -19.23 19.71
C PHE D 683 55.20 -20.73 19.69
N ASP D 684 54.65 -21.45 20.66
CA ASP D 684 54.81 -22.90 20.76
C ASP D 684 53.68 -23.59 20.01
N GLU D 685 52.66 -22.81 19.65
CA GLU D 685 51.50 -23.26 18.87
C GLU D 685 50.69 -22.03 18.43
N ASP D 686 49.65 -22.22 17.63
CA ASP D 686 48.81 -21.09 17.17
C ASP D 686 47.99 -20.50 18.31
N PRO D 687 48.16 -19.19 18.57
CA PRO D 687 47.41 -18.55 19.67
C PRO D 687 45.91 -18.69 19.53
N SER D 688 45.41 -18.77 18.31
CA SER D 688 43.97 -18.79 18.09
C SER D 688 43.31 -20.07 18.55
N PHE D 689 44.09 -21.11 18.80
CA PHE D 689 43.59 -22.31 19.49
C PHE D 689 42.94 -21.89 20.82
N TYR D 690 43.46 -20.83 21.42
CA TYR D 690 42.92 -20.29 22.67
C TYR D 690 41.84 -19.24 22.46
N SER D 691 41.35 -19.08 21.23
CA SER D 691 40.38 -18.03 20.95
C SER D 691 39.08 -18.23 21.73
N ALA D 692 38.49 -17.12 22.16
CA ALA D 692 37.16 -17.15 22.78
C ALA D 692 36.11 -17.51 21.74
N ASP D 693 36.37 -17.15 20.48
CA ASP D 693 35.36 -17.17 19.40
C ASP D 693 35.45 -18.42 18.54
N SER D 694 36.40 -19.27 18.89
CA SER D 694 36.61 -20.58 18.29
C SER D 694 35.39 -21.48 18.41
N ILE D 695 35.17 -22.29 17.37
CA ILE D 695 34.03 -23.19 17.28
C ILE D 695 34.48 -24.61 17.02
N TYR D 696 33.92 -25.54 17.78
CA TYR D 696 34.22 -26.95 17.67
C TYR D 696 33.01 -27.82 18.02
N PHE D 697 32.78 -28.85 17.20
CA PHE D 697 31.80 -29.89 17.53
C PHE D 697 32.10 -31.21 16.82
N ARG D 698 31.68 -32.31 17.45
CA ARG D 698 31.79 -33.63 16.86
C ARG D 698 30.53 -33.95 16.06
N GLY D 699 30.59 -35.03 15.28
CA GLY D 699 29.43 -35.49 14.50
C GLY D 699 28.38 -36.25 15.29
N ASP D 700 28.71 -36.60 16.53
CA ASP D 700 27.77 -37.27 17.45
C ASP D 700 27.28 -36.36 18.60
N GLN D 701 27.20 -35.06 18.32
CA GLN D 701 26.66 -34.08 19.29
C GLN D 701 25.92 -32.93 18.61
N ASP D 702 24.85 -32.47 19.25
CA ASP D 702 23.95 -31.46 18.67
C ASP D 702 24.67 -30.14 18.31
N ALA D 703 24.89 -29.95 17.01
CA ALA D 703 25.56 -28.76 16.49
C ALA D 703 24.65 -27.52 16.54
N GLY D 704 23.35 -27.74 16.70
CA GLY D 704 22.38 -26.66 16.77
C GLY D 704 21.98 -26.20 18.18
N ALA D 705 22.62 -26.79 19.20
CA ALA D 705 22.35 -26.46 20.61
C ALA D 705 23.40 -25.54 21.22
N CYS D 706 22.94 -24.59 22.05
CA CYS D 706 23.78 -23.55 22.67
C CYS D 706 25.01 -24.03 23.45
N GLU D 707 24.84 -25.08 24.26
CA GLU D 707 25.93 -25.63 25.08
C GLU D 707 27.15 -26.00 24.24
N VAL D 708 26.91 -26.40 22.99
CA VAL D 708 27.93 -26.98 22.12
C VAL D 708 28.48 -25.97 21.10
N ASN D 709 27.63 -25.04 20.67
CA ASN D 709 27.94 -24.15 19.55
C ASN D 709 27.52 -22.69 19.79
N PRO D 710 28.49 -21.82 20.18
CA PRO D 710 28.27 -20.36 20.32
C PRO D 710 27.62 -19.68 19.12
N LEU D 711 27.65 -20.35 17.97
CA LEU D 711 27.03 -19.84 16.75
C LEU D 711 25.52 -20.08 16.73
N ALA D 712 25.05 -20.99 17.59
CA ALA D 712 23.63 -21.30 17.68
C ALA D 712 22.85 -20.32 18.57
N CYS D 713 23.58 -19.60 19.44
CA CYS D 713 22.97 -18.60 20.32
C CYS D 713 22.95 -17.23 19.65
N LEU D 714 23.55 -17.18 18.46
CA LEU D 714 23.61 -15.96 17.64
C LEU D 714 22.21 -15.49 17.20
N PRO D 715 21.37 -16.39 16.63
CA PRO D 715 19.98 -16.00 16.35
C PRO D 715 19.27 -15.37 17.56
N GLN D 716 19.23 -16.07 18.69
CA GLN D 716 18.56 -15.58 19.90
C GLN D 716 19.20 -14.28 20.42
N ALA D 717 20.34 -14.41 21.09
CA ALA D 717 21.06 -13.26 21.64
C ALA D 717 21.91 -12.58 20.56
N ALA D 718 21.26 -11.62 19.88
CA ALA D 718 21.81 -10.80 18.79
C ALA D 718 20.65 -10.33 17.91
N ALA D 719 19.44 -10.43 18.46
CA ALA D 719 18.23 -9.97 17.79
C ALA D 719 17.87 -8.55 18.26
N CYS D 720 18.88 -7.69 18.35
CA CYS D 720 18.68 -6.29 18.74
C CYS D 720 18.81 -5.35 17.54
N ALA D 721 18.45 -4.09 17.75
CA ALA D 721 18.58 -3.05 16.72
C ALA D 721 19.87 -2.26 16.92
N PRO D 722 20.81 -2.35 15.95
CA PRO D 722 22.08 -1.60 15.97
C PRO D 722 21.92 -0.14 16.39
N ASP D 723 22.78 0.30 17.30
CA ASP D 723 22.69 1.63 17.93
C ASP D 723 23.54 2.68 17.23
N LEU D 724 23.25 2.90 15.95
CA LEU D 724 24.01 3.85 15.11
C LEU D 724 23.77 5.29 15.56
N PRO D 725 24.85 6.03 15.84
CA PRO D 725 24.76 7.44 16.23
C PRO D 725 24.25 8.32 15.08
N ALA D 726 23.80 9.54 15.41
CA ALA D 726 23.42 10.52 14.40
C ALA D 726 24.63 10.81 13.52
N PHE D 727 24.46 10.76 12.20
CA PHE D 727 25.58 11.02 11.29
C PHE D 727 26.09 12.45 11.39
N SER D 728 27.37 12.59 11.71
CA SER D 728 28.06 13.88 11.75
C SER D 728 29.28 13.86 10.83
N HIS D 729 29.52 15.00 10.18
CA HIS D 729 30.76 15.22 9.44
C HIS D 729 31.28 16.60 9.74
N GLY D 730 32.54 16.67 10.18
CA GLY D 730 33.17 17.94 10.48
C GLY D 730 34.57 18.02 9.91
N GLY D 731 34.77 18.95 8.99
CA GLY D 731 36.10 19.15 8.42
C GLY D 731 36.09 19.57 6.97
N PHE D 732 36.37 20.85 6.75
CA PHE D 732 36.79 21.41 5.46
C PHE D 732 37.62 22.63 5.83
N SER D 733 38.94 22.54 5.64
CA SER D 733 39.86 23.62 6.04
C SER D 733 39.90 24.78 5.03
N HIS D 734 39.50 25.91 5.37
#